data_1WHB
#
_entry.id   1WHB
#
_entity_poly.entity_id   1
_entity_poly.type   'polypeptide(L)'
_entity_poly.pdbx_seq_one_letter_code
;GSSGSSGKCETKEKGAITAKELYTMMTDKNISLIIMDARRMQDYQDSCILHSLSVPEEAISPGVTASWIEAHLPDDSKDT
WKKRGNVEYVVLLDWFSSAKDLQIGTTLRSLKDALFKWESKTVLRNEPLVLEGGYENWLLCYPQYTTNAKVSGPSSG
;
_entity_poly.pdbx_strand_id   A
#
# COMPACT_ATOMS: atom_id res chain seq x y z
N GLY A 1 -17.36 9.95 -37.22
CA GLY A 1 -16.25 10.86 -36.82
C GLY A 1 -15.25 11.10 -37.93
N SER A 2 -14.48 12.17 -37.81
CA SER A 2 -13.49 12.51 -38.82
C SER A 2 -12.07 12.34 -38.26
N SER A 3 -11.81 12.99 -37.13
CA SER A 3 -10.50 12.90 -36.50
C SER A 3 -10.63 12.58 -35.01
N GLY A 4 -11.52 13.29 -34.33
CA GLY A 4 -11.72 13.06 -32.91
C GLY A 4 -11.81 14.35 -32.11
N SER A 5 -13.02 14.81 -31.86
CA SER A 5 -13.23 16.04 -31.11
C SER A 5 -12.90 15.84 -29.63
N SER A 6 -12.59 16.94 -28.94
CA SER A 6 -12.25 16.88 -27.53
C SER A 6 -13.51 16.73 -26.67
N GLY A 7 -13.33 16.60 -25.36
CA GLY A 7 -14.45 16.45 -24.47
C GLY A 7 -14.15 16.93 -23.06
N LYS A 8 -14.31 16.03 -22.09
CA LYS A 8 -14.04 16.36 -20.69
C LYS A 8 -13.39 15.20 -19.97
N CYS A 9 -13.91 13.99 -20.20
CA CYS A 9 -13.38 12.79 -19.57
C CYS A 9 -13.67 12.79 -18.07
N GLU A 10 -13.95 11.61 -17.53
CA GLU A 10 -14.25 11.46 -16.11
C GLU A 10 -13.34 10.43 -15.45
N THR A 11 -13.47 9.18 -15.90
CA THR A 11 -12.66 8.09 -15.35
C THR A 11 -11.24 8.14 -15.91
N LYS A 12 -10.30 8.57 -15.09
CA LYS A 12 -8.90 8.66 -15.50
C LYS A 12 -7.97 8.28 -14.35
N GLU A 13 -8.00 7.00 -13.97
CA GLU A 13 -7.17 6.50 -12.89
C GLU A 13 -5.71 6.42 -13.32
N LYS A 14 -4.80 6.87 -12.45
CA LYS A 14 -3.38 6.85 -12.74
C LYS A 14 -2.58 6.43 -11.51
N GLY A 15 -2.00 5.24 -11.55
CA GLY A 15 -1.21 4.76 -10.43
C GLY A 15 -2.04 4.55 -9.19
N ALA A 16 -3.22 3.96 -9.36
CA ALA A 16 -4.11 3.70 -8.23
C ALA A 16 -4.80 2.35 -8.37
N ILE A 17 -5.11 1.73 -7.24
CA ILE A 17 -5.77 0.42 -7.23
C ILE A 17 -7.02 0.44 -6.37
N THR A 18 -8.04 -0.28 -6.81
CA THR A 18 -9.30 -0.34 -6.07
C THR A 18 -9.36 -1.60 -5.21
N ALA A 19 -10.23 -1.57 -4.21
CA ALA A 19 -10.40 -2.71 -3.30
C ALA A 19 -10.83 -3.95 -4.06
N LYS A 20 -11.66 -3.75 -5.09
CA LYS A 20 -12.16 -4.85 -5.90
C LYS A 20 -11.01 -5.58 -6.61
N GLU A 21 -10.07 -4.79 -7.13
CA GLU A 21 -8.92 -5.36 -7.83
C GLU A 21 -7.98 -6.08 -6.86
N LEU A 22 -7.94 -5.58 -5.62
CA LEU A 22 -7.08 -6.18 -4.61
C LEU A 22 -7.59 -7.57 -4.23
N TYR A 23 -8.90 -7.73 -4.21
CA TYR A 23 -9.52 -9.01 -3.85
C TYR A 23 -9.23 -10.06 -4.91
N THR A 24 -9.40 -9.69 -6.17
CA THR A 24 -9.15 -10.60 -7.28
C THR A 24 -7.71 -11.09 -7.28
N MET A 25 -6.81 -10.24 -6.82
CA MET A 25 -5.39 -10.57 -6.76
C MET A 25 -5.03 -11.22 -5.43
N MET A 26 -5.72 -10.80 -4.37
CA MET A 26 -5.48 -11.34 -3.04
C MET A 26 -5.72 -12.84 -3.00
N THR A 27 -6.68 -13.31 -3.79
CA THR A 27 -7.01 -14.72 -3.85
C THR A 27 -6.51 -15.34 -5.15
N ASP A 28 -5.40 -14.82 -5.66
CA ASP A 28 -4.82 -15.32 -6.91
C ASP A 28 -3.49 -16.01 -6.64
N LYS A 29 -3.41 -17.30 -6.98
CA LYS A 29 -2.20 -18.07 -6.78
C LYS A 29 -1.19 -17.82 -7.89
N ASN A 30 -1.70 -17.53 -9.08
CA ASN A 30 -0.86 -17.27 -10.24
C ASN A 30 -0.29 -15.85 -10.18
N ILE A 31 -1.09 -14.92 -9.65
CA ILE A 31 -0.68 -13.53 -9.54
C ILE A 31 -0.40 -13.15 -8.10
N SER A 32 0.87 -12.87 -7.79
CA SER A 32 1.26 -12.50 -6.44
C SER A 32 0.94 -11.04 -6.17
N LEU A 33 0.79 -10.69 -4.90
CA LEU A 33 0.49 -9.33 -4.50
C LEU A 33 0.67 -9.13 -3.00
N ILE A 34 1.36 -8.06 -2.62
CA ILE A 34 1.61 -7.76 -1.21
C ILE A 34 1.00 -6.43 -0.82
N ILE A 35 0.46 -6.36 0.39
CA ILE A 35 -0.15 -5.14 0.89
C ILE A 35 0.62 -4.57 2.08
N MET A 36 0.82 -3.26 2.08
CA MET A 36 1.55 -2.61 3.16
C MET A 36 0.74 -1.44 3.72
N ASP A 37 0.86 -1.23 5.03
CA ASP A 37 0.14 -0.14 5.70
C ASP A 37 1.11 0.93 6.18
N ALA A 38 1.28 1.98 5.37
CA ALA A 38 2.18 3.07 5.72
C ALA A 38 1.53 4.01 6.73
N ARG A 39 1.48 3.58 7.98
CA ARG A 39 0.89 4.38 9.05
C ARG A 39 1.71 4.26 10.33
N ARG A 40 1.26 4.96 11.38
CA ARG A 40 1.95 4.93 12.66
C ARG A 40 2.00 3.51 13.23
N MET A 41 2.98 3.27 14.09
CA MET A 41 3.14 1.95 14.70
C MET A 41 1.92 1.59 15.53
N GLN A 42 1.27 2.60 16.11
CA GLN A 42 0.10 2.38 16.93
C GLN A 42 -1.11 2.00 16.08
N ASP A 43 -1.14 2.52 14.84
CA ASP A 43 -2.23 2.23 13.92
C ASP A 43 -2.29 0.74 13.60
N TYR A 44 -1.13 0.15 13.32
CA TYR A 44 -1.06 -1.27 13.00
C TYR A 44 -1.58 -2.12 14.14
N GLN A 45 -1.28 -1.70 15.37
CA GLN A 45 -1.73 -2.43 16.56
C GLN A 45 -3.25 -2.38 16.69
N ASP A 46 -3.82 -1.20 16.52
CA ASP A 46 -5.26 -1.03 16.61
C ASP A 46 -5.98 -1.77 15.49
N SER A 47 -5.57 -1.49 14.25
CA SER A 47 -6.18 -2.13 13.09
C SER A 47 -5.11 -2.67 12.14
N CYS A 48 -5.39 -3.80 11.50
CA CYS A 48 -4.45 -4.40 10.57
C CYS A 48 -5.14 -5.47 9.74
N ILE A 49 -4.95 -5.41 8.42
CA ILE A 49 -5.55 -6.38 7.51
C ILE A 49 -4.85 -7.73 7.59
N LEU A 50 -5.64 -8.80 7.47
CA LEU A 50 -5.09 -10.15 7.54
C LEU A 50 -4.29 -10.47 6.29
N HIS A 51 -3.21 -11.24 6.46
CA HIS A 51 -2.35 -11.62 5.35
C HIS A 51 -1.77 -10.39 4.66
N SER A 52 -1.47 -9.36 5.45
CA SER A 52 -0.91 -8.12 4.91
C SER A 52 0.37 -7.74 5.65
N LEU A 53 1.15 -6.86 5.05
CA LEU A 53 2.40 -6.41 5.65
C LEU A 53 2.22 -5.08 6.38
N SER A 54 3.17 -4.74 7.24
CA SER A 54 3.11 -3.51 8.00
C SER A 54 4.44 -2.76 7.93
N VAL A 55 4.36 -1.44 7.97
CA VAL A 55 5.56 -0.60 7.91
C VAL A 55 5.34 0.73 8.63
N PRO A 56 6.21 1.07 9.59
CA PRO A 56 6.10 2.33 10.35
C PRO A 56 6.00 3.55 9.44
N GLU A 57 5.58 4.67 10.00
CA GLU A 57 5.43 5.91 9.25
C GLU A 57 6.67 6.78 9.41
N GLU A 58 7.29 6.72 10.59
CA GLU A 58 8.48 7.50 10.87
C GLU A 58 9.70 6.90 10.19
N ALA A 59 9.71 5.58 10.06
CA ALA A 59 10.83 4.88 9.42
C ALA A 59 10.94 5.26 7.94
N ILE A 60 9.80 5.58 7.34
CA ILE A 60 9.77 5.96 5.92
C ILE A 60 9.95 7.46 5.76
N SER A 61 11.10 7.86 5.25
CA SER A 61 11.40 9.28 5.05
C SER A 61 11.34 9.63 3.56
N PRO A 62 11.07 10.91 3.24
CA PRO A 62 10.99 11.38 1.85
C PRO A 62 12.35 11.38 1.17
N GLY A 63 12.55 10.41 0.27
CA GLY A 63 13.82 10.31 -0.44
C GLY A 63 14.74 9.27 0.16
N VAL A 64 14.19 8.11 0.51
CA VAL A 64 14.96 7.03 1.09
C VAL A 64 15.05 5.84 0.13
N THR A 65 15.82 4.84 0.51
CA THR A 65 15.98 3.64 -0.30
C THR A 65 15.44 2.41 0.41
N ALA A 66 15.59 1.25 -0.21
CA ALA A 66 15.12 0.00 0.36
C ALA A 66 15.89 -0.35 1.64
N SER A 67 17.18 -0.06 1.63
CA SER A 67 18.03 -0.34 2.79
C SER A 67 17.54 0.41 4.02
N TRP A 68 16.98 1.59 3.79
CA TRP A 68 16.46 2.42 4.87
C TRP A 68 15.27 1.76 5.55
N ILE A 69 14.23 1.48 4.77
CA ILE A 69 13.03 0.85 5.30
C ILE A 69 13.34 -0.52 5.88
N GLU A 70 14.08 -1.33 5.12
CA GLU A 70 14.45 -2.67 5.56
C GLU A 70 15.13 -2.64 6.93
N ALA A 71 15.80 -1.53 7.21
CA ALA A 71 16.50 -1.36 8.48
C ALA A 71 15.53 -1.12 9.62
N HIS A 72 14.39 -0.51 9.30
CA HIS A 72 13.37 -0.22 10.31
C HIS A 72 12.05 -0.88 9.95
N LEU A 73 11.87 -2.13 10.40
CA LEU A 73 10.65 -2.87 10.12
C LEU A 73 10.45 -3.97 11.17
N PRO A 74 9.19 -4.38 11.41
CA PRO A 74 8.88 -5.43 12.39
C PRO A 74 9.69 -6.69 12.16
N ASP A 75 9.56 -7.65 13.07
CA ASP A 75 10.28 -8.91 12.97
C ASP A 75 9.59 -9.87 12.01
N ASP A 76 8.26 -9.85 12.02
CA ASP A 76 7.48 -10.72 11.16
C ASP A 76 7.29 -10.11 9.77
N SER A 77 7.28 -8.77 9.72
CA SER A 77 7.12 -8.07 8.45
C SER A 77 8.40 -8.13 7.62
N LYS A 78 9.54 -8.27 8.29
CA LYS A 78 10.82 -8.35 7.61
C LYS A 78 10.84 -9.49 6.59
N ASP A 79 10.06 -10.53 6.86
CA ASP A 79 9.99 -11.69 5.96
C ASP A 79 9.32 -11.31 4.65
N THR A 80 8.05 -10.93 4.72
CA THR A 80 7.29 -10.55 3.54
C THR A 80 7.97 -9.38 2.80
N TRP A 81 8.70 -8.56 3.55
CA TRP A 81 9.38 -7.42 2.96
C TRP A 81 10.34 -7.85 1.86
N LYS A 82 11.09 -8.92 2.12
CA LYS A 82 12.05 -9.43 1.15
C LYS A 82 11.33 -10.09 -0.02
N LYS A 83 10.11 -10.56 0.22
CA LYS A 83 9.33 -11.22 -0.83
C LYS A 83 8.77 -10.20 -1.82
N ARG A 84 8.93 -8.92 -1.53
CA ARG A 84 8.44 -7.86 -2.41
C ARG A 84 8.96 -8.05 -3.83
N GLY A 85 10.21 -8.50 -3.95
CA GLY A 85 10.79 -8.72 -5.26
C GLY A 85 10.34 -10.02 -5.90
N ASN A 86 9.90 -10.96 -5.08
CA ASN A 86 9.44 -12.26 -5.58
C ASN A 86 8.03 -12.14 -6.15
N VAL A 87 7.20 -11.33 -5.50
CA VAL A 87 5.82 -11.14 -5.95
C VAL A 87 5.78 -10.36 -7.26
N GLU A 88 4.58 -10.23 -7.81
CA GLU A 88 4.40 -9.50 -9.07
C GLU A 88 3.94 -8.07 -8.81
N TYR A 89 2.66 -7.90 -8.52
CA TYR A 89 2.09 -6.59 -8.26
C TYR A 89 2.27 -6.20 -6.78
N VAL A 90 2.00 -4.94 -6.47
CA VAL A 90 2.13 -4.45 -5.10
C VAL A 90 1.07 -3.38 -4.81
N VAL A 91 0.72 -3.25 -3.53
CA VAL A 91 -0.27 -2.27 -3.12
C VAL A 91 0.00 -1.78 -1.71
N LEU A 92 -0.53 -0.61 -1.37
CA LEU A 92 -0.34 -0.02 -0.04
C LEU A 92 -1.68 0.34 0.59
N LEU A 93 -1.63 0.88 1.80
CA LEU A 93 -2.84 1.26 2.51
C LEU A 93 -2.69 2.65 3.13
N ASP A 94 -3.75 3.13 3.76
CA ASP A 94 -3.74 4.45 4.39
C ASP A 94 -5.06 4.73 5.08
N TRP A 95 -5.13 5.86 5.79
CA TRP A 95 -6.35 6.24 6.50
C TRP A 95 -7.15 7.27 5.70
N PHE A 96 -6.45 8.28 5.19
CA PHE A 96 -7.11 9.33 4.40
C PHE A 96 -6.11 9.97 3.44
N SER A 97 -5.52 9.15 2.56
CA SER A 97 -4.56 9.65 1.59
C SER A 97 -4.52 8.75 0.35
N SER A 98 -5.12 9.22 -0.73
CA SER A 98 -5.16 8.46 -1.98
C SER A 98 -4.02 8.89 -2.90
N ALA A 99 -3.91 8.20 -4.04
CA ALA A 99 -2.87 8.51 -5.01
C ALA A 99 -2.98 9.95 -5.50
N LYS A 100 -4.18 10.51 -5.43
CA LYS A 100 -4.42 11.87 -5.86
C LYS A 100 -4.04 12.87 -4.77
N ASP A 101 -4.11 12.42 -3.52
CA ASP A 101 -3.77 13.27 -2.38
C ASP A 101 -2.32 13.08 -1.95
N LEU A 102 -1.50 12.54 -2.85
CA LEU A 102 -0.09 12.30 -2.56
C LEU A 102 0.74 13.56 -2.82
N GLN A 103 1.71 13.80 -1.95
CA GLN A 103 2.58 14.97 -2.09
C GLN A 103 4.02 14.62 -1.73
N ILE A 104 4.92 15.56 -1.96
CA ILE A 104 6.34 15.35 -1.67
C ILE A 104 6.59 15.38 -0.16
N GLY A 105 6.43 14.22 0.47
CA GLY A 105 6.65 14.13 1.91
C GLY A 105 5.79 13.06 2.56
N THR A 106 4.68 12.72 1.92
CA THR A 106 3.77 11.71 2.45
C THR A 106 4.46 10.35 2.52
N THR A 107 4.07 9.55 3.50
CA THR A 107 4.64 8.22 3.68
C THR A 107 4.44 7.36 2.45
N LEU A 108 3.25 7.45 1.86
CA LEU A 108 2.92 6.67 0.66
C LEU A 108 3.83 7.07 -0.50
N ARG A 109 4.01 8.37 -0.68
CA ARG A 109 4.85 8.89 -1.75
C ARG A 109 6.31 8.44 -1.57
N SER A 110 6.86 8.73 -0.40
CA SER A 110 8.23 8.35 -0.09
C SER A 110 8.42 6.85 -0.18
N LEU A 111 7.38 6.10 0.17
CA LEU A 111 7.43 4.65 0.14
C LEU A 111 7.19 4.12 -1.28
N LYS A 112 6.40 4.87 -2.05
CA LYS A 112 6.09 4.47 -3.42
C LYS A 112 7.28 4.73 -4.34
N ASP A 113 8.09 5.72 -3.99
CA ASP A 113 9.27 6.06 -4.79
C ASP A 113 10.52 5.34 -4.27
N ALA A 114 10.46 4.91 -3.01
CA ALA A 114 11.60 4.21 -2.40
C ALA A 114 11.52 2.71 -2.64
N LEU A 115 10.63 2.28 -3.54
CA LEU A 115 10.47 0.86 -3.84
C LEU A 115 10.86 0.55 -5.29
N PHE A 116 10.78 1.57 -6.14
CA PHE A 116 11.13 1.39 -7.56
C PHE A 116 12.07 2.49 -8.03
N LYS A 117 11.68 3.74 -7.81
CA LYS A 117 12.49 4.88 -8.22
C LYS A 117 13.88 4.82 -7.59
N TRP A 118 13.93 4.47 -6.31
CA TRP A 118 15.18 4.39 -5.59
C TRP A 118 15.62 2.93 -5.42
N GLU A 119 15.59 2.17 -6.52
CA GLU A 119 15.97 0.77 -6.49
C GLU A 119 17.40 0.59 -6.96
N SER A 120 18.06 -0.45 -6.47
CA SER A 120 19.44 -0.74 -6.83
C SER A 120 19.63 -2.21 -7.16
N LYS A 121 19.12 -3.07 -6.28
CA LYS A 121 19.24 -4.51 -6.48
C LYS A 121 17.89 -5.12 -6.88
N THR A 122 17.00 -5.26 -5.91
CA THR A 122 15.67 -5.81 -6.16
C THR A 122 14.86 -4.89 -7.07
N VAL A 123 14.03 -5.49 -7.91
CA VAL A 123 13.20 -4.73 -8.84
C VAL A 123 11.86 -5.42 -9.07
N LEU A 124 10.79 -4.64 -9.11
CA LEU A 124 9.46 -5.18 -9.33
C LEU A 124 9.09 -5.13 -10.81
N ARG A 125 7.90 -5.63 -11.14
CA ARG A 125 7.42 -5.64 -12.53
C ARG A 125 6.67 -4.36 -12.85
N ASN A 126 5.96 -3.83 -11.86
CA ASN A 126 5.19 -2.60 -12.04
C ASN A 126 5.49 -1.60 -10.93
N GLU A 127 4.76 -0.49 -10.93
CA GLU A 127 4.95 0.55 -9.91
C GLU A 127 3.94 0.39 -8.78
N PRO A 128 4.38 0.54 -7.52
CA PRO A 128 3.51 0.42 -6.35
C PRO A 128 2.28 1.32 -6.45
N LEU A 129 1.10 0.75 -6.22
CA LEU A 129 -0.15 1.51 -6.28
C LEU A 129 -0.78 1.62 -4.90
N VAL A 130 -1.55 2.68 -4.69
CA VAL A 130 -2.23 2.90 -3.41
C VAL A 130 -3.71 2.55 -3.51
N LEU A 131 -4.19 1.79 -2.53
CA LEU A 131 -5.60 1.39 -2.51
C LEU A 131 -6.52 2.60 -2.44
N GLU A 132 -7.73 2.46 -2.97
CA GLU A 132 -8.70 3.55 -2.97
C GLU A 132 -9.24 3.80 -1.57
N GLY A 133 -8.75 4.85 -0.92
CA GLY A 133 -9.19 5.18 0.41
C GLY A 133 -8.28 4.60 1.49
N GLY A 134 -7.81 3.38 1.27
CA GLY A 134 -6.93 2.74 2.23
C GLY A 134 -7.67 1.79 3.15
N TYR A 135 -7.26 1.74 4.42
CA TYR A 135 -7.89 0.87 5.39
C TYR A 135 -9.28 1.39 5.77
N GLU A 136 -9.43 2.70 5.79
CA GLU A 136 -10.71 3.32 6.13
C GLU A 136 -11.80 2.89 5.16
N ASN A 137 -11.43 2.75 3.90
CA ASN A 137 -12.38 2.33 2.87
C ASN A 137 -12.47 0.81 2.79
N TRP A 138 -11.36 0.15 3.11
CA TRP A 138 -11.31 -1.31 3.08
C TRP A 138 -12.35 -1.92 4.02
N LEU A 139 -12.59 -1.24 5.14
CA LEU A 139 -13.56 -1.71 6.12
C LEU A 139 -14.97 -1.63 5.57
N LEU A 140 -15.25 -0.57 4.81
CA LEU A 140 -16.56 -0.37 4.23
C LEU A 140 -16.79 -1.33 3.05
N CYS A 141 -15.70 -1.66 2.36
CA CYS A 141 -15.78 -2.55 1.21
C CYS A 141 -15.78 -4.01 1.66
N TYR A 142 -14.87 -4.34 2.58
CA TYR A 142 -14.76 -5.70 3.10
C TYR A 142 -14.36 -5.69 4.58
N PRO A 143 -15.32 -5.45 5.48
CA PRO A 143 -15.05 -5.42 6.92
C PRO A 143 -14.75 -6.80 7.50
N GLN A 144 -15.02 -7.84 6.71
CA GLN A 144 -14.78 -9.21 7.14
C GLN A 144 -13.44 -9.72 6.63
N TYR A 145 -12.49 -8.81 6.45
CA TYR A 145 -11.16 -9.18 5.96
C TYR A 145 -10.07 -8.46 6.77
N THR A 146 -10.36 -8.22 8.05
CA THR A 146 -9.40 -7.56 8.92
C THR A 146 -9.47 -8.12 10.33
N THR A 147 -8.37 -8.02 11.06
CA THR A 147 -8.30 -8.52 12.43
C THR A 147 -9.15 -7.67 13.37
N ASN A 148 -9.20 -6.38 13.09
CA ASN A 148 -9.98 -5.45 13.91
C ASN A 148 -10.90 -4.59 13.04
N ALA A 149 -12.20 -4.83 13.15
CA ALA A 149 -13.19 -4.09 12.38
C ALA A 149 -13.75 -2.94 13.20
N LYS A 150 -13.83 -3.12 14.51
CA LYS A 150 -14.36 -2.09 15.41
C LYS A 150 -13.36 -0.96 15.59
N VAL A 151 -13.05 -0.26 14.49
CA VAL A 151 -12.11 0.84 14.54
C VAL A 151 -12.68 2.09 13.88
N SER A 152 -12.84 3.15 14.65
CA SER A 152 -13.39 4.40 14.14
C SER A 152 -12.29 5.44 13.96
N GLY A 153 -12.26 6.08 12.79
CA GLY A 153 -11.26 7.09 12.51
C GLY A 153 -11.86 8.39 12.02
N PRO A 154 -12.59 9.11 12.89
CA PRO A 154 -13.23 10.38 12.53
C PRO A 154 -12.24 11.36 11.90
N SER A 155 -12.73 12.53 11.53
CA SER A 155 -11.89 13.55 10.92
C SER A 155 -11.23 14.42 11.98
N SER A 156 -10.41 15.37 11.54
CA SER A 156 -9.72 16.28 12.45
C SER A 156 -10.70 17.22 13.14
N GLY A 157 -11.77 17.57 12.43
CA GLY A 157 -12.76 18.47 12.98
C GLY A 157 -14.17 18.12 12.53
N GLY A 1 -28.12 -0.33 -0.72
CA GLY A 1 -29.27 -0.95 -1.41
C GLY A 1 -29.38 -0.53 -2.87
N SER A 2 -29.03 0.72 -3.14
CA SER A 2 -29.09 1.26 -4.50
C SER A 2 -27.79 0.99 -5.24
N SER A 3 -27.90 0.62 -6.52
CA SER A 3 -26.73 0.34 -7.33
C SER A 3 -26.68 1.26 -8.55
N GLY A 4 -25.54 1.27 -9.24
CA GLY A 4 -25.39 2.12 -10.41
C GLY A 4 -24.38 1.56 -11.40
N SER A 5 -24.37 2.12 -12.60
CA SER A 5 -23.45 1.67 -13.65
C SER A 5 -22.40 2.75 -13.94
N SER A 6 -22.85 3.84 -14.54
CA SER A 6 -21.96 4.95 -14.89
C SER A 6 -20.86 4.48 -15.83
N GLY A 7 -19.94 5.38 -16.15
CA GLY A 7 -18.84 5.05 -17.04
C GLY A 7 -17.66 5.99 -16.89
N LYS A 8 -16.73 5.62 -16.01
CA LYS A 8 -15.55 6.45 -15.77
C LYS A 8 -14.27 5.64 -16.01
N CYS A 9 -13.49 6.05 -17.00
CA CYS A 9 -12.25 5.37 -17.34
C CYS A 9 -11.20 6.36 -17.82
N GLU A 10 -9.93 6.02 -17.62
CA GLU A 10 -8.84 6.88 -18.04
C GLU A 10 -8.92 8.25 -17.36
N THR A 11 -8.40 8.32 -16.14
CA THR A 11 -8.41 9.56 -15.38
C THR A 11 -7.05 9.83 -14.75
N LYS A 12 -5.99 9.56 -15.50
CA LYS A 12 -4.63 9.78 -15.03
C LYS A 12 -4.35 8.91 -13.80
N GLU A 13 -4.08 7.63 -14.03
CA GLU A 13 -3.79 6.70 -12.95
C GLU A 13 -2.33 6.27 -12.97
N LYS A 14 -1.49 7.01 -12.24
CA LYS A 14 -0.07 6.72 -12.18
C LYS A 14 0.19 5.45 -11.36
N GLY A 15 -0.60 5.25 -10.32
CA GLY A 15 -0.45 4.07 -9.48
C GLY A 15 -1.54 3.96 -8.44
N ALA A 16 -2.78 3.91 -8.89
CA ALA A 16 -3.92 3.80 -7.98
C ALA A 16 -4.73 2.54 -8.27
N ILE A 17 -5.04 1.78 -7.22
CA ILE A 17 -5.81 0.54 -7.37
C ILE A 17 -7.08 0.61 -6.55
N THR A 18 -8.11 -0.11 -6.99
CA THR A 18 -9.38 -0.15 -6.29
C THR A 18 -9.46 -1.33 -5.33
N ALA A 19 -10.52 -1.38 -4.54
CA ALA A 19 -10.71 -2.46 -3.58
C ALA A 19 -11.10 -3.76 -4.29
N LYS A 20 -11.81 -3.63 -5.40
CA LYS A 20 -12.24 -4.79 -6.17
C LYS A 20 -11.05 -5.49 -6.82
N GLU A 21 -10.17 -4.71 -7.43
CA GLU A 21 -8.99 -5.25 -8.09
C GLU A 21 -8.10 -5.99 -7.08
N LEU A 22 -7.98 -5.43 -5.89
CA LEU A 22 -7.15 -6.03 -4.85
C LEU A 22 -7.71 -7.38 -4.43
N TYR A 23 -9.03 -7.45 -4.28
CA TYR A 23 -9.68 -8.69 -3.89
C TYR A 23 -9.54 -9.76 -4.98
N THR A 24 -9.54 -9.32 -6.22
CA THR A 24 -9.40 -10.23 -7.35
C THR A 24 -8.02 -10.88 -7.37
N MET A 25 -6.98 -10.06 -7.23
CA MET A 25 -5.62 -10.56 -7.23
C MET A 25 -5.34 -11.38 -5.98
N MET A 26 -6.00 -11.03 -4.89
CA MET A 26 -5.82 -11.74 -3.62
C MET A 26 -6.38 -13.16 -3.70
N THR A 27 -7.43 -13.33 -4.51
CA THR A 27 -8.05 -14.62 -4.68
C THR A 27 -7.84 -15.15 -6.10
N ASP A 28 -6.64 -14.95 -6.62
CA ASP A 28 -6.30 -15.40 -7.97
C ASP A 28 -5.46 -16.67 -7.92
N LYS A 29 -4.65 -16.80 -6.88
CA LYS A 29 -3.79 -17.97 -6.72
C LYS A 29 -2.85 -18.13 -7.90
N ASN A 30 -2.47 -17.00 -8.50
CA ASN A 30 -1.56 -17.00 -9.64
C ASN A 30 -0.66 -15.79 -9.62
N ILE A 31 -1.25 -14.61 -9.43
CA ILE A 31 -0.48 -13.38 -9.39
C ILE A 31 -0.22 -12.94 -7.95
N SER A 32 1.03 -13.02 -7.52
CA SER A 32 1.41 -12.64 -6.17
C SER A 32 1.06 -11.17 -5.90
N LEU A 33 0.97 -10.82 -4.62
CA LEU A 33 0.64 -9.45 -4.23
C LEU A 33 0.89 -9.24 -2.74
N ILE A 34 1.34 -8.04 -2.38
CA ILE A 34 1.61 -7.71 -0.98
C ILE A 34 1.10 -6.33 -0.64
N ILE A 35 0.49 -6.21 0.54
CA ILE A 35 -0.05 -4.93 1.00
C ILE A 35 0.84 -4.32 2.08
N MET A 36 0.78 -3.00 2.21
CA MET A 36 1.58 -2.30 3.19
C MET A 36 0.76 -1.20 3.88
N ASP A 37 0.91 -1.09 5.20
CA ASP A 37 0.20 -0.09 5.97
C ASP A 37 1.04 1.15 6.19
N ALA A 38 0.94 2.11 5.27
CA ALA A 38 1.71 3.35 5.36
C ALA A 38 1.15 4.26 6.45
N ARG A 39 1.21 3.80 7.69
CA ARG A 39 0.72 4.57 8.82
C ARG A 39 1.56 4.32 10.07
N ARG A 40 1.15 4.89 11.19
CA ARG A 40 1.85 4.73 12.45
C ARG A 40 1.92 3.27 12.86
N MET A 41 2.88 2.93 13.70
CA MET A 41 3.06 1.56 14.17
C MET A 41 1.92 1.16 15.11
N GLN A 42 1.40 2.13 15.84
CA GLN A 42 0.31 1.89 16.78
C GLN A 42 -0.97 1.52 16.04
N ASP A 43 -1.13 2.07 14.84
CA ASP A 43 -2.31 1.79 14.03
C ASP A 43 -2.38 0.32 13.62
N TYR A 44 -1.24 -0.20 13.18
CA TYR A 44 -1.17 -1.60 12.76
C TYR A 44 -1.54 -2.53 13.91
N GLN A 45 -1.01 -2.26 15.09
CA GLN A 45 -1.29 -3.07 16.27
C GLN A 45 -2.77 -3.00 16.64
N ASP A 46 -3.39 -1.87 16.35
CA ASP A 46 -4.81 -1.67 16.66
C ASP A 46 -5.68 -2.34 15.60
N SER A 47 -5.50 -1.92 14.35
CA SER A 47 -6.27 -2.48 13.25
C SER A 47 -5.40 -2.68 12.01
N CYS A 48 -5.62 -3.78 11.31
CA CYS A 48 -4.85 -4.09 10.11
C CYS A 48 -5.49 -5.25 9.35
N ILE A 49 -5.16 -5.35 8.05
CA ILE A 49 -5.69 -6.41 7.21
C ILE A 49 -5.07 -7.76 7.58
N LEU A 50 -5.77 -8.83 7.22
CA LEU A 50 -5.29 -10.19 7.51
C LEU A 50 -3.97 -10.45 6.79
N HIS A 51 -4.04 -10.68 5.48
CA HIS A 51 -2.84 -10.96 4.69
C HIS A 51 -2.25 -9.66 4.14
N SER A 52 -1.56 -8.93 4.99
CA SER A 52 -0.94 -7.67 4.58
C SER A 52 0.36 -7.43 5.34
N LEU A 53 1.11 -6.42 4.92
CA LEU A 53 2.37 -6.08 5.56
C LEU A 53 2.25 -4.79 6.38
N SER A 54 3.20 -4.57 7.27
CA SER A 54 3.20 -3.38 8.11
C SER A 54 4.43 -2.52 7.85
N VAL A 55 4.30 -1.22 8.09
CA VAL A 55 5.40 -0.29 7.86
C VAL A 55 5.15 1.04 8.60
N PRO A 56 5.97 1.34 9.62
CA PRO A 56 5.82 2.58 10.39
C PRO A 56 6.14 3.82 9.57
N GLU A 57 5.53 4.95 9.92
CA GLU A 57 5.76 6.20 9.20
C GLU A 57 7.05 6.86 9.66
N GLU A 58 7.38 6.67 10.94
CA GLU A 58 8.60 7.25 11.51
C GLU A 58 9.84 6.67 10.82
N ALA A 59 9.74 5.42 10.39
CA ALA A 59 10.86 4.76 9.72
C ALA A 59 11.02 5.26 8.29
N ILE A 60 9.89 5.62 7.67
CA ILE A 60 9.91 6.12 6.30
C ILE A 60 10.17 7.62 6.26
N SER A 61 11.05 8.04 5.36
CA SER A 61 11.39 9.45 5.21
C SER A 61 11.21 9.91 3.76
N PRO A 62 10.94 11.20 3.55
CA PRO A 62 10.77 11.76 2.21
C PRO A 62 12.07 11.79 1.41
N GLY A 63 12.31 10.72 0.67
CA GLY A 63 13.53 10.64 -0.14
C GLY A 63 14.54 9.67 0.44
N VAL A 64 14.22 8.38 0.41
CA VAL A 64 15.11 7.36 0.93
C VAL A 64 15.13 6.13 0.03
N THR A 65 15.93 5.14 0.41
CA THR A 65 16.04 3.91 -0.37
C THR A 65 15.38 2.74 0.36
N ALA A 66 15.31 1.60 -0.31
CA ALA A 66 14.72 0.41 0.28
C ALA A 66 15.53 -0.07 1.50
N SER A 67 16.84 0.10 1.43
CA SER A 67 17.71 -0.31 2.52
C SER A 67 17.37 0.44 3.80
N TRP A 68 16.90 1.67 3.65
CA TRP A 68 16.54 2.50 4.79
C TRP A 68 15.36 1.88 5.55
N ILE A 69 14.26 1.68 4.85
CA ILE A 69 13.06 1.10 5.46
C ILE A 69 13.30 -0.35 5.86
N GLU A 70 14.16 -1.04 5.10
CA GLU A 70 14.47 -2.43 5.38
C GLU A 70 15.15 -2.58 6.74
N ALA A 71 16.03 -1.62 7.05
CA ALA A 71 16.74 -1.64 8.33
C ALA A 71 15.81 -1.33 9.49
N HIS A 72 14.84 -0.45 9.24
CA HIS A 72 13.89 -0.06 10.27
C HIS A 72 12.50 -0.63 9.97
N LEU A 73 12.29 -1.88 10.38
CA LEU A 73 11.00 -2.53 10.17
C LEU A 73 10.78 -3.66 11.18
N PRO A 74 9.51 -3.97 11.49
CA PRO A 74 9.17 -5.02 12.45
C PRO A 74 9.86 -6.34 12.13
N ASP A 75 9.71 -7.32 13.02
CA ASP A 75 10.32 -8.63 12.83
C ASP A 75 9.45 -9.52 11.94
N ASP A 76 8.14 -9.31 12.00
CA ASP A 76 7.20 -10.08 11.20
C ASP A 76 7.05 -9.48 9.81
N SER A 77 7.19 -8.16 9.72
CA SER A 77 7.06 -7.47 8.45
C SER A 77 8.33 -7.64 7.61
N LYS A 78 9.47 -7.75 8.28
CA LYS A 78 10.75 -7.92 7.60
C LYS A 78 10.74 -9.18 6.73
N ASP A 79 9.96 -10.18 7.16
CA ASP A 79 9.87 -11.44 6.42
C ASP A 79 9.29 -11.21 5.02
N THR A 80 8.11 -10.62 4.96
CA THR A 80 7.45 -10.35 3.69
C THR A 80 8.15 -9.23 2.94
N TRP A 81 8.73 -8.30 3.70
CA TRP A 81 9.43 -7.16 3.11
C TRP A 81 10.55 -7.63 2.19
N LYS A 82 11.14 -8.78 2.50
CA LYS A 82 12.21 -9.34 1.70
C LYS A 82 11.67 -10.15 0.53
N LYS A 83 10.41 -10.57 0.64
CA LYS A 83 9.77 -11.36 -0.42
C LYS A 83 9.11 -10.46 -1.46
N ARG A 84 9.38 -9.16 -1.39
CA ARG A 84 8.81 -8.22 -2.35
C ARG A 84 9.26 -8.53 -3.77
N GLY A 85 10.46 -9.09 -3.89
CA GLY A 85 10.98 -9.43 -5.20
C GLY A 85 10.39 -10.72 -5.74
N ASN A 86 9.91 -11.58 -4.85
CA ASN A 86 9.32 -12.85 -5.24
C ASN A 86 7.90 -12.65 -5.77
N VAL A 87 7.21 -11.64 -5.23
CA VAL A 87 5.84 -11.35 -5.65
C VAL A 87 5.83 -10.61 -6.99
N GLU A 88 4.63 -10.27 -7.45
CA GLU A 88 4.48 -9.57 -8.72
C GLU A 88 4.00 -8.14 -8.50
N TYR A 89 2.73 -7.99 -8.14
CA TYR A 89 2.15 -6.67 -7.90
C TYR A 89 2.38 -6.23 -6.46
N VAL A 90 2.05 -4.97 -6.18
CA VAL A 90 2.22 -4.42 -4.84
C VAL A 90 1.21 -3.30 -4.58
N VAL A 91 0.58 -3.35 -3.41
CA VAL A 91 -0.42 -2.34 -3.04
C VAL A 91 -0.11 -1.75 -1.66
N LEU A 92 -0.65 -0.56 -1.40
CA LEU A 92 -0.45 0.09 -0.12
C LEU A 92 -1.78 0.46 0.53
N LEU A 93 -1.71 1.07 1.71
CA LEU A 93 -2.91 1.46 2.43
C LEU A 93 -2.81 2.90 2.93
N ASP A 94 -3.85 3.37 3.61
CA ASP A 94 -3.87 4.72 4.14
C ASP A 94 -5.14 4.98 4.94
N TRP A 95 -5.27 6.19 5.48
CA TRP A 95 -6.45 6.55 6.26
C TRP A 95 -7.40 7.42 5.45
N PHE A 96 -6.85 8.44 4.80
CA PHE A 96 -7.66 9.35 3.98
C PHE A 96 -6.82 9.97 2.87
N SER A 97 -6.48 9.15 1.88
CA SER A 97 -5.69 9.61 0.75
C SER A 97 -5.62 8.54 -0.35
N SER A 98 -5.13 8.94 -1.52
CA SER A 98 -5.01 8.01 -2.64
C SER A 98 -3.80 8.35 -3.50
N ALA A 99 -3.59 7.57 -4.55
CA ALA A 99 -2.46 7.77 -5.45
C ALA A 99 -2.48 9.17 -6.05
N LYS A 100 -3.67 9.74 -6.16
CA LYS A 100 -3.84 11.08 -6.72
C LYS A 100 -3.62 12.15 -5.66
N ASP A 101 -3.82 11.78 -4.39
CA ASP A 101 -3.64 12.71 -3.29
C ASP A 101 -2.22 12.64 -2.71
N LEU A 102 -1.30 12.08 -3.49
CA LEU A 102 0.08 11.95 -3.05
C LEU A 102 0.85 13.25 -3.29
N GLN A 103 0.97 14.07 -2.25
CA GLN A 103 1.68 15.34 -2.35
C GLN A 103 3.18 15.14 -2.16
N ILE A 104 3.94 16.20 -2.38
CA ILE A 104 5.40 16.15 -2.23
C ILE A 104 5.80 16.13 -0.76
N GLY A 105 5.78 14.94 -0.16
CA GLY A 105 6.14 14.81 1.24
C GLY A 105 5.18 13.93 2.01
N THR A 106 4.81 12.80 1.41
CA THR A 106 3.90 11.87 2.05
C THR A 106 4.57 10.53 2.30
N THR A 107 3.93 9.70 3.12
CA THR A 107 4.47 8.38 3.45
C THR A 107 4.30 7.42 2.29
N LEU A 108 3.23 7.62 1.52
CA LEU A 108 2.93 6.76 0.38
C LEU A 108 3.95 6.99 -0.74
N ARG A 109 4.26 8.25 -0.99
CA ARG A 109 5.21 8.61 -2.04
C ARG A 109 6.61 8.13 -1.68
N SER A 110 7.07 8.46 -0.48
CA SER A 110 8.39 8.07 -0.02
C SER A 110 8.53 6.54 -0.03
N LEU A 111 7.41 5.86 0.18
CA LEU A 111 7.41 4.39 0.21
C LEU A 111 7.23 3.83 -1.20
N LYS A 112 6.55 4.57 -2.06
CA LYS A 112 6.31 4.15 -3.43
C LYS A 112 7.56 4.36 -4.29
N ASP A 113 8.31 5.42 -3.99
CA ASP A 113 9.51 5.73 -4.74
C ASP A 113 10.70 4.91 -4.24
N ALA A 114 10.63 4.46 -2.98
CA ALA A 114 11.69 3.66 -2.39
C ALA A 114 11.44 2.17 -2.56
N LEU A 115 10.54 1.83 -3.49
CA LEU A 115 10.21 0.42 -3.74
C LEU A 115 10.53 0.03 -5.17
N PHE A 116 10.51 1.00 -6.09
CA PHE A 116 10.79 0.74 -7.49
C PHE A 116 11.76 1.78 -8.05
N LYS A 117 11.44 3.05 -7.88
CA LYS A 117 12.27 4.14 -8.38
C LYS A 117 13.69 4.03 -7.81
N TRP A 118 13.79 3.76 -6.52
CA TRP A 118 15.09 3.64 -5.86
C TRP A 118 15.48 2.18 -5.69
N GLU A 119 14.69 1.44 -4.93
CA GLU A 119 14.95 0.03 -4.68
C GLU A 119 16.31 -0.16 -4.00
N SER A 120 16.52 -1.34 -3.43
CA SER A 120 17.77 -1.65 -2.75
C SER A 120 18.70 -2.45 -3.65
N LYS A 121 18.15 -3.49 -4.27
CA LYS A 121 18.92 -4.35 -5.17
C LYS A 121 18.01 -5.08 -6.15
N THR A 122 16.93 -5.65 -5.62
CA THR A 122 15.98 -6.38 -6.45
C THR A 122 15.11 -5.43 -7.26
N VAL A 123 14.44 -5.95 -8.27
CA VAL A 123 13.57 -5.15 -9.12
C VAL A 123 12.18 -5.77 -9.24
N LEU A 124 11.15 -4.92 -9.21
CA LEU A 124 9.78 -5.38 -9.32
C LEU A 124 9.30 -5.35 -10.77
N ARG A 125 8.07 -5.81 -11.00
CA ARG A 125 7.51 -5.84 -12.34
C ARG A 125 6.79 -4.54 -12.65
N ASN A 126 6.23 -3.91 -11.63
CA ASN A 126 5.52 -2.65 -11.79
C ASN A 126 5.73 -1.75 -10.58
N GLU A 127 5.08 -0.59 -10.58
CA GLU A 127 5.21 0.36 -9.48
C GLU A 127 4.11 0.13 -8.44
N PRO A 128 4.47 0.16 -7.14
CA PRO A 128 3.51 -0.05 -6.06
C PRO A 128 2.28 0.84 -6.19
N LEU A 129 1.11 0.29 -5.86
CA LEU A 129 -0.14 1.04 -5.95
C LEU A 129 -0.73 1.28 -4.56
N VAL A 130 -1.83 2.01 -4.51
CA VAL A 130 -2.49 2.32 -3.25
C VAL A 130 -4.00 2.08 -3.33
N LEU A 131 -4.53 1.39 -2.33
CA LEU A 131 -5.97 1.09 -2.30
C LEU A 131 -6.79 2.37 -2.29
N GLU A 132 -7.97 2.32 -2.88
CA GLU A 132 -8.86 3.48 -2.94
C GLU A 132 -9.49 3.75 -1.58
N GLY A 133 -9.04 4.81 -0.93
CA GLY A 133 -9.56 5.17 0.38
C GLY A 133 -8.68 4.69 1.52
N GLY A 134 -7.96 3.59 1.28
CA GLY A 134 -7.09 3.04 2.29
C GLY A 134 -7.79 2.09 3.23
N TYR A 135 -7.27 1.93 4.44
CA TYR A 135 -7.85 1.04 5.43
C TYR A 135 -9.28 1.46 5.75
N GLU A 136 -9.52 2.77 5.78
CA GLU A 136 -10.85 3.30 6.08
C GLU A 136 -11.88 2.79 5.08
N ASN A 137 -11.43 2.54 3.85
CA ASN A 137 -12.32 2.05 2.81
C ASN A 137 -12.36 0.52 2.81
N TRP A 138 -11.26 -0.10 3.21
CA TRP A 138 -11.17 -1.55 3.26
C TRP A 138 -12.22 -2.13 4.21
N LEU A 139 -12.46 -1.43 5.31
CA LEU A 139 -13.43 -1.86 6.31
C LEU A 139 -14.86 -1.64 5.80
N LEU A 140 -15.10 -0.46 5.24
CA LEU A 140 -16.41 -0.11 4.72
C LEU A 140 -16.83 -1.06 3.60
N CYS A 141 -15.84 -1.56 2.86
CA CYS A 141 -16.09 -2.47 1.75
C CYS A 141 -15.96 -3.92 2.20
N TYR A 142 -14.79 -4.28 2.70
CA TYR A 142 -14.53 -5.63 3.16
C TYR A 142 -14.15 -5.64 4.65
N PRO A 143 -15.13 -5.45 5.54
CA PRO A 143 -14.89 -5.43 6.99
C PRO A 143 -14.58 -6.81 7.54
N GLN A 144 -14.90 -7.85 6.76
CA GLN A 144 -14.66 -9.22 7.18
C GLN A 144 -13.33 -9.74 6.62
N TYR A 145 -12.33 -8.87 6.59
CA TYR A 145 -11.02 -9.24 6.08
C TYR A 145 -9.92 -8.57 6.89
N THR A 146 -10.19 -8.34 8.17
CA THR A 146 -9.23 -7.71 9.06
C THR A 146 -9.25 -8.35 10.45
N THR A 147 -8.08 -8.44 11.08
CA THR A 147 -7.98 -9.04 12.41
C THR A 147 -8.81 -8.25 13.42
N ASN A 148 -8.92 -6.95 13.21
CA ASN A 148 -9.67 -6.08 14.10
C ASN A 148 -10.59 -5.15 13.32
N ALA A 149 -11.84 -5.55 13.16
CA ALA A 149 -12.81 -4.74 12.42
C ALA A 149 -13.80 -4.07 13.38
N LYS A 150 -13.35 -2.99 14.01
CA LYS A 150 -14.19 -2.25 14.94
C LYS A 150 -13.76 -0.79 15.03
N VAL A 151 -13.24 -0.27 13.92
CA VAL A 151 -12.79 1.12 13.87
C VAL A 151 -13.42 1.86 12.69
N SER A 152 -14.12 2.94 12.98
CA SER A 152 -14.77 3.73 11.94
C SER A 152 -14.06 5.07 11.76
N GLY A 153 -13.51 5.59 12.85
CA GLY A 153 -12.80 6.87 12.80
C GLY A 153 -13.16 7.77 13.96
N PRO A 154 -12.70 7.43 15.18
CA PRO A 154 -12.97 8.23 16.38
C PRO A 154 -12.22 9.56 16.36
N SER A 155 -12.94 10.63 16.68
CA SER A 155 -12.34 11.96 16.70
C SER A 155 -12.10 12.42 18.13
N SER A 156 -11.23 13.41 18.29
CA SER A 156 -10.90 13.94 19.61
C SER A 156 -12.04 14.80 20.15
N GLY A 157 -12.75 14.28 21.15
CA GLY A 157 -13.86 15.01 21.73
C GLY A 157 -14.56 14.24 22.82
N GLY A 1 -1.17 -1.88 -32.23
CA GLY A 1 -2.55 -2.30 -32.57
C GLY A 1 -2.72 -2.58 -34.06
N SER A 2 -3.76 -3.32 -34.40
CA SER A 2 -4.04 -3.65 -35.80
C SER A 2 -5.07 -2.70 -36.40
N SER A 3 -5.34 -2.86 -37.69
CA SER A 3 -6.31 -2.02 -38.37
C SER A 3 -5.87 -0.56 -38.34
N GLY A 4 -6.67 0.30 -38.95
CA GLY A 4 -6.35 1.72 -38.98
C GLY A 4 -6.51 2.38 -37.63
N SER A 5 -5.53 2.20 -36.76
CA SER A 5 -5.57 2.78 -35.42
C SER A 5 -4.38 3.69 -35.19
N SER A 6 -4.28 4.23 -33.98
CA SER A 6 -3.18 5.12 -33.63
C SER A 6 -2.17 4.42 -32.72
N GLY A 7 -2.69 3.69 -31.72
CA GLY A 7 -1.82 2.97 -30.80
C GLY A 7 -2.40 2.89 -29.41
N LYS A 8 -2.33 1.72 -28.80
CA LYS A 8 -2.85 1.51 -27.45
C LYS A 8 -4.35 1.78 -27.40
N CYS A 9 -5.13 0.72 -27.29
CA CYS A 9 -6.59 0.84 -27.23
C CYS A 9 -7.07 0.91 -25.80
N GLU A 10 -7.79 1.98 -25.47
CA GLU A 10 -8.32 2.17 -24.12
C GLU A 10 -7.18 2.32 -23.11
N THR A 11 -7.36 3.22 -22.16
CA THR A 11 -6.34 3.46 -21.13
C THR A 11 -6.95 3.38 -19.74
N LYS A 12 -6.11 3.56 -18.72
CA LYS A 12 -6.57 3.50 -17.34
C LYS A 12 -5.59 4.24 -16.42
N GLU A 13 -5.98 4.38 -15.15
CA GLU A 13 -5.14 5.06 -14.17
C GLU A 13 -4.02 4.15 -13.68
N LYS A 14 -2.86 4.27 -14.30
CA LYS A 14 -1.70 3.45 -13.92
C LYS A 14 -0.96 4.08 -12.75
N GLY A 15 -1.19 3.54 -11.55
CA GLY A 15 -0.52 4.04 -10.37
C GLY A 15 -1.28 3.73 -9.10
N ALA A 16 -2.61 3.60 -9.22
CA ALA A 16 -3.45 3.30 -8.06
C ALA A 16 -4.33 2.09 -8.35
N ILE A 17 -4.48 1.23 -7.35
CA ILE A 17 -5.30 0.03 -7.49
C ILE A 17 -6.63 0.19 -6.76
N THR A 18 -7.67 -0.45 -7.30
CA THR A 18 -9.00 -0.37 -6.70
C THR A 18 -9.23 -1.53 -5.73
N ALA A 19 -10.19 -1.36 -4.83
CA ALA A 19 -10.50 -2.39 -3.84
C ALA A 19 -10.96 -3.68 -4.52
N LYS A 20 -11.69 -3.53 -5.62
CA LYS A 20 -12.19 -4.68 -6.36
C LYS A 20 -11.04 -5.55 -6.86
N GLU A 21 -10.03 -4.90 -7.44
CA GLU A 21 -8.88 -5.62 -7.96
C GLU A 21 -8.12 -6.34 -6.84
N LEU A 22 -7.97 -5.65 -5.71
CA LEU A 22 -7.28 -6.23 -4.56
C LEU A 22 -7.97 -7.50 -4.08
N TYR A 23 -9.30 -7.46 -4.02
CA TYR A 23 -10.08 -8.61 -3.59
C TYR A 23 -9.95 -9.77 -4.57
N THR A 24 -10.06 -9.46 -5.86
CA THR A 24 -9.95 -10.47 -6.90
C THR A 24 -8.52 -10.99 -7.01
N MET A 25 -7.56 -10.08 -6.90
CA MET A 25 -6.15 -10.45 -6.99
C MET A 25 -5.72 -11.24 -5.76
N MET A 26 -6.23 -10.85 -4.60
CA MET A 26 -5.90 -11.53 -3.35
C MET A 26 -6.31 -12.99 -3.40
N THR A 27 -7.60 -13.24 -3.67
CA THR A 27 -8.11 -14.59 -3.74
C THR A 27 -7.44 -15.38 -4.86
N ASP A 28 -7.04 -14.68 -5.91
CA ASP A 28 -6.37 -15.31 -7.04
C ASP A 28 -5.08 -16.00 -6.60
N LYS A 29 -4.96 -17.29 -6.90
CA LYS A 29 -3.78 -18.07 -6.54
C LYS A 29 -2.82 -18.18 -7.71
N ASN A 30 -2.80 -17.15 -8.57
CA ASN A 30 -1.92 -17.14 -9.72
C ASN A 30 -1.04 -15.90 -9.73
N ILE A 31 -1.65 -14.76 -9.44
CA ILE A 31 -0.92 -13.49 -9.41
C ILE A 31 -0.54 -13.11 -7.99
N SER A 32 0.76 -13.05 -7.72
CA SER A 32 1.26 -12.71 -6.39
C SER A 32 0.99 -11.23 -6.09
N LEU A 33 0.69 -10.94 -4.83
CA LEU A 33 0.42 -9.56 -4.42
C LEU A 33 0.65 -9.40 -2.92
N ILE A 34 1.05 -8.20 -2.52
CA ILE A 34 1.32 -7.90 -1.11
C ILE A 34 0.83 -6.51 -0.74
N ILE A 35 0.12 -6.41 0.38
CA ILE A 35 -0.39 -5.13 0.85
C ILE A 35 0.48 -4.57 1.96
N MET A 36 0.40 -3.26 2.17
CA MET A 36 1.19 -2.59 3.20
C MET A 36 0.36 -1.53 3.93
N ASP A 37 0.81 -1.15 5.12
CA ASP A 37 0.11 -0.15 5.91
C ASP A 37 1.02 1.04 6.21
N ALA A 38 0.93 2.06 5.38
CA ALA A 38 1.74 3.26 5.54
C ALA A 38 1.25 4.10 6.72
N ARG A 39 1.41 3.56 7.93
CA ARG A 39 0.97 4.26 9.13
C ARG A 39 1.95 4.01 10.28
N ARG A 40 1.76 4.72 11.38
CA ARG A 40 2.62 4.57 12.54
C ARG A 40 2.58 3.14 13.08
N MET A 41 3.39 2.88 14.10
CA MET A 41 3.45 1.55 14.70
C MET A 41 2.15 1.22 15.43
N GLN A 42 1.63 2.20 16.17
CA GLN A 42 0.39 2.01 16.91
C GLN A 42 -0.79 1.77 15.96
N ASP A 43 -0.70 2.36 14.77
CA ASP A 43 -1.76 2.21 13.77
C ASP A 43 -1.94 0.75 13.39
N TYR A 44 -0.84 0.08 13.08
CA TYR A 44 -0.87 -1.32 12.69
C TYR A 44 -1.33 -2.20 13.86
N GLN A 45 -0.87 -1.85 15.06
CA GLN A 45 -1.22 -2.61 16.26
C GLN A 45 -2.71 -2.48 16.55
N ASP A 46 -3.28 -1.33 16.22
CA ASP A 46 -4.71 -1.08 16.45
C ASP A 46 -5.56 -1.86 15.44
N SER A 47 -5.51 -1.43 14.18
CA SER A 47 -6.28 -2.08 13.13
C SER A 47 -5.39 -2.39 11.93
N CYS A 48 -5.64 -3.54 11.29
CA CYS A 48 -4.87 -3.95 10.13
C CYS A 48 -5.54 -5.11 9.42
N ILE A 49 -5.24 -5.28 8.13
CA ILE A 49 -5.82 -6.34 7.34
C ILE A 49 -5.26 -7.70 7.75
N LEU A 50 -6.00 -8.76 7.46
CA LEU A 50 -5.59 -10.11 7.81
C LEU A 50 -4.25 -10.45 7.15
N HIS A 51 -4.23 -10.44 5.82
CA HIS A 51 -3.03 -10.74 5.06
C HIS A 51 -2.43 -9.48 4.44
N SER A 52 -1.71 -8.71 5.26
CA SER A 52 -1.09 -7.47 4.79
C SER A 52 0.22 -7.22 5.53
N LEU A 53 1.02 -6.32 4.98
CA LEU A 53 2.31 -5.97 5.58
C LEU A 53 2.21 -4.67 6.36
N SER A 54 3.13 -4.46 7.30
CA SER A 54 3.14 -3.26 8.12
C SER A 54 4.42 -2.46 7.91
N VAL A 55 4.34 -1.15 8.13
CA VAL A 55 5.50 -0.29 7.96
C VAL A 55 5.28 1.05 8.69
N PRO A 56 6.04 1.29 9.78
CA PRO A 56 5.92 2.54 10.55
C PRO A 56 6.36 3.76 9.76
N GLU A 57 5.69 4.88 9.99
CA GLU A 57 6.01 6.13 9.31
C GLU A 57 7.28 6.76 9.89
N GLU A 58 7.51 6.54 11.18
CA GLU A 58 8.69 7.09 11.85
C GLU A 58 9.96 6.61 11.18
N ALA A 59 9.92 5.39 10.63
CA ALA A 59 11.08 4.83 9.95
C ALA A 59 11.19 5.34 8.51
N ILE A 60 10.04 5.64 7.91
CA ILE A 60 10.01 6.14 6.55
C ILE A 60 10.26 7.65 6.51
N SER A 61 11.11 8.08 5.58
CA SER A 61 11.43 9.50 5.45
C SER A 61 11.16 9.98 4.02
N PRO A 62 10.98 11.29 3.84
CA PRO A 62 10.71 11.88 2.53
C PRO A 62 11.93 11.81 1.61
N GLY A 63 12.02 10.74 0.83
CA GLY A 63 13.14 10.57 -0.08
C GLY A 63 14.18 9.60 0.45
N VAL A 64 13.76 8.38 0.74
CA VAL A 64 14.67 7.36 1.25
C VAL A 64 14.76 6.18 0.30
N THR A 65 15.63 5.23 0.62
CA THR A 65 15.81 4.04 -0.20
C THR A 65 15.22 2.82 0.48
N ALA A 66 15.20 1.69 -0.23
CA ALA A 66 14.67 0.45 0.30
C ALA A 66 15.45 -0.01 1.52
N SER A 67 16.76 0.20 1.49
CA SER A 67 17.64 -0.20 2.58
C SER A 67 17.24 0.52 3.87
N TRP A 68 16.76 1.75 3.73
CA TRP A 68 16.35 2.54 4.88
C TRP A 68 15.22 1.85 5.65
N ILE A 69 14.17 1.49 4.92
CA ILE A 69 13.02 0.82 5.53
C ILE A 69 13.37 -0.60 5.93
N GLU A 70 14.04 -1.33 5.04
CA GLU A 70 14.44 -2.70 5.30
C GLU A 70 15.23 -2.82 6.60
N ALA A 71 15.90 -1.73 6.97
CA ALA A 71 16.70 -1.71 8.20
C ALA A 71 15.83 -1.42 9.41
N HIS A 72 14.74 -0.69 9.20
CA HIS A 72 13.83 -0.34 10.29
C HIS A 72 12.44 -0.90 10.03
N LEU A 73 12.20 -2.13 10.47
CA LEU A 73 10.91 -2.77 10.29
C LEU A 73 10.67 -3.84 11.36
N PRO A 74 9.41 -4.20 11.62
CA PRO A 74 9.05 -5.21 12.62
C PRO A 74 9.78 -6.53 12.39
N ASP A 75 9.34 -7.57 13.09
CA ASP A 75 9.95 -8.89 12.96
C ASP A 75 9.36 -9.65 11.77
N ASP A 76 8.06 -9.91 11.84
CA ASP A 76 7.38 -10.64 10.76
C ASP A 76 7.24 -9.78 9.52
N SER A 77 7.09 -8.47 9.71
CA SER A 77 6.94 -7.54 8.60
C SER A 77 8.21 -7.49 7.75
N LYS A 78 9.36 -7.73 8.39
CA LYS A 78 10.64 -7.72 7.68
C LYS A 78 10.73 -8.88 6.69
N ASP A 79 10.05 -9.98 7.00
CA ASP A 79 10.06 -11.16 6.15
C ASP A 79 9.38 -10.86 4.81
N THR A 80 8.09 -10.56 4.86
CA THR A 80 7.32 -10.26 3.65
C THR A 80 7.96 -9.12 2.87
N TRP A 81 8.69 -8.26 3.57
CA TRP A 81 9.34 -7.12 2.94
C TRP A 81 10.26 -7.57 1.81
N LYS A 82 11.33 -8.28 2.17
CA LYS A 82 12.29 -8.77 1.18
C LYS A 82 11.61 -9.66 0.14
N LYS A 83 10.50 -10.28 0.55
CA LYS A 83 9.75 -11.16 -0.36
C LYS A 83 9.07 -10.36 -1.48
N ARG A 84 9.05 -9.04 -1.35
CA ARG A 84 8.43 -8.18 -2.34
C ARG A 84 8.91 -8.52 -3.74
N GLY A 85 10.16 -8.97 -3.85
CA GLY A 85 10.72 -9.32 -5.14
C GLY A 85 10.22 -10.65 -5.66
N ASN A 86 9.72 -11.49 -4.75
CA ASN A 86 9.20 -12.80 -5.14
C ASN A 86 7.80 -12.69 -5.72
N VAL A 87 7.05 -11.69 -5.27
CA VAL A 87 5.70 -11.47 -5.76
C VAL A 87 5.70 -10.75 -7.11
N GLU A 88 4.50 -10.53 -7.65
CA GLU A 88 4.36 -9.86 -8.93
C GLU A 88 3.97 -8.39 -8.75
N TYR A 89 2.75 -8.18 -8.23
CA TYR A 89 2.25 -6.84 -8.00
C TYR A 89 2.41 -6.43 -6.54
N VAL A 90 2.12 -5.17 -6.24
CA VAL A 90 2.24 -4.66 -4.88
C VAL A 90 1.19 -3.60 -4.60
N VAL A 91 0.62 -3.64 -3.40
CA VAL A 91 -0.40 -2.67 -3.00
C VAL A 91 -0.09 -2.07 -1.64
N LEU A 92 -0.67 -0.90 -1.36
CA LEU A 92 -0.46 -0.23 -0.08
C LEU A 92 -1.79 0.15 0.56
N LEU A 93 -1.73 0.74 1.75
CA LEU A 93 -2.92 1.15 2.46
C LEU A 93 -2.75 2.56 3.03
N ASP A 94 -3.80 3.06 3.69
CA ASP A 94 -3.77 4.39 4.29
C ASP A 94 -5.07 4.68 5.02
N TRP A 95 -5.16 5.87 5.61
CA TRP A 95 -6.35 6.28 6.35
C TRP A 95 -7.24 7.16 5.50
N PHE A 96 -6.65 8.18 4.88
CA PHE A 96 -7.39 9.10 4.04
C PHE A 96 -6.47 9.79 3.04
N SER A 97 -5.44 9.08 2.60
CA SER A 97 -4.48 9.62 1.65
C SER A 97 -4.36 8.71 0.42
N SER A 98 -5.12 9.02 -0.61
CA SER A 98 -5.09 8.22 -1.84
C SER A 98 -3.96 8.68 -2.75
N ALA A 99 -3.78 7.96 -3.86
CA ALA A 99 -2.73 8.29 -4.81
C ALA A 99 -2.89 9.70 -5.35
N LYS A 100 -4.13 10.20 -5.34
CA LYS A 100 -4.42 11.54 -5.84
C LYS A 100 -4.22 12.57 -4.74
N ASP A 101 -4.31 12.13 -3.48
CA ASP A 101 -4.15 13.04 -2.35
C ASP A 101 -2.70 13.04 -1.86
N LEU A 102 -1.78 12.60 -2.70
CA LEU A 102 -0.37 12.56 -2.34
C LEU A 102 0.30 13.91 -2.60
N GLN A 103 0.95 14.44 -1.58
CA GLN A 103 1.63 15.73 -1.68
C GLN A 103 3.14 15.57 -1.51
N ILE A 104 3.85 16.69 -1.56
CA ILE A 104 5.31 16.67 -1.41
C ILE A 104 5.70 16.56 0.06
N GLY A 105 5.68 15.33 0.58
CA GLY A 105 6.04 15.11 1.96
C GLY A 105 5.06 14.20 2.67
N THR A 106 4.74 13.07 2.05
CA THR A 106 3.81 12.11 2.63
C THR A 106 4.52 10.79 2.95
N THR A 107 3.75 9.82 3.44
CA THR A 107 4.30 8.51 3.77
C THR A 107 4.12 7.54 2.62
N LEU A 108 3.03 7.69 1.87
CA LEU A 108 2.75 6.82 0.74
C LEU A 108 3.68 7.11 -0.42
N ARG A 109 3.91 8.40 -0.68
CA ARG A 109 4.79 8.82 -1.77
C ARG A 109 6.22 8.36 -1.51
N SER A 110 6.73 8.67 -0.32
CA SER A 110 8.09 8.30 0.06
C SER A 110 8.26 6.78 0.02
N LEU A 111 7.25 6.07 0.51
CA LEU A 111 7.30 4.61 0.53
C LEU A 111 7.29 4.04 -0.88
N LYS A 112 6.61 4.73 -1.79
CA LYS A 112 6.53 4.29 -3.17
C LYS A 112 7.78 4.70 -3.95
N ASP A 113 8.40 5.80 -3.54
CA ASP A 113 9.61 6.29 -4.20
C ASP A 113 10.83 5.47 -3.78
N ALA A 114 10.73 4.81 -2.63
CA ALA A 114 11.83 3.99 -2.14
C ALA A 114 11.68 2.53 -2.58
N LEU A 115 10.88 2.30 -3.60
CA LEU A 115 10.66 0.95 -4.12
C LEU A 115 11.03 0.84 -5.59
N PHE A 116 10.71 1.86 -6.36
CA PHE A 116 11.01 1.87 -7.79
C PHE A 116 11.84 3.10 -8.18
N LYS A 117 11.41 4.27 -7.72
CA LYS A 117 12.10 5.51 -8.02
C LYS A 117 13.59 5.41 -7.67
N TRP A 118 13.88 5.06 -6.42
CA TRP A 118 15.25 4.93 -5.96
C TRP A 118 15.76 3.50 -6.15
N GLU A 119 14.98 2.53 -5.69
CA GLU A 119 15.35 1.13 -5.81
C GLU A 119 16.65 0.85 -5.08
N SER A 120 16.85 -0.41 -4.68
CA SER A 120 18.04 -0.81 -3.96
C SER A 120 18.28 -2.31 -4.10
N LYS A 121 18.83 -2.73 -5.23
CA LYS A 121 19.11 -4.14 -5.48
C LYS A 121 17.82 -4.95 -5.44
N THR A 122 16.72 -4.33 -5.86
CA THR A 122 15.42 -4.99 -5.87
C THR A 122 14.53 -4.39 -6.95
N VAL A 123 14.16 -5.20 -7.93
CA VAL A 123 13.30 -4.74 -9.02
C VAL A 123 11.94 -5.43 -8.96
N LEU A 124 10.89 -4.65 -9.18
CA LEU A 124 9.53 -5.18 -9.15
C LEU A 124 8.96 -5.29 -10.57
N ARG A 125 7.83 -5.98 -10.70
CA ARG A 125 7.19 -6.16 -11.99
C ARG A 125 6.47 -4.89 -12.42
N ASN A 126 5.93 -4.15 -11.45
CA ASN A 126 5.22 -2.92 -11.73
C ASN A 126 5.38 -1.92 -10.58
N GLU A 127 4.91 -0.70 -10.79
CA GLU A 127 5.01 0.35 -9.79
C GLU A 127 4.01 0.12 -8.67
N PRO A 128 4.43 0.23 -7.39
CA PRO A 128 3.55 0.04 -6.24
C PRO A 128 2.31 0.93 -6.31
N LEU A 129 1.14 0.31 -6.21
CA LEU A 129 -0.11 1.05 -6.25
C LEU A 129 -0.74 1.15 -4.85
N VAL A 130 -1.60 2.15 -4.68
CA VAL A 130 -2.26 2.36 -3.39
C VAL A 130 -3.76 2.05 -3.48
N LEU A 131 -4.28 1.40 -2.46
CA LEU A 131 -5.69 1.04 -2.41
C LEU A 131 -6.57 2.28 -2.50
N GLU A 132 -7.75 2.12 -3.10
CA GLU A 132 -8.67 3.24 -3.25
C GLU A 132 -9.30 3.62 -1.90
N GLY A 133 -8.72 4.61 -1.26
CA GLY A 133 -9.22 5.06 0.03
C GLY A 133 -8.34 4.63 1.18
N GLY A 134 -7.94 3.36 1.18
CA GLY A 134 -7.08 2.85 2.24
C GLY A 134 -7.82 1.89 3.16
N TYR A 135 -7.29 1.74 4.37
CA TYR A 135 -7.90 0.85 5.36
C TYR A 135 -9.32 1.29 5.69
N GLU A 136 -9.52 2.60 5.79
CA GLU A 136 -10.84 3.14 6.11
C GLU A 136 -11.87 2.72 5.05
N ASN A 137 -11.43 2.68 3.79
CA ASN A 137 -12.30 2.29 2.70
C ASN A 137 -12.40 0.77 2.59
N TRP A 138 -11.30 0.09 2.92
CA TRP A 138 -11.26 -1.37 2.86
C TRP A 138 -12.25 -1.99 3.83
N LEU A 139 -12.39 -1.37 5.00
CA LEU A 139 -13.31 -1.86 6.02
C LEU A 139 -14.75 -1.84 5.52
N LEU A 140 -15.07 -0.84 4.70
CA LEU A 140 -16.41 -0.72 4.14
C LEU A 140 -16.60 -1.64 2.95
N CYS A 141 -15.64 -1.60 2.02
CA CYS A 141 -15.69 -2.43 0.84
C CYS A 141 -15.68 -3.92 1.20
N TYR A 142 -14.88 -4.25 2.20
CA TYR A 142 -14.77 -5.64 2.66
C TYR A 142 -14.45 -5.70 4.15
N PRO A 143 -15.47 -5.54 5.01
CA PRO A 143 -15.30 -5.59 6.47
C PRO A 143 -14.93 -6.98 6.96
N GLN A 144 -15.32 -7.99 6.21
CA GLN A 144 -15.03 -9.37 6.57
C GLN A 144 -13.70 -9.83 5.97
N TYR A 145 -12.66 -9.03 6.17
CA TYR A 145 -11.34 -9.35 5.66
C TYR A 145 -10.26 -8.63 6.45
N THR A 146 -10.53 -8.38 7.73
CA THR A 146 -9.57 -7.69 8.59
C THR A 146 -9.64 -8.24 10.02
N THR A 147 -8.56 -8.05 10.77
CA THR A 147 -8.51 -8.52 12.14
C THR A 147 -9.36 -7.65 13.06
N ASN A 148 -9.44 -6.36 12.73
CA ASN A 148 -10.23 -5.43 13.52
C ASN A 148 -11.28 -4.74 12.66
N ALA A 149 -12.55 -5.01 12.95
CA ALA A 149 -13.65 -4.41 12.20
C ALA A 149 -14.32 -3.30 13.00
N LYS A 150 -14.29 -3.42 14.32
CA LYS A 150 -14.90 -2.43 15.20
C LYS A 150 -13.92 -1.29 15.48
N VAL A 151 -13.60 -0.51 14.44
CA VAL A 151 -12.68 0.61 14.57
C VAL A 151 -13.42 1.90 14.88
N SER A 152 -14.54 2.11 14.18
CA SER A 152 -15.34 3.31 14.38
C SER A 152 -14.54 4.56 14.06
N GLY A 153 -13.93 4.58 12.87
CA GLY A 153 -13.15 5.73 12.46
C GLY A 153 -14.01 6.92 12.07
N PRO A 154 -13.40 8.10 11.90
CA PRO A 154 -14.13 9.32 11.51
C PRO A 154 -14.64 9.25 10.08
N SER A 155 -15.50 10.21 9.72
CA SER A 155 -16.07 10.26 8.37
C SER A 155 -16.96 9.06 8.11
N SER A 156 -16.35 7.92 7.84
CA SER A 156 -17.09 6.69 7.57
C SER A 156 -16.44 5.50 8.25
N GLY A 157 -17.25 4.72 8.98
CA GLY A 157 -16.74 3.56 9.68
C GLY A 157 -17.74 2.99 10.66
N GLY A 1 -12.65 10.10 -31.55
CA GLY A 1 -13.20 10.84 -32.72
C GLY A 1 -12.11 11.38 -33.63
N SER A 2 -12.30 11.20 -34.94
CA SER A 2 -11.32 11.67 -35.91
C SER A 2 -9.99 10.95 -35.76
N SER A 3 -9.20 11.37 -34.77
CA SER A 3 -7.91 10.76 -34.51
C SER A 3 -7.90 10.05 -33.17
N GLY A 4 -8.12 8.74 -33.18
CA GLY A 4 -8.14 7.96 -31.96
C GLY A 4 -9.21 6.89 -31.96
N SER A 5 -8.78 5.63 -31.92
CA SER A 5 -9.71 4.51 -31.92
C SER A 5 -9.18 3.36 -31.07
N SER A 6 -9.28 3.51 -29.75
CA SER A 6 -8.82 2.49 -28.82
C SER A 6 -9.95 2.02 -27.91
N GLY A 7 -10.72 2.97 -27.41
CA GLY A 7 -11.83 2.65 -26.52
C GLY A 7 -11.85 3.50 -25.27
N LYS A 8 -13.03 3.73 -24.73
CA LYS A 8 -13.18 4.53 -23.51
C LYS A 8 -14.00 3.78 -22.47
N CYS A 9 -13.30 3.15 -21.53
CA CYS A 9 -13.97 2.40 -20.47
C CYS A 9 -13.32 2.69 -19.11
N GLU A 10 -12.00 2.59 -19.05
CA GLU A 10 -11.26 2.85 -17.83
C GLU A 10 -10.71 4.27 -17.81
N THR A 11 -10.33 4.73 -16.62
CA THR A 11 -9.78 6.08 -16.47
C THR A 11 -8.36 6.15 -17.01
N LYS A 12 -7.73 7.31 -16.87
CA LYS A 12 -6.38 7.52 -17.35
C LYS A 12 -5.42 7.82 -16.20
N GLU A 13 -5.64 7.16 -15.07
CA GLU A 13 -4.81 7.35 -13.89
C GLU A 13 -3.90 6.15 -13.67
N LYS A 14 -2.62 6.42 -13.45
CA LYS A 14 -1.64 5.36 -13.22
C LYS A 14 -1.14 5.39 -11.78
N GLY A 15 -1.08 4.21 -11.16
CA GLY A 15 -0.63 4.11 -9.79
C GLY A 15 -1.76 4.16 -8.79
N ALA A 16 -2.97 3.89 -9.26
CA ALA A 16 -4.14 3.91 -8.38
C ALA A 16 -4.94 2.61 -8.51
N ILE A 17 -4.95 1.81 -7.46
CA ILE A 17 -5.66 0.54 -7.45
C ILE A 17 -6.98 0.66 -6.69
N THR A 18 -7.93 -0.22 -7.02
CA THR A 18 -9.23 -0.22 -6.36
C THR A 18 -9.33 -1.35 -5.35
N ALA A 19 -10.45 -1.41 -4.63
CA ALA A 19 -10.68 -2.43 -3.63
C ALA A 19 -11.08 -3.75 -4.28
N LYS A 20 -11.77 -3.67 -5.42
CA LYS A 20 -12.20 -4.85 -6.13
C LYS A 20 -11.02 -5.62 -6.70
N GLU A 21 -10.02 -4.89 -7.20
CA GLU A 21 -8.83 -5.51 -7.77
C GLU A 21 -7.95 -6.10 -6.66
N LEU A 22 -7.85 -5.40 -5.54
CA LEU A 22 -7.04 -5.85 -4.43
C LEU A 22 -7.55 -7.19 -3.90
N TYR A 23 -8.86 -7.37 -3.91
CA TYR A 23 -9.46 -8.61 -3.44
C TYR A 23 -9.26 -9.73 -4.45
N THR A 24 -9.33 -9.39 -5.73
CA THR A 24 -9.15 -10.37 -6.79
C THR A 24 -7.77 -11.03 -6.70
N MET A 25 -6.73 -10.22 -6.74
CA MET A 25 -5.36 -10.73 -6.66
C MET A 25 -5.12 -11.45 -5.33
N MET A 26 -5.82 -10.99 -4.30
CA MET A 26 -5.68 -11.60 -2.97
C MET A 26 -6.23 -13.01 -2.96
N THR A 27 -7.32 -13.23 -3.68
CA THR A 27 -7.95 -14.54 -3.76
C THR A 27 -7.53 -15.27 -5.03
N ASP A 28 -6.32 -15.00 -5.49
CA ASP A 28 -5.80 -15.64 -6.69
C ASP A 28 -4.41 -16.23 -6.44
N LYS A 29 -4.23 -17.50 -6.81
CA LYS A 29 -2.96 -18.18 -6.62
C LYS A 29 -2.14 -18.17 -7.91
N ASN A 30 -2.33 -17.12 -8.71
CA ASN A 30 -1.60 -16.99 -9.97
C ASN A 30 -0.80 -15.68 -10.01
N ILE A 31 -1.42 -14.61 -9.53
CA ILE A 31 -0.77 -13.31 -9.51
C ILE A 31 -0.33 -12.94 -8.10
N SER A 32 0.97 -12.75 -7.92
CA SER A 32 1.53 -12.41 -6.61
C SER A 32 1.17 -10.97 -6.24
N LEU A 33 0.99 -10.72 -4.95
CA LEU A 33 0.65 -9.39 -4.46
C LEU A 33 0.85 -9.29 -2.96
N ILE A 34 1.23 -8.09 -2.50
CA ILE A 34 1.46 -7.86 -1.08
C ILE A 34 0.80 -6.57 -0.62
N ILE A 35 0.58 -6.45 0.68
CA ILE A 35 -0.04 -5.26 1.25
C ILE A 35 0.86 -4.62 2.30
N MET A 36 0.79 -3.29 2.40
CA MET A 36 1.60 -2.56 3.36
C MET A 36 0.79 -1.44 4.02
N ASP A 37 0.93 -1.31 5.32
CA ASP A 37 0.21 -0.29 6.07
C ASP A 37 1.11 0.91 6.36
N ALA A 38 0.93 1.98 5.61
CA ALA A 38 1.73 3.19 5.78
C ALA A 38 0.96 4.25 6.56
N ARG A 39 1.02 4.18 7.89
CA ARG A 39 0.33 5.14 8.74
C ARG A 39 1.11 5.38 10.03
N ARG A 40 1.27 4.31 10.82
CA ARG A 40 1.99 4.41 12.09
C ARG A 40 2.09 3.03 12.75
N MET A 41 3.09 2.87 13.61
CA MET A 41 3.30 1.61 14.30
C MET A 41 2.09 1.24 15.15
N GLN A 42 1.50 2.24 15.81
CA GLN A 42 0.34 2.03 16.65
C GLN A 42 -0.90 1.73 15.80
N ASP A 43 -0.94 2.32 14.61
CA ASP A 43 -2.07 2.11 13.71
C ASP A 43 -2.17 0.65 13.29
N TYR A 44 -1.04 0.04 13.00
CA TYR A 44 -1.00 -1.36 12.59
C TYR A 44 -1.38 -2.28 13.75
N GLN A 45 -0.79 -2.01 14.92
CA GLN A 45 -1.06 -2.82 16.11
C GLN A 45 -2.55 -2.79 16.46
N ASP A 46 -3.17 -1.63 16.27
CA ASP A 46 -4.59 -1.45 16.57
C ASP A 46 -5.44 -2.22 15.57
N SER A 47 -5.24 -1.93 14.29
CA SER A 47 -5.99 -2.59 13.23
C SER A 47 -5.11 -2.85 12.01
N CYS A 48 -5.42 -3.92 11.28
CA CYS A 48 -4.65 -4.28 10.09
C CYS A 48 -5.36 -5.38 9.30
N ILE A 49 -5.08 -5.44 8.00
CA ILE A 49 -5.69 -6.44 7.14
C ILE A 49 -5.01 -7.80 7.31
N LEU A 50 -5.75 -8.86 6.99
CA LEU A 50 -5.22 -10.21 7.11
C LEU A 50 -4.22 -10.51 6.00
N HIS A 51 -3.11 -11.15 6.36
CA HIS A 51 -2.07 -11.49 5.39
C HIS A 51 -1.49 -10.24 4.75
N SER A 52 -1.35 -9.18 5.55
CA SER A 52 -0.81 -7.92 5.06
C SER A 52 0.49 -7.57 5.77
N LEU A 53 1.24 -6.65 5.19
CA LEU A 53 2.51 -6.23 5.78
C LEU A 53 2.35 -4.89 6.50
N SER A 54 3.35 -4.54 7.32
CA SER A 54 3.31 -3.29 8.07
C SER A 54 4.59 -2.49 7.84
N VAL A 55 4.54 -1.21 8.22
CA VAL A 55 5.70 -0.33 8.06
C VAL A 55 5.47 0.99 8.80
N PRO A 56 6.25 1.27 9.85
CA PRO A 56 6.12 2.50 10.63
C PRO A 56 6.43 3.74 9.80
N GLU A 57 5.57 4.76 9.91
CA GLU A 57 5.75 6.00 9.16
C GLU A 57 7.09 6.65 9.50
N GLU A 58 7.52 6.50 10.75
CA GLU A 58 8.79 7.07 11.19
C GLU A 58 9.95 6.50 10.40
N ALA A 59 9.81 5.24 9.96
CA ALA A 59 10.85 4.58 9.19
C ALA A 59 10.86 5.08 7.74
N ILE A 60 9.70 5.47 7.24
CA ILE A 60 9.59 5.97 5.87
C ILE A 60 9.80 7.47 5.82
N SER A 61 11.03 7.88 5.47
CA SER A 61 11.36 9.29 5.38
C SER A 61 11.18 9.81 3.96
N PRO A 62 10.82 11.10 3.81
CA PRO A 62 10.61 11.71 2.50
C PRO A 62 11.80 11.52 1.57
N GLY A 63 11.78 10.42 0.82
CA GLY A 63 12.88 10.13 -0.10
C GLY A 63 13.91 9.20 0.50
N VAL A 64 13.64 7.90 0.43
CA VAL A 64 14.55 6.90 0.98
C VAL A 64 14.61 5.67 0.08
N THR A 65 15.45 4.71 0.46
CA THR A 65 15.60 3.49 -0.31
C THR A 65 15.06 2.28 0.46
N ALA A 66 15.13 1.11 -0.15
CA ALA A 66 14.65 -0.11 0.48
C ALA A 66 15.50 -0.46 1.71
N SER A 67 16.77 -0.12 1.66
CA SER A 67 17.68 -0.39 2.77
C SER A 67 17.28 0.40 4.01
N TRP A 68 16.71 1.58 3.80
CA TRP A 68 16.28 2.44 4.90
C TRP A 68 15.13 1.79 5.67
N ILE A 69 14.03 1.55 4.97
CA ILE A 69 12.85 0.94 5.59
C ILE A 69 13.18 -0.43 6.15
N GLU A 70 13.99 -1.19 5.40
CA GLU A 70 14.37 -2.54 5.82
C GLU A 70 15.11 -2.49 7.16
N ALA A 71 15.86 -1.42 7.39
CA ALA A 71 16.60 -1.27 8.62
C ALA A 71 15.67 -1.03 9.81
N HIS A 72 14.54 -0.39 9.54
CA HIS A 72 13.56 -0.11 10.58
C HIS A 72 12.21 -0.73 10.25
N LEU A 73 12.09 -2.03 10.51
CA LEU A 73 10.85 -2.75 10.25
C LEU A 73 10.66 -3.89 11.24
N PRO A 74 9.40 -4.25 11.54
CA PRO A 74 9.09 -5.33 12.48
C PRO A 74 9.85 -6.62 12.16
N ASP A 75 9.68 -7.62 13.01
CA ASP A 75 10.36 -8.90 12.82
C ASP A 75 9.50 -9.84 11.98
N ASP A 76 8.19 -9.71 12.09
CA ASP A 76 7.26 -10.55 11.34
C ASP A 76 7.07 -10.02 9.92
N SER A 77 7.20 -8.71 9.75
CA SER A 77 7.04 -8.09 8.44
C SER A 77 8.32 -8.21 7.61
N LYS A 78 9.46 -8.36 8.30
CA LYS A 78 10.74 -8.48 7.62
C LYS A 78 10.72 -9.63 6.62
N ASP A 79 9.88 -10.62 6.87
CA ASP A 79 9.77 -11.78 5.99
C ASP A 79 9.14 -11.39 4.65
N THR A 80 7.87 -11.00 4.68
CA THR A 80 7.16 -10.60 3.47
C THR A 80 7.85 -9.42 2.80
N TRP A 81 8.52 -8.60 3.60
CA TRP A 81 9.22 -7.43 3.08
C TRP A 81 10.22 -7.83 2.00
N LYS A 82 11.13 -8.73 2.36
CA LYS A 82 12.14 -9.20 1.41
C LYS A 82 11.51 -9.93 0.23
N LYS A 83 10.25 -10.35 0.39
CA LYS A 83 9.54 -11.06 -0.66
C LYS A 83 8.84 -10.09 -1.61
N ARG A 84 9.11 -8.79 -1.45
CA ARG A 84 8.50 -7.78 -2.31
C ARG A 84 9.03 -7.86 -3.73
N GLY A 85 10.27 -8.32 -3.87
CA GLY A 85 10.88 -8.44 -5.18
C GLY A 85 10.48 -9.72 -5.88
N ASN A 86 10.12 -10.73 -5.12
CA ASN A 86 9.71 -12.02 -5.68
C ASN A 86 8.29 -11.94 -6.23
N VAL A 87 7.44 -11.16 -5.57
CA VAL A 87 6.06 -11.00 -6.00
C VAL A 87 5.98 -10.26 -7.33
N GLU A 88 4.77 -10.06 -7.81
CA GLU A 88 4.55 -9.36 -9.08
C GLU A 88 3.98 -7.96 -8.85
N TYR A 89 2.78 -7.90 -8.30
CA TYR A 89 2.13 -6.63 -8.04
C TYR A 89 2.33 -6.20 -6.59
N VAL A 90 2.02 -4.93 -6.30
CA VAL A 90 2.17 -4.39 -4.96
C VAL A 90 1.05 -3.40 -4.64
N VAL A 91 0.76 -3.24 -3.36
CA VAL A 91 -0.29 -2.32 -2.93
C VAL A 91 -0.01 -1.76 -1.54
N LEU A 92 -0.61 -0.61 -1.24
CA LEU A 92 -0.42 0.03 0.06
C LEU A 92 -1.76 0.41 0.66
N LEU A 93 -1.72 1.00 1.85
CA LEU A 93 -2.94 1.43 2.54
C LEU A 93 -2.80 2.84 3.10
N ASP A 94 -3.87 3.35 3.69
CA ASP A 94 -3.87 4.68 4.26
C ASP A 94 -5.18 4.96 5.00
N TRP A 95 -5.29 6.16 5.57
CA TRP A 95 -6.49 6.54 6.30
C TRP A 95 -7.41 7.40 5.44
N PHE A 96 -6.83 8.40 4.78
CA PHE A 96 -7.59 9.30 3.93
C PHE A 96 -6.69 9.97 2.90
N SER A 97 -5.65 9.26 2.49
CA SER A 97 -4.70 9.80 1.51
C SER A 97 -4.55 8.85 0.32
N SER A 98 -5.25 9.17 -0.77
CA SER A 98 -5.19 8.34 -1.97
C SER A 98 -4.01 8.74 -2.84
N ALA A 99 -3.85 8.05 -3.97
CA ALA A 99 -2.76 8.32 -4.89
C ALA A 99 -2.79 9.77 -5.37
N LYS A 100 -3.99 10.33 -5.45
CA LYS A 100 -4.16 11.72 -5.91
C LYS A 100 -3.78 12.70 -4.80
N ASP A 101 -4.04 12.30 -3.55
CA ASP A 101 -3.72 13.14 -2.40
C ASP A 101 -2.21 13.37 -2.29
N LEU A 102 -1.43 12.46 -2.87
CA LEU A 102 0.02 12.57 -2.83
C LEU A 102 0.49 13.91 -3.38
N GLN A 103 1.36 14.58 -2.63
CA GLN A 103 1.88 15.88 -3.06
C GLN A 103 3.33 16.05 -2.61
N ILE A 104 3.52 16.33 -1.33
CA ILE A 104 4.85 16.52 -0.77
C ILE A 104 4.94 15.97 0.65
N GLY A 105 6.07 15.35 0.96
CA GLY A 105 6.26 14.79 2.30
C GLY A 105 5.20 13.76 2.65
N THR A 106 4.68 13.08 1.63
CA THR A 106 3.66 12.07 1.84
C THR A 106 4.29 10.70 2.11
N THR A 107 3.73 9.98 3.07
CA THR A 107 4.25 8.66 3.43
C THR A 107 4.12 7.69 2.27
N LEU A 108 3.02 7.80 1.52
CA LEU A 108 2.78 6.94 0.38
C LEU A 108 3.71 7.28 -0.78
N ARG A 109 3.90 8.58 -1.01
CA ARG A 109 4.77 9.04 -2.09
C ARG A 109 6.20 8.57 -1.87
N SER A 110 6.72 8.84 -0.68
CA SER A 110 8.09 8.45 -0.34
C SER A 110 8.26 6.94 -0.39
N LEU A 111 7.25 6.22 0.10
CA LEU A 111 7.28 4.76 0.11
C LEU A 111 7.15 4.21 -1.31
N LYS A 112 6.21 4.77 -2.07
CA LYS A 112 5.97 4.34 -3.44
C LYS A 112 7.20 4.58 -4.30
N ASP A 113 7.97 5.61 -3.96
CA ASP A 113 9.18 5.95 -4.71
C ASP A 113 10.41 5.26 -4.12
N ALA A 114 10.29 4.81 -2.86
CA ALA A 114 11.40 4.13 -2.20
C ALA A 114 11.31 2.62 -2.38
N LEU A 115 10.57 2.18 -3.38
CA LEU A 115 10.41 0.75 -3.65
C LEU A 115 10.79 0.42 -5.09
N PHE A 116 10.40 1.29 -6.02
CA PHE A 116 10.72 1.08 -7.43
C PHE A 116 11.66 2.17 -7.94
N LYS A 117 11.30 3.42 -7.68
CA LYS A 117 12.11 4.55 -8.12
C LYS A 117 13.53 4.46 -7.54
N TRP A 118 13.62 4.55 -6.21
CA TRP A 118 14.92 4.48 -5.54
C TRP A 118 15.27 3.03 -5.18
N GLU A 119 15.20 2.16 -6.17
CA GLU A 119 15.50 0.75 -5.97
C GLU A 119 16.74 0.34 -6.76
N SER A 120 17.47 -0.65 -6.24
CA SER A 120 18.67 -1.13 -6.90
C SER A 120 18.67 -2.66 -6.98
N LYS A 121 19.44 -3.20 -7.91
CA LYS A 121 19.53 -4.64 -8.10
C LYS A 121 18.18 -5.23 -8.50
N THR A 122 17.31 -5.42 -7.52
CA THR A 122 15.98 -5.98 -7.78
C THR A 122 15.09 -4.95 -8.46
N VAL A 123 14.21 -5.44 -9.33
CA VAL A 123 13.29 -4.56 -10.06
C VAL A 123 11.93 -5.22 -10.24
N LEU A 124 10.90 -4.58 -9.69
CA LEU A 124 9.54 -5.10 -9.80
C LEU A 124 9.01 -4.98 -11.21
N ARG A 125 7.82 -5.54 -11.46
CA ARG A 125 7.21 -5.48 -12.78
C ARG A 125 6.49 -4.15 -12.99
N ASN A 126 5.98 -3.58 -11.90
CA ASN A 126 5.28 -2.31 -11.95
C ASN A 126 5.58 -1.46 -10.73
N GLU A 127 4.93 -0.31 -10.63
CA GLU A 127 5.13 0.60 -9.50
C GLU A 127 4.07 0.36 -8.42
N PRO A 128 4.48 0.39 -7.14
CA PRO A 128 3.55 0.18 -6.01
C PRO A 128 2.33 1.09 -6.10
N LEU A 129 1.15 0.50 -5.99
CA LEU A 129 -0.09 1.27 -6.05
C LEU A 129 -0.70 1.42 -4.66
N VAL A 130 -1.67 2.32 -4.54
CA VAL A 130 -2.34 2.56 -3.26
C VAL A 130 -3.83 2.28 -3.36
N LEU A 131 -4.36 1.59 -2.35
CA LEU A 131 -5.77 1.24 -2.33
C LEU A 131 -6.64 2.49 -2.35
N GLU A 132 -7.85 2.36 -2.89
CA GLU A 132 -8.77 3.49 -2.97
C GLU A 132 -9.27 3.88 -1.60
N GLY A 133 -8.65 4.90 -1.01
CA GLY A 133 -9.05 5.35 0.32
C GLY A 133 -8.14 4.81 1.41
N GLY A 134 -7.67 3.59 1.24
CA GLY A 134 -6.80 2.98 2.23
C GLY A 134 -7.51 1.95 3.08
N TYR A 135 -7.14 1.88 4.35
CA TYR A 135 -7.76 0.93 5.28
C TYR A 135 -9.18 1.36 5.63
N GLU A 136 -9.40 2.66 5.73
CA GLU A 136 -10.71 3.18 6.07
C GLU A 136 -11.76 2.74 5.04
N ASN A 137 -11.36 2.73 3.77
CA ASN A 137 -12.26 2.30 2.70
C ASN A 137 -12.32 0.79 2.60
N TRP A 138 -11.23 0.13 2.99
CA TRP A 138 -11.17 -1.33 2.94
C TRP A 138 -12.26 -1.96 3.81
N LEU A 139 -12.58 -1.29 4.91
CA LEU A 139 -13.61 -1.78 5.82
C LEU A 139 -15.00 -1.61 5.22
N LEU A 140 -15.19 -0.52 4.49
CA LEU A 140 -16.47 -0.23 3.86
C LEU A 140 -16.76 -1.24 2.75
N CYS A 141 -15.71 -1.73 2.10
CA CYS A 141 -15.86 -2.70 1.03
C CYS A 141 -15.81 -4.13 1.57
N TYR A 142 -14.82 -4.41 2.41
CA TYR A 142 -14.66 -5.73 2.99
C TYR A 142 -14.31 -5.63 4.47
N PRO A 143 -15.31 -5.36 5.33
CA PRO A 143 -15.11 -5.24 6.77
C PRO A 143 -14.82 -6.59 7.43
N GLN A 144 -15.22 -7.67 6.77
CA GLN A 144 -15.00 -9.02 7.30
C GLN A 144 -13.75 -9.63 6.69
N TYR A 145 -12.72 -8.82 6.50
CA TYR A 145 -11.46 -9.29 5.94
C TYR A 145 -10.28 -8.62 6.63
N THR A 146 -10.45 -8.29 7.90
CA THR A 146 -9.40 -7.65 8.68
C THR A 146 -9.35 -8.20 10.10
N THR A 147 -8.21 -8.03 10.76
CA THR A 147 -8.05 -8.51 12.13
C THR A 147 -8.93 -7.74 13.10
N ASN A 148 -9.14 -6.46 12.80
CA ASN A 148 -9.97 -5.61 13.64
C ASN A 148 -11.06 -4.92 12.82
N ALA A 149 -11.98 -4.26 13.50
CA ALA A 149 -13.07 -3.56 12.84
C ALA A 149 -13.46 -2.30 13.60
N LYS A 150 -14.24 -1.43 12.94
CA LYS A 150 -14.69 -0.19 13.55
C LYS A 150 -13.50 0.69 13.93
N VAL A 151 -13.17 1.63 13.05
CA VAL A 151 -12.05 2.54 13.30
C VAL A 151 -12.43 3.98 12.97
N SER A 152 -12.08 4.90 13.86
CA SER A 152 -12.39 6.31 13.67
C SER A 152 -11.11 7.12 13.46
N GLY A 153 -10.13 6.52 12.82
CA GLY A 153 -8.87 7.19 12.57
C GLY A 153 -7.80 6.83 13.59
N PRO A 154 -7.10 7.82 14.18
CA PRO A 154 -6.06 7.57 15.16
C PRO A 154 -6.61 7.02 16.46
N SER A 155 -7.68 7.63 16.96
CA SER A 155 -8.32 7.19 18.20
C SER A 155 -9.58 8.01 18.49
N SER A 156 -9.44 9.33 18.46
CA SER A 156 -10.56 10.21 18.71
C SER A 156 -10.56 11.39 17.74
N GLY A 157 -11.67 12.11 17.69
CA GLY A 157 -11.78 13.26 16.81
C GLY A 157 -13.11 13.31 16.07
N GLY A 1 -16.36 21.35 -39.40
CA GLY A 1 -15.17 21.33 -38.51
C GLY A 1 -14.15 20.27 -38.90
N SER A 2 -13.75 20.30 -40.16
CA SER A 2 -12.77 19.34 -40.67
C SER A 2 -11.36 19.69 -40.19
N SER A 3 -10.95 19.06 -39.10
CA SER A 3 -9.62 19.30 -38.54
C SER A 3 -9.00 18.00 -38.04
N GLY A 4 -7.79 18.11 -37.49
CA GLY A 4 -7.10 16.94 -36.99
C GLY A 4 -7.62 16.50 -35.62
N SER A 5 -6.71 16.18 -34.72
CA SER A 5 -7.08 15.74 -33.38
C SER A 5 -6.04 16.20 -32.35
N SER A 6 -6.45 17.13 -31.49
CA SER A 6 -5.55 17.64 -30.46
C SER A 6 -6.23 17.61 -29.09
N GLY A 7 -5.45 17.27 -28.06
CA GLY A 7 -6.00 17.21 -26.72
C GLY A 7 -6.55 15.85 -26.37
N LYS A 8 -7.83 15.80 -26.03
CA LYS A 8 -8.49 14.55 -25.67
C LYS A 8 -7.81 13.91 -24.47
N CYS A 9 -8.40 12.83 -23.97
CA CYS A 9 -7.86 12.12 -22.82
C CYS A 9 -8.46 10.72 -22.71
N GLU A 10 -7.67 9.78 -22.20
CA GLU A 10 -8.12 8.40 -22.05
C GLU A 10 -7.63 7.82 -20.73
N THR A 11 -6.35 8.01 -20.44
CA THR A 11 -5.76 7.51 -19.21
C THR A 11 -4.85 8.55 -18.57
N LYS A 12 -5.05 8.81 -17.28
CA LYS A 12 -4.26 9.79 -16.55
C LYS A 12 -3.54 9.14 -15.37
N GLU A 13 -4.31 8.44 -14.54
CA GLU A 13 -3.75 7.77 -13.37
C GLU A 13 -3.25 6.37 -13.72
N LYS A 14 -2.04 6.05 -13.27
CA LYS A 14 -1.46 4.74 -13.55
C LYS A 14 -0.63 4.26 -12.36
N GLY A 15 -1.03 4.67 -11.16
CA GLY A 15 -0.32 4.27 -9.96
C GLY A 15 -1.25 4.06 -8.77
N ALA A 16 -2.50 3.73 -9.06
CA ALA A 16 -3.49 3.50 -8.02
C ALA A 16 -4.30 2.24 -8.29
N ILE A 17 -4.81 1.63 -7.23
CA ILE A 17 -5.61 0.41 -7.36
C ILE A 17 -6.91 0.52 -6.57
N THR A 18 -7.93 -0.19 -7.04
CA THR A 18 -9.23 -0.16 -6.37
C THR A 18 -9.34 -1.30 -5.36
N ALA A 19 -10.24 -1.14 -4.40
CA ALA A 19 -10.45 -2.14 -3.37
C ALA A 19 -10.89 -3.47 -3.97
N LYS A 20 -11.63 -3.40 -5.08
CA LYS A 20 -12.11 -4.59 -5.76
C LYS A 20 -10.97 -5.33 -6.45
N GLU A 21 -10.15 -4.58 -7.19
CA GLU A 21 -9.02 -5.15 -7.90
C GLU A 21 -8.05 -5.83 -6.94
N LEU A 22 -7.97 -5.31 -5.73
CA LEU A 22 -7.08 -5.87 -4.70
C LEU A 22 -7.52 -7.27 -4.32
N TYR A 23 -8.83 -7.46 -4.19
CA TYR A 23 -9.38 -8.76 -3.83
C TYR A 23 -9.23 -9.76 -4.97
N THR A 24 -9.38 -9.26 -6.19
CA THR A 24 -9.26 -10.11 -7.38
C THR A 24 -7.88 -10.76 -7.46
N MET A 25 -6.87 -10.01 -7.02
CA MET A 25 -5.49 -10.51 -7.03
C MET A 25 -5.22 -11.39 -5.83
N MET A 26 -5.85 -11.06 -4.71
CA MET A 26 -5.68 -11.83 -3.47
C MET A 26 -6.22 -13.25 -3.63
N THR A 27 -7.29 -13.38 -4.41
CA THR A 27 -7.91 -14.68 -4.65
C THR A 27 -7.11 -15.49 -5.66
N ASP A 28 -6.48 -14.79 -6.61
CA ASP A 28 -5.68 -15.45 -7.63
C ASP A 28 -4.52 -16.20 -7.01
N LYS A 29 -4.07 -17.26 -7.69
CA LYS A 29 -2.95 -18.06 -7.20
C LYS A 29 -1.67 -17.75 -7.97
N ASN A 30 -1.84 -17.37 -9.23
CA ASN A 30 -0.69 -17.05 -10.09
C ASN A 30 -0.22 -15.62 -9.85
N ILE A 31 -1.16 -14.73 -9.55
CA ILE A 31 -0.85 -13.34 -9.29
C ILE A 31 -0.76 -13.05 -7.80
N SER A 32 0.46 -12.79 -7.31
CA SER A 32 0.67 -12.51 -5.90
C SER A 32 0.32 -11.06 -5.59
N LEU A 33 0.48 -10.68 -4.32
CA LEU A 33 0.17 -9.33 -3.90
C LEU A 33 0.59 -9.11 -2.43
N ILE A 34 1.15 -7.94 -2.15
CA ILE A 34 1.58 -7.60 -0.80
C ILE A 34 1.10 -6.21 -0.40
N ILE A 35 0.39 -6.14 0.73
CA ILE A 35 -0.13 -4.88 1.23
C ILE A 35 0.77 -4.31 2.31
N MET A 36 0.90 -2.98 2.34
CA MET A 36 1.74 -2.31 3.32
C MET A 36 0.98 -1.17 3.99
N ASP A 37 0.80 -1.27 5.31
CA ASP A 37 0.10 -0.25 6.06
C ASP A 37 0.98 0.97 6.29
N ALA A 38 0.89 1.92 5.37
CA ALA A 38 1.69 3.15 5.46
C ALA A 38 1.09 4.11 6.48
N ARG A 39 1.09 3.70 7.74
CA ARG A 39 0.55 4.53 8.81
C ARG A 39 1.40 4.41 10.07
N ARG A 40 0.92 5.01 11.15
CA ARG A 40 1.64 4.98 12.43
C ARG A 40 1.82 3.54 12.91
N MET A 41 2.87 3.30 13.69
CA MET A 41 3.16 1.98 14.22
C MET A 41 2.01 1.49 15.10
N GLN A 42 1.34 2.43 15.77
CA GLN A 42 0.24 2.09 16.66
C GLN A 42 -0.99 1.69 15.85
N ASP A 43 -1.13 2.25 14.66
CA ASP A 43 -2.27 1.94 13.79
C ASP A 43 -2.31 0.45 13.46
N TYR A 44 -1.17 -0.10 13.09
CA TYR A 44 -1.07 -1.51 12.74
C TYR A 44 -1.48 -2.39 13.92
N GLN A 45 -1.22 -1.90 15.13
CA GLN A 45 -1.57 -2.65 16.34
C GLN A 45 -3.06 -2.56 16.63
N ASP A 46 -3.64 -1.39 16.34
CA ASP A 46 -5.06 -1.18 16.57
C ASP A 46 -5.90 -1.82 15.47
N SER A 47 -5.53 -1.56 14.22
CA SER A 47 -6.24 -2.12 13.08
C SER A 47 -5.27 -2.48 11.95
N CYS A 48 -5.58 -3.56 11.25
CA CYS A 48 -4.73 -4.02 10.15
C CYS A 48 -5.36 -5.23 9.44
N ILE A 49 -5.06 -5.38 8.15
CA ILE A 49 -5.59 -6.48 7.37
C ILE A 49 -4.92 -7.80 7.75
N LEU A 50 -5.64 -8.90 7.60
CA LEU A 50 -5.12 -10.22 7.93
C LEU A 50 -3.86 -10.52 7.12
N HIS A 51 -4.05 -10.84 5.84
CA HIS A 51 -2.93 -11.16 4.95
C HIS A 51 -2.33 -9.89 4.37
N SER A 52 -1.56 -9.16 5.18
CA SER A 52 -0.93 -7.93 4.75
C SER A 52 0.38 -7.70 5.48
N LEU A 53 1.05 -6.59 5.15
CA LEU A 53 2.32 -6.25 5.79
C LEU A 53 2.21 -4.93 6.56
N SER A 54 3.17 -4.68 7.43
CA SER A 54 3.18 -3.45 8.22
C SER A 54 4.39 -2.60 7.90
N VAL A 55 4.33 -1.32 8.25
CA VAL A 55 5.43 -0.39 8.01
C VAL A 55 5.19 0.94 8.71
N PRO A 56 6.02 1.26 9.72
CA PRO A 56 5.89 2.51 10.48
C PRO A 56 6.18 3.74 9.62
N GLU A 57 5.49 4.85 9.92
CA GLU A 57 5.67 6.08 9.18
C GLU A 57 6.92 6.82 9.66
N GLU A 58 7.24 6.68 10.94
CA GLU A 58 8.41 7.33 11.52
C GLU A 58 9.69 6.89 10.82
N ALA A 59 9.69 5.66 10.32
CA ALA A 59 10.86 5.11 9.63
C ALA A 59 10.95 5.65 8.20
N ILE A 60 9.79 5.87 7.58
CA ILE A 60 9.74 6.37 6.22
C ILE A 60 9.76 7.90 6.20
N SER A 61 10.83 8.47 5.68
CA SER A 61 10.98 9.91 5.60
C SER A 61 10.69 10.41 4.18
N PRO A 62 10.42 11.72 4.03
CA PRO A 62 10.14 12.32 2.72
C PRO A 62 11.38 12.40 1.83
N GLY A 63 11.68 11.31 1.15
CA GLY A 63 12.83 11.27 0.28
C GLY A 63 13.88 10.28 0.73
N VAL A 64 13.44 9.08 1.12
CA VAL A 64 14.35 8.04 1.58
C VAL A 64 14.44 6.90 0.57
N THR A 65 15.31 5.93 0.85
CA THR A 65 15.49 4.79 -0.03
C THR A 65 14.91 3.53 0.59
N ALA A 66 14.95 2.43 -0.16
CA ALA A 66 14.42 1.15 0.32
C ALA A 66 15.24 0.63 1.49
N SER A 67 16.56 0.83 1.42
CA SER A 67 17.45 0.38 2.48
C SER A 67 17.09 1.01 3.81
N TRP A 68 16.59 2.25 3.76
CA TRP A 68 16.22 2.97 4.96
C TRP A 68 15.12 2.21 5.72
N ILE A 69 14.09 1.79 5.00
CA ILE A 69 12.97 1.07 5.60
C ILE A 69 13.38 -0.35 5.96
N GLU A 70 14.02 -1.03 5.01
CA GLU A 70 14.47 -2.41 5.23
C GLU A 70 15.28 -2.53 6.52
N ALA A 71 15.92 -1.45 6.91
CA ALA A 71 16.73 -1.43 8.12
C ALA A 71 15.85 -1.32 9.37
N HIS A 72 14.70 -0.67 9.22
CA HIS A 72 13.77 -0.49 10.33
C HIS A 72 12.40 -1.06 9.98
N LEU A 73 12.15 -2.30 10.39
CA LEU A 73 10.88 -2.96 10.13
C LEU A 73 10.64 -4.09 11.12
N PRO A 74 9.37 -4.47 11.33
CA PRO A 74 9.02 -5.56 12.26
C PRO A 74 9.77 -6.85 11.95
N ASP A 75 9.84 -7.74 12.93
CA ASP A 75 10.52 -9.01 12.77
C ASP A 75 9.73 -9.95 11.88
N ASP A 76 8.41 -9.89 11.97
CA ASP A 76 7.53 -10.73 11.18
C ASP A 76 7.31 -10.16 9.78
N SER A 77 7.40 -8.83 9.67
CA SER A 77 7.22 -8.15 8.39
C SER A 77 8.46 -8.26 7.53
N LYS A 78 9.61 -8.46 8.16
CA LYS A 78 10.88 -8.58 7.45
C LYS A 78 10.81 -9.69 6.41
N ASP A 79 10.16 -10.80 6.77
CA ASP A 79 10.02 -11.94 5.87
C ASP A 79 9.22 -11.56 4.63
N THR A 80 8.15 -10.79 4.83
CA THR A 80 7.30 -10.36 3.72
C THR A 80 7.96 -9.23 2.95
N TRP A 81 8.66 -8.35 3.65
CA TRP A 81 9.33 -7.22 3.02
C TRP A 81 10.34 -7.70 1.97
N LYS A 82 10.89 -8.88 2.18
CA LYS A 82 11.86 -9.46 1.26
C LYS A 82 11.18 -10.23 0.14
N LYS A 83 9.91 -10.58 0.35
CA LYS A 83 9.15 -11.32 -0.67
C LYS A 83 8.46 -10.37 -1.64
N ARG A 84 8.79 -9.08 -1.58
CA ARG A 84 8.20 -8.09 -2.47
C ARG A 84 8.67 -8.29 -3.91
N GLY A 85 9.87 -8.85 -4.07
CA GLY A 85 10.42 -9.08 -5.38
C GLY A 85 9.93 -10.37 -6.00
N ASN A 86 9.49 -11.30 -5.16
CA ASN A 86 9.00 -12.59 -5.63
C ASN A 86 7.58 -12.47 -6.15
N VAL A 87 6.74 -11.73 -5.43
CA VAL A 87 5.36 -11.53 -5.82
C VAL A 87 5.25 -10.88 -7.20
N GLU A 88 4.03 -10.63 -7.64
CA GLU A 88 3.80 -10.01 -8.94
C GLU A 88 3.43 -8.53 -8.78
N TYR A 89 2.32 -8.27 -8.10
CA TYR A 89 1.86 -6.91 -7.88
C TYR A 89 2.13 -6.45 -6.45
N VAL A 90 2.08 -5.14 -6.24
CA VAL A 90 2.31 -4.58 -4.92
C VAL A 90 1.36 -3.42 -4.65
N VAL A 91 0.64 -3.50 -3.53
CA VAL A 91 -0.31 -2.46 -3.15
C VAL A 91 -0.01 -1.92 -1.76
N LEU A 92 -0.50 -0.71 -1.49
CA LEU A 92 -0.29 -0.07 -0.19
C LEU A 92 -1.63 0.31 0.45
N LEU A 93 -1.56 0.89 1.64
CA LEU A 93 -2.78 1.31 2.35
C LEU A 93 -2.65 2.75 2.84
N ASP A 94 -3.70 3.22 3.50
CA ASP A 94 -3.72 4.58 4.03
C ASP A 94 -5.00 4.85 4.82
N TRP A 95 -5.13 6.06 5.34
CA TRP A 95 -6.30 6.44 6.11
C TRP A 95 -7.31 7.17 5.24
N PHE A 96 -6.81 7.97 4.31
CA PHE A 96 -7.66 8.73 3.41
C PHE A 96 -6.88 9.21 2.18
N SER A 97 -5.65 9.67 2.40
CA SER A 97 -4.81 10.16 1.31
C SER A 97 -4.66 9.10 0.23
N SER A 98 -4.98 9.47 -1.01
CA SER A 98 -4.87 8.56 -2.13
C SER A 98 -3.75 9.00 -3.08
N ALA A 99 -3.57 8.23 -4.16
CA ALA A 99 -2.54 8.53 -5.14
C ALA A 99 -2.72 9.94 -5.72
N LYS A 100 -3.96 10.41 -5.74
CA LYS A 100 -4.26 11.74 -6.27
C LYS A 100 -4.02 12.81 -5.22
N ASP A 101 -4.20 12.45 -3.95
CA ASP A 101 -4.00 13.39 -2.86
C ASP A 101 -2.61 13.24 -2.24
N LEU A 102 -1.69 12.64 -2.99
CA LEU A 102 -0.33 12.43 -2.51
C LEU A 102 0.43 13.75 -2.45
N GLN A 103 0.49 14.35 -1.27
CA GLN A 103 1.19 15.62 -1.10
C GLN A 103 2.70 15.40 -1.03
N ILE A 104 3.46 16.45 -1.36
CA ILE A 104 4.91 16.37 -1.32
C ILE A 104 5.43 16.26 0.10
N GLY A 105 5.80 15.05 0.50
CA GLY A 105 6.31 14.83 1.85
C GLY A 105 5.43 13.91 2.66
N THR A 106 4.84 12.92 1.99
CA THR A 106 3.97 11.96 2.66
C THR A 106 4.68 10.62 2.83
N THR A 107 3.96 9.65 3.39
CA THR A 107 4.52 8.33 3.61
C THR A 107 4.38 7.45 2.35
N LEU A 108 3.21 7.51 1.73
CA LEU A 108 2.96 6.73 0.53
C LEU A 108 3.90 7.14 -0.60
N ARG A 109 4.05 8.44 -0.79
CA ARG A 109 4.93 8.96 -1.84
C ARG A 109 6.36 8.46 -1.64
N SER A 110 6.94 8.77 -0.49
CA SER A 110 8.30 8.35 -0.19
C SER A 110 8.42 6.83 -0.14
N LEU A 111 7.32 6.16 0.21
CA LEU A 111 7.29 4.71 0.29
C LEU A 111 7.16 4.09 -1.09
N LYS A 112 6.50 4.79 -2.00
CA LYS A 112 6.30 4.31 -3.36
C LYS A 112 7.61 4.33 -4.14
N ASP A 113 8.40 5.38 -3.95
CA ASP A 113 9.67 5.52 -4.64
C ASP A 113 10.76 4.68 -3.98
N ALA A 114 10.46 4.13 -2.81
CA ALA A 114 11.43 3.31 -2.08
C ALA A 114 11.23 1.82 -2.39
N LEU A 115 10.57 1.52 -3.50
CA LEU A 115 10.32 0.15 -3.89
C LEU A 115 10.72 -0.10 -5.35
N PHE A 116 10.34 0.83 -6.23
CA PHE A 116 10.65 0.71 -7.64
C PHE A 116 11.74 1.70 -8.05
N LYS A 117 11.51 2.97 -7.75
CA LYS A 117 12.46 4.02 -8.09
C LYS A 117 13.86 3.70 -7.54
N TRP A 118 13.96 3.64 -6.22
CA TRP A 118 15.24 3.34 -5.57
C TRP A 118 15.47 1.84 -5.48
N GLU A 119 16.07 1.28 -6.53
CA GLU A 119 16.35 -0.15 -6.57
C GLU A 119 17.65 -0.48 -5.83
N SER A 120 17.51 -1.00 -4.62
CA SER A 120 18.68 -1.36 -3.81
C SER A 120 19.27 -2.68 -4.28
N LYS A 121 18.47 -3.75 -4.20
CA LYS A 121 18.92 -5.07 -4.61
C LYS A 121 17.74 -5.98 -4.90
N THR A 122 16.65 -5.38 -5.38
CA THR A 122 15.44 -6.14 -5.71
C THR A 122 14.59 -5.40 -6.73
N VAL A 123 13.91 -6.15 -7.59
CA VAL A 123 13.07 -5.55 -8.62
C VAL A 123 11.67 -6.16 -8.59
N LEU A 124 10.68 -5.40 -9.04
CA LEU A 124 9.29 -5.86 -9.06
C LEU A 124 8.79 -5.97 -10.50
N ARG A 125 7.68 -6.68 -10.68
CA ARG A 125 7.09 -6.86 -12.00
C ARG A 125 6.39 -5.59 -12.45
N ASN A 126 5.71 -4.94 -11.52
CA ASN A 126 4.99 -3.71 -11.83
C ASN A 126 5.29 -2.63 -10.79
N GLU A 127 4.67 -1.46 -10.97
CA GLU A 127 4.87 -0.35 -10.04
C GLU A 127 3.87 -0.41 -8.89
N PRO A 128 4.34 -0.32 -7.64
CA PRO A 128 3.47 -0.36 -6.46
C PRO A 128 2.35 0.67 -6.54
N LEU A 129 1.12 0.23 -6.25
CA LEU A 129 -0.04 1.11 -6.28
C LEU A 129 -0.61 1.30 -4.88
N VAL A 130 -1.53 2.25 -4.74
CA VAL A 130 -2.16 2.53 -3.46
C VAL A 130 -3.65 2.22 -3.51
N LEU A 131 -4.14 1.55 -2.46
CA LEU A 131 -5.55 1.18 -2.39
C LEU A 131 -6.44 2.42 -2.41
N GLU A 132 -7.60 2.30 -3.03
CA GLU A 132 -8.54 3.42 -3.12
C GLU A 132 -9.25 3.64 -1.79
N GLY A 133 -8.87 4.72 -1.10
CA GLY A 133 -9.48 5.03 0.18
C GLY A 133 -8.62 4.60 1.35
N GLY A 134 -7.86 3.53 1.16
CA GLY A 134 -7.00 3.02 2.21
C GLY A 134 -7.70 2.05 3.13
N TYR A 135 -7.13 1.82 4.31
CA TYR A 135 -7.72 0.91 5.28
C TYR A 135 -9.12 1.36 5.68
N GLU A 136 -9.33 2.66 5.76
CA GLU A 136 -10.62 3.22 6.13
C GLU A 136 -11.71 2.76 5.16
N ASN A 137 -11.32 2.53 3.91
CA ASN A 137 -12.25 2.09 2.88
C ASN A 137 -12.32 0.57 2.82
N TRP A 138 -11.21 -0.08 3.13
CA TRP A 138 -11.15 -1.54 3.10
C TRP A 138 -12.13 -2.14 4.10
N LEU A 139 -12.37 -1.42 5.19
CA LEU A 139 -13.29 -1.89 6.22
C LEU A 139 -14.73 -1.86 5.71
N LEU A 140 -15.03 -0.91 4.82
CA LEU A 140 -16.37 -0.78 4.26
C LEU A 140 -16.59 -1.78 3.13
N CYS A 141 -15.51 -2.09 2.41
CA CYS A 141 -15.58 -3.04 1.30
C CYS A 141 -15.52 -4.48 1.81
N TYR A 142 -14.60 -4.74 2.74
CA TYR A 142 -14.44 -6.08 3.30
C TYR A 142 -14.00 -5.99 4.77
N PRO A 143 -14.97 -5.83 5.68
CA PRO A 143 -14.67 -5.74 7.11
C PRO A 143 -14.24 -7.08 7.71
N GLN A 144 -14.80 -8.16 7.19
CA GLN A 144 -14.47 -9.50 7.65
C GLN A 144 -13.05 -9.88 7.27
N TYR A 145 -12.48 -9.15 6.30
CA TYR A 145 -11.12 -9.43 5.86
C TYR A 145 -10.11 -8.56 6.60
N THR A 146 -10.28 -8.44 7.91
CA THR A 146 -9.39 -7.65 8.74
C THR A 146 -9.39 -8.15 10.19
N THR A 147 -8.26 -7.99 10.86
CA THR A 147 -8.14 -8.42 12.25
C THR A 147 -8.97 -7.53 13.18
N ASN A 148 -9.07 -6.26 12.82
CA ASN A 148 -9.84 -5.31 13.62
C ASN A 148 -10.77 -4.48 12.74
N ALA A 149 -12.04 -4.85 12.73
CA ALA A 149 -13.04 -4.16 11.93
C ALA A 149 -14.15 -3.58 12.81
N LYS A 150 -13.77 -3.08 13.99
CA LYS A 150 -14.72 -2.51 14.93
C LYS A 150 -14.28 -1.11 15.36
N VAL A 151 -13.64 -0.39 14.45
CA VAL A 151 -13.17 0.96 14.74
C VAL A 151 -14.25 2.00 14.45
N SER A 152 -15.09 1.71 13.46
CA SER A 152 -16.16 2.62 13.08
C SER A 152 -15.60 3.98 12.67
N GLY A 153 -14.39 3.98 12.13
CA GLY A 153 -13.76 5.22 11.72
C GLY A 153 -13.01 5.89 12.84
N PRO A 154 -12.60 7.16 12.66
CA PRO A 154 -11.86 7.91 13.68
C PRO A 154 -12.72 8.23 14.90
N SER A 155 -13.93 8.74 14.65
CA SER A 155 -14.84 9.09 15.74
C SER A 155 -14.22 10.11 16.68
N SER A 156 -14.67 11.34 16.59
CA SER A 156 -14.16 12.41 17.44
C SER A 156 -15.30 13.24 18.02
N GLY A 157 -16.02 13.95 17.17
CA GLY A 157 -17.12 14.77 17.63
C GLY A 157 -17.51 15.84 16.63
N GLY A 1 -19.52 16.73 -30.71
CA GLY A 1 -20.13 18.09 -30.67
C GLY A 1 -21.36 18.14 -29.80
N SER A 2 -22.07 17.01 -29.71
CA SER A 2 -23.29 16.93 -28.91
C SER A 2 -23.48 15.52 -28.37
N SER A 3 -23.76 15.41 -27.07
CA SER A 3 -23.96 14.12 -26.42
C SER A 3 -22.73 13.23 -26.58
N GLY A 4 -22.02 13.03 -25.47
CA GLY A 4 -20.83 12.21 -25.51
C GLY A 4 -20.04 12.27 -24.21
N SER A 5 -18.74 12.02 -24.29
CA SER A 5 -17.88 12.05 -23.10
C SER A 5 -17.09 13.34 -23.04
N SER A 6 -17.60 14.39 -23.67
CA SER A 6 -16.94 15.69 -23.69
C SER A 6 -15.64 15.63 -24.49
N GLY A 7 -14.66 14.91 -23.97
CA GLY A 7 -13.38 14.79 -24.65
C GLY A 7 -12.81 13.39 -24.57
N LYS A 8 -11.49 13.29 -24.42
CA LYS A 8 -10.82 12.00 -24.32
C LYS A 8 -9.93 11.94 -23.09
N CYS A 9 -10.04 10.84 -22.35
CA CYS A 9 -9.25 10.66 -21.13
C CYS A 9 -8.46 9.35 -21.20
N GLU A 10 -7.67 9.10 -20.16
CA GLU A 10 -6.85 7.89 -20.09
C GLU A 10 -7.09 7.15 -18.78
N THR A 11 -7.27 5.83 -18.87
CA THR A 11 -7.51 5.02 -17.69
C THR A 11 -6.28 5.01 -16.78
N LYS A 12 -5.10 5.09 -17.38
CA LYS A 12 -3.86 5.10 -16.62
C LYS A 12 -3.80 6.29 -15.68
N GLU A 13 -3.87 6.01 -14.38
CA GLU A 13 -3.82 7.05 -13.36
C GLU A 13 -2.42 7.20 -12.79
N LYS A 14 -1.41 6.87 -13.59
CA LYS A 14 -0.02 6.96 -13.16
C LYS A 14 0.22 6.14 -11.89
N GLY A 15 -0.54 5.07 -11.73
CA GLY A 15 -0.39 4.22 -10.57
C GLY A 15 -1.54 4.41 -9.58
N ALA A 16 -2.58 3.59 -9.72
CA ALA A 16 -3.73 3.67 -8.84
C ALA A 16 -4.57 2.40 -8.93
N ILE A 17 -4.75 1.73 -7.80
CA ILE A 17 -5.54 0.50 -7.75
C ILE A 17 -6.78 0.68 -6.89
N THR A 18 -7.85 -0.03 -7.24
CA THR A 18 -9.10 0.04 -6.50
C THR A 18 -9.18 -1.04 -5.44
N ALA A 19 -10.22 -1.00 -4.63
CA ALA A 19 -10.41 -1.98 -3.56
C ALA A 19 -10.86 -3.32 -4.13
N LYS A 20 -11.64 -3.28 -5.21
CA LYS A 20 -12.14 -4.49 -5.84
C LYS A 20 -10.99 -5.26 -6.50
N GLU A 21 -9.98 -4.53 -6.97
CA GLU A 21 -8.84 -5.15 -7.62
C GLU A 21 -7.97 -5.89 -6.60
N LEU A 22 -7.86 -5.32 -5.41
CA LEU A 22 -7.05 -5.93 -4.36
C LEU A 22 -7.58 -7.32 -4.00
N TYR A 23 -8.88 -7.50 -4.13
CA TYR A 23 -9.50 -8.78 -3.83
C TYR A 23 -9.31 -9.77 -4.98
N THR A 24 -9.37 -9.25 -6.21
CA THR A 24 -9.20 -10.09 -7.39
C THR A 24 -7.82 -10.73 -7.41
N MET A 25 -6.83 -10.03 -6.85
CA MET A 25 -5.47 -10.53 -6.80
C MET A 25 -5.25 -11.40 -5.57
N MET A 26 -5.91 -11.03 -4.47
CA MET A 26 -5.78 -11.78 -3.23
C MET A 26 -6.24 -13.22 -3.40
N THR A 27 -7.25 -13.42 -4.25
CA THR A 27 -7.78 -14.76 -4.50
C THR A 27 -7.00 -15.44 -5.63
N ASP A 28 -6.51 -14.64 -6.56
CA ASP A 28 -5.74 -15.18 -7.69
C ASP A 28 -4.49 -15.89 -7.21
N LYS A 29 -4.54 -17.22 -7.20
CA LYS A 29 -3.41 -18.02 -6.75
C LYS A 29 -2.28 -17.97 -7.78
N ASN A 30 -2.65 -17.92 -9.06
CA ASN A 30 -1.67 -17.87 -10.14
C ASN A 30 -0.79 -16.63 -10.01
N ILE A 31 -1.38 -15.52 -9.60
CA ILE A 31 -0.65 -14.28 -9.43
C ILE A 31 -0.35 -13.99 -7.96
N SER A 32 0.72 -13.25 -7.71
CA SER A 32 1.12 -12.92 -6.35
C SER A 32 0.82 -11.45 -6.05
N LEU A 33 0.91 -11.07 -4.77
CA LEU A 33 0.66 -9.70 -4.36
C LEU A 33 0.91 -9.53 -2.86
N ILE A 34 1.35 -8.33 -2.48
CA ILE A 34 1.63 -8.04 -1.08
C ILE A 34 1.10 -6.67 -0.68
N ILE A 35 0.47 -6.60 0.49
CA ILE A 35 -0.08 -5.35 0.98
C ILE A 35 0.78 -4.75 2.09
N MET A 36 0.67 -3.45 2.29
CA MET A 36 1.45 -2.77 3.32
C MET A 36 0.61 -1.69 4.01
N ASP A 37 0.92 -1.44 5.28
CA ASP A 37 0.20 -0.44 6.05
C ASP A 37 1.05 0.81 6.26
N ALA A 38 0.80 1.84 5.46
CA ALA A 38 1.56 3.08 5.55
C ALA A 38 1.05 3.94 6.70
N ARG A 39 1.26 3.45 7.92
CA ARG A 39 0.83 4.16 9.12
C ARG A 39 1.85 4.00 10.25
N ARG A 40 1.56 4.61 11.39
CA ARG A 40 2.46 4.52 12.55
C ARG A 40 2.43 3.12 13.15
N MET A 41 3.43 2.82 13.97
CA MET A 41 3.53 1.51 14.61
C MET A 41 2.29 1.24 15.48
N GLN A 42 1.73 2.30 16.04
CA GLN A 42 0.55 2.19 16.89
C GLN A 42 -0.70 1.90 16.06
N ASP A 43 -0.71 2.40 14.82
CA ASP A 43 -1.84 2.19 13.92
C ASP A 43 -2.00 0.72 13.58
N TYR A 44 -0.89 0.07 13.24
CA TYR A 44 -0.91 -1.35 12.90
C TYR A 44 -1.43 -2.19 14.06
N GLN A 45 -1.15 -1.75 15.28
CA GLN A 45 -1.58 -2.45 16.47
C GLN A 45 -3.09 -2.34 16.65
N ASP A 46 -3.63 -1.15 16.43
CA ASP A 46 -5.06 -0.92 16.56
C ASP A 46 -5.83 -1.62 15.45
N SER A 47 -5.56 -1.22 14.21
CA SER A 47 -6.23 -1.81 13.06
C SER A 47 -5.22 -2.25 12.01
N CYS A 48 -5.55 -3.31 11.27
CA CYS A 48 -4.67 -3.83 10.23
C CYS A 48 -5.32 -5.01 9.51
N ILE A 49 -5.05 -5.11 8.22
CA ILE A 49 -5.62 -6.20 7.41
C ILE A 49 -4.91 -7.52 7.69
N LEU A 50 -5.65 -8.62 7.57
CA LEU A 50 -5.09 -9.95 7.82
C LEU A 50 -3.91 -10.22 6.89
N HIS A 51 -4.21 -10.58 5.65
CA HIS A 51 -3.17 -10.87 4.67
C HIS A 51 -2.54 -9.59 4.14
N SER A 52 -1.67 -8.99 4.95
CA SER A 52 -1.00 -7.75 4.56
C SER A 52 0.31 -7.60 5.32
N LEU A 53 1.02 -6.50 5.05
CA LEU A 53 2.29 -6.22 5.71
C LEU A 53 2.19 -4.95 6.56
N SER A 54 3.15 -4.78 7.45
CA SER A 54 3.17 -3.60 8.32
C SER A 54 4.47 -2.81 8.15
N VAL A 55 4.36 -1.49 8.25
CA VAL A 55 5.51 -0.62 8.11
C VAL A 55 5.25 0.74 8.75
N PRO A 56 5.98 1.08 9.83
CA PRO A 56 5.82 2.35 10.53
C PRO A 56 6.25 3.55 9.68
N GLU A 57 5.52 4.64 9.81
CA GLU A 57 5.82 5.85 9.05
C GLU A 57 7.14 6.46 9.48
N GLU A 58 7.51 6.22 10.74
CA GLU A 58 8.77 6.75 11.27
C GLU A 58 9.96 6.30 10.44
N ALA A 59 9.82 5.14 9.81
CA ALA A 59 10.89 4.59 8.97
C ALA A 59 10.75 5.06 7.53
N ILE A 60 9.50 5.31 7.11
CA ILE A 60 9.23 5.76 5.75
C ILE A 60 9.35 7.28 5.64
N SER A 61 10.57 7.76 5.38
CA SER A 61 10.82 9.18 5.24
C SER A 61 10.86 9.59 3.78
N PRO A 62 10.61 10.88 3.48
CA PRO A 62 10.62 11.39 2.11
C PRO A 62 12.03 11.50 1.54
N GLY A 63 12.29 10.74 0.48
CA GLY A 63 13.60 10.76 -0.15
C GLY A 63 14.43 9.53 0.19
N VAL A 64 14.06 8.84 1.27
CA VAL A 64 14.78 7.65 1.70
C VAL A 64 14.84 6.61 0.58
N THR A 65 15.45 5.47 0.89
CA THR A 65 15.59 4.40 -0.09
C THR A 65 14.98 3.10 0.44
N ALA A 66 14.94 2.08 -0.40
CA ALA A 66 14.38 0.79 -0.02
C ALA A 66 15.15 0.19 1.16
N SER A 67 16.44 0.48 1.22
CA SER A 67 17.29 -0.02 2.28
C SER A 67 16.92 0.62 3.63
N TRP A 68 16.46 1.86 3.57
CA TRP A 68 16.08 2.59 4.78
C TRP A 68 14.95 1.86 5.51
N ILE A 69 13.87 1.58 4.80
CA ILE A 69 12.72 0.90 5.39
C ILE A 69 13.10 -0.53 5.81
N GLU A 70 13.88 -1.20 4.98
CA GLU A 70 14.30 -2.56 5.26
C GLU A 70 15.06 -2.64 6.59
N ALA A 71 15.73 -1.54 6.94
CA ALA A 71 16.49 -1.48 8.18
C ALA A 71 15.58 -1.20 9.38
N HIS A 72 14.51 -0.44 9.13
CA HIS A 72 13.56 -0.10 10.17
C HIS A 72 12.21 -0.76 9.92
N LEU A 73 12.07 -2.00 10.37
CA LEU A 73 10.84 -2.75 10.18
C LEU A 73 10.65 -3.78 11.31
N PRO A 74 9.41 -4.23 11.53
CA PRO A 74 9.10 -5.21 12.58
C PRO A 74 9.92 -6.50 12.42
N ASP A 75 9.49 -7.55 13.10
CA ASP A 75 10.18 -8.83 13.04
C ASP A 75 9.61 -9.70 11.92
N ASP A 76 8.32 -9.98 11.99
CA ASP A 76 7.65 -10.81 10.98
C ASP A 76 7.48 -10.04 9.68
N SER A 77 7.27 -8.73 9.79
CA SER A 77 7.10 -7.89 8.61
C SER A 77 8.35 -7.90 7.73
N LYS A 78 9.51 -8.07 8.36
CA LYS A 78 10.77 -8.10 7.63
C LYS A 78 10.79 -9.24 6.62
N ASP A 79 10.18 -10.37 6.99
CA ASP A 79 10.12 -11.54 6.12
C ASP A 79 9.38 -11.21 4.83
N THR A 80 8.13 -10.77 4.97
CA THR A 80 7.31 -10.43 3.81
C THR A 80 7.94 -9.31 3.01
N TRP A 81 8.66 -8.42 3.69
CA TRP A 81 9.31 -7.29 3.04
C TRP A 81 10.35 -7.78 2.04
N LYS A 82 10.98 -8.90 2.34
CA LYS A 82 12.00 -9.47 1.46
C LYS A 82 11.36 -10.23 0.30
N LYS A 83 10.14 -10.73 0.52
CA LYS A 83 9.42 -11.48 -0.50
C LYS A 83 8.87 -10.55 -1.59
N ARG A 84 8.99 -9.24 -1.36
CA ARG A 84 8.51 -8.25 -2.33
C ARG A 84 9.07 -8.52 -3.72
N GLY A 85 10.26 -9.11 -3.76
CA GLY A 85 10.89 -9.41 -5.04
C GLY A 85 10.46 -10.75 -5.61
N ASN A 86 9.46 -11.38 -4.98
CA ASN A 86 8.97 -12.68 -5.43
C ASN A 86 7.58 -12.54 -6.04
N VAL A 87 6.80 -11.60 -5.51
CA VAL A 87 5.45 -11.37 -6.00
C VAL A 87 5.46 -10.68 -7.34
N GLU A 88 4.28 -10.39 -7.88
CA GLU A 88 4.16 -9.73 -9.17
C GLU A 88 3.65 -8.29 -9.02
N TYR A 89 2.76 -8.09 -8.05
CA TYR A 89 2.19 -6.76 -7.81
C TYR A 89 2.34 -6.36 -6.34
N VAL A 90 2.05 -5.10 -6.05
CA VAL A 90 2.15 -4.58 -4.70
C VAL A 90 1.13 -3.46 -4.46
N VAL A 91 0.53 -3.44 -3.29
CA VAL A 91 -0.46 -2.42 -2.96
C VAL A 91 -0.22 -1.85 -1.55
N LEU A 92 -0.40 -0.54 -1.42
CA LEU A 92 -0.20 0.13 -0.15
C LEU A 92 -1.54 0.48 0.50
N LEU A 93 -1.48 1.01 1.71
CA LEU A 93 -2.69 1.38 2.44
C LEU A 93 -2.57 2.79 3.01
N ASP A 94 -3.62 3.23 3.69
CA ASP A 94 -3.64 4.57 4.29
C ASP A 94 -4.92 4.79 5.09
N TRP A 95 -5.04 5.97 5.68
CA TRP A 95 -6.22 6.31 6.48
C TRP A 95 -7.15 7.25 5.69
N PHE A 96 -6.57 8.28 5.09
CA PHE A 96 -7.34 9.25 4.32
C PHE A 96 -6.43 10.02 3.36
N SER A 97 -5.99 9.34 2.31
CA SER A 97 -5.11 9.96 1.32
C SER A 97 -4.82 9.00 0.18
N SER A 98 -5.73 8.96 -0.80
CA SER A 98 -5.57 8.09 -1.96
C SER A 98 -4.44 8.58 -2.86
N ALA A 99 -4.20 7.86 -3.95
CA ALA A 99 -3.15 8.23 -4.90
C ALA A 99 -3.35 9.65 -5.41
N LYS A 100 -4.60 10.09 -5.47
CA LYS A 100 -4.92 11.43 -5.95
C LYS A 100 -4.77 12.45 -4.83
N ASP A 101 -5.02 12.02 -3.60
CA ASP A 101 -4.93 12.90 -2.43
C ASP A 101 -3.47 13.10 -2.01
N LEU A 102 -2.58 12.27 -2.56
CA LEU A 102 -1.15 12.37 -2.23
C LEU A 102 -0.62 13.77 -2.44
N GLN A 103 0.28 14.20 -1.56
CA GLN A 103 0.86 15.54 -1.65
C GLN A 103 2.38 15.47 -1.66
N ILE A 104 3.02 16.63 -1.56
CA ILE A 104 4.48 16.70 -1.56
C ILE A 104 5.04 16.38 -0.18
N GLY A 105 5.32 15.10 0.07
CA GLY A 105 5.86 14.70 1.35
C GLY A 105 4.90 13.81 2.12
N THR A 106 4.31 12.84 1.44
CA THR A 106 3.37 11.92 2.07
C THR A 106 4.04 10.58 2.37
N THR A 107 3.50 9.87 3.37
CA THR A 107 4.04 8.58 3.75
C THR A 107 3.92 7.56 2.62
N LEU A 108 2.86 7.71 1.83
CA LEU A 108 2.62 6.82 0.70
C LEU A 108 3.53 7.16 -0.48
N ARG A 109 3.60 8.45 -0.80
CA ARG A 109 4.43 8.91 -1.91
C ARG A 109 5.89 8.55 -1.67
N SER A 110 6.35 8.72 -0.44
CA SER A 110 7.72 8.42 -0.08
C SER A 110 7.99 6.93 -0.16
N LEU A 111 6.97 6.13 0.15
CA LEU A 111 7.10 4.67 0.12
C LEU A 111 7.03 4.15 -1.32
N LYS A 112 6.18 4.78 -2.12
CA LYS A 112 6.03 4.38 -3.52
C LYS A 112 7.30 4.65 -4.31
N ASP A 113 8.03 5.68 -3.90
CA ASP A 113 9.28 6.04 -4.57
C ASP A 113 10.48 5.33 -3.95
N ALA A 114 10.33 4.92 -2.69
CA ALA A 114 11.40 4.22 -1.98
C ALA A 114 11.26 2.70 -2.11
N LEU A 115 10.52 2.26 -3.13
CA LEU A 115 10.32 0.83 -3.35
C LEU A 115 10.76 0.43 -4.76
N PHE A 116 10.41 1.27 -5.74
CA PHE A 116 10.76 1.00 -7.13
C PHE A 116 11.81 2.00 -7.63
N LYS A 117 11.53 3.28 -7.47
CA LYS A 117 12.44 4.33 -7.89
C LYS A 117 13.80 4.18 -7.22
N TRP A 118 13.83 4.36 -5.90
CA TRP A 118 15.07 4.26 -5.14
C TRP A 118 15.35 2.80 -4.78
N GLU A 119 16.05 2.10 -5.67
CA GLU A 119 16.39 0.69 -5.44
C GLU A 119 17.89 0.53 -5.23
N SER A 120 18.25 -0.30 -4.25
CA SER A 120 19.66 -0.55 -3.95
C SER A 120 20.04 -1.98 -4.29
N LYS A 121 19.10 -2.91 -4.08
CA LYS A 121 19.35 -4.31 -4.37
C LYS A 121 18.05 -5.03 -4.73
N THR A 122 17.01 -4.79 -3.93
CA THR A 122 15.71 -5.41 -4.16
C THR A 122 15.06 -4.85 -5.43
N VAL A 123 14.27 -5.69 -6.09
CA VAL A 123 13.60 -5.28 -7.32
C VAL A 123 12.18 -5.82 -7.37
N LEU A 124 11.30 -5.12 -8.10
CA LEU A 124 9.91 -5.52 -8.23
C LEU A 124 9.51 -5.64 -9.69
N ARG A 125 8.43 -6.36 -9.95
CA ARG A 125 7.93 -6.54 -11.31
C ARG A 125 7.23 -5.29 -11.81
N ASN A 126 6.49 -4.63 -10.91
CA ASN A 126 5.77 -3.42 -11.26
C ASN A 126 5.84 -2.41 -10.13
N GLU A 127 5.50 -1.15 -10.43
CA GLU A 127 5.53 -0.09 -9.43
C GLU A 127 4.42 -0.29 -8.39
N PRO A 128 4.72 0.00 -7.11
CA PRO A 128 3.75 -0.15 -6.03
C PRO A 128 2.60 0.85 -6.14
N LEU A 129 1.37 0.35 -5.99
CA LEU A 129 0.19 1.20 -6.08
C LEU A 129 -0.45 1.39 -4.71
N VAL A 130 -1.26 2.44 -4.58
CA VAL A 130 -1.93 2.73 -3.32
C VAL A 130 -3.42 2.42 -3.41
N LEU A 131 -3.95 1.74 -2.39
CA LEU A 131 -5.36 1.39 -2.34
C LEU A 131 -6.23 2.64 -2.35
N GLU A 132 -7.37 2.54 -3.03
CA GLU A 132 -8.31 3.67 -3.11
C GLU A 132 -9.06 3.85 -1.80
N GLY A 133 -8.76 4.93 -1.09
CA GLY A 133 -9.42 5.20 0.17
C GLY A 133 -8.58 4.78 1.36
N GLY A 134 -7.83 3.70 1.20
CA GLY A 134 -6.98 3.21 2.28
C GLY A 134 -7.67 2.15 3.11
N TYR A 135 -7.14 1.90 4.30
CA TYR A 135 -7.71 0.89 5.20
C TYR A 135 -9.11 1.29 5.63
N GLU A 136 -9.32 2.58 5.87
CA GLU A 136 -10.62 3.09 6.29
C GLU A 136 -11.70 2.75 5.26
N ASN A 137 -11.30 2.69 3.99
CA ASN A 137 -12.23 2.37 2.91
C ASN A 137 -12.34 0.86 2.72
N TRP A 138 -11.24 0.16 3.01
CA TRP A 138 -11.22 -1.30 2.87
C TRP A 138 -12.28 -1.94 3.75
N LEU A 139 -12.52 -1.35 4.92
CA LEU A 139 -13.51 -1.87 5.84
C LEU A 139 -14.92 -1.78 5.25
N LEU A 140 -15.16 -0.71 4.50
CA LEU A 140 -16.46 -0.50 3.88
C LEU A 140 -16.71 -1.50 2.76
N CYS A 141 -15.63 -1.90 2.10
CA CYS A 141 -15.72 -2.86 1.00
C CYS A 141 -15.67 -4.29 1.52
N TYR A 142 -14.68 -4.58 2.36
CA TYR A 142 -14.50 -5.91 2.93
C TYR A 142 -14.14 -5.82 4.41
N PRO A 143 -15.14 -5.57 5.28
CA PRO A 143 -14.91 -5.46 6.73
C PRO A 143 -14.59 -6.82 7.36
N GLN A 144 -14.91 -7.90 6.65
CA GLN A 144 -14.65 -9.25 7.15
C GLN A 144 -13.34 -9.79 6.60
N TYR A 145 -12.34 -8.92 6.49
CA TYR A 145 -11.04 -9.30 5.98
C TYR A 145 -9.92 -8.56 6.70
N THR A 146 -10.17 -8.22 7.97
CA THR A 146 -9.18 -7.51 8.78
C THR A 146 -9.29 -7.92 10.24
N THR A 147 -8.20 -7.72 10.97
CA THR A 147 -8.16 -8.07 12.39
C THR A 147 -9.06 -7.13 13.20
N ASN A 148 -9.14 -5.88 12.77
CA ASN A 148 -9.96 -4.88 13.45
C ASN A 148 -10.96 -4.25 12.49
N ALA A 149 -12.24 -4.50 12.73
CA ALA A 149 -13.30 -3.96 11.88
C ALA A 149 -13.93 -2.73 12.52
N LYS A 150 -13.94 -2.69 13.84
CA LYS A 150 -14.52 -1.56 14.58
C LYS A 150 -13.44 -0.57 15.00
N VAL A 151 -13.22 0.44 14.16
CA VAL A 151 -12.21 1.45 14.44
C VAL A 151 -12.86 2.80 14.78
N SER A 152 -14.06 3.02 14.23
CA SER A 152 -14.79 4.26 14.48
C SER A 152 -14.03 5.46 13.93
N GLY A 153 -13.14 5.22 12.96
CA GLY A 153 -12.37 6.28 12.36
C GLY A 153 -11.66 7.14 13.40
N PRO A 154 -10.91 8.16 12.97
CA PRO A 154 -10.17 9.05 13.87
C PRO A 154 -11.08 10.11 14.50
N SER A 155 -12.14 9.66 15.17
CA SER A 155 -13.08 10.57 15.82
C SER A 155 -13.64 11.58 14.83
N SER A 156 -14.63 11.16 14.04
CA SER A 156 -15.26 12.02 13.05
C SER A 156 -16.38 12.84 13.68
N GLY A 157 -16.01 13.92 14.35
CA GLY A 157 -17.00 14.78 14.99
C GLY A 157 -16.40 16.08 15.49
N GLY A 1 -12.76 -20.25 -34.37
CA GLY A 1 -12.07 -20.07 -33.07
C GLY A 1 -11.42 -18.70 -32.95
N SER A 2 -11.96 -17.86 -32.07
CA SER A 2 -11.43 -16.52 -31.86
C SER A 2 -10.78 -16.40 -30.49
N SER A 3 -10.21 -15.24 -30.21
CA SER A 3 -9.55 -14.99 -28.93
C SER A 3 -9.68 -13.53 -28.53
N GLY A 4 -10.72 -13.22 -27.76
CA GLY A 4 -10.93 -11.85 -27.32
C GLY A 4 -11.99 -11.13 -28.14
N SER A 5 -12.90 -10.45 -27.46
CA SER A 5 -13.97 -9.71 -28.13
C SER A 5 -14.04 -8.28 -27.64
N SER A 6 -14.01 -8.11 -26.32
CA SER A 6 -14.08 -6.77 -25.71
C SER A 6 -12.93 -6.58 -24.72
N GLY A 7 -12.04 -5.65 -25.04
CA GLY A 7 -10.91 -5.39 -24.17
C GLY A 7 -11.13 -4.19 -23.27
N LYS A 8 -10.25 -3.20 -23.37
CA LYS A 8 -10.37 -1.99 -22.56
C LYS A 8 -10.32 -2.32 -21.07
N CYS A 9 -9.11 -2.32 -20.52
CA CYS A 9 -8.92 -2.62 -19.10
C CYS A 9 -8.24 -1.46 -18.39
N GLU A 10 -7.21 -0.90 -19.01
CA GLU A 10 -6.48 0.22 -18.44
C GLU A 10 -6.77 1.51 -19.19
N THR A 11 -7.61 2.36 -18.60
CA THR A 11 -7.99 3.62 -19.22
C THR A 11 -8.29 4.68 -18.16
N LYS A 12 -9.23 4.37 -17.27
CA LYS A 12 -9.61 5.28 -16.20
C LYS A 12 -8.42 5.59 -15.31
N GLU A 13 -7.97 4.61 -14.54
CA GLU A 13 -6.85 4.78 -13.64
C GLU A 13 -5.64 3.97 -14.12
N LYS A 14 -4.45 4.40 -13.72
CA LYS A 14 -3.22 3.72 -14.11
C LYS A 14 -2.25 3.65 -12.94
N GLY A 15 -2.06 4.78 -12.25
CA GLY A 15 -1.16 4.83 -11.12
C GLY A 15 -1.87 4.64 -9.80
N ALA A 16 -2.88 3.77 -9.80
CA ALA A 16 -3.65 3.49 -8.58
C ALA A 16 -4.45 2.20 -8.72
N ILE A 17 -4.90 1.67 -7.59
CA ILE A 17 -5.68 0.44 -7.59
C ILE A 17 -6.97 0.61 -6.80
N THR A 18 -8.00 -0.14 -7.19
CA THR A 18 -9.30 -0.08 -6.51
C THR A 18 -9.37 -1.09 -5.38
N ALA A 19 -10.50 -1.12 -4.69
CA ALA A 19 -10.70 -2.04 -3.57
C ALA A 19 -11.06 -3.43 -4.09
N LYS A 20 -11.80 -3.47 -5.19
CA LYS A 20 -12.22 -4.74 -5.78
C LYS A 20 -11.05 -5.45 -6.44
N GLU A 21 -10.10 -4.67 -6.95
CA GLU A 21 -8.92 -5.24 -7.60
C GLU A 21 -7.99 -5.90 -6.59
N LEU A 22 -7.90 -5.30 -5.40
CA LEU A 22 -7.05 -5.83 -4.34
C LEU A 22 -7.60 -7.16 -3.82
N TYR A 23 -8.93 -7.26 -3.77
CA TYR A 23 -9.58 -8.48 -3.28
C TYR A 23 -9.43 -9.60 -4.29
N THR A 24 -9.38 -9.26 -5.57
CA THR A 24 -9.23 -10.24 -6.63
C THR A 24 -7.89 -10.95 -6.55
N MET A 25 -6.82 -10.17 -6.42
CA MET A 25 -5.48 -10.71 -6.33
C MET A 25 -5.23 -11.33 -4.96
N MET A 26 -5.87 -10.78 -3.93
CA MET A 26 -5.72 -11.26 -2.57
C MET A 26 -6.21 -12.71 -2.45
N THR A 27 -7.19 -13.07 -3.28
CA THR A 27 -7.74 -14.42 -3.27
C THR A 27 -7.11 -15.28 -4.35
N ASP A 28 -6.74 -14.65 -5.47
CA ASP A 28 -6.13 -15.35 -6.59
C ASP A 28 -4.83 -16.03 -6.16
N LYS A 29 -4.76 -17.34 -6.36
CA LYS A 29 -3.56 -18.10 -6.00
C LYS A 29 -2.66 -18.32 -7.22
N ASN A 30 -2.75 -17.41 -8.19
CA ASN A 30 -1.95 -17.51 -9.40
C ASN A 30 -1.01 -16.32 -9.53
N ILE A 31 -1.50 -15.14 -9.15
CA ILE A 31 -0.70 -13.92 -9.23
C ILE A 31 -0.23 -13.50 -7.84
N SER A 32 1.01 -13.03 -7.76
CA SER A 32 1.58 -12.58 -6.50
C SER A 32 1.14 -11.16 -6.17
N LEU A 33 1.17 -10.81 -4.88
CA LEU A 33 0.76 -9.49 -4.44
C LEU A 33 1.05 -9.29 -2.96
N ILE A 34 1.34 -8.06 -2.57
CA ILE A 34 1.63 -7.74 -1.18
C ILE A 34 0.99 -6.42 -0.76
N ILE A 35 0.49 -6.37 0.46
CA ILE A 35 -0.14 -5.16 0.99
C ILE A 35 0.69 -4.53 2.09
N MET A 36 0.68 -3.20 2.14
CA MET A 36 1.44 -2.48 3.16
C MET A 36 0.64 -1.30 3.70
N ASP A 37 0.57 -1.20 5.02
CA ASP A 37 -0.17 -0.12 5.66
C ASP A 37 0.77 0.97 6.17
N ALA A 38 0.88 2.05 5.41
CA ALA A 38 1.75 3.16 5.77
C ALA A 38 0.99 4.20 6.61
N ARG A 39 0.84 3.93 7.89
CA ARG A 39 0.13 4.83 8.78
C ARG A 39 0.91 5.04 10.08
N ARG A 40 1.15 3.94 10.79
CA ARG A 40 1.88 3.99 12.05
C ARG A 40 2.08 2.59 12.62
N MET A 41 2.86 2.49 13.69
CA MET A 41 3.14 1.21 14.34
C MET A 41 2.01 0.84 15.29
N GLN A 42 1.45 1.84 15.96
CA GLN A 42 0.36 1.61 16.91
C GLN A 42 -0.94 1.29 16.18
N ASP A 43 -1.10 1.85 14.98
CA ASP A 43 -2.29 1.63 14.18
C ASP A 43 -2.34 0.19 13.66
N TYR A 44 -1.19 -0.31 13.19
CA TYR A 44 -1.11 -1.66 12.67
C TYR A 44 -1.49 -2.68 13.74
N GLN A 45 -1.11 -2.39 14.99
CA GLN A 45 -1.42 -3.28 16.10
C GLN A 45 -2.91 -3.29 16.41
N ASP A 46 -3.53 -2.12 16.34
CA ASP A 46 -4.96 -1.97 16.61
C ASP A 46 -5.78 -2.48 15.44
N SER A 47 -5.43 -2.03 14.24
CA SER A 47 -6.14 -2.44 13.03
C SER A 47 -5.17 -2.80 11.91
N CYS A 48 -5.54 -3.77 11.10
CA CYS A 48 -4.70 -4.20 9.99
C CYS A 48 -5.40 -5.29 9.17
N ILE A 49 -5.16 -5.28 7.86
CA ILE A 49 -5.76 -6.26 6.97
C ILE A 49 -5.11 -7.63 7.13
N LEU A 50 -5.90 -8.68 6.98
CA LEU A 50 -5.39 -10.04 7.11
C LEU A 50 -4.40 -10.37 5.99
N HIS A 51 -3.30 -11.02 6.36
CA HIS A 51 -2.28 -11.39 5.38
C HIS A 51 -1.70 -10.15 4.71
N SER A 52 -1.49 -9.10 5.49
CA SER A 52 -0.93 -7.85 4.96
C SER A 52 0.35 -7.48 5.69
N LEU A 53 1.19 -6.68 5.03
CA LEU A 53 2.45 -6.24 5.61
C LEU A 53 2.28 -4.93 6.36
N SER A 54 3.25 -4.60 7.20
CA SER A 54 3.21 -3.37 7.98
C SER A 54 4.47 -2.54 7.76
N VAL A 55 4.42 -1.28 8.17
CA VAL A 55 5.56 -0.38 8.02
C VAL A 55 5.33 0.92 8.78
N PRO A 56 6.13 1.18 9.85
CA PRO A 56 5.99 2.40 10.65
C PRO A 56 6.30 3.66 9.85
N GLU A 57 5.39 4.63 9.92
CA GLU A 57 5.58 5.89 9.20
C GLU A 57 6.86 6.59 9.64
N GLU A 58 7.25 6.39 10.89
CA GLU A 58 8.46 7.00 11.42
C GLU A 58 9.70 6.51 10.67
N ALA A 59 9.65 5.26 10.22
CA ALA A 59 10.76 4.67 9.48
C ALA A 59 10.80 5.18 8.05
N ILE A 60 9.62 5.46 7.49
CA ILE A 60 9.52 5.95 6.12
C ILE A 60 9.73 7.45 6.07
N SER A 61 10.80 7.88 5.42
CA SER A 61 11.11 9.30 5.30
C SER A 61 10.93 9.77 3.85
N PRO A 62 10.76 11.09 3.65
CA PRO A 62 10.58 11.67 2.31
C PRO A 62 11.86 11.63 1.49
N GLY A 63 11.93 10.71 0.53
CA GLY A 63 13.10 10.60 -0.31
C GLY A 63 14.17 9.72 0.31
N VAL A 64 13.84 8.44 0.53
CA VAL A 64 14.78 7.50 1.12
C VAL A 64 14.93 6.26 0.24
N THR A 65 15.76 5.32 0.69
CA THR A 65 15.99 4.09 -0.06
C THR A 65 15.30 2.91 0.63
N ALA A 66 15.36 1.75 -0.01
CA ALA A 66 14.75 0.54 0.53
C ALA A 66 15.50 0.04 1.76
N SER A 67 16.81 0.29 1.79
CA SER A 67 17.65 -0.14 2.92
C SER A 67 17.27 0.62 4.19
N TRP A 68 16.82 1.86 4.02
CA TRP A 68 16.43 2.69 5.16
C TRP A 68 15.27 2.06 5.91
N ILE A 69 14.20 1.73 5.19
CA ILE A 69 13.03 1.12 5.79
C ILE A 69 13.32 -0.30 6.25
N GLU A 70 14.18 -0.99 5.51
CA GLU A 70 14.56 -2.36 5.84
C GLU A 70 15.17 -2.44 7.24
N ALA A 71 15.83 -1.36 7.65
CA ALA A 71 16.46 -1.31 8.97
C ALA A 71 15.42 -1.14 10.07
N HIS A 72 14.35 -0.41 9.76
CA HIS A 72 13.28 -0.16 10.72
C HIS A 72 12.01 -0.89 10.31
N LEU A 73 11.87 -2.13 10.76
CA LEU A 73 10.69 -2.93 10.44
C LEU A 73 10.48 -4.02 11.48
N PRO A 74 9.22 -4.49 11.66
CA PRO A 74 8.89 -5.53 12.62
C PRO A 74 9.73 -6.79 12.43
N ASP A 75 9.37 -7.85 13.14
CA ASP A 75 10.09 -9.12 13.04
C ASP A 75 9.51 -10.00 11.94
N ASP A 76 8.18 -9.96 11.81
CA ASP A 76 7.50 -10.76 10.80
C ASP A 76 7.37 -9.99 9.48
N SER A 77 7.20 -8.68 9.59
CA SER A 77 7.05 -7.83 8.41
C SER A 77 8.37 -7.76 7.64
N LYS A 78 9.48 -7.86 8.35
CA LYS A 78 10.80 -7.81 7.73
C LYS A 78 10.98 -8.94 6.72
N ASP A 79 10.31 -10.07 6.97
CA ASP A 79 10.40 -11.22 6.09
C ASP A 79 9.81 -10.90 4.72
N THR A 80 8.51 -10.65 4.68
CA THR A 80 7.82 -10.34 3.43
C THR A 80 8.44 -9.10 2.76
N TRP A 81 9.02 -8.22 3.57
CA TRP A 81 9.65 -7.01 3.05
C TRP A 81 10.73 -7.34 2.03
N LYS A 82 11.39 -8.49 2.23
CA LYS A 82 12.46 -8.92 1.33
C LYS A 82 11.88 -9.71 0.16
N LYS A 83 10.67 -10.26 0.33
CA LYS A 83 10.03 -11.04 -0.72
C LYS A 83 9.19 -10.15 -1.64
N ARG A 84 9.33 -8.84 -1.50
CA ARG A 84 8.59 -7.90 -2.33
C ARG A 84 9.11 -7.91 -3.77
N GLY A 85 10.40 -8.18 -3.92
CA GLY A 85 11.00 -8.22 -5.24
C GLY A 85 10.64 -9.47 -6.02
N ASN A 86 10.25 -10.52 -5.31
CA ASN A 86 9.86 -11.78 -5.94
C ASN A 86 8.45 -11.70 -6.51
N VAL A 87 7.54 -11.11 -5.74
CA VAL A 87 6.15 -10.97 -6.17
C VAL A 87 6.05 -10.19 -7.48
N GLU A 88 4.84 -10.02 -7.97
CA GLU A 88 4.60 -9.29 -9.21
C GLU A 88 4.05 -7.89 -8.94
N TYR A 89 2.79 -7.83 -8.52
CA TYR A 89 2.14 -6.56 -8.22
C TYR A 89 2.19 -6.25 -6.73
N VAL A 90 1.87 -5.00 -6.38
CA VAL A 90 1.88 -4.58 -4.99
C VAL A 90 0.87 -3.45 -4.75
N VAL A 91 0.36 -3.38 -3.53
CA VAL A 91 -0.62 -2.35 -3.18
C VAL A 91 -0.36 -1.80 -1.78
N LEU A 92 -0.65 -0.52 -1.60
CA LEU A 92 -0.45 0.13 -0.30
C LEU A 92 -1.78 0.55 0.31
N LEU A 93 -1.73 1.01 1.55
CA LEU A 93 -2.94 1.45 2.25
C LEU A 93 -2.73 2.82 2.89
N ASP A 94 -3.79 3.33 3.51
CA ASP A 94 -3.72 4.64 4.16
C ASP A 94 -5.00 4.91 4.96
N TRP A 95 -5.05 6.07 5.61
CA TRP A 95 -6.20 6.45 6.41
C TRP A 95 -7.11 7.40 5.63
N PHE A 96 -6.53 8.48 5.13
CA PHE A 96 -7.30 9.47 4.37
C PHE A 96 -6.41 10.17 3.34
N SER A 97 -5.79 9.38 2.47
CA SER A 97 -4.92 9.92 1.44
C SER A 97 -4.81 8.96 0.26
N SER A 98 -5.54 9.25 -0.82
CA SER A 98 -5.53 8.41 -2.01
C SER A 98 -4.36 8.79 -2.92
N ALA A 99 -4.24 8.06 -4.03
CA ALA A 99 -3.17 8.31 -5.00
C ALA A 99 -3.24 9.74 -5.53
N LYS A 100 -4.44 10.33 -5.50
CA LYS A 100 -4.63 11.68 -5.98
C LYS A 100 -4.27 12.71 -4.90
N ASP A 101 -4.36 12.29 -3.65
CA ASP A 101 -4.05 13.17 -2.53
C ASP A 101 -2.59 13.00 -2.08
N LEU A 102 -1.76 12.46 -2.96
CA LEU A 102 -0.35 12.23 -2.65
C LEU A 102 0.46 13.51 -2.90
N GLN A 103 0.71 14.26 -1.84
CA GLN A 103 1.47 15.50 -1.94
C GLN A 103 2.95 15.25 -1.67
N ILE A 104 3.76 16.30 -1.80
CA ILE A 104 5.19 16.19 -1.55
C ILE A 104 5.50 16.06 -0.07
N GLY A 105 6.00 14.90 0.33
CA GLY A 105 6.33 14.66 1.71
C GLY A 105 5.37 13.68 2.37
N THR A 106 4.81 12.78 1.57
CA THR A 106 3.88 11.78 2.08
C THR A 106 4.57 10.44 2.26
N THR A 107 3.96 9.57 3.07
CA THR A 107 4.52 8.25 3.33
C THR A 107 4.32 7.33 2.14
N LEU A 108 3.14 7.41 1.51
CA LEU A 108 2.83 6.59 0.36
C LEU A 108 3.76 6.90 -0.81
N ARG A 109 3.90 8.19 -1.12
CA ARG A 109 4.77 8.61 -2.21
C ARG A 109 6.21 8.20 -1.96
N SER A 110 6.72 8.55 -0.79
CA SER A 110 8.10 8.21 -0.41
C SER A 110 8.32 6.71 -0.47
N LEU A 111 7.29 5.95 -0.09
CA LEU A 111 7.37 4.50 -0.11
C LEU A 111 7.21 3.95 -1.52
N LYS A 112 6.41 4.64 -2.32
CA LYS A 112 6.17 4.24 -3.71
C LYS A 112 7.44 4.38 -4.53
N ASP A 113 8.28 5.34 -4.18
CA ASP A 113 9.53 5.58 -4.89
C ASP A 113 10.70 4.84 -4.25
N ALA A 114 10.50 4.37 -3.02
CA ALA A 114 11.54 3.63 -2.30
C ALA A 114 11.45 2.13 -2.57
N LEU A 115 10.79 1.75 -3.66
CA LEU A 115 10.64 0.35 -4.01
C LEU A 115 10.85 0.14 -5.51
N PHE A 116 10.24 1.01 -6.32
CA PHE A 116 10.35 0.92 -7.77
C PHE A 116 11.24 2.02 -8.33
N LYS A 117 10.94 3.27 -7.96
CA LYS A 117 11.71 4.42 -8.43
C LYS A 117 13.19 4.25 -8.09
N TRP A 118 13.47 3.73 -6.91
CA TRP A 118 14.85 3.53 -6.46
C TRP A 118 15.22 2.05 -6.53
N GLU A 119 16.37 1.70 -5.94
CA GLU A 119 16.84 0.31 -5.93
C GLU A 119 17.16 -0.16 -7.35
N SER A 120 18.24 -0.92 -7.48
CA SER A 120 18.67 -1.43 -8.77
C SER A 120 18.64 -2.96 -8.80
N LYS A 121 19.25 -3.56 -7.78
CA LYS A 121 19.30 -5.02 -7.68
C LYS A 121 17.90 -5.59 -7.42
N THR A 122 17.29 -5.17 -6.31
CA THR A 122 15.96 -5.64 -5.96
C THR A 122 14.89 -4.64 -6.41
N VAL A 123 14.12 -5.03 -7.42
CA VAL A 123 13.07 -4.16 -7.94
C VAL A 123 11.79 -4.95 -8.18
N LEU A 124 10.66 -4.24 -8.24
CA LEU A 124 9.37 -4.87 -8.48
C LEU A 124 9.08 -4.98 -9.96
N ARG A 125 8.09 -5.80 -10.31
CA ARG A 125 7.70 -5.99 -11.71
C ARG A 125 6.96 -4.77 -12.22
N ASN A 126 6.00 -4.29 -11.45
CA ASN A 126 5.21 -3.12 -11.82
C ASN A 126 5.34 -2.02 -10.80
N GLU A 127 4.61 -0.92 -10.99
CA GLU A 127 4.66 0.21 -10.08
C GLU A 127 3.65 0.04 -8.94
N PRO A 128 4.11 0.07 -7.67
CA PRO A 128 3.23 -0.08 -6.51
C PRO A 128 2.12 0.94 -6.49
N LEU A 129 0.87 0.47 -6.43
CA LEU A 129 -0.29 1.35 -6.41
C LEU A 129 -0.84 1.47 -5.00
N VAL A 130 -1.80 2.38 -4.81
CA VAL A 130 -2.41 2.60 -3.51
C VAL A 130 -3.90 2.30 -3.56
N LEU A 131 -4.42 1.72 -2.48
CA LEU A 131 -5.84 1.38 -2.40
C LEU A 131 -6.70 2.63 -2.46
N GLU A 132 -7.90 2.50 -3.01
CA GLU A 132 -8.83 3.62 -3.13
C GLU A 132 -9.41 3.99 -1.77
N GLY A 133 -8.85 5.05 -1.17
CA GLY A 133 -9.33 5.49 0.13
C GLY A 133 -8.44 5.02 1.27
N GLY A 134 -7.99 3.77 1.19
CA GLY A 134 -7.13 3.21 2.22
C GLY A 134 -7.86 2.25 3.13
N TYR A 135 -7.29 2.00 4.31
CA TYR A 135 -7.89 1.09 5.27
C TYR A 135 -9.28 1.59 5.70
N GLU A 136 -9.42 2.90 5.80
CA GLU A 136 -10.68 3.50 6.19
C GLU A 136 -11.79 3.16 5.20
N ASN A 137 -11.41 2.99 3.94
CA ASN A 137 -12.38 2.65 2.90
C ASN A 137 -12.56 1.14 2.78
N TRP A 138 -11.48 0.40 3.09
CA TRP A 138 -11.51 -1.06 3.01
C TRP A 138 -12.56 -1.62 3.96
N LEU A 139 -12.70 -1.01 5.13
CA LEU A 139 -13.67 -1.44 6.13
C LEU A 139 -15.10 -1.19 5.64
N LEU A 140 -15.26 -0.13 4.86
CA LEU A 140 -16.58 0.23 4.33
C LEU A 140 -17.04 -0.79 3.30
N CYS A 141 -16.09 -1.38 2.58
CA CYS A 141 -16.41 -2.37 1.56
C CYS A 141 -16.30 -3.79 2.12
N TYR A 142 -15.15 -4.10 2.69
CA TYR A 142 -14.91 -5.42 3.27
C TYR A 142 -14.58 -5.31 4.76
N PRO A 143 -15.59 -5.07 5.60
CA PRO A 143 -15.40 -4.94 7.05
C PRO A 143 -15.07 -6.28 7.71
N GLN A 144 -15.47 -7.37 7.07
CA GLN A 144 -15.22 -8.71 7.60
C GLN A 144 -13.78 -9.14 7.32
N TYR A 145 -13.24 -8.69 6.19
CA TYR A 145 -11.87 -9.03 5.82
C TYR A 145 -10.87 -8.15 6.56
N THR A 146 -10.87 -8.25 7.88
CA THR A 146 -9.96 -7.48 8.72
C THR A 146 -9.97 -7.98 10.16
N THR A 147 -8.79 -8.09 10.74
CA THR A 147 -8.67 -8.55 12.12
C THR A 147 -9.37 -7.61 13.09
N ASN A 148 -9.40 -6.33 12.74
CA ASN A 148 -10.05 -5.32 13.57
C ASN A 148 -11.06 -4.51 12.77
N ALA A 149 -12.31 -4.54 13.22
CA ALA A 149 -13.38 -3.80 12.54
C ALA A 149 -13.83 -2.59 13.36
N LYS A 150 -13.74 -2.72 14.69
CA LYS A 150 -14.13 -1.64 15.58
C LYS A 150 -13.09 -0.53 15.59
N VAL A 151 -13.21 0.39 14.63
CA VAL A 151 -12.27 1.50 14.53
C VAL A 151 -13.01 2.84 14.58
N SER A 152 -12.24 3.93 14.66
CA SER A 152 -12.82 5.27 14.72
C SER A 152 -12.31 6.12 13.56
N GLY A 153 -11.00 6.11 13.35
CA GLY A 153 -10.42 6.90 12.27
C GLY A 153 -9.54 8.03 12.79
N PRO A 154 -10.13 9.20 13.07
CA PRO A 154 -9.38 10.36 13.57
C PRO A 154 -8.89 10.16 15.00
N SER A 155 -8.13 11.13 15.50
CA SER A 155 -7.60 11.06 16.86
C SER A 155 -6.71 9.84 17.03
N SER A 156 -5.41 10.03 16.80
CA SER A 156 -4.44 8.93 16.92
C SER A 156 -3.72 9.01 18.26
N GLY A 157 -2.98 10.10 18.47
CA GLY A 157 -2.24 10.27 19.71
C GLY A 157 -0.74 10.22 19.50
N GLY A 1 -28.98 14.22 -25.81
CA GLY A 1 -27.81 13.84 -24.96
C GLY A 1 -28.20 12.96 -23.80
N SER A 2 -27.21 12.32 -23.18
CA SER A 2 -27.47 11.43 -22.04
C SER A 2 -26.33 11.50 -21.03
N SER A 3 -26.69 11.56 -19.75
CA SER A 3 -25.70 11.64 -18.68
C SER A 3 -25.18 10.25 -18.32
N GLY A 4 -23.90 10.17 -17.98
CA GLY A 4 -23.30 8.90 -17.62
C GLY A 4 -21.85 8.80 -18.03
N SER A 5 -21.46 9.58 -19.04
CA SER A 5 -20.09 9.58 -19.53
C SER A 5 -19.72 8.21 -20.09
N SER A 6 -18.87 8.21 -21.12
CA SER A 6 -18.44 6.97 -21.75
C SER A 6 -16.96 6.73 -21.50
N GLY A 7 -16.14 7.77 -21.69
CA GLY A 7 -14.71 7.64 -21.48
C GLY A 7 -13.95 7.44 -22.78
N LYS A 8 -13.50 6.21 -23.01
CA LYS A 8 -12.74 5.90 -24.22
C LYS A 8 -11.48 6.73 -24.31
N CYS A 9 -10.92 7.08 -23.15
CA CYS A 9 -9.70 7.88 -23.10
C CYS A 9 -8.47 7.00 -23.23
N GLU A 10 -8.59 5.74 -22.81
CA GLU A 10 -7.48 4.80 -22.87
C GLU A 10 -6.31 5.26 -22.00
N THR A 11 -6.40 4.98 -20.71
CA THR A 11 -5.35 5.36 -19.77
C THR A 11 -5.19 4.31 -18.67
N LYS A 12 -3.97 4.16 -18.19
CA LYS A 12 -3.68 3.19 -17.14
C LYS A 12 -2.98 3.85 -15.96
N GLU A 13 -3.63 3.84 -14.81
CA GLU A 13 -3.09 4.44 -13.60
C GLU A 13 -1.81 3.72 -13.17
N LYS A 14 -0.72 4.48 -13.05
CA LYS A 14 0.55 3.91 -12.64
C LYS A 14 0.79 4.09 -11.15
N GLY A 15 0.16 3.22 -10.35
CA GLY A 15 0.32 3.31 -8.91
C GLY A 15 -1.00 3.55 -8.20
N ALA A 16 -2.08 2.95 -8.72
CA ALA A 16 -3.39 3.11 -8.13
C ALA A 16 -4.26 1.87 -8.38
N ILE A 17 -4.87 1.37 -7.31
CA ILE A 17 -5.72 0.19 -7.40
C ILE A 17 -6.91 0.29 -6.44
N THR A 18 -8.06 -0.17 -6.90
CA THR A 18 -9.27 -0.14 -6.07
C THR A 18 -9.33 -1.35 -5.15
N ALA A 19 -10.30 -1.34 -4.23
CA ALA A 19 -10.47 -2.43 -3.28
C ALA A 19 -11.02 -3.67 -3.97
N LYS A 20 -11.88 -3.46 -4.97
CA LYS A 20 -12.48 -4.57 -5.71
C LYS A 20 -11.41 -5.40 -6.41
N GLU A 21 -10.46 -4.73 -7.05
CA GLU A 21 -9.38 -5.41 -7.75
C GLU A 21 -8.45 -6.10 -6.77
N LEU A 22 -8.31 -5.52 -5.58
CA LEU A 22 -7.44 -6.08 -4.55
C LEU A 22 -7.92 -7.46 -4.13
N TYR A 23 -9.23 -7.61 -3.97
CA TYR A 23 -9.82 -8.88 -3.57
C TYR A 23 -9.65 -9.93 -4.66
N THR A 24 -9.75 -9.49 -5.91
CA THR A 24 -9.61 -10.39 -7.05
C THR A 24 -8.21 -11.00 -7.09
N MET A 25 -7.20 -10.18 -6.85
CA MET A 25 -5.81 -10.65 -6.87
C MET A 25 -5.47 -11.33 -5.56
N MET A 26 -6.02 -10.83 -4.46
CA MET A 26 -5.76 -11.40 -3.14
C MET A 26 -6.22 -12.85 -3.08
N THR A 27 -7.30 -13.16 -3.78
CA THR A 27 -7.84 -14.52 -3.81
C THR A 27 -7.19 -15.35 -4.91
N ASP A 28 -6.72 -14.68 -5.96
CA ASP A 28 -6.08 -15.35 -7.08
C ASP A 28 -4.90 -16.19 -6.60
N LYS A 29 -4.79 -17.40 -7.12
CA LYS A 29 -3.71 -18.30 -6.75
C LYS A 29 -2.68 -18.40 -7.87
N ASN A 30 -2.51 -17.31 -8.61
CA ASN A 30 -1.55 -17.26 -9.70
C ASN A 30 -0.67 -16.02 -9.61
N ILE A 31 -1.30 -14.86 -9.40
CA ILE A 31 -0.57 -13.61 -9.28
C ILE A 31 -0.39 -13.21 -7.83
N SER A 32 0.86 -13.01 -7.43
CA SER A 32 1.18 -12.63 -6.06
C SER A 32 0.93 -11.13 -5.83
N LEU A 33 0.62 -10.77 -4.60
CA LEU A 33 0.36 -9.37 -4.26
C LEU A 33 0.60 -9.13 -2.77
N ILE A 34 1.25 -8.01 -2.46
CA ILE A 34 1.55 -7.66 -1.07
C ILE A 34 0.97 -6.29 -0.72
N ILE A 35 0.57 -6.14 0.54
CA ILE A 35 0.00 -4.88 1.02
C ILE A 35 0.85 -4.29 2.13
N MET A 36 0.86 -2.97 2.22
CA MET A 36 1.64 -2.28 3.25
C MET A 36 0.81 -1.17 3.90
N ASP A 37 0.97 -1.02 5.21
CA ASP A 37 0.26 0.01 5.96
C ASP A 37 1.14 1.22 6.19
N ALA A 38 0.96 2.26 5.37
CA ALA A 38 1.74 3.48 5.49
C ALA A 38 1.25 4.34 6.65
N ARG A 39 1.35 3.79 7.86
CA ARG A 39 0.93 4.50 9.06
C ARG A 39 1.87 4.23 10.23
N ARG A 40 1.48 4.68 11.41
CA ARG A 40 2.30 4.47 12.61
C ARG A 40 2.37 2.99 12.97
N MET A 41 3.13 2.69 14.01
CA MET A 41 3.29 1.31 14.46
C MET A 41 2.07 0.84 15.25
N GLN A 42 1.54 1.73 16.08
CA GLN A 42 0.38 1.42 16.89
C GLN A 42 -0.85 1.19 16.01
N ASP A 43 -0.88 1.86 14.87
CA ASP A 43 -2.00 1.73 13.94
C ASP A 43 -2.20 0.27 13.51
N TYR A 44 -1.09 -0.41 13.24
CA TYR A 44 -1.14 -1.80 12.82
C TYR A 44 -1.80 -2.67 13.89
N GLN A 45 -1.34 -2.52 15.13
CA GLN A 45 -1.88 -3.28 16.24
C GLN A 45 -3.33 -2.89 16.52
N ASP A 46 -3.63 -1.61 16.37
CA ASP A 46 -4.98 -1.10 16.61
C ASP A 46 -5.94 -1.58 15.53
N SER A 47 -5.51 -1.48 14.27
CA SER A 47 -6.32 -1.91 13.15
C SER A 47 -5.45 -2.19 11.92
N CYS A 48 -5.79 -3.26 11.21
CA CYS A 48 -5.04 -3.65 10.02
C CYS A 48 -5.71 -4.82 9.31
N ILE A 49 -5.42 -4.96 8.02
CA ILE A 49 -6.00 -6.05 7.23
C ILE A 49 -5.39 -7.39 7.62
N LEU A 50 -6.12 -8.47 7.34
CA LEU A 50 -5.66 -9.81 7.66
C LEU A 50 -4.35 -10.12 6.93
N HIS A 51 -4.45 -10.41 5.64
CA HIS A 51 -3.29 -10.72 4.83
C HIS A 51 -2.65 -9.45 4.26
N SER A 52 -1.69 -8.90 5.00
CA SER A 52 -1.01 -7.69 4.57
C SER A 52 0.28 -7.48 5.36
N LEU A 53 1.02 -6.43 4.99
CA LEU A 53 2.28 -6.12 5.67
C LEU A 53 2.15 -4.85 6.50
N SER A 54 3.10 -4.63 7.40
CA SER A 54 3.09 -3.45 8.26
C SER A 54 4.39 -2.66 8.12
N VAL A 55 4.26 -1.35 7.99
CA VAL A 55 5.43 -0.48 7.86
C VAL A 55 5.21 0.85 8.58
N PRO A 56 5.98 1.12 9.64
CA PRO A 56 5.85 2.37 10.41
C PRO A 56 6.23 3.60 9.58
N GLU A 57 5.57 4.71 9.88
CA GLU A 57 5.84 5.96 9.16
C GLU A 57 7.26 6.44 9.43
N GLU A 58 7.78 6.14 10.60
CA GLU A 58 9.13 6.54 10.98
C GLU A 58 10.15 5.98 9.99
N ALA A 59 9.91 4.78 9.50
CA ALA A 59 10.79 4.14 8.55
C ALA A 59 10.64 4.73 7.15
N ILE A 60 9.43 5.18 6.85
CA ILE A 60 9.15 5.78 5.55
C ILE A 60 9.33 7.30 5.58
N SER A 61 10.28 7.79 4.79
CA SER A 61 10.55 9.22 4.74
C SER A 61 10.68 9.68 3.29
N PRO A 62 10.39 10.97 3.03
CA PRO A 62 10.48 11.54 1.67
C PRO A 62 11.92 11.63 1.18
N GLY A 63 12.25 10.82 0.18
CA GLY A 63 13.59 10.82 -0.36
C GLY A 63 14.51 9.85 0.34
N VAL A 64 14.05 8.61 0.47
CA VAL A 64 14.84 7.57 1.13
C VAL A 64 15.06 6.37 0.21
N THR A 65 15.76 5.36 0.70
CA THR A 65 16.04 4.16 -0.07
C THR A 65 15.41 2.93 0.59
N ALA A 66 15.61 1.77 -0.04
CA ALA A 66 15.07 0.53 0.48
C ALA A 66 15.76 0.13 1.78
N SER A 67 17.05 0.44 1.89
CA SER A 67 17.82 0.12 3.08
C SER A 67 17.27 0.87 4.29
N TRP A 68 16.73 2.06 4.06
CA TRP A 68 16.17 2.87 5.14
C TRP A 68 15.02 2.15 5.83
N ILE A 69 13.98 1.84 5.08
CA ILE A 69 12.82 1.15 5.62
C ILE A 69 13.19 -0.25 6.10
N GLU A 70 14.12 -0.89 5.40
CA GLU A 70 14.57 -2.23 5.76
C GLU A 70 15.14 -2.25 7.17
N ALA A 71 15.72 -1.13 7.59
CA ALA A 71 16.31 -1.02 8.92
C ALA A 71 15.23 -0.82 9.99
N HIS A 72 14.15 -0.17 9.59
CA HIS A 72 13.05 0.08 10.52
C HIS A 72 11.78 -0.66 10.08
N LEU A 73 11.60 -1.87 10.63
CA LEU A 73 10.44 -2.68 10.30
C LEU A 73 10.14 -3.67 11.42
N PRO A 74 8.90 -4.20 11.47
CA PRO A 74 8.49 -5.16 12.48
C PRO A 74 9.37 -6.40 12.49
N ASP A 75 8.87 -7.48 13.11
CA ASP A 75 9.62 -8.73 13.18
C ASP A 75 9.32 -9.62 11.98
N ASP A 76 8.08 -10.08 11.89
CA ASP A 76 7.65 -10.96 10.80
C ASP A 76 7.57 -10.18 9.49
N SER A 77 7.25 -8.90 9.58
CA SER A 77 7.14 -8.06 8.39
C SER A 77 8.45 -8.03 7.61
N LYS A 78 9.56 -8.22 8.32
CA LYS A 78 10.87 -8.23 7.70
C LYS A 78 10.96 -9.27 6.59
N ASP A 79 10.20 -10.35 6.74
CA ASP A 79 10.18 -11.42 5.75
C ASP A 79 9.48 -10.98 4.48
N THR A 80 8.23 -10.54 4.61
CA THR A 80 7.45 -10.10 3.48
C THR A 80 8.13 -8.94 2.76
N TRP A 81 8.88 -8.13 3.51
CA TRP A 81 9.57 -6.99 2.94
C TRP A 81 10.54 -7.43 1.84
N LYS A 82 11.34 -8.44 2.13
CA LYS A 82 12.30 -8.96 1.16
C LYS A 82 11.60 -9.74 0.06
N LYS A 83 10.44 -10.32 0.38
CA LYS A 83 9.67 -11.09 -0.59
C LYS A 83 9.07 -10.19 -1.66
N ARG A 84 9.12 -8.88 -1.44
CA ARG A 84 8.57 -7.92 -2.40
C ARG A 84 9.11 -8.18 -3.81
N GLY A 85 10.38 -8.55 -3.89
CA GLY A 85 10.98 -8.83 -5.17
C GLY A 85 10.52 -10.13 -5.77
N ASN A 86 9.98 -11.02 -4.94
CA ASN A 86 9.50 -12.31 -5.40
C ASN A 86 8.10 -12.18 -6.00
N VAL A 87 7.24 -11.45 -5.32
CA VAL A 87 5.87 -11.23 -5.78
C VAL A 87 5.85 -10.48 -7.11
N GLU A 88 4.65 -10.22 -7.62
CA GLU A 88 4.49 -9.50 -8.88
C GLU A 88 4.02 -8.07 -8.65
N TYR A 89 2.72 -7.92 -8.39
CA TYR A 89 2.15 -6.61 -8.15
C TYR A 89 2.34 -6.17 -6.70
N VAL A 90 2.07 -4.90 -6.43
CA VAL A 90 2.21 -4.36 -5.08
C VAL A 90 1.07 -3.41 -4.75
N VAL A 91 0.78 -3.26 -3.46
CA VAL A 91 -0.29 -2.38 -3.02
C VAL A 91 0.03 -1.75 -1.66
N LEU A 92 -0.51 -0.57 -1.41
CA LEU A 92 -0.29 0.14 -0.15
C LEU A 92 -1.62 0.50 0.51
N LEU A 93 -1.54 1.07 1.71
CA LEU A 93 -2.74 1.46 2.44
C LEU A 93 -2.57 2.84 3.07
N ASP A 94 -3.63 3.34 3.70
CA ASP A 94 -3.59 4.63 4.34
C ASP A 94 -4.93 4.94 5.03
N TRP A 95 -5.02 6.11 5.65
CA TRP A 95 -6.23 6.52 6.34
C TRP A 95 -7.12 7.35 5.43
N PHE A 96 -6.55 8.42 4.87
CA PHE A 96 -7.29 9.30 3.98
C PHE A 96 -6.37 9.94 2.97
N SER A 97 -5.93 9.17 1.99
CA SER A 97 -5.03 9.66 0.95
C SER A 97 -4.87 8.64 -0.17
N SER A 98 -5.43 8.94 -1.33
CA SER A 98 -5.35 8.06 -2.49
C SER A 98 -4.13 8.38 -3.34
N ALA A 99 -3.95 7.63 -4.42
CA ALA A 99 -2.82 7.85 -5.33
C ALA A 99 -2.81 9.28 -5.85
N LYS A 100 -3.98 9.90 -5.92
CA LYS A 100 -4.09 11.26 -6.41
C LYS A 100 -3.75 12.27 -5.32
N ASP A 101 -3.94 11.88 -4.07
CA ASP A 101 -3.66 12.75 -2.93
C ASP A 101 -2.26 12.49 -2.38
N LEU A 102 -1.39 11.87 -3.19
CA LEU A 102 -0.02 11.58 -2.78
C LEU A 102 0.86 12.81 -2.90
N GLN A 103 0.70 13.75 -1.97
CA GLN A 103 1.48 14.97 -1.98
C GLN A 103 2.90 14.71 -1.49
N ILE A 104 3.81 15.62 -1.82
CA ILE A 104 5.21 15.49 -1.40
C ILE A 104 5.34 15.46 0.11
N GLY A 105 5.91 14.38 0.63
CA GLY A 105 6.08 14.25 2.06
C GLY A 105 5.11 13.26 2.68
N THR A 106 4.67 12.30 1.88
CA THR A 106 3.73 11.28 2.36
C THR A 106 4.38 9.91 2.39
N THR A 107 3.90 9.05 3.29
CA THR A 107 4.43 7.70 3.41
C THR A 107 4.10 6.86 2.18
N LEU A 108 2.96 7.16 1.56
CA LEU A 108 2.54 6.43 0.37
C LEU A 108 3.36 6.84 -0.85
N ARG A 109 3.62 8.13 -0.97
CA ARG A 109 4.39 8.66 -2.10
C ARG A 109 5.88 8.35 -1.93
N SER A 110 6.41 8.68 -0.76
CA SER A 110 7.82 8.43 -0.47
C SER A 110 8.15 6.94 -0.58
N LEU A 111 7.22 6.11 -0.13
CA LEU A 111 7.40 4.66 -0.17
C LEU A 111 7.34 4.14 -1.61
N LYS A 112 6.55 4.82 -2.44
CA LYS A 112 6.40 4.43 -3.83
C LYS A 112 7.70 4.62 -4.60
N ASP A 113 8.50 5.61 -4.18
CA ASP A 113 9.77 5.90 -4.83
C ASP A 113 10.93 5.21 -4.11
N ALA A 114 10.66 4.69 -2.91
CA ALA A 114 11.68 4.00 -2.13
C ALA A 114 11.67 2.50 -2.37
N LEU A 115 11.07 2.09 -3.48
CA LEU A 115 10.99 0.67 -3.83
C LEU A 115 11.37 0.43 -5.28
N PHE A 116 10.84 1.26 -6.18
CA PHE A 116 11.12 1.13 -7.60
C PHE A 116 12.07 2.25 -8.06
N LYS A 117 11.72 3.49 -7.72
CA LYS A 117 12.52 4.64 -8.10
C LYS A 117 13.94 4.52 -7.55
N TRP A 118 14.05 4.28 -6.25
CA TRP A 118 15.34 4.15 -5.60
C TRP A 118 15.64 2.69 -5.29
N GLU A 119 16.52 2.09 -6.07
CA GLU A 119 16.89 0.69 -5.88
C GLU A 119 18.00 0.28 -6.85
N SER A 120 18.29 -1.02 -6.90
CA SER A 120 19.33 -1.53 -7.78
C SER A 120 19.31 -3.06 -7.79
N LYS A 121 19.19 -3.65 -6.62
CA LYS A 121 19.17 -5.11 -6.49
C LYS A 121 17.76 -5.65 -6.68
N THR A 122 16.89 -5.36 -5.72
CA THR A 122 15.51 -5.82 -5.78
C THR A 122 14.63 -4.82 -6.53
N VAL A 123 13.81 -5.32 -7.44
CA VAL A 123 12.93 -4.47 -8.22
C VAL A 123 11.63 -5.19 -8.59
N LEU A 124 10.51 -4.50 -8.50
CA LEU A 124 9.21 -5.08 -8.82
C LEU A 124 8.95 -5.00 -10.31
N ARG A 125 7.89 -5.67 -10.76
CA ARG A 125 7.53 -5.68 -12.18
C ARG A 125 6.74 -4.43 -12.54
N ASN A 126 5.93 -3.96 -11.60
CA ASN A 126 5.11 -2.77 -11.82
C ASN A 126 5.34 -1.75 -10.71
N GLU A 127 4.73 -0.58 -10.86
CA GLU A 127 4.86 0.49 -9.87
C GLU A 127 3.93 0.23 -8.67
N PRO A 128 4.41 0.53 -7.45
CA PRO A 128 3.62 0.33 -6.23
C PRO A 128 2.26 1.01 -6.31
N LEU A 129 1.20 0.22 -6.18
CA LEU A 129 -0.16 0.74 -6.24
C LEU A 129 -0.68 1.09 -4.84
N VAL A 130 -1.73 1.88 -4.79
CA VAL A 130 -2.32 2.29 -3.51
C VAL A 130 -3.83 2.12 -3.53
N LEU A 131 -4.37 1.57 -2.46
CA LEU A 131 -5.82 1.35 -2.35
C LEU A 131 -6.57 2.67 -2.46
N GLU A 132 -7.75 2.62 -3.07
CA GLU A 132 -8.57 3.81 -3.23
C GLU A 132 -9.22 4.22 -1.91
N GLY A 133 -8.50 5.05 -1.14
CA GLY A 133 -9.00 5.51 0.13
C GLY A 133 -8.18 5.00 1.30
N GLY A 134 -7.67 3.78 1.17
CA GLY A 134 -6.85 3.21 2.23
C GLY A 134 -7.63 2.23 3.09
N TYR A 135 -7.16 2.01 4.32
CA TYR A 135 -7.82 1.10 5.24
C TYR A 135 -9.24 1.55 5.54
N GLU A 136 -9.42 2.86 5.69
CA GLU A 136 -10.73 3.43 5.98
C GLU A 136 -11.75 3.03 4.92
N ASN A 137 -11.27 2.86 3.69
CA ASN A 137 -12.13 2.48 2.58
C ASN A 137 -12.32 0.97 2.52
N TRP A 138 -11.30 0.24 2.96
CA TRP A 138 -11.36 -1.22 2.96
C TRP A 138 -12.39 -1.73 3.96
N LEU A 139 -12.51 -1.02 5.08
CA LEU A 139 -13.47 -1.40 6.12
C LEU A 139 -14.89 -1.31 5.61
N LEU A 140 -15.12 -0.39 4.68
CA LEU A 140 -16.45 -0.19 4.10
C LEU A 140 -16.74 -1.24 3.03
N CYS A 141 -15.69 -1.69 2.35
CA CYS A 141 -15.83 -2.70 1.31
C CYS A 141 -15.80 -4.11 1.90
N TYR A 142 -14.74 -4.41 2.63
CA TYR A 142 -14.59 -5.72 3.25
C TYR A 142 -14.21 -5.59 4.72
N PRO A 143 -15.19 -5.35 5.60
CA PRO A 143 -14.95 -5.22 7.04
C PRO A 143 -14.60 -6.54 7.70
N GLN A 144 -15.10 -7.63 7.12
CA GLN A 144 -14.84 -8.96 7.65
C GLN A 144 -13.45 -9.45 7.27
N TYR A 145 -12.82 -8.80 6.29
CA TYR A 145 -11.49 -9.18 5.84
C TYR A 145 -10.42 -8.35 6.55
N THR A 146 -10.61 -8.13 7.85
CA THR A 146 -9.66 -7.36 8.64
C THR A 146 -9.53 -7.94 10.04
N THR A 147 -8.39 -7.70 10.67
CA THR A 147 -8.14 -8.19 12.02
C THR A 147 -8.93 -7.39 13.05
N ASN A 148 -9.13 -6.11 12.77
CA ASN A 148 -9.87 -5.23 13.67
C ASN A 148 -10.65 -4.19 12.89
N ALA A 149 -11.97 -4.36 12.85
CA ALA A 149 -12.84 -3.44 12.14
C ALA A 149 -13.62 -2.56 13.10
N LYS A 150 -12.98 -2.23 14.22
CA LYS A 150 -13.61 -1.38 15.24
C LYS A 150 -12.78 -0.13 15.50
N VAL A 151 -12.86 0.83 14.59
CA VAL A 151 -12.11 2.08 14.72
C VAL A 151 -13.03 3.28 14.55
N SER A 152 -12.58 4.43 15.05
CA SER A 152 -13.35 5.66 14.96
C SER A 152 -13.03 6.40 13.66
N GLY A 153 -11.79 6.30 13.22
CA GLY A 153 -11.39 6.97 12.00
C GLY A 153 -11.18 8.47 12.19
N PRO A 154 -10.06 8.87 12.82
CA PRO A 154 -9.76 10.29 13.05
C PRO A 154 -9.41 11.03 11.77
N SER A 155 -10.28 11.97 11.37
CA SER A 155 -10.06 12.74 10.16
C SER A 155 -8.98 13.79 10.38
N SER A 156 -8.69 14.58 9.35
CA SER A 156 -7.68 15.62 9.42
C SER A 156 -7.83 16.61 8.28
N GLY A 157 -9.07 16.84 7.86
CA GLY A 157 -9.33 17.77 6.79
C GLY A 157 -9.44 17.09 5.43
N GLY A 1 -25.08 15.83 -13.43
CA GLY A 1 -23.67 15.60 -13.87
C GLY A 1 -23.21 16.67 -14.86
N SER A 2 -21.94 16.57 -15.27
CA SER A 2 -21.38 17.52 -16.22
C SER A 2 -21.81 17.18 -17.64
N SER A 3 -21.94 15.90 -17.94
CA SER A 3 -22.36 15.45 -19.26
C SER A 3 -23.76 14.87 -19.22
N GLY A 4 -23.91 13.72 -18.57
CA GLY A 4 -25.20 13.07 -18.47
C GLY A 4 -25.52 12.24 -19.69
N SER A 5 -25.55 12.90 -20.86
CA SER A 5 -25.86 12.20 -22.12
C SER A 5 -24.71 12.35 -23.10
N SER A 6 -24.27 11.23 -23.65
CA SER A 6 -23.17 11.22 -24.62
C SER A 6 -21.90 11.79 -24.00
N GLY A 7 -20.78 11.64 -24.70
CA GLY A 7 -19.52 12.13 -24.20
C GLY A 7 -18.70 11.06 -23.51
N LYS A 8 -17.40 11.30 -23.38
CA LYS A 8 -16.51 10.35 -22.73
C LYS A 8 -15.45 11.07 -21.91
N CYS A 9 -15.57 11.00 -20.59
CA CYS A 9 -14.62 11.65 -19.69
C CYS A 9 -14.05 10.65 -18.69
N GLU A 10 -12.73 10.54 -18.65
CA GLU A 10 -12.07 9.63 -17.73
C GLU A 10 -10.68 10.14 -17.37
N THR A 11 -10.06 9.50 -16.38
CA THR A 11 -8.73 9.90 -15.92
C THR A 11 -7.68 8.88 -16.37
N LYS A 12 -8.03 7.60 -16.29
CA LYS A 12 -7.12 6.53 -16.68
C LYS A 12 -5.84 6.57 -15.86
N GLU A 13 -5.85 5.90 -14.71
CA GLU A 13 -4.68 5.85 -13.84
C GLU A 13 -3.86 4.59 -14.08
N LYS A 14 -2.64 4.59 -13.56
CA LYS A 14 -1.75 3.44 -13.72
C LYS A 14 -1.23 2.98 -12.37
N GLY A 15 -0.80 3.93 -11.54
CA GLY A 15 -0.28 3.59 -10.22
C GLY A 15 -1.34 3.66 -9.14
N ALA A 16 -2.53 3.13 -9.45
CA ALA A 16 -3.64 3.13 -8.50
C ALA A 16 -4.46 1.86 -8.62
N ILE A 17 -4.57 1.13 -7.51
CA ILE A 17 -5.33 -0.11 -7.49
C ILE A 17 -6.56 0.02 -6.59
N THR A 18 -7.74 -0.20 -7.16
CA THR A 18 -8.99 -0.12 -6.42
C THR A 18 -9.16 -1.33 -5.50
N ALA A 19 -10.00 -1.17 -4.49
CA ALA A 19 -10.26 -2.25 -3.54
C ALA A 19 -10.82 -3.48 -4.25
N LYS A 20 -11.55 -3.26 -5.33
CA LYS A 20 -12.14 -4.35 -6.09
C LYS A 20 -11.06 -5.20 -6.75
N GLU A 21 -10.13 -4.54 -7.42
CA GLU A 21 -9.04 -5.24 -8.10
C GLU A 21 -8.21 -6.04 -7.10
N LEU A 22 -8.02 -5.47 -5.91
CA LEU A 22 -7.24 -6.13 -4.87
C LEU A 22 -7.87 -7.46 -4.48
N TYR A 23 -9.18 -7.45 -4.28
CA TYR A 23 -9.91 -8.67 -3.91
C TYR A 23 -9.75 -9.75 -4.97
N THR A 24 -9.72 -9.33 -6.23
CA THR A 24 -9.58 -10.27 -7.34
C THR A 24 -8.20 -10.95 -7.31
N MET A 25 -7.18 -10.17 -6.97
CA MET A 25 -5.82 -10.69 -6.90
C MET A 25 -5.60 -11.47 -5.61
N MET A 26 -6.12 -10.95 -4.51
CA MET A 26 -5.99 -11.61 -3.22
C MET A 26 -6.67 -12.97 -3.22
N THR A 27 -7.72 -13.10 -4.00
CA THR A 27 -8.46 -14.37 -4.10
C THR A 27 -8.06 -15.13 -5.37
N ASP A 28 -6.80 -15.01 -5.75
CA ASP A 28 -6.30 -15.69 -6.93
C ASP A 28 -5.12 -16.59 -6.59
N LYS A 29 -5.11 -17.80 -7.16
CA LYS A 29 -4.03 -18.75 -6.91
C LYS A 29 -3.02 -18.73 -8.06
N ASN A 30 -2.89 -17.59 -8.72
CA ASN A 30 -1.95 -17.45 -9.82
C ASN A 30 -1.46 -16.02 -9.94
N ILE A 31 -1.53 -15.26 -8.85
CA ILE A 31 -1.09 -13.87 -8.84
C ILE A 31 -0.64 -13.45 -7.44
N SER A 32 0.61 -13.04 -7.32
CA SER A 32 1.16 -12.62 -6.04
C SER A 32 0.82 -11.15 -5.77
N LEU A 33 0.53 -10.84 -4.52
CA LEU A 33 0.19 -9.48 -4.13
C LEU A 33 0.48 -9.25 -2.64
N ILE A 34 1.15 -8.14 -2.34
CA ILE A 34 1.48 -7.80 -0.97
C ILE A 34 0.97 -6.42 -0.59
N ILE A 35 0.42 -6.31 0.62
CA ILE A 35 -0.12 -5.04 1.10
C ILE A 35 0.79 -4.43 2.17
N MET A 36 0.67 -3.12 2.37
CA MET A 36 1.48 -2.43 3.36
C MET A 36 0.64 -1.40 4.12
N ASP A 37 0.85 -1.33 5.44
CA ASP A 37 0.11 -0.40 6.27
C ASP A 37 0.99 0.78 6.67
N ALA A 38 0.95 1.84 5.87
CA ALA A 38 1.75 3.03 6.14
C ALA A 38 0.94 4.08 6.90
N ARG A 39 0.92 3.94 8.23
CA ARG A 39 0.19 4.87 9.07
C ARG A 39 0.94 5.12 10.38
N ARG A 40 1.15 4.06 11.15
CA ARG A 40 1.84 4.16 12.42
C ARG A 40 2.01 2.79 13.08
N MET A 41 2.96 2.68 13.99
CA MET A 41 3.21 1.42 14.69
C MET A 41 2.02 1.04 15.56
N GLN A 42 1.31 2.04 16.08
CA GLN A 42 0.15 1.80 16.93
C GLN A 42 -1.07 1.46 16.09
N ASP A 43 -1.14 2.01 14.88
CA ASP A 43 -2.26 1.75 13.98
C ASP A 43 -2.32 0.29 13.59
N TYR A 44 -1.16 -0.29 13.27
CA TYR A 44 -1.09 -1.69 12.88
C TYR A 44 -1.50 -2.60 14.03
N GLN A 45 -1.16 -2.20 15.25
CA GLN A 45 -1.50 -2.98 16.43
C GLN A 45 -2.98 -2.89 16.74
N ASP A 46 -3.58 -1.75 16.41
CA ASP A 46 -5.00 -1.54 16.64
C ASP A 46 -5.85 -2.10 15.49
N SER A 47 -5.54 -1.68 14.28
CA SER A 47 -6.26 -2.14 13.10
C SER A 47 -5.29 -2.46 11.96
N CYS A 48 -5.58 -3.53 11.23
CA CYS A 48 -4.74 -3.94 10.11
C CYS A 48 -5.35 -5.13 9.37
N ILE A 49 -5.04 -5.24 8.09
CA ILE A 49 -5.57 -6.32 7.27
C ILE A 49 -4.91 -7.65 7.64
N LEU A 50 -5.61 -8.74 7.36
CA LEU A 50 -5.10 -10.08 7.66
C LEU A 50 -3.79 -10.34 6.93
N HIS A 51 -3.88 -10.62 5.64
CA HIS A 51 -2.70 -10.89 4.83
C HIS A 51 -2.11 -9.59 4.28
N SER A 52 -1.46 -8.83 5.15
CA SER A 52 -0.85 -7.56 4.75
C SER A 52 0.43 -7.30 5.53
N LEU A 53 1.21 -6.33 5.07
CA LEU A 53 2.47 -5.99 5.73
C LEU A 53 2.31 -4.72 6.58
N SER A 54 3.26 -4.49 7.46
CA SER A 54 3.23 -3.33 8.34
C SER A 54 4.55 -2.58 8.30
N VAL A 55 4.48 -1.24 8.33
CA VAL A 55 5.68 -0.42 8.31
C VAL A 55 5.47 0.87 9.11
N PRO A 56 6.33 1.12 10.11
CA PRO A 56 6.23 2.33 10.95
C PRO A 56 6.20 3.61 10.13
N GLU A 57 5.63 4.66 10.70
CA GLU A 57 5.54 5.94 10.01
C GLU A 57 6.87 6.67 10.02
N GLU A 58 7.55 6.63 11.17
CA GLU A 58 8.85 7.28 11.32
C GLU A 58 9.86 6.70 10.35
N ALA A 59 9.74 5.40 10.07
CA ALA A 59 10.65 4.72 9.15
C ALA A 59 10.53 5.29 7.74
N ILE A 60 9.34 5.78 7.40
CA ILE A 60 9.11 6.35 6.08
C ILE A 60 9.25 7.87 6.11
N SER A 61 10.44 8.35 5.77
CA SER A 61 10.71 9.79 5.75
C SER A 61 10.42 10.38 4.37
N PRO A 62 10.35 11.72 4.28
CA PRO A 62 10.07 12.41 3.02
C PRO A 62 11.22 12.26 2.02
N GLY A 63 11.31 11.10 1.40
CA GLY A 63 12.36 10.85 0.43
C GLY A 63 13.41 9.88 0.96
N VAL A 64 13.12 8.59 0.86
CA VAL A 64 14.05 7.56 1.32
C VAL A 64 14.17 6.43 0.30
N THR A 65 14.99 5.44 0.63
CA THR A 65 15.21 4.30 -0.25
C THR A 65 14.69 3.01 0.39
N ALA A 66 14.93 1.89 -0.28
CA ALA A 66 14.48 0.60 0.23
C ALA A 66 15.29 0.18 1.45
N SER A 67 16.56 0.56 1.47
CA SER A 67 17.45 0.23 2.58
C SER A 67 16.95 0.87 3.87
N TRP A 68 16.35 2.05 3.75
CA TRP A 68 15.83 2.77 4.92
C TRP A 68 14.71 1.99 5.58
N ILE A 69 13.69 1.64 4.80
CA ILE A 69 12.55 0.89 5.32
C ILE A 69 12.95 -0.54 5.69
N GLU A 70 13.73 -1.17 4.81
CA GLU A 70 14.19 -2.54 5.05
C GLU A 70 14.91 -2.66 6.38
N ALA A 71 15.51 -1.56 6.83
CA ALA A 71 16.24 -1.54 8.09
C ALA A 71 15.31 -1.30 9.27
N HIS A 72 14.28 -0.48 9.04
CA HIS A 72 13.32 -0.16 10.09
C HIS A 72 11.98 -0.85 9.83
N LEU A 73 11.84 -2.06 10.37
CA LEU A 73 10.60 -2.83 10.20
C LEU A 73 10.47 -3.89 11.29
N PRO A 74 9.25 -4.41 11.51
CA PRO A 74 9.00 -5.43 12.52
C PRO A 74 9.89 -6.66 12.34
N ASP A 75 9.55 -7.74 13.05
CA ASP A 75 10.32 -8.97 12.96
C ASP A 75 9.77 -9.88 11.86
N ASP A 76 8.47 -10.11 11.87
CA ASP A 76 7.82 -10.96 10.88
C ASP A 76 7.54 -10.19 9.60
N SER A 77 7.30 -8.89 9.73
CA SER A 77 7.01 -8.04 8.59
C SER A 77 8.25 -7.85 7.72
N LYS A 78 9.42 -7.88 8.36
CA LYS A 78 10.68 -7.70 7.64
C LYS A 78 10.91 -8.84 6.65
N ASP A 79 10.39 -10.02 6.97
CA ASP A 79 10.53 -11.18 6.11
C ASP A 79 9.83 -10.97 4.77
N THR A 80 8.53 -10.72 4.84
CA THR A 80 7.74 -10.50 3.63
C THR A 80 8.26 -9.30 2.84
N TRP A 81 8.87 -8.36 3.54
CA TRP A 81 9.43 -7.16 2.91
C TRP A 81 10.45 -7.53 1.84
N LYS A 82 11.20 -8.60 2.10
CA LYS A 82 12.23 -9.06 1.16
C LYS A 82 11.61 -9.89 0.04
N LYS A 83 10.37 -10.36 0.25
CA LYS A 83 9.68 -11.17 -0.74
C LYS A 83 8.90 -10.30 -1.73
N ARG A 84 9.13 -8.99 -1.67
CA ARG A 84 8.43 -8.06 -2.57
C ARG A 84 8.91 -8.24 -4.00
N GLY A 85 10.16 -8.64 -4.17
CA GLY A 85 10.71 -8.85 -5.49
C GLY A 85 10.24 -10.14 -6.13
N ASN A 86 9.81 -11.09 -5.30
CA ASN A 86 9.34 -12.38 -5.79
C ASN A 86 7.91 -12.27 -6.32
N VAL A 87 7.08 -11.51 -5.61
CA VAL A 87 5.69 -11.33 -6.01
C VAL A 87 5.59 -10.71 -7.40
N GLU A 88 4.37 -10.49 -7.86
CA GLU A 88 4.14 -9.91 -9.19
C GLU A 88 3.55 -8.51 -9.07
N TYR A 89 2.75 -8.28 -8.02
CA TYR A 89 2.13 -6.99 -7.80
C TYR A 89 2.32 -6.52 -6.36
N VAL A 90 2.10 -5.23 -6.13
CA VAL A 90 2.24 -4.66 -4.79
C VAL A 90 1.13 -3.66 -4.51
N VAL A 91 0.82 -3.48 -3.23
CA VAL A 91 -0.23 -2.55 -2.82
C VAL A 91 0.09 -1.91 -1.48
N LEU A 92 -0.43 -0.70 -1.27
CA LEU A 92 -0.20 0.03 -0.02
C LEU A 92 -1.52 0.41 0.63
N LEU A 93 -1.43 1.05 1.79
CA LEU A 93 -2.63 1.47 2.52
C LEU A 93 -2.45 2.90 3.06
N ASP A 94 -3.51 3.41 3.66
CA ASP A 94 -3.49 4.76 4.24
C ASP A 94 -4.81 5.10 4.91
N TRP A 95 -4.90 6.30 5.46
CA TRP A 95 -6.11 6.75 6.15
C TRP A 95 -6.99 7.57 5.21
N PHE A 96 -6.38 8.52 4.52
CA PHE A 96 -7.10 9.38 3.59
C PHE A 96 -6.16 9.97 2.55
N SER A 97 -5.11 9.22 2.21
CA SER A 97 -4.14 9.66 1.22
C SER A 97 -4.12 8.73 0.02
N SER A 98 -4.81 9.12 -1.04
CA SER A 98 -4.87 8.31 -2.26
C SER A 98 -3.71 8.66 -3.19
N ALA A 99 -3.57 7.87 -4.26
CA ALA A 99 -2.51 8.10 -5.23
C ALA A 99 -2.58 9.51 -5.81
N LYS A 100 -3.78 10.08 -5.82
CA LYS A 100 -3.98 11.43 -6.35
C LYS A 100 -3.80 12.48 -5.26
N ASP A 101 -3.98 12.07 -4.00
CA ASP A 101 -3.84 12.99 -2.87
C ASP A 101 -2.42 12.94 -2.29
N LEU A 102 -1.46 12.47 -3.08
CA LEU A 102 -0.09 12.37 -2.63
C LEU A 102 0.63 13.71 -2.83
N GLN A 103 0.82 14.44 -1.74
CA GLN A 103 1.49 15.73 -1.78
C GLN A 103 2.98 15.59 -1.49
N ILE A 104 3.70 16.71 -1.52
CA ILE A 104 5.13 16.70 -1.26
C ILE A 104 5.42 16.52 0.22
N GLY A 105 5.83 15.31 0.60
CA GLY A 105 6.13 15.02 1.99
C GLY A 105 5.13 14.08 2.62
N THR A 106 4.57 13.18 1.81
CA THR A 106 3.59 12.22 2.30
C THR A 106 4.26 10.92 2.73
N THR A 107 3.45 9.92 3.07
CA THR A 107 3.98 8.63 3.50
C THR A 107 3.93 7.62 2.36
N LEU A 108 2.96 7.77 1.46
CA LEU A 108 2.81 6.87 0.33
C LEU A 108 3.78 7.25 -0.79
N ARG A 109 3.97 8.54 -1.00
CA ARG A 109 4.87 9.02 -2.04
C ARG A 109 6.29 8.50 -1.81
N SER A 110 6.84 8.80 -0.64
CA SER A 110 8.19 8.36 -0.31
C SER A 110 8.26 6.84 -0.25
N LEU A 111 7.17 6.21 0.17
CA LEU A 111 7.11 4.76 0.27
C LEU A 111 7.06 4.12 -1.12
N LYS A 112 6.31 4.76 -2.02
CA LYS A 112 6.17 4.25 -3.38
C LYS A 112 7.44 4.50 -4.18
N ASP A 113 8.12 5.60 -3.87
CA ASP A 113 9.35 5.96 -4.56
C ASP A 113 10.54 5.16 -4.03
N ALA A 114 10.39 4.60 -2.83
CA ALA A 114 11.45 3.82 -2.22
C ALA A 114 11.30 2.34 -2.53
N LEU A 115 10.55 2.03 -3.58
CA LEU A 115 10.34 0.64 -3.99
C LEU A 115 10.75 0.42 -5.43
N PHE A 116 10.40 1.36 -6.30
CA PHE A 116 10.73 1.27 -7.72
C PHE A 116 11.72 2.35 -8.13
N LYS A 117 11.36 3.60 -7.83
CA LYS A 117 12.21 4.74 -8.16
C LYS A 117 13.61 4.58 -7.57
N TRP A 118 13.66 4.26 -6.28
CA TRP A 118 14.94 4.07 -5.60
C TRP A 118 15.33 2.59 -5.57
N GLU A 119 15.86 2.11 -6.68
CA GLU A 119 16.28 0.70 -6.78
C GLU A 119 17.71 0.53 -6.30
N SER A 120 18.18 -0.71 -6.29
CA SER A 120 19.54 -1.01 -5.85
C SER A 120 19.86 -2.48 -6.07
N LYS A 121 18.96 -3.36 -5.64
CA LYS A 121 19.15 -4.79 -5.78
C LYS A 121 17.85 -5.47 -6.21
N THR A 122 16.80 -5.28 -5.43
CA THR A 122 15.50 -5.87 -5.73
C THR A 122 14.78 -5.09 -6.83
N VAL A 123 14.06 -5.79 -7.69
CA VAL A 123 13.33 -5.15 -8.77
C VAL A 123 11.92 -5.73 -8.90
N LEU A 124 10.92 -4.93 -8.57
CA LEU A 124 9.52 -5.36 -8.64
C LEU A 124 9.07 -5.46 -10.09
N ARG A 125 8.07 -6.31 -10.34
CA ARG A 125 7.55 -6.49 -11.69
C ARG A 125 6.86 -5.23 -12.18
N ASN A 126 5.87 -4.76 -11.42
CA ASN A 126 5.13 -3.55 -11.79
C ASN A 126 5.32 -2.46 -10.74
N GLU A 127 4.92 -1.25 -11.08
CA GLU A 127 5.04 -0.11 -10.16
C GLU A 127 4.06 -0.26 -8.99
N PRO A 128 4.53 -0.04 -7.75
CA PRO A 128 3.68 -0.15 -6.56
C PRO A 128 2.41 0.69 -6.67
N LEU A 129 1.29 0.12 -6.22
CA LEU A 129 0.00 0.81 -6.27
C LEU A 129 -0.53 1.06 -4.87
N VAL A 130 -1.50 1.97 -4.76
CA VAL A 130 -2.11 2.29 -3.47
C VAL A 130 -3.62 2.06 -3.51
N LEU A 131 -4.14 1.46 -2.45
CA LEU A 131 -5.57 1.19 -2.34
C LEU A 131 -6.37 2.48 -2.41
N GLU A 132 -7.58 2.40 -2.96
CA GLU A 132 -8.45 3.56 -3.07
C GLU A 132 -9.00 3.95 -1.71
N GLY A 133 -8.31 4.88 -1.05
CA GLY A 133 -8.75 5.34 0.26
C GLY A 133 -7.88 4.80 1.38
N GLY A 134 -7.33 3.60 1.17
CA GLY A 134 -6.47 2.99 2.17
C GLY A 134 -7.21 2.02 3.05
N TYR A 135 -6.94 2.06 4.35
CA TYR A 135 -7.58 1.16 5.31
C TYR A 135 -9.00 1.65 5.62
N GLU A 136 -9.17 2.95 5.72
CA GLU A 136 -10.48 3.54 6.02
C GLU A 136 -11.52 3.09 5.00
N ASN A 137 -11.07 2.86 3.76
CA ASN A 137 -11.97 2.42 2.69
C ASN A 137 -12.06 0.91 2.65
N TRP A 138 -10.99 0.24 3.06
CA TRP A 138 -10.94 -1.22 3.07
C TRP A 138 -12.04 -1.80 3.96
N LEU A 139 -12.32 -1.11 5.07
CA LEU A 139 -13.35 -1.56 6.00
C LEU A 139 -14.73 -1.38 5.40
N LEU A 140 -14.90 -0.32 4.61
CA LEU A 140 -16.19 -0.04 3.97
C LEU A 140 -16.41 -0.95 2.78
N CYS A 141 -15.33 -1.31 2.10
CA CYS A 141 -15.41 -2.19 0.93
C CYS A 141 -15.39 -3.65 1.36
N TYR A 142 -14.57 -3.97 2.35
CA TYR A 142 -14.45 -5.34 2.85
C TYR A 142 -14.10 -5.34 4.34
N PRO A 143 -15.10 -5.12 5.20
CA PRO A 143 -14.89 -5.11 6.66
C PRO A 143 -14.57 -6.50 7.21
N GLN A 144 -15.01 -7.53 6.51
CA GLN A 144 -14.78 -8.90 6.92
C GLN A 144 -13.49 -9.45 6.29
N TYR A 145 -12.42 -8.67 6.39
CA TYR A 145 -11.13 -9.08 5.83
C TYR A 145 -9.97 -8.43 6.58
N THR A 146 -10.19 -8.19 7.88
CA THR A 146 -9.16 -7.58 8.71
C THR A 146 -8.96 -8.38 10.00
N THR A 147 -7.83 -8.15 10.65
CA THR A 147 -7.51 -8.85 11.89
C THR A 147 -8.37 -8.34 13.05
N ASN A 148 -8.68 -7.04 13.02
CA ASN A 148 -9.49 -6.43 14.06
C ASN A 148 -10.82 -5.93 13.49
N ALA A 149 -10.75 -4.92 12.63
CA ALA A 149 -11.94 -4.36 12.01
C ALA A 149 -12.90 -3.82 13.07
N LYS A 150 -12.35 -3.37 14.19
CA LYS A 150 -13.14 -2.82 15.27
C LYS A 150 -12.83 -1.34 15.49
N VAL A 151 -13.26 -0.50 14.55
CA VAL A 151 -13.02 0.93 14.63
C VAL A 151 -14.08 1.70 13.86
N SER A 152 -14.52 2.83 14.41
CA SER A 152 -15.53 3.65 13.77
C SER A 152 -14.89 4.81 13.02
N GLY A 153 -13.64 4.63 12.59
CA GLY A 153 -12.94 5.65 11.86
C GLY A 153 -12.90 6.98 12.60
N PRO A 154 -12.58 8.09 11.92
CA PRO A 154 -12.52 9.41 12.53
C PRO A 154 -13.90 9.96 12.87
N SER A 155 -14.05 10.45 14.10
CA SER A 155 -15.32 11.01 14.54
C SER A 155 -15.11 12.20 15.47
N SER A 156 -15.50 13.38 15.00
CA SER A 156 -15.34 14.60 15.79
C SER A 156 -16.55 15.52 15.61
N GLY A 157 -16.69 16.47 16.52
CA GLY A 157 -17.81 17.40 16.44
C GLY A 157 -17.38 18.84 16.64
N GLY A 1 10.45 -9.73 -28.29
CA GLY A 1 9.36 -10.38 -29.08
C GLY A 1 9.37 -9.97 -30.54
N SER A 2 8.29 -10.27 -31.25
CA SER A 2 8.19 -9.94 -32.67
C SER A 2 6.90 -9.18 -32.96
N SER A 3 6.46 -8.38 -31.99
CA SER A 3 5.24 -7.60 -32.12
C SER A 3 4.04 -8.50 -32.39
N GLY A 4 3.16 -8.61 -31.39
CA GLY A 4 1.99 -9.45 -31.53
C GLY A 4 0.95 -9.18 -30.45
N SER A 5 1.41 -9.02 -29.22
CA SER A 5 0.53 -8.76 -28.09
C SER A 5 0.46 -7.26 -27.78
N SER A 6 0.51 -6.45 -28.82
CA SER A 6 0.46 -5.00 -28.67
C SER A 6 -0.93 -4.47 -28.98
N GLY A 7 -1.63 -3.98 -27.95
CA GLY A 7 -2.96 -3.45 -28.14
C GLY A 7 -3.17 -2.14 -27.41
N LYS A 8 -4.02 -1.28 -27.97
CA LYS A 8 -4.31 0.02 -27.36
C LYS A 8 -3.04 0.85 -27.26
N CYS A 9 -3.18 2.07 -26.74
CA CYS A 9 -2.05 2.97 -26.58
C CYS A 9 -2.47 4.26 -25.88
N GLU A 10 -3.13 4.12 -24.74
CA GLU A 10 -3.59 5.26 -23.97
C GLU A 10 -2.88 5.34 -22.62
N THR A 11 -3.13 6.42 -21.89
CA THR A 11 -2.52 6.62 -20.58
C THR A 11 -3.48 7.32 -19.63
N LYS A 12 -3.92 6.61 -18.59
CA LYS A 12 -4.84 7.17 -17.61
C LYS A 12 -4.11 7.52 -16.31
N GLU A 13 -3.63 6.49 -15.63
CA GLU A 13 -2.91 6.67 -14.38
C GLU A 13 -1.96 5.51 -14.10
N LYS A 14 -1.03 5.72 -13.18
CA LYS A 14 -0.07 4.68 -12.83
C LYS A 14 0.27 4.73 -11.34
N GLY A 15 -0.20 3.73 -10.60
CA GLY A 15 0.06 3.67 -9.17
C GLY A 15 -1.20 3.82 -8.36
N ALA A 16 -2.34 3.47 -8.94
CA ALA A 16 -3.63 3.57 -8.25
C ALA A 16 -4.43 2.29 -8.41
N ILE A 17 -4.86 1.72 -7.29
CA ILE A 17 -5.63 0.48 -7.30
C ILE A 17 -6.94 0.65 -6.51
N THR A 18 -7.95 -0.11 -6.90
CA THR A 18 -9.25 -0.06 -6.24
C THR A 18 -9.37 -1.13 -5.16
N ALA A 19 -10.50 -1.17 -4.48
CA ALA A 19 -10.74 -2.15 -3.43
C ALA A 19 -11.05 -3.52 -4.02
N LYS A 20 -11.68 -3.53 -5.19
CA LYS A 20 -12.04 -4.78 -5.85
C LYS A 20 -10.82 -5.40 -6.52
N GLU A 21 -9.95 -4.55 -7.06
CA GLU A 21 -8.75 -5.03 -7.73
C GLU A 21 -7.82 -5.74 -6.75
N LEU A 22 -7.84 -5.31 -5.49
CA LEU A 22 -7.01 -5.91 -4.46
C LEU A 22 -7.60 -7.24 -3.98
N TYR A 23 -8.92 -7.32 -3.99
CA TYR A 23 -9.61 -8.54 -3.55
C TYR A 23 -9.48 -9.64 -4.61
N THR A 24 -9.41 -9.24 -5.88
CA THR A 24 -9.28 -10.19 -6.97
C THR A 24 -7.87 -10.77 -7.03
N MET A 25 -6.88 -9.90 -6.92
CA MET A 25 -5.48 -10.33 -6.97
C MET A 25 -5.12 -11.12 -5.71
N MET A 26 -5.70 -10.74 -4.58
CA MET A 26 -5.44 -11.42 -3.31
C MET A 26 -5.84 -12.88 -3.39
N THR A 27 -7.07 -13.13 -3.83
CA THR A 27 -7.58 -14.49 -3.94
C THR A 27 -6.85 -15.26 -5.03
N ASP A 28 -6.46 -14.55 -6.09
CA ASP A 28 -5.74 -15.17 -7.20
C ASP A 28 -4.42 -15.76 -6.72
N LYS A 29 -4.34 -17.09 -6.70
CA LYS A 29 -3.13 -17.79 -6.27
C LYS A 29 -2.04 -17.69 -7.34
N ASN A 30 -2.46 -17.75 -8.60
CA ASN A 30 -1.53 -17.68 -9.71
C ASN A 30 -0.76 -16.37 -9.70
N ILE A 31 -1.42 -15.31 -9.22
CA ILE A 31 -0.80 -13.99 -9.16
C ILE A 31 -0.39 -13.65 -7.72
N SER A 32 0.79 -13.06 -7.58
CA SER A 32 1.30 -12.68 -6.27
C SER A 32 1.02 -11.21 -5.97
N LEU A 33 1.01 -10.86 -4.69
CA LEU A 33 0.76 -9.48 -4.28
C LEU A 33 1.14 -9.27 -2.82
N ILE A 34 1.41 -8.02 -2.46
CA ILE A 34 1.80 -7.69 -1.09
C ILE A 34 1.28 -6.32 -0.68
N ILE A 35 0.68 -6.24 0.50
CA ILE A 35 0.14 -4.99 1.00
C ILE A 35 0.99 -4.46 2.17
N MET A 36 0.96 -3.14 2.36
CA MET A 36 1.73 -2.51 3.43
C MET A 36 0.93 -1.37 4.07
N ASP A 37 1.04 -1.25 5.38
CA ASP A 37 0.35 -0.20 6.12
C ASP A 37 1.27 0.96 6.42
N ALA A 38 1.22 1.98 5.57
CA ALA A 38 2.06 3.17 5.74
C ALA A 38 1.51 4.08 6.83
N ARG A 39 1.48 3.58 8.06
CA ARG A 39 0.97 4.35 9.19
C ARG A 39 1.80 4.09 10.44
N ARG A 40 1.36 4.64 11.57
CA ARG A 40 2.06 4.47 12.83
C ARG A 40 1.96 3.03 13.32
N MET A 41 2.99 2.58 14.03
CA MET A 41 3.02 1.22 14.55
C MET A 41 1.82 0.96 15.47
N GLN A 42 1.39 2.00 16.17
CA GLN A 42 0.26 1.90 17.09
C GLN A 42 -1.03 1.62 16.32
N ASP A 43 -1.10 2.11 15.10
CA ASP A 43 -2.29 1.93 14.26
C ASP A 43 -2.41 0.48 13.82
N TYR A 44 -1.32 -0.07 13.31
CA TYR A 44 -1.31 -1.46 12.83
C TYR A 44 -1.69 -2.42 13.96
N GLN A 45 -1.19 -2.15 15.16
CA GLN A 45 -1.48 -2.98 16.32
C GLN A 45 -2.95 -2.89 16.70
N ASP A 46 -3.55 -1.72 16.45
CA ASP A 46 -4.95 -1.49 16.77
C ASP A 46 -5.86 -2.10 15.70
N SER A 47 -5.53 -1.85 14.44
CA SER A 47 -6.32 -2.37 13.33
C SER A 47 -5.43 -2.64 12.12
N CYS A 48 -5.82 -3.63 11.32
CA CYS A 48 -5.06 -3.99 10.13
C CYS A 48 -5.76 -5.12 9.36
N ILE A 49 -5.39 -5.28 8.10
CA ILE A 49 -5.98 -6.32 7.26
C ILE A 49 -5.40 -7.68 7.59
N LEU A 50 -6.13 -8.74 7.23
CA LEU A 50 -5.69 -10.10 7.48
C LEU A 50 -4.35 -10.39 6.79
N HIS A 51 -4.37 -10.45 5.47
CA HIS A 51 -3.17 -10.71 4.69
C HIS A 51 -2.55 -9.42 4.18
N SER A 52 -1.91 -8.68 5.08
CA SER A 52 -1.27 -7.42 4.74
C SER A 52 -0.04 -7.16 5.61
N LEU A 53 0.96 -6.51 5.03
CA LEU A 53 2.19 -6.20 5.75
C LEU A 53 2.06 -4.88 6.49
N SER A 54 3.04 -4.59 7.35
CA SER A 54 3.04 -3.35 8.12
C SER A 54 4.38 -2.65 8.04
N VAL A 55 4.35 -1.33 7.99
CA VAL A 55 5.58 -0.53 7.92
C VAL A 55 5.41 0.80 8.65
N PRO A 56 6.18 1.00 9.75
CA PRO A 56 6.12 2.24 10.53
C PRO A 56 6.14 3.49 9.66
N GLU A 57 5.49 4.54 10.13
CA GLU A 57 5.44 5.80 9.40
C GLU A 57 6.72 6.60 9.61
N GLU A 58 7.32 6.45 10.80
CA GLU A 58 8.55 7.16 11.13
C GLU A 58 9.73 6.59 10.34
N ALA A 59 9.73 5.28 10.15
CA ALA A 59 10.79 4.62 9.42
C ALA A 59 10.83 5.06 7.95
N ILE A 60 9.66 5.41 7.42
CA ILE A 60 9.56 5.86 6.04
C ILE A 60 9.81 7.36 5.94
N SER A 61 11.01 7.73 5.51
CA SER A 61 11.38 9.13 5.36
C SER A 61 11.01 9.66 3.97
N PRO A 62 10.68 10.95 3.87
CA PRO A 62 10.31 11.57 2.60
C PRO A 62 11.49 11.67 1.63
N GLY A 63 11.79 10.56 0.95
CA GLY A 63 12.89 10.55 0.01
C GLY A 63 14.01 9.62 0.43
N VAL A 64 13.69 8.34 0.54
CA VAL A 64 14.68 7.34 0.94
C VAL A 64 14.64 6.13 0.02
N THR A 65 15.51 5.15 0.30
CA THR A 65 15.58 3.95 -0.51
C THR A 65 15.12 2.73 0.29
N ALA A 66 15.05 1.58 -0.38
CA ALA A 66 14.62 0.35 0.28
C ALA A 66 15.54 -0.01 1.43
N SER A 67 16.83 0.32 1.29
CA SER A 67 17.80 0.03 2.33
C SER A 67 17.44 0.74 3.63
N TRP A 68 16.83 1.90 3.51
CA TRP A 68 16.42 2.68 4.68
C TRP A 68 15.29 1.98 5.44
N ILE A 69 14.18 1.76 4.75
CA ILE A 69 13.03 1.10 5.35
C ILE A 69 13.37 -0.32 5.79
N GLU A 70 14.11 -1.02 4.95
CA GLU A 70 14.51 -2.40 5.25
C GLU A 70 15.22 -2.48 6.60
N ALA A 71 15.86 -1.39 7.00
CA ALA A 71 16.57 -1.34 8.26
C ALA A 71 15.61 -1.14 9.43
N HIS A 72 14.50 -0.46 9.17
CA HIS A 72 13.50 -0.19 10.20
C HIS A 72 12.17 -0.84 9.84
N LEU A 73 11.95 -2.06 10.32
CA LEU A 73 10.71 -2.78 10.05
C LEU A 73 10.44 -3.82 11.13
N PRO A 74 9.16 -4.16 11.35
CA PRO A 74 8.77 -5.15 12.37
C PRO A 74 9.52 -6.47 12.22
N ASP A 75 9.14 -7.45 13.00
CA ASP A 75 9.78 -8.77 12.95
C ASP A 75 9.08 -9.69 11.94
N ASP A 76 7.77 -9.51 11.80
CA ASP A 76 6.99 -10.33 10.88
C ASP A 76 6.93 -9.67 9.50
N SER A 77 6.90 -8.35 9.47
CA SER A 77 6.83 -7.60 8.23
C SER A 77 8.14 -7.73 7.45
N LYS A 78 9.25 -7.78 8.17
CA LYS A 78 10.58 -7.89 7.55
C LYS A 78 10.67 -9.16 6.70
N ASP A 79 9.93 -10.19 7.11
CA ASP A 79 9.93 -11.46 6.38
C ASP A 79 9.36 -11.28 4.98
N THR A 80 8.13 -10.78 4.90
CA THR A 80 7.48 -10.55 3.61
C THR A 80 8.13 -9.41 2.85
N TRP A 81 8.73 -8.48 3.59
CA TRP A 81 9.39 -7.33 2.98
C TRP A 81 10.43 -7.77 1.96
N LYS A 82 11.31 -8.68 2.36
CA LYS A 82 12.35 -9.19 1.48
C LYS A 82 11.76 -9.98 0.31
N LYS A 83 10.49 -10.37 0.44
CA LYS A 83 9.81 -11.13 -0.60
C LYS A 83 9.15 -10.20 -1.62
N ARG A 84 9.44 -8.91 -1.54
CA ARG A 84 8.87 -7.94 -2.46
C ARG A 84 9.33 -8.20 -3.89
N GLY A 85 10.52 -8.76 -4.03
CA GLY A 85 11.06 -9.05 -5.34
C GLY A 85 10.65 -10.42 -5.85
N ASN A 86 9.71 -11.07 -5.16
CA ASN A 86 9.25 -12.39 -5.55
C ASN A 86 7.84 -12.31 -6.11
N VAL A 87 7.05 -11.37 -5.60
CA VAL A 87 5.67 -11.19 -6.05
C VAL A 87 5.63 -10.49 -7.40
N GLU A 88 4.41 -10.26 -7.90
CA GLU A 88 4.24 -9.60 -9.19
C GLU A 88 3.83 -8.14 -9.01
N TYR A 89 2.69 -7.93 -8.36
CA TYR A 89 2.18 -6.58 -8.11
C TYR A 89 2.41 -6.16 -6.68
N VAL A 90 2.16 -4.89 -6.38
CA VAL A 90 2.33 -4.35 -5.04
C VAL A 90 1.25 -3.34 -4.70
N VAL A 91 0.80 -3.34 -3.45
CA VAL A 91 -0.25 -2.42 -3.01
C VAL A 91 0.08 -1.85 -1.64
N LEU A 92 -0.54 -0.71 -1.32
CA LEU A 92 -0.32 -0.07 -0.04
C LEU A 92 -1.65 0.33 0.60
N LEU A 93 -1.58 0.87 1.82
CA LEU A 93 -2.78 1.29 2.53
C LEU A 93 -2.62 2.71 3.07
N ASP A 94 -3.68 3.22 3.69
CA ASP A 94 -3.66 4.57 4.26
C ASP A 94 -4.98 4.88 4.97
N TRP A 95 -5.08 6.08 5.52
CA TRP A 95 -6.28 6.51 6.22
C TRP A 95 -7.18 7.34 5.32
N PHE A 96 -6.60 8.35 4.67
CA PHE A 96 -7.35 9.21 3.78
C PHE A 96 -6.44 9.85 2.73
N SER A 97 -5.45 9.09 2.29
CA SER A 97 -4.50 9.57 1.29
C SER A 97 -4.49 8.67 0.06
N SER A 98 -5.30 9.03 -0.94
CA SER A 98 -5.38 8.26 -2.17
C SER A 98 -4.17 8.52 -3.07
N ALA A 99 -4.10 7.79 -4.17
CA ALA A 99 -2.99 7.94 -5.11
C ALA A 99 -2.90 9.36 -5.63
N LYS A 100 -4.05 10.01 -5.76
CA LYS A 100 -4.11 11.38 -6.25
C LYS A 100 -3.74 12.37 -5.15
N ASP A 101 -4.04 12.01 -3.91
CA ASP A 101 -3.73 12.86 -2.77
C ASP A 101 -2.23 13.01 -2.58
N LEU A 102 -1.48 11.97 -2.95
CA LEU A 102 -0.03 11.98 -2.82
C LEU A 102 0.58 13.12 -3.64
N GLN A 103 1.52 13.84 -3.03
CA GLN A 103 2.18 14.95 -3.70
C GLN A 103 3.67 15.00 -3.34
N ILE A 104 3.96 15.51 -2.15
CA ILE A 104 5.34 15.62 -1.69
C ILE A 104 5.44 15.33 -0.19
N GLY A 105 6.43 14.52 0.19
CA GLY A 105 6.62 14.18 1.59
C GLY A 105 5.50 13.31 2.13
N THR A 106 4.88 12.52 1.25
CA THR A 106 3.79 11.64 1.65
C THR A 106 4.32 10.26 2.02
N THR A 107 3.78 9.69 3.09
CA THR A 107 4.20 8.37 3.55
C THR A 107 3.98 7.32 2.47
N LEU A 108 2.95 7.53 1.65
CA LEU A 108 2.63 6.60 0.57
C LEU A 108 3.52 6.86 -0.65
N ARG A 109 3.91 8.11 -0.83
CA ARG A 109 4.76 8.48 -1.96
C ARG A 109 6.20 8.03 -1.75
N SER A 110 6.72 8.30 -0.55
CA SER A 110 8.08 7.92 -0.21
C SER A 110 8.25 6.40 -0.22
N LEU A 111 7.25 5.71 0.32
CA LEU A 111 7.27 4.25 0.38
C LEU A 111 7.08 3.64 -1.00
N LYS A 112 6.32 4.33 -1.86
CA LYS A 112 6.06 3.86 -3.21
C LYS A 112 7.19 4.24 -4.15
N ASP A 113 7.79 5.40 -3.90
CA ASP A 113 8.89 5.89 -4.72
C ASP A 113 10.20 5.19 -4.37
N ALA A 114 10.25 4.59 -3.19
CA ALA A 114 11.45 3.89 -2.74
C ALA A 114 11.38 2.40 -3.07
N LEU A 115 10.53 2.05 -4.02
CA LEU A 115 10.37 0.65 -4.43
C LEU A 115 10.69 0.47 -5.91
N PHE A 116 10.21 1.41 -6.73
CA PHE A 116 10.44 1.36 -8.16
C PHE A 116 11.37 2.48 -8.61
N LYS A 117 11.03 3.71 -8.22
CA LYS A 117 11.84 4.87 -8.58
C LYS A 117 13.27 4.73 -8.05
N TRP A 118 13.40 4.73 -6.72
CA TRP A 118 14.71 4.61 -6.09
C TRP A 118 15.13 3.14 -5.99
N GLU A 119 15.66 2.61 -7.09
CA GLU A 119 16.11 1.22 -7.12
C GLU A 119 17.62 1.12 -6.96
N SER A 120 18.06 0.19 -6.12
CA SER A 120 19.48 -0.01 -5.88
C SER A 120 19.95 -1.34 -6.45
N LYS A 121 19.11 -2.36 -6.33
CA LYS A 121 19.44 -3.69 -6.84
C LYS A 121 18.17 -4.49 -7.15
N THR A 122 17.28 -4.56 -6.17
CA THR A 122 16.02 -5.29 -6.35
C THR A 122 15.04 -4.49 -7.20
N VAL A 123 14.40 -5.17 -8.14
CA VAL A 123 13.43 -4.53 -9.02
C VAL A 123 12.10 -5.26 -9.01
N LEU A 124 11.02 -4.53 -9.25
CA LEU A 124 9.68 -5.12 -9.27
C LEU A 124 9.15 -5.22 -10.70
N ARG A 125 8.08 -5.98 -10.88
CA ARG A 125 7.47 -6.15 -12.19
C ARG A 125 6.78 -4.87 -12.65
N ASN A 126 6.15 -4.17 -11.70
CA ASN A 126 5.44 -2.93 -12.00
C ASN A 126 5.61 -1.93 -10.86
N GLU A 127 4.97 -0.77 -11.00
CA GLU A 127 5.04 0.27 -9.99
C GLU A 127 4.00 0.05 -8.90
N PRO A 128 4.41 0.00 -7.62
CA PRO A 128 3.49 -0.20 -6.50
C PRO A 128 2.35 0.81 -6.50
N LEU A 129 1.13 0.31 -6.37
CA LEU A 129 -0.05 1.18 -6.34
C LEU A 129 -0.58 1.33 -4.92
N VAL A 130 -1.48 2.29 -4.74
CA VAL A 130 -2.07 2.56 -3.43
C VAL A 130 -3.59 2.34 -3.47
N LEU A 131 -4.11 1.68 -2.44
CA LEU A 131 -5.54 1.40 -2.36
C LEU A 131 -6.34 2.71 -2.32
N GLU A 132 -7.51 2.69 -2.92
CA GLU A 132 -8.37 3.86 -2.96
C GLU A 132 -8.99 4.13 -1.58
N GLY A 133 -8.42 5.08 -0.86
CA GLY A 133 -8.92 5.40 0.46
C GLY A 133 -8.10 4.76 1.56
N GLY A 134 -7.51 3.61 1.27
CA GLY A 134 -6.70 2.90 2.25
C GLY A 134 -7.53 2.00 3.14
N TYR A 135 -7.08 1.81 4.37
CA TYR A 135 -7.79 0.96 5.32
C TYR A 135 -9.20 1.46 5.57
N GLU A 136 -9.35 2.77 5.62
CA GLU A 136 -10.66 3.38 5.86
C GLU A 136 -11.67 2.93 4.81
N ASN A 137 -11.18 2.63 3.61
CA ASN A 137 -12.03 2.17 2.52
C ASN A 137 -12.19 0.66 2.54
N TRP A 138 -11.14 -0.03 2.98
CA TRP A 138 -11.16 -1.49 3.04
C TRP A 138 -12.21 -1.98 4.03
N LEU A 139 -12.41 -1.21 5.10
CA LEU A 139 -13.38 -1.56 6.13
C LEU A 139 -14.80 -1.46 5.59
N LEU A 140 -15.01 -0.52 4.66
CA LEU A 140 -16.33 -0.32 4.07
C LEU A 140 -16.55 -1.28 2.90
N CYS A 141 -15.46 -1.65 2.23
CA CYS A 141 -15.55 -2.55 1.09
C CYS A 141 -15.51 -4.01 1.55
N TYR A 142 -14.59 -4.32 2.44
CA TYR A 142 -14.46 -5.69 2.96
C TYR A 142 -14.05 -5.67 4.43
N PRO A 143 -15.04 -5.49 5.34
CA PRO A 143 -14.79 -5.46 6.78
C PRO A 143 -14.47 -6.85 7.34
N GLN A 144 -15.09 -7.87 6.74
CA GLN A 144 -14.87 -9.25 7.18
C GLN A 144 -13.47 -9.74 6.81
N TYR A 145 -12.79 -9.01 5.93
CA TYR A 145 -11.45 -9.38 5.50
C TYR A 145 -10.39 -8.64 6.32
N THR A 146 -10.65 -8.51 7.62
CA THR A 146 -9.72 -7.83 8.51
C THR A 146 -9.74 -8.46 9.90
N THR A 147 -8.64 -8.32 10.63
CA THR A 147 -8.52 -8.88 11.96
C THR A 147 -9.26 -8.01 12.98
N ASN A 148 -9.29 -6.70 12.73
CA ASN A 148 -9.95 -5.77 13.62
C ASN A 148 -10.75 -4.73 12.83
N ALA A 149 -12.03 -5.00 12.65
CA ALA A 149 -12.90 -4.08 11.90
C ALA A 149 -13.97 -3.48 12.82
N LYS A 150 -13.53 -2.97 13.97
CA LYS A 150 -14.44 -2.37 14.93
C LYS A 150 -13.99 -0.96 15.30
N VAL A 151 -13.55 -0.20 14.29
CA VAL A 151 -13.09 1.17 14.51
C VAL A 151 -14.04 2.17 13.87
N SER A 152 -14.44 1.90 12.63
CA SER A 152 -15.34 2.79 11.91
C SER A 152 -14.80 4.21 11.87
N GLY A 153 -13.48 4.34 11.87
CA GLY A 153 -12.87 5.66 11.84
C GLY A 153 -12.62 6.21 13.22
N PRO A 154 -11.40 6.03 13.77
CA PRO A 154 -11.05 6.53 15.10
C PRO A 154 -11.38 8.01 15.27
N SER A 155 -11.72 8.40 16.50
CA SER A 155 -12.06 9.79 16.79
C SER A 155 -10.84 10.56 17.27
N SER A 156 -10.23 11.32 16.35
CA SER A 156 -9.04 12.11 16.68
C SER A 156 -9.44 13.43 17.32
N GLY A 157 -8.51 14.03 18.07
CA GLY A 157 -8.78 15.29 18.72
C GLY A 157 -7.86 15.52 19.91
N GLY A 1 -5.41 26.66 -7.81
CA GLY A 1 -5.24 26.06 -6.47
C GLY A 1 -4.69 24.65 -6.52
N SER A 2 -5.46 23.69 -6.00
CA SER A 2 -5.05 22.30 -6.00
C SER A 2 -5.68 21.53 -7.16
N SER A 3 -6.98 21.73 -7.34
CA SER A 3 -7.71 21.06 -8.41
C SER A 3 -7.96 22.01 -9.58
N GLY A 4 -7.22 21.82 -10.67
CA GLY A 4 -7.38 22.67 -11.84
C GLY A 4 -6.78 22.06 -13.08
N SER A 5 -5.89 22.79 -13.74
CA SER A 5 -5.25 22.32 -14.96
C SER A 5 -3.91 23.01 -15.17
N SER A 6 -2.89 22.53 -14.45
CA SER A 6 -1.55 23.10 -14.56
C SER A 6 -0.77 22.42 -15.67
N GLY A 7 -0.93 22.90 -16.90
CA GLY A 7 -0.22 22.33 -18.03
C GLY A 7 -1.15 21.63 -19.00
N LYS A 8 -0.68 20.52 -19.57
CA LYS A 8 -1.48 19.76 -20.52
C LYS A 8 -1.84 18.39 -19.95
N CYS A 9 -3.12 18.04 -20.02
CA CYS A 9 -3.59 16.75 -19.52
C CYS A 9 -3.09 15.61 -20.39
N GLU A 10 -1.94 15.05 -20.03
CA GLU A 10 -1.36 13.95 -20.79
C GLU A 10 -1.52 12.63 -20.03
N THR A 11 -1.25 12.65 -18.73
CA THR A 11 -1.37 11.46 -17.91
C THR A 11 -2.61 11.53 -17.02
N LYS A 12 -3.28 10.40 -16.85
CA LYS A 12 -4.48 10.33 -16.02
C LYS A 12 -4.20 9.59 -14.71
N GLU A 13 -3.29 8.62 -14.77
CA GLU A 13 -2.93 7.83 -13.61
C GLU A 13 -1.68 7.00 -13.87
N LYS A 14 -0.76 7.00 -12.89
CA LYS A 14 0.48 6.26 -13.02
C LYS A 14 0.40 4.94 -12.25
N GLY A 15 -0.17 4.99 -11.05
CA GLY A 15 -0.29 3.79 -10.24
C GLY A 15 -1.36 3.92 -9.18
N ALA A 16 -2.55 3.39 -9.47
CA ALA A 16 -3.67 3.45 -8.54
C ALA A 16 -4.50 2.17 -8.61
N ILE A 17 -4.73 1.56 -7.45
CA ILE A 17 -5.52 0.34 -7.37
C ILE A 17 -6.75 0.53 -6.49
N THR A 18 -7.86 -0.10 -6.89
CA THR A 18 -9.10 0.01 -6.14
C THR A 18 -9.30 -1.21 -5.24
N ALA A 19 -10.28 -1.12 -4.35
CA ALA A 19 -10.57 -2.21 -3.43
C ALA A 19 -11.03 -3.45 -4.18
N LYS A 20 -11.79 -3.25 -5.26
CA LYS A 20 -12.29 -4.35 -6.07
C LYS A 20 -11.14 -5.12 -6.70
N GLU A 21 -10.16 -4.39 -7.24
CA GLU A 21 -9.02 -5.02 -7.89
C GLU A 21 -8.15 -5.75 -6.85
N LEU A 22 -8.00 -5.15 -5.68
CA LEU A 22 -7.20 -5.75 -4.62
C LEU A 22 -7.76 -7.10 -4.21
N TYR A 23 -9.08 -7.24 -4.30
CA TYR A 23 -9.75 -8.50 -3.94
C TYR A 23 -9.46 -9.57 -4.98
N THR A 24 -9.45 -9.18 -6.25
CA THR A 24 -9.19 -10.11 -7.34
C THR A 24 -7.78 -10.69 -7.25
N MET A 25 -6.79 -9.80 -7.10
CA MET A 25 -5.40 -10.23 -6.99
C MET A 25 -5.18 -11.06 -5.74
N MET A 26 -5.94 -10.76 -4.69
CA MET A 26 -5.83 -11.48 -3.42
C MET A 26 -6.28 -12.93 -3.59
N THR A 27 -7.47 -13.11 -4.16
CA THR A 27 -8.02 -14.45 -4.37
C THR A 27 -7.22 -15.20 -5.43
N ASP A 28 -6.68 -14.47 -6.39
CA ASP A 28 -5.89 -15.07 -7.46
C ASP A 28 -4.67 -15.80 -6.90
N LYS A 29 -4.24 -16.85 -7.60
CA LYS A 29 -3.08 -17.63 -7.17
C LYS A 29 -1.89 -17.40 -8.09
N ASN A 30 -2.17 -17.29 -9.39
CA ASN A 30 -1.11 -17.07 -10.38
C ASN A 30 -0.37 -15.76 -10.10
N ILE A 31 -1.08 -14.79 -9.52
CA ILE A 31 -0.50 -13.49 -9.21
C ILE A 31 -0.54 -13.22 -7.71
N SER A 32 0.62 -12.91 -7.14
CA SER A 32 0.73 -12.63 -5.71
C SER A 32 0.42 -11.17 -5.42
N LEU A 33 0.49 -10.79 -4.15
CA LEU A 33 0.21 -9.42 -3.75
C LEU A 33 0.65 -9.17 -2.32
N ILE A 34 1.31 -8.04 -2.07
CA ILE A 34 1.78 -7.69 -0.75
C ILE A 34 1.31 -6.30 -0.35
N ILE A 35 0.47 -6.24 0.68
CA ILE A 35 -0.05 -4.96 1.16
C ILE A 35 0.85 -4.35 2.21
N MET A 36 0.83 -3.03 2.32
CA MET A 36 1.65 -2.32 3.29
C MET A 36 0.84 -1.28 4.05
N ASP A 37 1.06 -1.19 5.36
CA ASP A 37 0.34 -0.25 6.19
C ASP A 37 1.22 0.95 6.55
N ALA A 38 1.13 2.00 5.75
CA ALA A 38 1.92 3.21 5.99
C ALA A 38 1.15 4.21 6.83
N ARG A 39 1.09 3.96 8.14
CA ARG A 39 0.39 4.85 9.06
C ARG A 39 1.19 5.05 10.34
N ARG A 40 1.46 3.94 11.04
CA ARG A 40 2.22 3.99 12.28
C ARG A 40 2.41 2.59 12.85
N MET A 41 2.92 2.51 14.07
CA MET A 41 3.16 1.24 14.73
C MET A 41 1.95 0.81 15.55
N GLN A 42 1.32 1.79 16.21
CA GLN A 42 0.14 1.52 17.03
C GLN A 42 -1.06 1.21 16.15
N ASP A 43 -1.10 1.79 14.96
CA ASP A 43 -2.20 1.57 14.03
C ASP A 43 -2.28 0.10 13.64
N TYR A 44 -1.15 -0.48 13.28
CA TYR A 44 -1.10 -1.88 12.88
C TYR A 44 -1.57 -2.78 14.01
N GLN A 45 -1.18 -2.45 15.23
CA GLN A 45 -1.57 -3.23 16.41
C GLN A 45 -3.07 -3.15 16.64
N ASP A 46 -3.67 -2.03 16.27
CA ASP A 46 -5.10 -1.83 16.44
C ASP A 46 -5.88 -2.48 15.30
N SER A 47 -5.73 -1.93 14.10
CA SER A 47 -6.42 -2.46 12.93
C SER A 47 -5.42 -2.79 11.82
N CYS A 48 -5.72 -3.84 11.06
CA CYS A 48 -4.86 -4.27 9.97
C CYS A 48 -5.47 -5.45 9.21
N ILE A 49 -5.20 -5.52 7.91
CA ILE A 49 -5.73 -6.59 7.09
C ILE A 49 -5.15 -7.94 7.49
N LEU A 50 -5.87 -9.01 7.19
CA LEU A 50 -5.42 -10.36 7.52
C LEU A 50 -4.08 -10.66 6.88
N HIS A 51 -4.02 -10.58 5.56
CA HIS A 51 -2.79 -10.85 4.82
C HIS A 51 -2.19 -9.56 4.28
N SER A 52 -1.49 -8.83 5.14
CA SER A 52 -0.85 -7.58 4.76
C SER A 52 0.45 -7.36 5.51
N LEU A 53 1.18 -6.31 5.14
CA LEU A 53 2.45 -6.01 5.79
C LEU A 53 2.31 -4.79 6.70
N SER A 54 3.29 -4.60 7.58
CA SER A 54 3.28 -3.47 8.50
C SER A 54 4.54 -2.61 8.33
N VAL A 55 4.33 -1.31 8.14
CA VAL A 55 5.44 -0.38 7.96
C VAL A 55 5.18 0.93 8.70
N PRO A 56 5.97 1.23 9.74
CA PRO A 56 5.80 2.47 10.52
C PRO A 56 6.13 3.72 9.70
N GLU A 57 5.28 4.73 9.81
CA GLU A 57 5.48 5.98 9.07
C GLU A 57 6.79 6.64 9.48
N GLU A 58 7.18 6.44 10.74
CA GLU A 58 8.41 7.03 11.25
C GLU A 58 9.62 6.53 10.46
N ALA A 59 9.54 5.29 9.98
CA ALA A 59 10.62 4.70 9.20
C ALA A 59 10.66 5.26 7.79
N ILE A 60 9.48 5.62 7.28
CA ILE A 60 9.38 6.18 5.93
C ILE A 60 9.65 7.68 5.93
N SER A 61 10.40 8.14 4.94
CA SER A 61 10.74 9.56 4.82
C SER A 61 10.70 10.00 3.37
N PRO A 62 10.37 11.29 3.13
CA PRO A 62 10.29 11.84 1.78
C PRO A 62 11.65 11.93 1.10
N GLY A 63 12.11 10.81 0.55
CA GLY A 63 13.40 10.78 -0.11
C GLY A 63 14.34 9.75 0.50
N VAL A 64 13.90 8.49 0.53
CA VAL A 64 14.70 7.42 1.08
C VAL A 64 14.78 6.23 0.13
N THR A 65 15.70 5.31 0.40
CA THR A 65 15.87 4.14 -0.44
C THR A 65 15.24 2.91 0.22
N ALA A 66 15.24 1.80 -0.51
CA ALA A 66 14.67 0.55 -0.01
C ALA A 66 15.43 0.06 1.23
N SER A 67 16.72 0.35 1.27
CA SER A 67 17.57 -0.06 2.39
C SER A 67 17.16 0.66 3.67
N TRP A 68 16.68 1.89 3.52
CA TRP A 68 16.27 2.69 4.66
C TRP A 68 15.13 2.01 5.42
N ILE A 69 14.01 1.79 4.74
CA ILE A 69 12.86 1.14 5.36
C ILE A 69 13.19 -0.29 5.75
N GLU A 70 13.97 -0.96 4.90
CA GLU A 70 14.37 -2.35 5.16
C GLU A 70 15.07 -2.48 6.51
N ALA A 71 15.72 -1.40 6.93
CA ALA A 71 16.43 -1.41 8.22
C ALA A 71 15.47 -1.13 9.38
N HIS A 72 14.41 -0.39 9.11
CA HIS A 72 13.43 -0.05 10.13
C HIS A 72 12.10 -0.74 9.86
N LEU A 73 11.96 -1.96 10.39
CA LEU A 73 10.73 -2.73 10.21
C LEU A 73 10.55 -3.74 11.34
N PRO A 74 9.31 -4.18 11.59
CA PRO A 74 9.01 -5.15 12.64
C PRO A 74 9.84 -6.43 12.51
N ASP A 75 9.44 -7.45 13.25
CA ASP A 75 10.15 -8.74 13.22
C ASP A 75 9.62 -9.63 12.11
N ASP A 76 8.32 -9.90 12.14
CA ASP A 76 7.69 -10.74 11.14
C ASP A 76 7.52 -10.00 9.81
N SER A 77 7.35 -8.69 9.90
CA SER A 77 7.18 -7.87 8.70
C SER A 77 8.42 -7.92 7.82
N LYS A 78 9.58 -8.07 8.45
CA LYS A 78 10.84 -8.14 7.73
C LYS A 78 10.84 -9.30 6.73
N ASP A 79 10.12 -10.36 7.08
CA ASP A 79 10.04 -11.54 6.22
C ASP A 79 9.33 -11.20 4.91
N THR A 80 8.13 -10.64 5.01
CA THR A 80 7.36 -10.26 3.83
C THR A 80 8.07 -9.19 3.03
N TRP A 81 8.73 -8.27 3.72
CA TRP A 81 9.46 -7.19 3.08
C TRP A 81 10.58 -7.74 2.20
N LYS A 82 11.14 -8.87 2.62
CA LYS A 82 12.23 -9.51 1.88
C LYS A 82 11.70 -10.29 0.68
N LYS A 83 10.44 -10.69 0.76
CA LYS A 83 9.81 -11.45 -0.33
C LYS A 83 9.17 -10.52 -1.36
N ARG A 84 9.45 -9.22 -1.25
CA ARG A 84 8.89 -8.24 -2.17
C ARG A 84 9.18 -8.62 -3.62
N GLY A 85 10.36 -9.19 -3.85
CA GLY A 85 10.74 -9.60 -5.19
C GLY A 85 10.27 -11.00 -5.54
N ASN A 86 9.42 -11.57 -4.70
CA ASN A 86 8.89 -12.91 -4.94
C ASN A 86 7.48 -12.84 -5.51
N VAL A 87 6.74 -11.80 -5.14
CA VAL A 87 5.38 -11.62 -5.63
C VAL A 87 5.37 -11.00 -7.03
N GLU A 88 4.19 -10.78 -7.57
CA GLU A 88 4.05 -10.20 -8.90
C GLU A 88 3.55 -8.75 -8.81
N TYR A 89 2.78 -8.45 -7.77
CA TYR A 89 2.26 -7.11 -7.58
C TYR A 89 2.40 -6.66 -6.13
N VAL A 90 2.34 -5.35 -5.91
CA VAL A 90 2.46 -4.79 -4.58
C VAL A 90 1.46 -3.66 -4.37
N VAL A 91 0.83 -3.65 -3.18
CA VAL A 91 -0.15 -2.62 -2.87
C VAL A 91 0.15 -1.96 -1.52
N LEU A 92 -0.37 -0.75 -1.33
CA LEU A 92 -0.16 -0.01 -0.09
C LEU A 92 -1.50 0.33 0.57
N LEU A 93 -1.42 1.01 1.71
CA LEU A 93 -2.63 1.40 2.43
C LEU A 93 -2.48 2.81 3.01
N ASP A 94 -3.54 3.28 3.67
CA ASP A 94 -3.53 4.61 4.28
C ASP A 94 -4.84 4.88 5.01
N TRP A 95 -4.92 6.05 5.64
CA TRP A 95 -6.13 6.43 6.37
C TRP A 95 -7.04 7.30 5.52
N PHE A 96 -6.46 8.29 4.86
CA PHE A 96 -7.22 9.19 3.99
C PHE A 96 -6.34 9.77 2.89
N SER A 97 -6.02 8.95 1.90
CA SER A 97 -5.19 9.38 0.79
C SER A 97 -5.30 8.41 -0.39
N SER A 98 -4.72 8.79 -1.52
CA SER A 98 -4.75 7.95 -2.72
C SER A 98 -3.59 8.28 -3.65
N ALA A 99 -3.49 7.53 -4.74
CA ALA A 99 -2.43 7.74 -5.71
C ALA A 99 -2.59 9.08 -6.43
N LYS A 100 -3.82 9.56 -6.50
CA LYS A 100 -4.12 10.83 -7.15
C LYS A 100 -3.84 12.00 -6.22
N ASP A 101 -3.95 11.76 -4.92
CA ASP A 101 -3.72 12.81 -3.93
C ASP A 101 -2.30 12.76 -3.38
N LEU A 102 -1.40 12.11 -4.12
CA LEU A 102 -0.01 11.98 -3.69
C LEU A 102 0.71 13.33 -3.79
N GLN A 103 0.82 14.02 -2.67
CA GLN A 103 1.49 15.32 -2.63
C GLN A 103 2.99 15.15 -2.52
N ILE A 104 3.72 16.22 -2.85
CA ILE A 104 5.18 16.19 -2.79
C ILE A 104 5.68 16.06 -1.35
N GLY A 105 5.71 14.84 -0.85
CA GLY A 105 6.16 14.60 0.51
C GLY A 105 5.15 13.84 1.34
N THR A 106 4.53 12.83 0.74
CA THR A 106 3.53 12.02 1.43
C THR A 106 4.11 10.68 1.83
N THR A 107 3.43 9.99 2.74
CA THR A 107 3.88 8.69 3.21
C THR A 107 3.77 7.64 2.11
N LEU A 108 2.78 7.80 1.23
CA LEU A 108 2.57 6.87 0.13
C LEU A 108 3.56 7.14 -1.00
N ARG A 109 3.71 8.41 -1.36
CA ARG A 109 4.64 8.79 -2.43
C ARG A 109 6.06 8.38 -2.10
N SER A 110 6.49 8.67 -0.87
CA SER A 110 7.83 8.32 -0.44
C SER A 110 8.03 6.81 -0.42
N LEU A 111 6.98 6.09 -0.04
CA LEU A 111 7.03 4.63 0.03
C LEU A 111 6.94 4.02 -1.37
N LYS A 112 6.10 4.62 -2.21
CA LYS A 112 5.90 4.13 -3.57
C LYS A 112 7.16 4.37 -4.41
N ASP A 113 7.88 5.44 -4.10
CA ASP A 113 9.10 5.78 -4.82
C ASP A 113 10.30 5.03 -4.27
N ALA A 114 10.21 4.65 -3.00
CA ALA A 114 11.30 3.92 -2.35
C ALA A 114 11.19 2.41 -2.58
N LEU A 115 10.27 2.01 -3.45
CA LEU A 115 10.08 0.59 -3.75
C LEU A 115 10.46 0.27 -5.19
N PHE A 116 10.27 1.25 -6.08
CA PHE A 116 10.59 1.07 -7.49
C PHE A 116 11.57 2.13 -7.97
N LYS A 117 11.27 3.38 -7.69
CA LYS A 117 12.13 4.50 -8.10
C LYS A 117 13.55 4.32 -7.55
N TRP A 118 13.67 4.41 -6.23
CA TRP A 118 14.96 4.26 -5.57
C TRP A 118 15.29 2.80 -5.33
N GLU A 119 15.78 2.13 -6.37
CA GLU A 119 16.14 0.72 -6.28
C GLU A 119 17.62 0.55 -5.94
N SER A 120 17.93 -0.51 -5.21
CA SER A 120 19.31 -0.79 -4.80
C SER A 120 19.67 -2.24 -5.08
N LYS A 121 18.78 -3.15 -4.67
CA LYS A 121 19.02 -4.58 -4.88
C LYS A 121 17.70 -5.30 -5.19
N THR A 122 16.68 -5.03 -4.39
CA THR A 122 15.38 -5.65 -4.57
C THR A 122 14.81 -5.34 -5.96
N VAL A 123 13.96 -6.24 -6.45
CA VAL A 123 13.36 -6.05 -7.77
C VAL A 123 11.89 -6.45 -7.76
N LEU A 124 11.06 -5.66 -8.43
CA LEU A 124 9.63 -5.92 -8.50
C LEU A 124 9.17 -6.09 -9.94
N ARG A 125 8.19 -6.97 -10.15
CA ARG A 125 7.66 -7.21 -11.48
C ARG A 125 6.96 -5.97 -12.03
N ASN A 126 6.33 -5.21 -11.14
CA ASN A 126 5.63 -4.00 -11.53
C ASN A 126 5.81 -2.91 -10.47
N GLU A 127 5.12 -1.79 -10.67
CA GLU A 127 5.21 -0.67 -9.74
C GLU A 127 4.09 -0.75 -8.70
N PRO A 128 4.42 -0.49 -7.42
CA PRO A 128 3.44 -0.54 -6.33
C PRO A 128 2.33 0.49 -6.51
N LEU A 129 1.11 0.10 -6.15
CA LEU A 129 -0.04 0.99 -6.28
C LEU A 129 -0.76 1.14 -4.93
N VAL A 130 -1.27 2.34 -4.66
CA VAL A 130 -1.97 2.61 -3.42
C VAL A 130 -3.46 2.33 -3.56
N LEU A 131 -4.07 1.80 -2.51
CA LEU A 131 -5.49 1.48 -2.52
C LEU A 131 -6.33 2.75 -2.50
N GLU A 132 -7.54 2.68 -3.05
CA GLU A 132 -8.44 3.82 -3.11
C GLU A 132 -9.00 4.12 -1.72
N GLY A 133 -8.31 4.98 -0.98
CA GLY A 133 -8.76 5.34 0.36
C GLY A 133 -7.88 4.76 1.44
N GLY A 134 -7.35 3.56 1.18
CA GLY A 134 -6.50 2.91 2.16
C GLY A 134 -7.23 1.89 3.00
N TYR A 135 -6.97 1.88 4.30
CA TYR A 135 -7.61 0.93 5.21
C TYR A 135 -9.00 1.43 5.59
N GLU A 136 -9.17 2.74 5.69
CA GLU A 136 -10.45 3.33 6.05
C GLU A 136 -11.53 2.93 5.06
N ASN A 137 -11.15 2.86 3.78
CA ASN A 137 -12.10 2.48 2.73
C ASN A 137 -12.21 0.97 2.61
N TRP A 138 -11.11 0.28 2.91
CA TRP A 138 -11.09 -1.18 2.83
C TRP A 138 -12.11 -1.79 3.79
N LEU A 139 -12.24 -1.18 4.97
CA LEU A 139 -13.17 -1.67 5.98
C LEU A 139 -14.62 -1.49 5.50
N LEU A 140 -14.86 -0.44 4.75
CA LEU A 140 -16.19 -0.15 4.23
C LEU A 140 -16.56 -1.11 3.09
N CYS A 141 -15.54 -1.53 2.34
CA CYS A 141 -15.74 -2.45 1.23
C CYS A 141 -15.73 -3.89 1.70
N TYR A 142 -14.73 -4.24 2.50
CA TYR A 142 -14.60 -5.60 3.02
C TYR A 142 -14.13 -5.58 4.47
N PRO A 143 -15.05 -5.32 5.42
CA PRO A 143 -14.73 -5.29 6.85
C PRO A 143 -14.41 -6.67 7.41
N GLN A 144 -15.05 -7.69 6.84
CA GLN A 144 -14.84 -9.06 7.28
C GLN A 144 -13.47 -9.60 6.82
N TYR A 145 -12.82 -8.86 5.94
CA TYR A 145 -11.51 -9.26 5.43
C TYR A 145 -10.39 -8.56 6.21
N THR A 146 -10.58 -8.43 7.52
CA THR A 146 -9.59 -7.79 8.38
C THR A 146 -9.63 -8.38 9.78
N THR A 147 -8.50 -8.35 10.46
CA THR A 147 -8.41 -8.88 11.81
C THR A 147 -9.30 -8.09 12.77
N ASN A 148 -9.46 -6.80 12.51
CA ASN A 148 -10.29 -5.94 13.33
C ASN A 148 -10.96 -4.85 12.50
N ALA A 149 -12.28 -4.75 12.63
CA ALA A 149 -13.04 -3.75 11.88
C ALA A 149 -13.92 -2.92 12.81
N LYS A 150 -13.46 -2.73 14.05
CA LYS A 150 -14.20 -1.96 15.04
C LYS A 150 -13.42 -0.72 15.46
N VAL A 151 -12.64 -0.18 14.53
CA VAL A 151 -11.84 1.01 14.82
C VAL A 151 -12.44 2.25 14.16
N SER A 152 -12.95 3.16 14.99
CA SER A 152 -13.56 4.39 14.50
C SER A 152 -12.53 5.51 14.42
N GLY A 153 -11.99 5.75 13.22
CA GLY A 153 -11.00 6.79 13.05
C GLY A 153 -11.53 8.16 13.44
N PRO A 154 -11.03 8.73 14.56
CA PRO A 154 -11.46 10.05 15.02
C PRO A 154 -10.97 11.18 14.12
N SER A 155 -11.86 12.14 13.86
CA SER A 155 -11.52 13.28 13.01
C SER A 155 -10.64 14.27 13.76
N SER A 156 -9.36 14.29 13.44
CA SER A 156 -8.42 15.20 14.08
C SER A 156 -7.42 15.74 13.08
N GLY A 157 -7.29 17.08 13.05
CA GLY A 157 -6.36 17.71 12.13
C GLY A 157 -6.74 19.14 11.83
N GLY A 1 -24.27 -11.51 -11.30
CA GLY A 1 -24.39 -12.91 -10.79
C GLY A 1 -23.05 -13.48 -10.36
N SER A 2 -22.41 -14.23 -11.24
CA SER A 2 -21.11 -14.83 -10.94
C SER A 2 -19.97 -13.99 -11.50
N SER A 3 -20.17 -13.45 -12.69
CA SER A 3 -19.16 -12.62 -13.34
C SER A 3 -19.77 -11.32 -13.86
N GLY A 4 -18.93 -10.31 -14.05
CA GLY A 4 -19.40 -9.03 -14.54
C GLY A 4 -18.27 -8.15 -15.05
N SER A 5 -18.52 -7.48 -16.16
CA SER A 5 -17.52 -6.59 -16.76
C SER A 5 -18.14 -5.26 -17.16
N SER A 6 -18.08 -4.29 -16.26
CA SER A 6 -18.64 -2.96 -16.53
C SER A 6 -17.53 -1.90 -16.59
N GLY A 7 -17.25 -1.42 -17.80
CA GLY A 7 -16.22 -0.41 -17.96
C GLY A 7 -14.84 -1.01 -18.15
N LYS A 8 -14.45 -1.88 -17.22
CA LYS A 8 -13.14 -2.52 -17.29
C LYS A 8 -12.01 -1.49 -17.25
N CYS A 9 -12.29 -0.33 -16.65
CA CYS A 9 -11.30 0.74 -16.54
C CYS A 9 -11.90 1.94 -15.82
N GLU A 10 -11.03 2.70 -15.16
CA GLU A 10 -11.46 3.88 -14.42
C GLU A 10 -10.26 4.61 -13.81
N THR A 11 -9.34 3.85 -13.25
CA THR A 11 -8.15 4.43 -12.62
C THR A 11 -7.28 5.13 -13.66
N LYS A 12 -7.36 6.46 -13.68
CA LYS A 12 -6.59 7.26 -14.62
C LYS A 12 -5.12 7.27 -14.24
N GLU A 13 -4.85 7.23 -12.93
CA GLU A 13 -3.48 7.23 -12.43
C GLU A 13 -2.71 6.03 -12.95
N LYS A 14 -1.40 6.01 -12.73
CA LYS A 14 -0.55 4.92 -13.17
C LYS A 14 0.08 4.21 -11.98
N GLY A 15 -0.63 4.20 -10.85
CA GLY A 15 -0.13 3.56 -9.66
C GLY A 15 -1.17 3.51 -8.55
N ALA A 16 -2.41 3.26 -8.92
CA ALA A 16 -3.50 3.20 -7.94
C ALA A 16 -4.36 1.97 -8.17
N ILE A 17 -4.65 1.25 -7.07
CA ILE A 17 -5.46 0.04 -7.15
C ILE A 17 -6.75 0.20 -6.34
N THR A 18 -7.84 -0.36 -6.87
CA THR A 18 -9.13 -0.28 -6.19
C THR A 18 -9.38 -1.52 -5.34
N ALA A 19 -10.36 -1.44 -4.46
CA ALA A 19 -10.69 -2.56 -3.58
C ALA A 19 -11.12 -3.78 -4.39
N LYS A 20 -11.79 -3.54 -5.52
CA LYS A 20 -12.25 -4.63 -6.37
C LYS A 20 -11.07 -5.38 -6.99
N GLU A 21 -10.13 -4.63 -7.56
CA GLU A 21 -8.95 -5.22 -8.17
C GLU A 21 -8.09 -5.93 -7.14
N LEU A 22 -8.02 -5.36 -5.94
CA LEU A 22 -7.23 -5.93 -4.86
C LEU A 22 -7.88 -7.21 -4.33
N TYR A 23 -9.21 -7.21 -4.27
CA TYR A 23 -9.95 -8.36 -3.78
C TYR A 23 -9.71 -9.58 -4.67
N THR A 24 -9.64 -9.35 -5.97
CA THR A 24 -9.42 -10.42 -6.93
C THR A 24 -8.01 -10.97 -6.82
N MET A 25 -7.03 -10.07 -6.87
CA MET A 25 -5.62 -10.46 -6.76
C MET A 25 -5.35 -11.18 -5.45
N MET A 26 -6.09 -10.81 -4.40
CA MET A 26 -5.93 -11.42 -3.09
C MET A 26 -6.42 -12.86 -3.10
N THR A 27 -7.65 -13.06 -3.55
CA THR A 27 -8.25 -14.39 -3.61
C THR A 27 -7.53 -15.25 -4.64
N ASP A 28 -7.03 -14.63 -5.69
CA ASP A 28 -6.32 -15.34 -6.75
C ASP A 28 -5.10 -16.08 -6.19
N LYS A 29 -4.98 -17.35 -6.55
CA LYS A 29 -3.86 -18.17 -6.09
C LYS A 29 -2.78 -18.28 -7.17
N ASN A 30 -2.66 -17.23 -7.98
CA ASN A 30 -1.66 -17.21 -9.05
C ASN A 30 -0.86 -15.91 -9.03
N ILE A 31 -1.57 -14.80 -9.20
CA ILE A 31 -0.93 -13.49 -9.21
C ILE A 31 -0.57 -13.05 -7.79
N SER A 32 0.72 -13.02 -7.49
CA SER A 32 1.20 -12.62 -6.16
C SER A 32 0.85 -11.16 -5.89
N LEU A 33 0.80 -10.81 -4.61
CA LEU A 33 0.48 -9.45 -4.20
C LEU A 33 0.80 -9.24 -2.72
N ILE A 34 1.31 -8.04 -2.40
CA ILE A 34 1.65 -7.72 -1.03
C ILE A 34 1.05 -6.38 -0.61
N ILE A 35 0.54 -6.33 0.61
CA ILE A 35 -0.08 -5.12 1.13
C ILE A 35 0.73 -4.56 2.31
N MET A 36 0.72 -3.24 2.45
CA MET A 36 1.46 -2.59 3.53
C MET A 36 0.61 -1.50 4.18
N ASP A 37 0.87 -1.25 5.47
CA ASP A 37 0.13 -0.23 6.21
C ASP A 37 1.03 0.95 6.57
N ALA A 38 1.00 1.99 5.74
CA ALA A 38 1.82 3.18 5.97
C ALA A 38 1.06 4.20 6.79
N ARG A 39 1.11 4.06 8.12
CA ARG A 39 0.42 4.98 9.02
C ARG A 39 1.21 5.16 10.31
N ARG A 40 1.43 4.05 11.02
CA ARG A 40 2.17 4.08 12.27
C ARG A 40 2.31 2.68 12.85
N MET A 41 2.85 2.60 14.06
CA MET A 41 3.05 1.31 14.72
C MET A 41 1.85 0.95 15.59
N GLN A 42 1.26 1.96 16.23
CA GLN A 42 0.10 1.75 17.08
C GLN A 42 -1.13 1.38 16.26
N ASP A 43 -1.19 1.90 15.04
CA ASP A 43 -2.31 1.63 14.14
C ASP A 43 -2.33 0.15 13.75
N TYR A 44 -1.17 -0.39 13.41
CA TYR A 44 -1.06 -1.79 13.01
C TYR A 44 -1.47 -2.72 14.14
N GLN A 45 -1.05 -2.36 15.37
CA GLN A 45 -1.37 -3.17 16.54
C GLN A 45 -2.87 -3.12 16.83
N ASP A 46 -3.49 -1.98 16.54
CA ASP A 46 -4.92 -1.81 16.77
C ASP A 46 -5.73 -2.40 15.63
N SER A 47 -5.47 -1.94 14.41
CA SER A 47 -6.18 -2.44 13.24
C SER A 47 -5.20 -2.81 12.13
N CYS A 48 -5.54 -3.85 11.38
CA CYS A 48 -4.69 -4.31 10.29
C CYS A 48 -5.41 -5.38 9.45
N ILE A 49 -5.20 -5.34 8.15
CA ILE A 49 -5.82 -6.29 7.24
C ILE A 49 -5.17 -7.67 7.37
N LEU A 50 -5.98 -8.71 7.21
CA LEU A 50 -5.49 -10.08 7.31
C LEU A 50 -4.48 -10.37 6.22
N HIS A 51 -3.37 -11.01 6.59
CA HIS A 51 -2.31 -11.35 5.65
C HIS A 51 -1.74 -10.09 4.99
N SER A 52 -1.58 -9.03 5.79
CA SER A 52 -1.06 -7.77 5.28
C SER A 52 0.25 -7.42 5.97
N LEU A 53 1.07 -6.61 5.30
CA LEU A 53 2.36 -6.20 5.84
C LEU A 53 2.22 -4.89 6.63
N SER A 54 3.22 -4.58 7.44
CA SER A 54 3.22 -3.36 8.23
C SER A 54 4.48 -2.54 8.00
N VAL A 55 4.44 -1.28 8.41
CA VAL A 55 5.58 -0.39 8.24
C VAL A 55 5.37 0.91 9.02
N PRO A 56 6.19 1.15 10.06
CA PRO A 56 6.08 2.36 10.88
C PRO A 56 6.39 3.64 10.08
N GLU A 57 5.56 4.65 10.27
CA GLU A 57 5.74 5.92 9.56
C GLU A 57 7.09 6.53 9.88
N GLU A 58 7.59 6.28 11.09
CA GLU A 58 8.89 6.80 11.51
C GLU A 58 10.01 6.28 10.61
N ALA A 59 9.83 5.07 10.10
CA ALA A 59 10.82 4.46 9.23
C ALA A 59 10.76 5.05 7.82
N ILE A 60 9.57 5.44 7.40
CA ILE A 60 9.37 6.03 6.08
C ILE A 60 9.60 7.53 6.11
N SER A 61 10.72 7.97 5.53
CA SER A 61 11.06 9.39 5.49
C SER A 61 10.97 9.93 4.07
N PRO A 62 10.84 11.26 3.92
CA PRO A 62 10.74 11.90 2.60
C PRO A 62 12.07 11.89 1.86
N GLY A 63 12.21 10.95 0.93
CA GLY A 63 13.43 10.85 0.15
C GLY A 63 14.36 9.76 0.67
N VAL A 64 13.87 8.53 0.70
CA VAL A 64 14.66 7.40 1.18
C VAL A 64 14.68 6.28 0.15
N THR A 65 15.47 5.25 0.42
CA THR A 65 15.58 4.10 -0.48
C THR A 65 15.02 2.85 0.17
N ALA A 66 14.91 1.78 -0.61
CA ALA A 66 14.38 0.51 -0.12
C ALA A 66 15.22 -0.02 1.05
N SER A 67 16.50 0.29 1.03
CA SER A 67 17.42 -0.14 2.09
C SER A 67 17.07 0.52 3.41
N TRP A 68 16.62 1.78 3.34
CA TRP A 68 16.26 2.52 4.53
C TRP A 68 15.09 1.87 5.26
N ILE A 69 13.99 1.66 4.55
CA ILE A 69 12.80 1.05 5.12
C ILE A 69 13.10 -0.37 5.60
N GLU A 70 13.90 -1.09 4.83
CA GLU A 70 14.28 -2.46 5.19
C GLU A 70 14.99 -2.51 6.53
N ALA A 71 15.71 -1.44 6.85
CA ALA A 71 16.44 -1.35 8.11
C ALA A 71 15.49 -1.05 9.27
N HIS A 72 14.47 -0.24 9.01
CA HIS A 72 13.50 0.12 10.03
C HIS A 72 12.13 -0.48 9.73
N LEU A 73 11.92 -1.71 10.21
CA LEU A 73 10.67 -2.40 9.99
C LEU A 73 10.39 -3.40 11.12
N PRO A 74 9.12 -3.82 11.27
CA PRO A 74 8.73 -4.78 12.31
C PRO A 74 9.59 -6.05 12.29
N ASP A 75 9.22 -7.01 13.13
CA ASP A 75 9.97 -8.26 13.21
C ASP A 75 9.59 -9.20 12.06
N ASP A 76 8.32 -9.60 12.03
CA ASP A 76 7.83 -10.50 10.98
C ASP A 76 7.68 -9.77 9.65
N SER A 77 7.44 -8.47 9.71
CA SER A 77 7.28 -7.67 8.50
C SER A 77 8.55 -7.71 7.65
N LYS A 78 9.69 -7.87 8.30
CA LYS A 78 10.97 -7.92 7.60
C LYS A 78 10.99 -9.08 6.61
N ASP A 79 10.26 -10.14 6.92
CA ASP A 79 10.20 -11.31 6.06
C ASP A 79 9.50 -10.99 4.74
N THR A 80 8.24 -10.57 4.84
CA THR A 80 7.46 -10.22 3.66
C THR A 80 8.14 -9.12 2.85
N TRP A 81 8.81 -8.21 3.55
CA TRP A 81 9.51 -7.11 2.90
C TRP A 81 10.63 -7.62 2.00
N LYS A 82 11.21 -8.75 2.39
CA LYS A 82 12.30 -9.35 1.61
C LYS A 82 11.77 -10.10 0.40
N LYS A 83 10.49 -10.49 0.45
CA LYS A 83 9.86 -11.21 -0.65
C LYS A 83 9.27 -10.24 -1.69
N ARG A 84 9.58 -8.96 -1.54
CA ARG A 84 9.08 -7.95 -2.47
C ARG A 84 9.44 -8.30 -3.91
N GLY A 85 10.62 -8.86 -4.11
CA GLY A 85 11.05 -9.24 -5.45
C GLY A 85 10.60 -10.63 -5.84
N ASN A 86 9.72 -11.22 -5.04
CA ASN A 86 9.22 -12.56 -5.33
C ASN A 86 7.79 -12.50 -5.87
N VAL A 87 7.04 -11.49 -5.43
CA VAL A 87 5.66 -11.32 -5.87
C VAL A 87 5.60 -10.72 -7.28
N GLU A 88 4.39 -10.51 -7.77
CA GLU A 88 4.18 -9.94 -9.10
C GLU A 88 3.66 -8.51 -9.01
N TYR A 89 2.88 -8.23 -7.96
CA TYR A 89 2.32 -6.91 -7.76
C TYR A 89 2.45 -6.47 -6.31
N VAL A 90 2.23 -5.18 -6.06
CA VAL A 90 2.33 -4.64 -4.71
C VAL A 90 1.22 -3.61 -4.46
N VAL A 91 0.86 -3.43 -3.19
CA VAL A 91 -0.18 -2.48 -2.82
C VAL A 91 0.13 -1.82 -1.49
N LEU A 92 -0.47 -0.64 -1.27
CA LEU A 92 -0.25 0.10 -0.03
C LEU A 92 -1.59 0.43 0.64
N LEU A 93 -1.52 1.10 1.78
CA LEU A 93 -2.72 1.47 2.52
C LEU A 93 -2.57 2.86 3.14
N ASP A 94 -3.68 3.39 3.66
CA ASP A 94 -3.66 4.71 4.28
C ASP A 94 -5.01 5.00 4.95
N TRP A 95 -5.12 6.18 5.54
CA TRP A 95 -6.35 6.58 6.23
C TRP A 95 -7.23 7.41 5.30
N PHE A 96 -6.63 8.43 4.68
CA PHE A 96 -7.36 9.31 3.78
C PHE A 96 -6.43 9.89 2.72
N SER A 97 -6.11 9.08 1.71
CA SER A 97 -5.22 9.52 0.63
C SER A 97 -5.11 8.45 -0.45
N SER A 98 -4.66 8.85 -1.63
CA SER A 98 -4.49 7.93 -2.75
C SER A 98 -3.29 8.32 -3.61
N ALA A 99 -3.05 7.54 -4.66
CA ALA A 99 -1.94 7.80 -5.56
C ALA A 99 -2.03 9.21 -6.14
N LYS A 100 -3.25 9.72 -6.29
CA LYS A 100 -3.46 11.05 -6.84
C LYS A 100 -3.19 12.12 -5.79
N ASP A 101 -3.42 11.78 -4.52
CA ASP A 101 -3.20 12.71 -3.42
C ASP A 101 -1.71 12.86 -3.12
N LEU A 102 -0.92 11.88 -3.52
CA LEU A 102 0.53 11.91 -3.29
C LEU A 102 1.14 13.21 -3.82
N GLN A 103 1.90 13.89 -2.96
CA GLN A 103 2.54 15.15 -3.32
C GLN A 103 4.03 14.95 -3.58
N ILE A 104 4.76 14.62 -2.52
CA ILE A 104 6.19 14.41 -2.63
C ILE A 104 6.80 13.99 -1.28
N GLY A 105 6.31 14.61 -0.21
CA GLY A 105 6.81 14.29 1.12
C GLY A 105 5.82 13.48 1.93
N THR A 106 4.96 12.73 1.25
CA THR A 106 3.96 11.91 1.92
C THR A 106 4.50 10.51 2.20
N THR A 107 4.01 9.90 3.28
CA THR A 107 4.45 8.55 3.65
C THR A 107 4.17 7.56 2.53
N LEU A 108 3.11 7.82 1.77
CA LEU A 108 2.73 6.95 0.66
C LEU A 108 3.66 7.15 -0.53
N ARG A 109 3.93 8.42 -0.86
CA ARG A 109 4.80 8.75 -1.97
C ARG A 109 6.24 8.31 -1.69
N SER A 110 6.77 8.75 -0.56
CA SER A 110 8.13 8.39 -0.17
C SER A 110 8.31 6.88 -0.14
N LEU A 111 7.23 6.16 0.18
CA LEU A 111 7.27 4.71 0.24
C LEU A 111 7.21 4.11 -1.16
N LYS A 112 6.36 4.69 -2.00
CA LYS A 112 6.20 4.21 -3.37
C LYS A 112 7.45 4.52 -4.21
N ASP A 113 8.10 5.64 -3.88
CA ASP A 113 9.31 6.04 -4.59
C ASP A 113 10.51 5.23 -4.14
N ALA A 114 10.42 4.66 -2.94
CA ALA A 114 11.51 3.86 -2.40
C ALA A 114 11.31 2.37 -2.69
N LEU A 115 10.48 2.07 -3.70
CA LEU A 115 10.20 0.70 -4.07
C LEU A 115 10.61 0.44 -5.52
N PHE A 116 10.36 1.40 -6.39
CA PHE A 116 10.71 1.27 -7.80
C PHE A 116 11.69 2.36 -8.23
N LYS A 117 11.40 3.60 -7.84
CA LYS A 117 12.25 4.73 -8.19
C LYS A 117 13.67 4.51 -7.66
N TRP A 118 13.79 4.24 -6.37
CA TRP A 118 15.09 4.01 -5.75
C TRP A 118 15.39 2.52 -5.64
N GLU A 119 16.01 1.97 -6.68
CA GLU A 119 16.35 0.55 -6.71
C GLU A 119 17.77 0.33 -6.21
N SER A 120 18.11 -0.92 -5.91
CA SER A 120 19.44 -1.26 -5.41
C SER A 120 19.77 -2.72 -5.74
N LYS A 121 18.83 -3.61 -5.46
CA LYS A 121 19.03 -5.03 -5.72
C LYS A 121 17.70 -5.72 -6.06
N THR A 122 16.67 -5.44 -5.26
CA THR A 122 15.35 -6.02 -5.48
C THR A 122 14.57 -5.22 -6.52
N VAL A 123 13.87 -5.93 -7.40
CA VAL A 123 13.08 -5.29 -8.44
C VAL A 123 11.66 -5.85 -8.48
N LEU A 124 10.71 -5.01 -8.84
CA LEU A 124 9.31 -5.40 -8.93
C LEU A 124 8.84 -5.47 -10.38
N ARG A 125 7.84 -6.31 -10.64
CA ARG A 125 7.29 -6.46 -11.98
C ARG A 125 6.54 -5.21 -12.40
N ASN A 126 5.71 -4.68 -11.50
CA ASN A 126 4.92 -3.49 -11.78
C ASN A 126 5.16 -2.43 -10.72
N GLU A 127 4.69 -1.21 -10.99
CA GLU A 127 4.85 -0.10 -10.04
C GLU A 127 3.90 -0.27 -8.85
N PRO A 128 4.45 -0.21 -7.62
CA PRO A 128 3.63 -0.35 -6.40
C PRO A 128 2.45 0.62 -6.38
N LEU A 129 1.24 0.07 -6.39
CA LEU A 129 0.04 0.88 -6.38
C LEU A 129 -0.48 1.06 -4.95
N VAL A 130 -1.51 1.88 -4.79
CA VAL A 130 -2.09 2.14 -3.48
C VAL A 130 -3.60 1.95 -3.51
N LEU A 131 -4.14 1.34 -2.46
CA LEU A 131 -5.58 1.09 -2.37
C LEU A 131 -6.36 2.40 -2.43
N GLU A 132 -7.55 2.34 -3.03
CA GLU A 132 -8.39 3.52 -3.15
C GLU A 132 -8.99 3.92 -1.81
N GLY A 133 -8.44 4.97 -1.21
CA GLY A 133 -8.93 5.43 0.08
C GLY A 133 -8.10 4.89 1.23
N GLY A 134 -7.60 3.69 1.08
CA GLY A 134 -6.78 3.08 2.12
C GLY A 134 -7.58 2.12 2.98
N TYR A 135 -7.18 2.01 4.26
CA TYR A 135 -7.86 1.13 5.19
C TYR A 135 -9.28 1.60 5.45
N GLU A 136 -9.46 2.91 5.52
CA GLU A 136 -10.78 3.49 5.77
C GLU A 136 -11.78 3.07 4.69
N ASN A 137 -11.29 2.91 3.47
CA ASN A 137 -12.14 2.50 2.35
C ASN A 137 -12.27 0.98 2.30
N TRP A 138 -11.23 0.28 2.73
CA TRP A 138 -11.23 -1.18 2.72
C TRP A 138 -12.33 -1.72 3.63
N LEU A 139 -12.62 -0.99 4.70
CA LEU A 139 -13.65 -1.40 5.65
C LEU A 139 -15.05 -1.17 5.07
N LEU A 140 -15.18 -0.12 4.27
CA LEU A 140 -16.46 0.21 3.65
C LEU A 140 -16.83 -0.82 2.60
N CYS A 141 -15.82 -1.40 1.96
CA CYS A 141 -16.04 -2.40 0.91
C CYS A 141 -16.06 -3.81 1.51
N TYR A 142 -14.99 -4.17 2.21
CA TYR A 142 -14.89 -5.49 2.82
C TYR A 142 -14.53 -5.38 4.29
N PRO A 143 -15.51 -5.06 5.15
CA PRO A 143 -15.29 -4.93 6.60
C PRO A 143 -15.06 -6.27 7.28
N GLN A 144 -15.40 -7.35 6.60
CA GLN A 144 -15.22 -8.70 7.14
C GLN A 144 -13.93 -9.33 6.64
N TYR A 145 -12.93 -8.50 6.38
CA TYR A 145 -11.64 -8.97 5.89
C TYR A 145 -10.50 -8.34 6.68
N THR A 146 -10.76 -8.05 7.95
CA THR A 146 -9.75 -7.44 8.81
C THR A 146 -9.74 -8.11 10.18
N THR A 147 -8.59 -8.06 10.85
CA THR A 147 -8.45 -8.66 12.18
C THR A 147 -9.27 -7.90 13.21
N ASN A 148 -9.38 -6.59 13.02
CA ASN A 148 -10.13 -5.75 13.95
C ASN A 148 -11.54 -5.49 13.41
N ALA A 149 -11.62 -4.80 12.28
CA ALA A 149 -12.90 -4.48 11.66
C ALA A 149 -13.76 -3.62 12.58
N LYS A 150 -13.10 -2.80 13.39
CA LYS A 150 -13.80 -1.93 14.33
C LYS A 150 -12.97 -0.69 14.66
N VAL A 151 -13.27 0.41 13.99
CA VAL A 151 -12.55 1.66 14.21
C VAL A 151 -13.48 2.85 14.13
N SER A 152 -14.34 2.88 13.11
CA SER A 152 -15.28 3.97 12.93
C SER A 152 -14.55 5.29 12.69
N GLY A 153 -13.47 5.23 11.92
CA GLY A 153 -12.71 6.43 11.63
C GLY A 153 -11.57 6.64 12.60
N PRO A 154 -10.86 7.78 12.51
CA PRO A 154 -9.73 8.09 13.40
C PRO A 154 -10.11 7.95 14.87
N SER A 155 -9.33 7.15 15.59
CA SER A 155 -9.57 6.92 17.02
C SER A 155 -8.35 7.29 17.84
N SER A 156 -8.57 7.99 18.95
CA SER A 156 -7.48 8.40 19.83
C SER A 156 -6.49 9.29 19.09
N GLY A 157 -6.63 10.60 19.28
CA GLY A 157 -5.75 11.54 18.63
C GLY A 157 -6.43 12.84 18.28
N GLY A 1 -29.15 13.32 -33.64
CA GLY A 1 -28.43 13.76 -32.43
C GLY A 1 -28.37 12.67 -31.36
N SER A 2 -27.34 11.83 -31.44
CA SER A 2 -27.17 10.75 -30.48
C SER A 2 -25.85 10.88 -29.73
N SER A 3 -25.93 11.34 -28.49
CA SER A 3 -24.74 11.51 -27.66
C SER A 3 -24.97 10.98 -26.25
N GLY A 4 -24.50 9.76 -26.00
CA GLY A 4 -24.67 9.15 -24.69
C GLY A 4 -23.37 8.57 -24.16
N SER A 5 -23.01 8.96 -22.95
CA SER A 5 -21.78 8.47 -22.32
C SER A 5 -20.55 8.88 -23.13
N SER A 6 -20.27 8.14 -24.20
CA SER A 6 -19.12 8.43 -25.05
C SER A 6 -17.82 8.35 -24.25
N GLY A 7 -17.81 7.48 -23.23
CA GLY A 7 -16.62 7.33 -22.41
C GLY A 7 -16.94 7.26 -20.94
N LYS A 8 -17.97 6.47 -20.60
CA LYS A 8 -18.38 6.32 -19.20
C LYS A 8 -17.42 5.41 -18.45
N CYS A 9 -17.42 5.53 -17.13
CA CYS A 9 -16.54 4.72 -16.29
C CYS A 9 -15.08 4.98 -16.61
N GLU A 10 -14.20 4.56 -15.71
CA GLU A 10 -12.76 4.75 -15.90
C GLU A 10 -11.97 3.57 -15.34
N THR A 11 -11.44 2.73 -16.23
CA THR A 11 -10.67 1.56 -15.83
C THR A 11 -9.20 1.73 -16.20
N LYS A 12 -8.37 0.80 -15.75
CA LYS A 12 -6.95 0.84 -16.03
C LYS A 12 -6.32 2.12 -15.49
N GLU A 13 -6.41 2.30 -14.17
CA GLU A 13 -5.84 3.47 -13.51
C GLU A 13 -4.34 3.31 -13.29
N LYS A 14 -3.59 4.38 -13.52
CA LYS A 14 -2.15 4.37 -13.34
C LYS A 14 -1.74 5.13 -12.09
N GLY A 15 -1.39 4.39 -11.04
CA GLY A 15 -0.99 5.02 -9.80
C GLY A 15 -1.71 4.45 -8.59
N ALA A 16 -3.04 4.39 -8.68
CA ALA A 16 -3.85 3.86 -7.58
C ALA A 16 -4.66 2.65 -8.04
N ILE A 17 -5.02 1.79 -7.09
CA ILE A 17 -5.79 0.60 -7.39
C ILE A 17 -7.12 0.60 -6.63
N THR A 18 -8.12 -0.06 -7.20
CA THR A 18 -9.44 -0.14 -6.57
C THR A 18 -9.50 -1.31 -5.60
N ALA A 19 -10.43 -1.24 -4.66
CA ALA A 19 -10.59 -2.29 -3.66
C ALA A 19 -11.10 -3.58 -4.30
N LYS A 20 -11.90 -3.43 -5.36
CA LYS A 20 -12.45 -4.58 -6.07
C LYS A 20 -11.35 -5.39 -6.73
N GLU A 21 -10.34 -4.70 -7.25
CA GLU A 21 -9.22 -5.36 -7.92
C GLU A 21 -8.33 -6.08 -6.90
N LEU A 22 -8.19 -5.48 -5.73
CA LEU A 22 -7.37 -6.07 -4.67
C LEU A 22 -7.98 -7.38 -4.18
N TYR A 23 -9.30 -7.40 -4.05
CA TYR A 23 -10.00 -8.59 -3.59
C TYR A 23 -9.78 -9.76 -4.54
N THR A 24 -9.86 -9.48 -5.84
CA THR A 24 -9.66 -10.50 -6.86
C THR A 24 -8.22 -10.99 -6.88
N MET A 25 -7.28 -10.05 -6.74
CA MET A 25 -5.87 -10.38 -6.74
C MET A 25 -5.47 -11.13 -5.47
N MET A 26 -6.03 -10.69 -4.34
CA MET A 26 -5.74 -11.33 -3.06
C MET A 26 -6.14 -12.80 -3.07
N THR A 27 -7.39 -13.06 -3.44
CA THR A 27 -7.90 -14.42 -3.49
C THR A 27 -7.22 -15.22 -4.60
N ASP A 28 -6.69 -14.52 -5.59
CA ASP A 28 -6.01 -15.17 -6.71
C ASP A 28 -4.88 -16.07 -6.21
N LYS A 29 -4.40 -16.94 -7.09
CA LYS A 29 -3.33 -17.87 -6.73
C LYS A 29 -2.08 -17.59 -7.57
N ASN A 30 -2.25 -17.59 -8.89
CA ASN A 30 -1.14 -17.35 -9.81
C ASN A 30 -0.58 -15.95 -9.61
N ILE A 31 -1.45 -14.95 -9.65
CA ILE A 31 -1.04 -13.56 -9.48
C ILE A 31 -0.83 -13.23 -8.00
N SER A 32 0.42 -13.00 -7.62
CA SER A 32 0.76 -12.67 -6.24
C SER A 32 0.53 -11.19 -5.96
N LEU A 33 0.64 -10.81 -4.69
CA LEU A 33 0.43 -9.41 -4.30
C LEU A 33 0.69 -9.23 -2.81
N ILE A 34 1.25 -8.09 -2.45
CA ILE A 34 1.54 -7.78 -1.05
C ILE A 34 0.97 -6.43 -0.65
N ILE A 35 0.54 -6.32 0.60
CA ILE A 35 -0.03 -5.07 1.11
C ILE A 35 0.81 -4.52 2.25
N MET A 36 0.86 -3.18 2.34
CA MET A 36 1.64 -2.52 3.39
C MET A 36 0.82 -1.41 4.04
N ASP A 37 0.96 -1.28 5.36
CA ASP A 37 0.24 -0.26 6.11
C ASP A 37 1.09 1.00 6.27
N ALA A 38 0.85 1.98 5.40
CA ALA A 38 1.58 3.24 5.44
C ALA A 38 1.06 4.14 6.56
N ARG A 39 1.20 3.67 7.79
CA ARG A 39 0.75 4.44 8.96
C ARG A 39 1.70 4.23 10.13
N ARG A 40 1.31 4.75 11.29
CA ARG A 40 2.12 4.63 12.50
C ARG A 40 2.32 3.16 12.87
N MET A 41 2.95 2.92 14.01
CA MET A 41 3.20 1.56 14.48
C MET A 41 2.04 1.06 15.34
N GLN A 42 1.39 1.98 16.05
CA GLN A 42 0.26 1.64 16.90
C GLN A 42 -0.95 1.26 16.07
N ASP A 43 -1.07 1.87 14.89
CA ASP A 43 -2.19 1.61 14.00
C ASP A 43 -2.25 0.13 13.61
N TYR A 44 -1.09 -0.42 13.26
CA TYR A 44 -1.00 -1.83 12.86
C TYR A 44 -1.35 -2.75 14.03
N GLN A 45 -0.74 -2.48 15.19
CA GLN A 45 -0.99 -3.28 16.38
C GLN A 45 -2.47 -3.25 16.76
N ASP A 46 -3.12 -2.13 16.45
CA ASP A 46 -4.54 -1.97 16.77
C ASP A 46 -5.42 -2.52 15.65
N SER A 47 -5.30 -1.93 14.47
CA SER A 47 -6.08 -2.37 13.31
C SER A 47 -5.18 -2.62 12.11
N CYS A 48 -5.37 -3.77 11.46
CA CYS A 48 -4.58 -4.13 10.30
C CYS A 48 -5.30 -5.19 9.46
N ILE A 49 -5.12 -5.11 8.14
CA ILE A 49 -5.76 -6.05 7.23
C ILE A 49 -5.07 -7.41 7.28
N LEU A 50 -5.87 -8.47 7.19
CA LEU A 50 -5.34 -9.83 7.23
C LEU A 50 -4.46 -10.10 6.01
N HIS A 51 -3.41 -10.90 6.21
CA HIS A 51 -2.49 -11.23 5.14
C HIS A 51 -1.84 -9.99 4.56
N SER A 52 -1.58 -9.01 5.42
CA SER A 52 -0.95 -7.76 4.99
C SER A 52 0.34 -7.51 5.76
N LEU A 53 1.20 -6.68 5.19
CA LEU A 53 2.48 -6.34 5.82
C LEU A 53 2.36 -5.08 6.66
N SER A 54 3.34 -4.86 7.54
CA SER A 54 3.34 -3.69 8.40
C SER A 54 4.53 -2.79 8.09
N VAL A 55 4.38 -1.50 8.37
CA VAL A 55 5.44 -0.54 8.12
C VAL A 55 5.11 0.82 8.75
N PRO A 56 5.84 1.21 9.81
CA PRO A 56 5.60 2.48 10.50
C PRO A 56 5.98 3.68 9.64
N GLU A 57 5.47 4.85 9.99
CA GLU A 57 5.75 6.07 9.25
C GLU A 57 7.09 6.68 9.68
N GLU A 58 7.45 6.47 10.94
CA GLU A 58 8.71 6.99 11.47
C GLU A 58 9.90 6.45 10.68
N ALA A 59 9.76 5.24 10.17
CA ALA A 59 10.82 4.61 9.41
C ALA A 59 10.91 5.20 8.00
N ILE A 60 9.76 5.62 7.47
CA ILE A 60 9.70 6.20 6.14
C ILE A 60 9.82 7.72 6.20
N SER A 61 10.53 8.29 5.23
CA SER A 61 10.73 9.73 5.18
C SER A 61 10.74 10.23 3.73
N PRO A 62 10.60 11.55 3.53
CA PRO A 62 10.60 12.14 2.18
C PRO A 62 11.98 12.08 1.52
N GLY A 63 12.18 11.05 0.70
CA GLY A 63 13.46 10.90 0.02
C GLY A 63 14.35 9.86 0.68
N VAL A 64 13.90 8.61 0.67
CA VAL A 64 14.65 7.53 1.28
C VAL A 64 14.72 6.32 0.33
N THR A 65 15.38 5.26 0.79
CA THR A 65 15.53 4.05 0.00
C THR A 65 15.00 2.84 0.76
N ALA A 66 15.01 1.68 0.10
CA ALA A 66 14.54 0.44 0.72
C ALA A 66 15.35 0.10 1.96
N SER A 67 16.66 0.35 1.89
CA SER A 67 17.54 0.07 3.01
C SER A 67 17.13 0.85 4.25
N TRP A 68 16.66 2.08 4.04
CA TRP A 68 16.24 2.94 5.13
C TRP A 68 15.09 2.29 5.91
N ILE A 69 14.02 1.97 5.20
CA ILE A 69 12.86 1.34 5.83
C ILE A 69 13.17 -0.08 6.28
N GLU A 70 13.88 -0.81 5.43
CA GLU A 70 14.25 -2.20 5.73
C GLU A 70 15.00 -2.29 7.06
N ALA A 71 15.67 -1.20 7.43
CA ALA A 71 16.42 -1.16 8.67
C ALA A 71 15.50 -0.93 9.87
N HIS A 72 14.38 -0.25 9.64
CA HIS A 72 13.43 0.03 10.70
C HIS A 72 12.08 -0.60 10.41
N LEU A 73 11.91 -1.84 10.86
CA LEU A 73 10.66 -2.56 10.65
C LEU A 73 10.46 -3.63 11.73
N PRO A 74 9.23 -4.15 11.86
CA PRO A 74 8.90 -5.18 12.85
C PRO A 74 9.81 -6.41 12.74
N ASP A 75 9.38 -7.52 13.33
CA ASP A 75 10.15 -8.75 13.29
C ASP A 75 9.78 -9.59 12.08
N ASP A 76 8.52 -10.03 12.02
CA ASP A 76 8.05 -10.85 10.91
C ASP A 76 7.85 -10.02 9.65
N SER A 77 7.53 -8.73 9.84
CA SER A 77 7.31 -7.84 8.71
C SER A 77 8.55 -7.76 7.81
N LYS A 78 9.71 -7.95 8.41
CA LYS A 78 10.96 -7.91 7.66
C LYS A 78 11.03 -9.03 6.63
N ASP A 79 10.38 -10.15 6.94
CA ASP A 79 10.37 -11.30 6.04
C ASP A 79 9.67 -10.96 4.73
N THR A 80 8.38 -10.66 4.81
CA THR A 80 7.59 -10.31 3.63
C THR A 80 8.18 -9.10 2.92
N TRP A 81 8.80 -8.21 3.69
CA TRP A 81 9.40 -7.00 3.13
C TRP A 81 10.49 -7.35 2.12
N LYS A 82 11.22 -8.42 2.39
CA LYS A 82 12.29 -8.87 1.51
C LYS A 82 11.75 -9.73 0.37
N LYS A 83 10.56 -10.30 0.57
CA LYS A 83 9.94 -11.13 -0.44
C LYS A 83 9.21 -10.30 -1.50
N ARG A 84 9.28 -8.98 -1.37
CA ARG A 84 8.63 -8.08 -2.32
C ARG A 84 9.13 -8.31 -3.73
N GLY A 85 10.35 -8.83 -3.85
CA GLY A 85 10.92 -9.09 -5.15
C GLY A 85 10.58 -10.46 -5.69
N ASN A 86 9.66 -11.15 -5.01
CA ASN A 86 9.25 -12.48 -5.44
C ASN A 86 7.85 -12.46 -6.04
N VAL A 87 7.02 -11.55 -5.55
CA VAL A 87 5.65 -11.41 -6.03
C VAL A 87 5.60 -10.64 -7.35
N GLU A 88 4.40 -10.41 -7.85
CA GLU A 88 4.21 -9.69 -9.10
C GLU A 88 3.68 -8.29 -8.84
N TYR A 89 2.40 -8.20 -8.48
CA TYR A 89 1.77 -6.92 -8.21
C TYR A 89 2.04 -6.46 -6.78
N VAL A 90 1.72 -5.20 -6.50
CA VAL A 90 1.93 -4.64 -5.17
C VAL A 90 0.93 -3.53 -4.88
N VAL A 91 0.36 -3.56 -3.68
CA VAL A 91 -0.62 -2.55 -3.29
C VAL A 91 -0.26 -1.92 -1.94
N LEU A 92 -0.62 -0.66 -1.76
CA LEU A 92 -0.34 0.05 -0.51
C LEU A 92 -1.62 0.40 0.23
N LEU A 93 -1.47 0.91 1.45
CA LEU A 93 -2.62 1.28 2.25
C LEU A 93 -2.46 2.70 2.81
N ASP A 94 -3.51 3.19 3.47
CA ASP A 94 -3.48 4.53 4.04
C ASP A 94 -4.77 4.82 4.79
N TRP A 95 -4.82 5.98 5.45
CA TRP A 95 -6.01 6.37 6.21
C TRP A 95 -6.91 7.28 5.37
N PHE A 96 -6.33 8.33 4.79
CA PHE A 96 -7.08 9.26 3.97
C PHE A 96 -6.19 9.88 2.89
N SER A 97 -5.91 9.12 1.84
CA SER A 97 -5.06 9.59 0.76
C SER A 97 -5.03 8.58 -0.39
N SER A 98 -4.74 9.06 -1.59
CA SER A 98 -4.66 8.20 -2.76
C SER A 98 -3.55 8.66 -3.70
N ALA A 99 -3.33 7.89 -4.77
CA ALA A 99 -2.29 8.22 -5.75
C ALA A 99 -2.48 9.63 -6.29
N LYS A 100 -3.71 10.09 -6.33
CA LYS A 100 -4.02 11.42 -6.83
C LYS A 100 -3.81 12.47 -5.75
N ASP A 101 -3.93 12.07 -4.49
CA ASP A 101 -3.75 12.98 -3.37
C ASP A 101 -2.33 12.92 -2.82
N LEU A 102 -1.40 12.42 -3.64
CA LEU A 102 -0.01 12.32 -3.23
C LEU A 102 0.70 13.67 -3.36
N GLN A 103 1.62 13.94 -2.45
CA GLN A 103 2.37 15.19 -2.46
C GLN A 103 3.87 14.94 -2.32
N ILE A 104 4.66 15.99 -2.52
CA ILE A 104 6.11 15.87 -2.40
C ILE A 104 6.55 15.79 -0.95
N GLY A 105 6.20 14.68 -0.29
CA GLY A 105 6.56 14.50 1.10
C GLY A 105 5.52 13.72 1.88
N THR A 106 5.03 12.64 1.28
CA THR A 106 4.02 11.81 1.93
C THR A 106 4.57 10.41 2.23
N THR A 107 3.84 9.65 3.02
CA THR A 107 4.26 8.30 3.39
C THR A 107 4.09 7.35 2.21
N LEU A 108 3.12 7.64 1.35
CA LEU A 108 2.86 6.80 0.18
C LEU A 108 3.86 7.10 -0.93
N ARG A 109 4.12 8.39 -1.16
CA ARG A 109 5.05 8.82 -2.20
C ARG A 109 6.44 8.26 -1.94
N SER A 110 7.00 8.54 -0.76
CA SER A 110 8.32 8.08 -0.40
C SER A 110 8.39 6.55 -0.43
N LEU A 111 7.35 5.90 0.07
CA LEU A 111 7.29 4.44 0.09
C LEU A 111 7.13 3.88 -1.32
N LYS A 112 6.28 4.50 -2.11
CA LYS A 112 6.03 4.06 -3.48
C LYS A 112 7.27 4.25 -4.34
N ASP A 113 8.02 5.31 -4.06
CA ASP A 113 9.24 5.61 -4.81
C ASP A 113 10.45 4.86 -4.22
N ALA A 114 10.31 4.40 -2.98
CA ALA A 114 11.40 3.68 -2.32
C ALA A 114 11.26 2.17 -2.52
N LEU A 115 10.50 1.76 -3.52
CA LEU A 115 10.30 0.35 -3.81
C LEU A 115 10.71 0.01 -5.23
N PHE A 116 10.32 0.86 -6.18
CA PHE A 116 10.65 0.65 -7.58
C PHE A 116 11.74 1.62 -8.04
N LYS A 117 11.49 2.91 -7.86
CA LYS A 117 12.44 3.94 -8.25
C LYS A 117 13.79 3.74 -7.56
N TRP A 118 13.80 3.91 -6.24
CA TRP A 118 15.02 3.74 -5.47
C TRP A 118 15.32 2.27 -5.22
N GLU A 119 16.22 1.71 -6.02
CA GLU A 119 16.59 0.31 -5.90
C GLU A 119 18.09 0.12 -6.12
N SER A 120 18.63 -0.97 -5.58
CA SER A 120 20.05 -1.26 -5.71
C SER A 120 20.28 -2.65 -6.29
N LYS A 121 19.53 -3.62 -5.79
CA LYS A 121 19.63 -5.00 -6.28
C LYS A 121 18.28 -5.70 -6.24
N THR A 122 17.22 -4.92 -6.43
CA THR A 122 15.86 -5.48 -6.42
C THR A 122 14.95 -4.69 -7.37
N VAL A 123 14.13 -5.41 -8.11
CA VAL A 123 13.21 -4.79 -9.06
C VAL A 123 11.82 -5.42 -8.99
N LEU A 124 10.80 -4.62 -9.26
CA LEU A 124 9.42 -5.10 -9.23
C LEU A 124 8.81 -5.13 -10.63
N ARG A 125 7.80 -5.96 -10.81
CA ARG A 125 7.13 -6.07 -12.10
C ARG A 125 6.46 -4.76 -12.49
N ASN A 126 5.82 -4.12 -11.51
CA ASN A 126 5.14 -2.86 -11.76
C ASN A 126 5.31 -1.91 -10.57
N GLU A 127 4.93 -0.65 -10.76
CA GLU A 127 5.04 0.35 -9.71
C GLU A 127 3.98 0.12 -8.64
N PRO A 128 4.37 0.14 -7.35
CA PRO A 128 3.43 -0.05 -6.24
C PRO A 128 2.25 0.92 -6.30
N LEU A 129 1.04 0.37 -6.40
CA LEU A 129 -0.16 1.18 -6.46
C LEU A 129 -0.80 1.31 -5.08
N VAL A 130 -1.55 2.40 -4.88
CA VAL A 130 -2.23 2.64 -3.61
C VAL A 130 -3.72 2.35 -3.72
N LEU A 131 -4.25 1.65 -2.72
CA LEU A 131 -5.67 1.30 -2.70
C LEU A 131 -6.53 2.57 -2.70
N GLU A 132 -7.72 2.46 -3.28
CA GLU A 132 -8.65 3.58 -3.35
C GLU A 132 -9.19 3.92 -1.96
N GLY A 133 -8.55 4.87 -1.28
CA GLY A 133 -8.99 5.27 0.04
C GLY A 133 -8.09 4.73 1.13
N GLY A 134 -7.59 3.50 0.94
CA GLY A 134 -6.73 2.89 1.92
C GLY A 134 -7.47 1.99 2.88
N TYR A 135 -6.96 1.85 4.10
CA TYR A 135 -7.58 1.01 5.11
C TYR A 135 -9.01 1.49 5.42
N GLU A 136 -9.18 2.80 5.46
CA GLU A 136 -10.48 3.39 5.75
C GLU A 136 -11.51 2.96 4.71
N ASN A 137 -11.05 2.74 3.48
CA ASN A 137 -11.93 2.33 2.40
C ASN A 137 -12.13 0.81 2.40
N TRP A 138 -11.09 0.09 2.84
CA TRP A 138 -11.15 -1.36 2.89
C TRP A 138 -12.28 -1.83 3.81
N LEU A 139 -12.46 -1.13 4.92
CA LEU A 139 -13.51 -1.47 5.88
C LEU A 139 -14.88 -1.25 5.29
N LEU A 140 -14.99 -0.27 4.39
CA LEU A 140 -16.26 0.05 3.74
C LEU A 140 -16.58 -0.97 2.66
N CYS A 141 -15.55 -1.51 2.03
CA CYS A 141 -15.72 -2.50 0.98
C CYS A 141 -15.82 -3.90 1.56
N TYR A 142 -14.90 -4.24 2.45
CA TYR A 142 -14.89 -5.56 3.08
C TYR A 142 -14.53 -5.45 4.56
N PRO A 143 -15.52 -5.15 5.41
CA PRO A 143 -15.31 -5.01 6.86
C PRO A 143 -15.02 -6.35 7.53
N GLN A 144 -15.47 -7.43 6.90
CA GLN A 144 -15.27 -8.77 7.44
C GLN A 144 -14.05 -9.43 6.82
N TYR A 145 -12.98 -8.65 6.66
CA TYR A 145 -11.74 -9.16 6.06
C TYR A 145 -10.53 -8.49 6.70
N THR A 146 -10.64 -8.15 7.98
CA THR A 146 -9.55 -7.51 8.70
C THR A 146 -9.26 -8.22 10.01
N THR A 147 -8.18 -7.85 10.67
CA THR A 147 -7.78 -8.46 11.94
C THR A 147 -8.61 -7.90 13.08
N ASN A 148 -8.96 -6.61 12.99
CA ASN A 148 -9.75 -5.96 14.03
C ASN A 148 -11.12 -5.56 13.49
N ALA A 149 -11.13 -4.63 12.54
CA ALA A 149 -12.37 -4.16 11.95
C ALA A 149 -13.27 -3.52 13.00
N LYS A 150 -12.66 -2.90 14.01
CA LYS A 150 -13.41 -2.25 15.07
C LYS A 150 -13.04 -0.77 15.17
N VAL A 151 -13.03 -0.09 14.04
CA VAL A 151 -12.70 1.32 13.98
C VAL A 151 -13.70 2.10 13.15
N SER A 152 -13.68 3.42 13.26
CA SER A 152 -14.58 4.28 12.51
C SER A 152 -13.81 5.18 11.55
N GLY A 153 -12.68 5.70 12.01
CA GLY A 153 -11.88 6.57 11.17
C GLY A 153 -11.38 7.79 11.92
N PRO A 154 -12.29 8.64 12.40
CA PRO A 154 -11.92 9.85 13.15
C PRO A 154 -11.34 9.54 14.52
N SER A 155 -10.36 10.34 14.94
CA SER A 155 -9.72 10.14 16.24
C SER A 155 -10.06 11.29 17.19
N SER A 156 -11.26 11.85 17.02
CA SER A 156 -11.70 12.96 17.87
C SER A 156 -12.58 12.45 19.00
N GLY A 157 -11.99 12.29 20.19
CA GLY A 157 -12.73 11.81 21.33
C GLY A 157 -12.66 10.31 21.48
N GLY A 1 11.15 24.01 -10.63
CA GLY A 1 10.57 25.20 -11.31
C GLY A 1 9.08 25.32 -11.09
N SER A 2 8.41 24.17 -10.93
CA SER A 2 6.97 24.15 -10.71
C SER A 2 6.61 24.85 -9.41
N SER A 3 5.31 25.00 -9.16
CA SER A 3 4.83 25.66 -7.95
C SER A 3 3.55 25.00 -7.45
N GLY A 4 2.57 24.85 -8.33
CA GLY A 4 1.32 24.24 -7.96
C GLY A 4 0.32 25.24 -7.41
N SER A 5 -0.03 25.09 -6.12
CA SER A 5 -0.98 25.99 -5.48
C SER A 5 -2.39 25.79 -6.04
N SER A 6 -2.57 26.17 -7.30
CA SER A 6 -3.87 26.04 -7.95
C SER A 6 -3.70 25.74 -9.44
N GLY A 7 -4.38 24.70 -9.91
CA GLY A 7 -4.30 24.33 -11.31
C GLY A 7 -4.44 22.83 -11.52
N LYS A 8 -5.42 22.45 -12.32
CA LYS A 8 -5.66 21.03 -12.62
C LYS A 8 -4.44 20.40 -13.26
N CYS A 9 -4.29 19.09 -13.08
CA CYS A 9 -3.17 18.37 -13.66
C CYS A 9 -3.34 16.86 -13.48
N GLU A 10 -3.80 16.47 -12.30
CA GLU A 10 -4.01 15.05 -11.99
C GLU A 10 -4.96 14.40 -13.00
N THR A 11 -4.38 13.87 -14.07
CA THR A 11 -5.18 13.22 -15.12
C THR A 11 -4.35 12.15 -15.83
N LYS A 12 -3.36 11.60 -15.14
CA LYS A 12 -2.49 10.57 -15.70
C LYS A 12 -2.04 9.59 -14.62
N GLU A 13 -2.90 9.37 -13.63
CA GLU A 13 -2.58 8.46 -12.53
C GLU A 13 -2.27 7.07 -13.06
N LYS A 14 -1.00 6.72 -13.08
CA LYS A 14 -0.57 5.41 -13.56
C LYS A 14 -0.09 4.53 -12.40
N GLY A 15 -0.67 4.76 -11.22
CA GLY A 15 -0.30 3.99 -10.05
C GLY A 15 -1.38 3.98 -8.99
N ALA A 16 -2.63 3.80 -9.42
CA ALA A 16 -3.75 3.77 -8.50
C ALA A 16 -4.53 2.47 -8.62
N ILE A 17 -4.72 1.79 -7.49
CA ILE A 17 -5.45 0.53 -7.47
C ILE A 17 -6.72 0.64 -6.62
N THR A 18 -7.80 0.03 -7.10
CA THR A 18 -9.06 0.05 -6.39
C THR A 18 -9.21 -1.16 -5.47
N ALA A 19 -10.22 -1.14 -4.62
CA ALA A 19 -10.47 -2.23 -3.69
C ALA A 19 -10.90 -3.50 -4.43
N LYS A 20 -11.59 -3.31 -5.55
CA LYS A 20 -12.07 -4.43 -6.36
C LYS A 20 -10.90 -5.21 -6.95
N GLU A 21 -9.86 -4.49 -7.34
CA GLU A 21 -8.67 -5.11 -7.93
C GLU A 21 -7.90 -5.92 -6.88
N LEU A 22 -7.78 -5.35 -5.69
CA LEU A 22 -7.06 -6.02 -4.60
C LEU A 22 -7.73 -7.35 -4.25
N TYR A 23 -9.06 -7.37 -4.30
CA TYR A 23 -9.82 -8.58 -3.99
C TYR A 23 -9.69 -9.61 -5.11
N THR A 24 -9.54 -9.12 -6.35
CA THR A 24 -9.41 -9.99 -7.51
C THR A 24 -8.04 -10.64 -7.54
N MET A 25 -7.04 -9.93 -7.04
CA MET A 25 -5.67 -10.44 -7.01
C MET A 25 -5.45 -11.33 -5.79
N MET A 26 -6.14 -11.02 -4.70
CA MET A 26 -6.02 -11.78 -3.47
C MET A 26 -6.63 -13.17 -3.62
N THR A 27 -7.83 -13.21 -4.19
CA THR A 27 -8.53 -14.48 -4.40
C THR A 27 -7.73 -15.41 -5.30
N ASP A 28 -7.14 -14.83 -6.35
CA ASP A 28 -6.35 -15.61 -7.29
C ASP A 28 -5.04 -16.06 -6.65
N LYS A 29 -4.60 -17.27 -6.99
CA LYS A 29 -3.36 -17.82 -6.44
C LYS A 29 -2.23 -17.74 -7.46
N ASN A 30 -2.58 -17.81 -8.74
CA ASN A 30 -1.60 -17.75 -9.81
C ASN A 30 -0.84 -16.43 -9.76
N ILE A 31 -1.51 -15.38 -9.28
CA ILE A 31 -0.89 -14.06 -9.19
C ILE A 31 -0.63 -13.68 -7.73
N SER A 32 0.63 -13.38 -7.42
CA SER A 32 1.01 -13.01 -6.07
C SER A 32 0.72 -11.53 -5.81
N LEU A 33 0.84 -11.12 -4.55
CA LEU A 33 0.58 -9.74 -4.17
C LEU A 33 0.87 -9.50 -2.70
N ILE A 34 1.25 -8.28 -2.35
CA ILE A 34 1.56 -7.93 -0.97
C ILE A 34 1.05 -6.53 -0.63
N ILE A 35 0.69 -6.34 0.63
CA ILE A 35 0.18 -5.04 1.08
C ILE A 35 1.01 -4.50 2.25
N MET A 36 1.06 -3.18 2.36
CA MET A 36 1.83 -2.54 3.43
C MET A 36 1.07 -1.34 3.99
N ASP A 37 0.92 -1.29 5.30
CA ASP A 37 0.22 -0.20 5.96
C ASP A 37 1.17 0.97 6.24
N ALA A 38 1.08 2.00 5.41
CA ALA A 38 1.93 3.18 5.57
C ALA A 38 1.43 4.06 6.70
N ARG A 39 1.52 3.54 7.93
CA ARG A 39 1.08 4.28 9.10
C ARG A 39 2.00 4.02 10.29
N ARG A 40 1.64 4.56 11.44
CA ARG A 40 2.44 4.37 12.65
C ARG A 40 2.45 2.91 13.09
N MET A 41 3.24 2.60 14.10
CA MET A 41 3.34 1.24 14.61
C MET A 41 2.13 0.90 15.48
N GLN A 42 1.60 1.91 16.18
CA GLN A 42 0.45 1.72 17.04
C GLN A 42 -0.81 1.44 16.23
N ASP A 43 -0.87 2.02 15.02
CA ASP A 43 -2.02 1.83 14.14
C ASP A 43 -2.15 0.37 13.71
N TYR A 44 -1.02 -0.23 13.33
CA TYR A 44 -1.00 -1.62 12.91
C TYR A 44 -1.51 -2.54 14.01
N GLN A 45 -1.05 -2.30 15.24
CA GLN A 45 -1.45 -3.11 16.38
C GLN A 45 -2.96 -3.01 16.61
N ASP A 46 -3.50 -1.80 16.45
CA ASP A 46 -4.92 -1.57 16.65
C ASP A 46 -5.74 -2.20 15.52
N SER A 47 -5.61 -1.64 14.32
CA SER A 47 -6.33 -2.15 13.16
C SER A 47 -5.36 -2.51 12.03
N CYS A 48 -5.59 -3.68 11.43
CA CYS A 48 -4.73 -4.14 10.34
C CYS A 48 -5.46 -5.17 9.47
N ILE A 49 -4.96 -5.38 8.26
CA ILE A 49 -5.56 -6.33 7.34
C ILE A 49 -4.92 -7.71 7.48
N LEU A 50 -5.71 -8.75 7.24
CA LEU A 50 -5.22 -10.12 7.32
C LEU A 50 -4.31 -10.45 6.15
N HIS A 51 -3.22 -11.15 6.42
CA HIS A 51 -2.27 -11.53 5.39
C HIS A 51 -1.69 -10.30 4.69
N SER A 52 -1.39 -9.27 5.48
CA SER A 52 -0.83 -8.04 4.94
C SER A 52 0.41 -7.62 5.72
N LEU A 53 1.23 -6.78 5.10
CA LEU A 53 2.46 -6.30 5.73
C LEU A 53 2.24 -4.94 6.38
N SER A 54 3.18 -4.54 7.24
CA SER A 54 3.08 -3.25 7.93
C SER A 54 4.40 -2.49 7.84
N VAL A 55 4.31 -1.16 7.90
CA VAL A 55 5.50 -0.32 7.82
C VAL A 55 5.29 0.97 8.62
N PRO A 56 6.02 1.14 9.73
CA PRO A 56 5.90 2.34 10.58
C PRO A 56 6.30 3.62 9.84
N GLU A 57 5.46 4.64 9.95
CA GLU A 57 5.73 5.92 9.30
C GLU A 57 7.04 6.52 9.77
N GLU A 58 7.41 6.22 11.02
CA GLU A 58 8.64 6.73 11.59
C GLU A 58 9.85 6.35 10.74
N ALA A 59 9.76 5.21 10.06
CA ALA A 59 10.84 4.75 9.21
C ALA A 59 10.77 5.39 7.83
N ILE A 60 9.56 5.70 7.38
CA ILE A 60 9.35 6.33 6.08
C ILE A 60 9.50 7.84 6.18
N SER A 61 10.58 8.36 5.60
CA SER A 61 10.83 9.80 5.62
C SER A 61 10.69 10.39 4.22
N PRO A 62 10.53 11.73 4.12
CA PRO A 62 10.37 12.42 2.83
C PRO A 62 11.65 12.39 2.02
N GLY A 63 11.80 11.35 1.20
CA GLY A 63 12.99 11.23 0.37
C GLY A 63 13.93 10.14 0.85
N VAL A 64 13.47 8.90 0.81
CA VAL A 64 14.28 7.77 1.25
C VAL A 64 14.32 6.68 0.19
N THR A 65 15.06 5.61 0.47
CA THR A 65 15.18 4.49 -0.45
C THR A 65 14.65 3.20 0.16
N ALA A 66 14.72 2.11 -0.59
CA ALA A 66 14.24 0.82 -0.12
C ALA A 66 15.10 0.31 1.04
N SER A 67 16.38 0.67 1.02
CA SER A 67 17.30 0.25 2.06
C SER A 67 16.94 0.89 3.40
N TRP A 68 16.41 2.10 3.35
CA TRP A 68 16.02 2.83 4.55
C TRP A 68 14.92 2.08 5.30
N ILE A 69 13.81 1.83 4.62
CA ILE A 69 12.69 1.12 5.22
C ILE A 69 13.10 -0.29 5.65
N GLU A 70 13.89 -0.95 4.81
CA GLU A 70 14.35 -2.30 5.11
C GLU A 70 15.09 -2.35 6.45
N ALA A 71 15.67 -1.23 6.83
CA ALA A 71 16.41 -1.16 8.10
C ALA A 71 15.47 -0.92 9.27
N HIS A 72 14.36 -0.24 9.01
CA HIS A 72 13.38 0.05 10.05
C HIS A 72 12.02 -0.55 9.70
N LEU A 73 11.76 -1.75 10.20
CA LEU A 73 10.49 -2.42 9.94
C LEU A 73 10.14 -3.38 11.08
N PRO A 74 8.86 -3.78 11.19
CA PRO A 74 8.42 -4.70 12.23
C PRO A 74 9.27 -5.96 12.30
N ASP A 75 9.04 -6.77 13.32
CA ASP A 75 9.79 -8.02 13.49
C ASP A 75 9.27 -9.11 12.57
N ASP A 76 7.95 -9.20 12.44
CA ASP A 76 7.32 -10.20 11.59
C ASP A 76 7.12 -9.68 10.17
N SER A 77 7.40 -8.39 9.96
CA SER A 77 7.24 -7.79 8.64
C SER A 77 8.52 -7.91 7.82
N LYS A 78 9.65 -7.96 8.50
CA LYS A 78 10.95 -8.07 7.83
C LYS A 78 10.98 -9.29 6.90
N ASP A 79 10.17 -10.29 7.21
CA ASP A 79 10.11 -11.50 6.40
C ASP A 79 9.46 -11.23 5.04
N THR A 80 8.16 -10.95 5.07
CA THR A 80 7.42 -10.68 3.84
C THR A 80 8.03 -9.52 3.06
N TRP A 81 8.71 -8.62 3.77
CA TRP A 81 9.34 -7.47 3.14
C TRP A 81 10.33 -7.91 2.06
N LYS A 82 11.07 -8.97 2.35
CA LYS A 82 12.06 -9.50 1.41
C LYS A 82 11.37 -10.25 0.25
N LYS A 83 10.20 -10.80 0.54
CA LYS A 83 9.45 -11.55 -0.46
C LYS A 83 8.81 -10.62 -1.49
N ARG A 84 8.87 -9.32 -1.23
CA ARG A 84 8.30 -8.32 -2.14
C ARG A 84 8.86 -8.49 -3.55
N GLY A 85 10.10 -8.97 -3.64
CA GLY A 85 10.73 -9.17 -4.93
C GLY A 85 10.25 -10.44 -5.63
N ASN A 86 9.70 -11.36 -4.86
CA ASN A 86 9.22 -12.62 -5.41
C ASN A 86 7.83 -12.45 -6.03
N VAL A 87 6.95 -11.77 -5.30
CA VAL A 87 5.58 -11.54 -5.77
C VAL A 87 5.59 -10.79 -7.10
N GLU A 88 4.39 -10.52 -7.62
CA GLU A 88 4.26 -9.81 -8.89
C GLU A 88 3.75 -8.39 -8.68
N TYR A 89 2.52 -8.27 -8.20
CA TYR A 89 1.92 -6.96 -7.95
C TYR A 89 2.15 -6.52 -6.52
N VAL A 90 1.95 -5.23 -6.25
CA VAL A 90 2.13 -4.68 -4.93
C VAL A 90 1.10 -3.58 -4.65
N VAL A 91 0.69 -3.46 -3.39
CA VAL A 91 -0.28 -2.45 -3.00
C VAL A 91 0.03 -1.87 -1.63
N LEU A 92 -0.51 -0.69 -1.35
CA LEU A 92 -0.28 -0.02 -0.07
C LEU A 92 -1.62 0.34 0.58
N LEU A 93 -1.54 0.96 1.76
CA LEU A 93 -2.74 1.35 2.48
C LEU A 93 -2.57 2.74 3.11
N ASP A 94 -3.63 3.23 3.75
CA ASP A 94 -3.59 4.54 4.39
C ASP A 94 -4.91 4.83 5.09
N TRP A 95 -4.99 6.00 5.72
CA TRP A 95 -6.21 6.40 6.43
C TRP A 95 -7.08 7.30 5.57
N PHE A 96 -6.45 8.28 4.92
CA PHE A 96 -7.16 9.22 4.06
C PHE A 96 -6.22 9.86 3.05
N SER A 97 -5.25 9.08 2.57
CA SER A 97 -4.29 9.57 1.60
C SER A 97 -4.25 8.67 0.36
N SER A 98 -4.96 9.08 -0.68
CA SER A 98 -5.01 8.31 -1.92
C SER A 98 -3.86 8.70 -2.84
N ALA A 99 -3.72 7.97 -3.95
CA ALA A 99 -2.67 8.24 -4.92
C ALA A 99 -2.76 9.67 -5.45
N LYS A 100 -3.98 10.21 -5.49
CA LYS A 100 -4.21 11.57 -5.99
C LYS A 100 -3.85 12.59 -4.92
N ASP A 101 -3.85 12.17 -3.66
CA ASP A 101 -3.52 13.06 -2.55
C ASP A 101 -2.02 13.07 -2.27
N LEU A 102 -1.24 12.47 -3.16
CA LEU A 102 0.21 12.42 -2.99
C LEU A 102 0.87 13.66 -3.59
N GLN A 103 1.16 14.63 -2.74
CA GLN A 103 1.79 15.88 -3.17
C GLN A 103 3.29 15.84 -2.92
N ILE A 104 3.88 14.66 -2.98
CA ILE A 104 5.30 14.50 -2.75
C ILE A 104 5.68 14.87 -1.32
N GLY A 105 6.58 14.10 -0.73
CA GLY A 105 7.01 14.37 0.64
C GLY A 105 6.26 13.55 1.66
N THR A 106 5.02 13.20 1.34
CA THR A 106 4.20 12.39 2.24
C THR A 106 4.85 11.05 2.52
N THR A 107 4.14 10.20 3.25
CA THR A 107 4.64 8.87 3.59
C THR A 107 4.41 7.89 2.45
N LEU A 108 3.27 8.02 1.79
CA LEU A 108 2.93 7.14 0.67
C LEU A 108 3.88 7.37 -0.51
N ARG A 109 4.09 8.64 -0.86
CA ARG A 109 4.97 8.98 -1.97
C ARG A 109 6.38 8.44 -1.73
N SER A 110 6.92 8.71 -0.55
CA SER A 110 8.25 8.26 -0.19
C SER A 110 8.31 6.74 -0.12
N LEU A 111 7.20 6.12 0.26
CA LEU A 111 7.13 4.67 0.37
C LEU A 111 6.99 4.03 -1.01
N LYS A 112 6.19 4.64 -1.87
CA LYS A 112 5.98 4.13 -3.21
C LYS A 112 7.22 4.33 -4.08
N ASP A 113 7.92 5.44 -3.86
CA ASP A 113 9.12 5.75 -4.61
C ASP A 113 10.32 4.95 -4.09
N ALA A 114 10.20 4.40 -2.89
CA ALA A 114 11.27 3.62 -2.29
C ALA A 114 11.11 2.14 -2.59
N LEU A 115 10.34 1.81 -3.62
CA LEU A 115 10.10 0.42 -3.99
C LEU A 115 10.34 0.21 -5.49
N PHE A 116 9.80 1.11 -6.30
CA PHE A 116 9.95 1.02 -7.74
C PHE A 116 10.88 2.11 -8.27
N LYS A 117 10.62 3.35 -7.87
CA LYS A 117 11.45 4.48 -8.31
C LYS A 117 12.91 4.28 -7.90
N TRP A 118 13.12 3.94 -6.64
CA TRP A 118 14.47 3.72 -6.13
C TRP A 118 14.79 2.23 -6.05
N GLU A 119 15.32 1.68 -7.13
CA GLU A 119 15.66 0.27 -7.20
C GLU A 119 17.16 0.06 -7.01
N SER A 120 17.53 -0.75 -6.03
CA SER A 120 18.93 -1.03 -5.75
C SER A 120 19.35 -2.36 -6.36
N LYS A 121 18.45 -3.34 -6.29
CA LYS A 121 18.73 -4.67 -6.83
C LYS A 121 17.48 -5.55 -6.77
N THR A 122 16.32 -4.94 -7.00
CA THR A 122 15.06 -5.68 -6.98
C THR A 122 14.04 -5.02 -7.91
N VAL A 123 13.72 -5.70 -9.00
CA VAL A 123 12.76 -5.18 -9.97
C VAL A 123 11.44 -5.96 -9.91
N LEU A 124 10.36 -5.25 -9.65
CA LEU A 124 9.04 -5.87 -9.57
C LEU A 124 8.35 -5.87 -10.93
N ARG A 125 7.20 -6.53 -11.01
CA ARG A 125 6.43 -6.60 -12.24
C ARG A 125 5.76 -5.26 -12.54
N ASN A 126 4.80 -4.89 -11.71
CA ASN A 126 4.08 -3.63 -11.88
C ASN A 126 4.52 -2.60 -10.84
N GLU A 127 4.05 -1.38 -11.01
CA GLU A 127 4.40 -0.29 -10.08
C GLU A 127 3.48 -0.31 -8.86
N PRO A 128 4.04 -0.20 -7.65
CA PRO A 128 3.26 -0.20 -6.41
C PRO A 128 2.16 0.85 -6.43
N LEU A 129 0.91 0.39 -6.40
CA LEU A 129 -0.24 1.28 -6.41
C LEU A 129 -0.87 1.38 -5.02
N VAL A 130 -1.29 2.58 -4.64
CA VAL A 130 -1.90 2.80 -3.34
C VAL A 130 -3.40 2.50 -3.38
N LEU A 131 -3.89 1.82 -2.36
CA LEU A 131 -5.32 1.48 -2.28
C LEU A 131 -6.18 2.73 -2.31
N GLU A 132 -7.34 2.64 -2.96
CA GLU A 132 -8.26 3.77 -3.04
C GLU A 132 -8.98 3.98 -1.71
N GLY A 133 -8.58 5.03 -1.00
CA GLY A 133 -9.19 5.34 0.28
C GLY A 133 -8.37 4.85 1.45
N GLY A 134 -7.71 3.70 1.27
CA GLY A 134 -6.90 3.14 2.34
C GLY A 134 -7.65 2.14 3.17
N TYR A 135 -7.16 1.90 4.39
CA TYR A 135 -7.80 0.95 5.30
C TYR A 135 -9.20 1.41 5.67
N GLU A 136 -9.38 2.72 5.84
CA GLU A 136 -10.68 3.28 6.19
C GLU A 136 -11.74 2.89 5.16
N ASN A 137 -11.30 2.71 3.91
CA ASN A 137 -12.21 2.35 2.83
C ASN A 137 -12.29 0.83 2.69
N TRP A 138 -11.20 0.14 3.00
CA TRP A 138 -11.15 -1.30 2.90
C TRP A 138 -12.17 -1.95 3.82
N LEU A 139 -12.42 -1.30 4.96
CA LEU A 139 -13.39 -1.81 5.93
C LEU A 139 -14.80 -1.84 5.35
N LEU A 140 -15.07 -0.87 4.47
CA LEU A 140 -16.38 -0.77 3.84
C LEU A 140 -16.50 -1.74 2.66
N CYS A 141 -15.38 -2.02 2.01
CA CYS A 141 -15.35 -2.93 0.87
C CYS A 141 -15.29 -4.38 1.34
N TYR A 142 -14.36 -4.67 2.26
CA TYR A 142 -14.20 -6.01 2.78
C TYR A 142 -13.80 -5.98 4.25
N PRO A 143 -14.77 -5.82 5.16
CA PRO A 143 -14.51 -5.77 6.61
C PRO A 143 -14.12 -7.13 7.16
N GLN A 144 -14.65 -8.19 6.56
CA GLN A 144 -14.37 -9.56 7.00
C GLN A 144 -12.92 -9.92 6.71
N TYR A 145 -12.29 -9.19 5.80
CA TYR A 145 -10.90 -9.46 5.44
C TYR A 145 -9.95 -8.58 6.25
N THR A 146 -10.23 -8.44 7.54
CA THR A 146 -9.40 -7.63 8.42
C THR A 146 -9.37 -8.20 9.82
N THR A 147 -8.25 -7.99 10.52
CA THR A 147 -8.09 -8.49 11.88
C THR A 147 -8.95 -7.70 12.87
N ASN A 148 -9.13 -6.41 12.58
CA ASN A 148 -9.93 -5.54 13.44
C ASN A 148 -10.97 -4.78 12.63
N ALA A 149 -12.21 -5.22 12.70
CA ALA A 149 -13.31 -4.58 11.98
C ALA A 149 -13.84 -3.38 12.74
N LYS A 150 -13.77 -3.44 14.07
CA LYS A 150 -14.25 -2.36 14.91
C LYS A 150 -13.18 -1.28 15.05
N VAL A 151 -13.09 -0.41 14.05
CA VAL A 151 -12.11 0.67 14.06
C VAL A 151 -12.81 2.03 14.16
N SER A 152 -12.50 2.77 15.21
CA SER A 152 -13.09 4.09 15.43
C SER A 152 -12.41 5.14 14.57
N GLY A 153 -11.09 5.03 14.43
CA GLY A 153 -10.34 5.98 13.63
C GLY A 153 -10.02 7.25 14.39
N PRO A 154 -8.74 7.47 14.76
CA PRO A 154 -8.32 8.66 15.50
C PRO A 154 -8.83 9.95 14.86
N SER A 155 -8.73 11.05 15.59
CA SER A 155 -9.17 12.35 15.09
C SER A 155 -10.67 12.34 14.81
N SER A 156 -11.43 13.05 15.62
CA SER A 156 -12.88 13.12 15.46
C SER A 156 -13.33 14.55 15.19
N GLY A 157 -12.77 15.49 15.96
CA GLY A 157 -13.12 16.89 15.80
C GLY A 157 -13.84 17.45 17.01
N GLY A 1 -26.89 11.17 -17.66
CA GLY A 1 -25.57 10.91 -17.02
C GLY A 1 -25.68 10.73 -15.51
N SER A 2 -25.73 9.47 -15.08
CA SER A 2 -25.83 9.17 -13.66
C SER A 2 -24.89 8.04 -13.27
N SER A 3 -23.66 8.41 -12.90
CA SER A 3 -22.65 7.43 -12.50
C SER A 3 -22.21 7.66 -11.07
N GLY A 4 -21.86 8.91 -10.76
CA GLY A 4 -21.41 9.24 -9.42
C GLY A 4 -21.47 10.74 -9.14
N SER A 5 -22.38 11.14 -8.26
CA SER A 5 -22.54 12.54 -7.91
C SER A 5 -21.78 12.87 -6.62
N SER A 6 -20.60 12.29 -6.47
CA SER A 6 -19.78 12.52 -5.28
C SER A 6 -18.66 13.52 -5.58
N GLY A 7 -18.17 13.49 -6.81
CA GLY A 7 -17.10 14.39 -7.20
C GLY A 7 -17.28 14.94 -8.61
N LYS A 8 -16.56 14.36 -9.57
CA LYS A 8 -16.65 14.79 -10.95
C LYS A 8 -16.00 13.78 -11.88
N CYS A 9 -16.80 12.86 -12.41
CA CYS A 9 -16.30 11.84 -13.31
C CYS A 9 -15.26 10.96 -12.62
N GLU A 10 -15.59 9.68 -12.48
CA GLU A 10 -14.70 8.72 -11.83
C GLU A 10 -13.37 8.64 -12.58
N THR A 11 -13.41 8.85 -13.88
CA THR A 11 -12.21 8.79 -14.70
C THR A 11 -11.58 7.41 -14.65
N LYS A 12 -10.73 7.10 -15.63
CA LYS A 12 -10.06 5.81 -15.70
C LYS A 12 -8.81 5.81 -14.83
N GLU A 13 -8.61 4.72 -14.10
CA GLU A 13 -7.45 4.59 -13.22
C GLU A 13 -6.17 4.38 -14.04
N LYS A 14 -5.03 4.65 -13.43
CA LYS A 14 -3.74 4.50 -14.09
C LYS A 14 -2.66 4.08 -13.10
N GLY A 15 -2.60 4.80 -11.98
CA GLY A 15 -1.60 4.49 -10.96
C GLY A 15 -2.22 4.24 -9.61
N ALA A 16 -3.46 3.76 -9.61
CA ALA A 16 -4.16 3.47 -8.37
C ALA A 16 -4.96 2.17 -8.46
N ILE A 17 -5.22 1.55 -7.32
CA ILE A 17 -5.97 0.31 -7.29
C ILE A 17 -7.14 0.39 -6.30
N THR A 18 -8.20 -0.36 -6.58
CA THR A 18 -9.38 -0.37 -5.72
C THR A 18 -9.45 -1.66 -4.90
N ALA A 19 -10.32 -1.67 -3.91
CA ALA A 19 -10.47 -2.83 -3.05
C ALA A 19 -10.92 -4.05 -3.85
N LYS A 20 -11.70 -3.80 -4.91
CA LYS A 20 -12.19 -4.88 -5.76
C LYS A 20 -11.04 -5.56 -6.49
N GLU A 21 -10.18 -4.75 -7.11
CA GLU A 21 -9.04 -5.27 -7.85
C GLU A 21 -8.08 -6.02 -6.91
N LEU A 22 -8.01 -5.57 -5.67
CA LEU A 22 -7.13 -6.20 -4.68
C LEU A 22 -7.65 -7.58 -4.30
N TYR A 23 -8.96 -7.68 -4.07
CA TYR A 23 -9.58 -8.95 -3.71
C TYR A 23 -9.53 -9.93 -4.87
N THR A 24 -9.72 -9.43 -6.09
CA THR A 24 -9.70 -10.27 -7.28
C THR A 24 -8.31 -10.85 -7.50
N MET A 25 -7.29 -10.12 -7.09
CA MET A 25 -5.91 -10.58 -7.25
C MET A 25 -5.43 -11.33 -6.01
N MET A 26 -5.91 -10.91 -4.84
CA MET A 26 -5.53 -11.53 -3.58
C MET A 26 -5.94 -13.01 -3.58
N THR A 27 -7.24 -13.26 -3.63
CA THR A 27 -7.75 -14.63 -3.63
C THR A 27 -7.20 -15.42 -4.82
N ASP A 28 -6.85 -14.72 -5.89
CA ASP A 28 -6.32 -15.35 -7.09
C ASP A 28 -5.08 -16.19 -6.77
N LYS A 29 -5.03 -17.40 -7.31
CA LYS A 29 -3.90 -18.29 -7.08
C LYS A 29 -2.97 -18.31 -8.28
N ASN A 30 -2.87 -17.18 -8.98
CA ASN A 30 -2.01 -17.07 -10.15
C ASN A 30 -1.16 -15.81 -10.07
N ILE A 31 -1.79 -14.69 -9.73
CA ILE A 31 -1.07 -13.42 -9.62
C ILE A 31 -0.89 -13.02 -8.16
N SER A 32 0.36 -13.06 -7.70
CA SER A 32 0.68 -12.70 -6.32
C SER A 32 0.40 -11.23 -6.07
N LEU A 33 0.53 -10.82 -4.81
CA LEU A 33 0.29 -9.43 -4.43
C LEU A 33 0.60 -9.20 -2.96
N ILE A 34 1.08 -8.01 -2.63
CA ILE A 34 1.41 -7.66 -1.26
C ILE A 34 0.77 -6.34 -0.84
N ILE A 35 0.49 -6.20 0.45
CA ILE A 35 -0.13 -4.98 0.97
C ILE A 35 0.73 -4.38 2.07
N MET A 36 0.65 -3.06 2.22
CA MET A 36 1.43 -2.36 3.23
C MET A 36 0.59 -1.26 3.89
N ASP A 37 0.91 -0.96 5.14
CA ASP A 37 0.20 0.07 5.89
C ASP A 37 1.10 1.26 6.19
N ALA A 38 1.09 2.25 5.29
CA ALA A 38 1.91 3.44 5.46
C ALA A 38 1.34 4.36 6.53
N ARG A 39 1.42 3.89 7.79
CA ARG A 39 0.92 4.67 8.92
C ARG A 39 1.83 4.52 10.13
N ARG A 40 1.42 5.10 11.24
CA ARG A 40 2.20 5.03 12.48
C ARG A 40 2.36 3.58 12.94
N MET A 41 3.09 3.39 14.02
CA MET A 41 3.32 2.06 14.56
C MET A 41 2.15 1.62 15.45
N GLN A 42 1.62 2.56 16.22
CA GLN A 42 0.50 2.28 17.11
C GLN A 42 -0.75 1.92 16.31
N ASP A 43 -0.87 2.48 15.12
CA ASP A 43 -2.02 2.23 14.26
C ASP A 43 -2.11 0.75 13.89
N TYR A 44 -0.99 0.17 13.49
CA TYR A 44 -0.94 -1.24 13.12
C TYR A 44 -1.37 -2.13 14.28
N GLN A 45 -1.10 -1.67 15.51
CA GLN A 45 -1.46 -2.43 16.70
C GLN A 45 -2.96 -2.40 16.92
N ASP A 46 -3.61 -1.31 16.50
CA ASP A 46 -5.05 -1.16 16.66
C ASP A 46 -5.79 -1.90 15.55
N SER A 47 -5.66 -1.40 14.32
CA SER A 47 -6.32 -2.00 13.18
C SER A 47 -5.31 -2.34 12.09
N CYS A 48 -5.59 -3.41 11.35
CA CYS A 48 -4.69 -3.85 10.28
C CYS A 48 -5.30 -5.02 9.52
N ILE A 49 -4.88 -5.20 8.26
CA ILE A 49 -5.38 -6.29 7.43
C ILE A 49 -4.83 -7.63 7.90
N LEU A 50 -5.53 -8.70 7.53
CA LEU A 50 -5.12 -10.05 7.91
C LEU A 50 -3.81 -10.43 7.24
N HIS A 51 -3.86 -10.64 5.92
CA HIS A 51 -2.68 -11.02 5.16
C HIS A 51 -2.06 -9.79 4.47
N SER A 52 -1.35 -8.98 5.24
CA SER A 52 -0.72 -7.79 4.71
C SER A 52 0.62 -7.53 5.39
N LEU A 53 1.30 -6.46 4.97
CA LEU A 53 2.58 -6.10 5.54
C LEU A 53 2.49 -4.80 6.34
N SER A 54 3.35 -4.66 7.34
CA SER A 54 3.35 -3.47 8.19
C SER A 54 4.58 -2.61 7.90
N VAL A 55 4.49 -1.33 8.26
CA VAL A 55 5.59 -0.40 8.05
C VAL A 55 5.33 0.93 8.76
N PRO A 56 6.08 1.22 9.83
CA PRO A 56 5.92 2.47 10.60
C PRO A 56 6.31 3.69 9.77
N GLU A 57 5.64 4.82 10.05
CA GLU A 57 5.92 6.06 9.35
C GLU A 57 7.29 6.61 9.72
N GLU A 58 7.70 6.34 10.95
CA GLU A 58 8.99 6.82 11.44
C GLU A 58 10.13 6.31 10.56
N ALA A 59 9.94 5.13 9.96
CA ALA A 59 10.94 4.54 9.09
C ALA A 59 10.81 5.07 7.66
N ILE A 60 9.58 5.39 7.28
CA ILE A 60 9.31 5.90 5.94
C ILE A 60 9.49 7.42 5.88
N SER A 61 10.64 7.84 5.37
CA SER A 61 10.95 9.26 5.26
C SER A 61 10.88 9.72 3.80
N PRO A 62 10.67 11.04 3.58
CA PRO A 62 10.58 11.60 2.22
C PRO A 62 11.93 11.60 1.51
N GLY A 63 12.17 10.55 0.74
CA GLY A 63 13.42 10.44 0.01
C GLY A 63 14.43 9.53 0.70
N VAL A 64 14.07 8.26 0.82
CA VAL A 64 14.95 7.27 1.46
C VAL A 64 15.12 6.05 0.59
N THR A 65 15.98 5.14 1.03
CA THR A 65 16.25 3.91 0.28
C THR A 65 15.57 2.71 0.96
N ALA A 66 15.67 1.55 0.33
CA ALA A 66 15.08 0.33 0.86
C ALA A 66 15.77 -0.10 2.15
N SER A 67 17.08 0.08 2.19
CA SER A 67 17.88 -0.29 3.36
C SER A 67 17.40 0.47 4.60
N TRP A 68 16.92 1.70 4.38
CA TRP A 68 16.45 2.53 5.48
C TRP A 68 15.25 1.89 6.16
N ILE A 69 14.20 1.60 5.38
CA ILE A 69 13.00 0.99 5.91
C ILE A 69 13.27 -0.43 6.41
N GLU A 70 14.06 -1.17 5.64
CA GLU A 70 14.40 -2.55 6.01
C GLU A 70 15.04 -2.61 7.39
N ALA A 71 15.71 -1.52 7.78
CA ALA A 71 16.36 -1.46 9.08
C ALA A 71 15.35 -1.20 10.19
N HIS A 72 14.27 -0.51 9.86
CA HIS A 72 13.23 -0.20 10.83
C HIS A 72 11.90 -0.85 10.44
N LEU A 73 11.74 -2.11 10.82
CA LEU A 73 10.52 -2.85 10.52
C LEU A 73 10.28 -3.95 11.55
N PRO A 74 9.03 -4.44 11.65
CA PRO A 74 8.68 -5.50 12.60
C PRO A 74 9.54 -6.75 12.43
N ASP A 75 9.12 -7.84 13.05
CA ASP A 75 9.87 -9.10 12.96
C ASP A 75 9.45 -9.90 11.73
N ASP A 76 8.17 -10.27 11.67
CA ASP A 76 7.66 -11.04 10.55
C ASP A 76 7.55 -10.18 9.29
N SER A 77 7.33 -8.88 9.47
CA SER A 77 7.22 -7.96 8.36
C SER A 77 8.50 -7.95 7.51
N LYS A 78 9.64 -8.08 8.19
CA LYS A 78 10.93 -8.09 7.51
C LYS A 78 11.00 -9.23 6.49
N ASP A 79 10.30 -10.32 6.79
CA ASP A 79 10.29 -11.48 5.90
C ASP A 79 9.68 -11.13 4.55
N THR A 80 8.39 -10.78 4.56
CA THR A 80 7.68 -10.43 3.34
C THR A 80 8.29 -9.19 2.69
N TRP A 81 8.94 -8.36 3.49
CA TRP A 81 9.56 -7.14 3.00
C TRP A 81 10.52 -7.43 1.85
N LYS A 82 11.27 -8.53 1.98
CA LYS A 82 12.23 -8.93 0.96
C LYS A 82 11.55 -9.75 -0.14
N LYS A 83 10.46 -10.42 0.21
CA LYS A 83 9.72 -11.24 -0.73
C LYS A 83 9.11 -10.39 -1.84
N ARG A 84 9.03 -9.07 -1.62
CA ARG A 84 8.46 -8.15 -2.59
C ARG A 84 9.06 -8.38 -3.98
N GLY A 85 10.33 -8.80 -4.01
CA GLY A 85 10.99 -9.04 -5.28
C GLY A 85 10.49 -10.30 -5.97
N ASN A 86 9.90 -11.21 -5.20
CA ASN A 86 9.38 -12.46 -5.74
C ASN A 86 7.98 -12.27 -6.29
N VAL A 87 7.13 -11.58 -5.53
CA VAL A 87 5.75 -11.34 -5.94
C VAL A 87 5.68 -10.62 -7.28
N GLU A 88 4.47 -10.41 -7.78
CA GLU A 88 4.28 -9.73 -9.06
C GLU A 88 3.81 -8.30 -8.84
N TYR A 89 2.52 -8.14 -8.56
CA TYR A 89 1.94 -6.82 -8.33
C TYR A 89 2.13 -6.38 -6.88
N VAL A 90 1.93 -5.09 -6.63
CA VAL A 90 2.08 -4.55 -5.28
C VAL A 90 1.01 -3.50 -4.99
N VAL A 91 0.60 -3.42 -3.73
CA VAL A 91 -0.42 -2.47 -3.31
C VAL A 91 -0.13 -1.93 -1.92
N LEU A 92 -0.61 -0.72 -1.64
CA LEU A 92 -0.40 -0.10 -0.34
C LEU A 92 -1.72 0.29 0.31
N LEU A 93 -1.66 0.82 1.52
CA LEU A 93 -2.85 1.23 2.25
C LEU A 93 -2.71 2.66 2.78
N ASP A 94 -3.75 3.13 3.46
CA ASP A 94 -3.74 4.48 4.00
C ASP A 94 -5.01 4.76 4.80
N TRP A 95 -5.12 5.96 5.35
CA TRP A 95 -6.29 6.35 6.13
C TRP A 95 -7.27 7.15 5.28
N PHE A 96 -6.78 8.26 4.72
CA PHE A 96 -7.61 9.11 3.89
C PHE A 96 -6.80 9.71 2.75
N SER A 97 -5.87 8.93 2.22
CA SER A 97 -5.02 9.38 1.12
C SER A 97 -5.28 8.55 -0.14
N SER A 98 -4.91 9.10 -1.29
CA SER A 98 -5.10 8.41 -2.56
C SER A 98 -3.94 8.72 -3.52
N ALA A 99 -3.89 7.99 -4.62
CA ALA A 99 -2.83 8.18 -5.61
C ALA A 99 -2.84 9.60 -6.14
N LYS A 100 -4.02 10.21 -6.21
CA LYS A 100 -4.16 11.57 -6.70
C LYS A 100 -3.88 12.58 -5.60
N ASP A 101 -4.19 12.19 -4.36
CA ASP A 101 -3.97 13.06 -3.20
C ASP A 101 -2.49 13.16 -2.86
N LEU A 102 -1.68 12.26 -3.42
CA LEU A 102 -0.24 12.26 -3.16
C LEU A 102 0.37 13.63 -3.45
N GLN A 103 1.20 14.11 -2.53
CA GLN A 103 1.85 15.40 -2.67
C GLN A 103 3.33 15.32 -2.33
N ILE A 104 4.00 16.46 -2.32
CA ILE A 104 5.43 16.51 -2.01
C ILE A 104 5.67 16.36 -0.51
N GLY A 105 5.82 15.12 -0.05
CA GLY A 105 6.05 14.87 1.36
C GLY A 105 5.00 13.95 1.96
N THR A 106 4.66 12.89 1.24
CA THR A 106 3.67 11.93 1.71
C THR A 106 4.30 10.55 1.93
N THR A 107 3.73 9.80 2.87
CA THR A 107 4.24 8.46 3.18
C THR A 107 4.18 7.56 1.96
N LEU A 108 3.02 7.54 1.30
CA LEU A 108 2.83 6.72 0.12
C LEU A 108 3.80 7.12 -0.99
N ARG A 109 3.89 8.42 -1.25
CA ARG A 109 4.77 8.94 -2.28
C ARG A 109 6.23 8.58 -1.98
N SER A 110 6.59 8.62 -0.71
CA SER A 110 7.94 8.30 -0.28
C SER A 110 8.16 6.79 -0.25
N LEU A 111 7.13 6.06 0.14
CA LEU A 111 7.19 4.60 0.22
C LEU A 111 7.16 3.99 -1.19
N LYS A 112 6.42 4.63 -2.08
CA LYS A 112 6.31 4.16 -3.46
C LYS A 112 7.58 4.42 -4.25
N ASP A 113 8.29 5.48 -3.87
CA ASP A 113 9.54 5.84 -4.54
C ASP A 113 10.74 5.14 -3.91
N ALA A 114 10.56 4.65 -2.69
CA ALA A 114 11.63 3.96 -1.98
C ALA A 114 11.56 2.45 -2.20
N LEU A 115 10.87 2.04 -3.26
CA LEU A 115 10.74 0.61 -3.57
C LEU A 115 11.01 0.35 -5.05
N PHE A 116 10.46 1.18 -5.91
CA PHE A 116 10.65 1.03 -7.35
C PHE A 116 11.59 2.10 -7.90
N LYS A 117 11.30 3.35 -7.55
CA LYS A 117 12.12 4.47 -8.01
C LYS A 117 13.57 4.31 -7.57
N TRP A 118 13.80 4.37 -6.26
CA TRP A 118 15.14 4.23 -5.71
C TRP A 118 15.52 2.76 -5.55
N GLU A 119 16.11 2.20 -6.60
CA GLU A 119 16.52 0.80 -6.59
C GLU A 119 17.56 0.53 -7.67
N SER A 120 18.54 -0.30 -7.34
CA SER A 120 19.61 -0.64 -8.29
C SER A 120 20.01 -2.11 -8.15
N LYS A 121 19.09 -2.93 -7.63
CA LYS A 121 19.35 -4.36 -7.45
C LYS A 121 18.09 -5.18 -7.70
N THR A 122 17.04 -4.88 -6.93
CA THR A 122 15.77 -5.59 -7.07
C THR A 122 14.68 -4.67 -7.62
N VAL A 123 13.93 -5.15 -8.60
CA VAL A 123 12.87 -4.37 -9.21
C VAL A 123 11.66 -5.24 -9.53
N LEU A 124 10.48 -4.75 -9.16
CA LEU A 124 9.24 -5.48 -9.40
C LEU A 124 8.86 -5.42 -10.88
N ARG A 125 7.75 -6.06 -11.22
CA ARG A 125 7.28 -6.08 -12.60
C ARG A 125 6.54 -4.78 -12.95
N ASN A 126 5.83 -4.25 -11.97
CA ASN A 126 5.08 -3.01 -12.15
C ASN A 126 5.36 -2.04 -11.01
N GLU A 127 4.60 -0.94 -10.98
CA GLU A 127 4.76 0.07 -9.94
C GLU A 127 3.71 -0.10 -8.85
N PRO A 128 4.13 -0.15 -7.57
CA PRO A 128 3.22 -0.31 -6.44
C PRO A 128 2.14 0.78 -6.41
N LEU A 129 0.88 0.37 -6.46
CA LEU A 129 -0.23 1.30 -6.45
C LEU A 129 -0.81 1.44 -5.04
N VAL A 130 -1.72 2.38 -4.86
CA VAL A 130 -2.34 2.61 -3.57
C VAL A 130 -3.84 2.30 -3.61
N LEU A 131 -4.30 1.55 -2.62
CA LEU A 131 -5.72 1.18 -2.55
C LEU A 131 -6.61 2.41 -2.49
N GLU A 132 -7.83 2.28 -2.99
CA GLU A 132 -8.78 3.39 -3.00
C GLU A 132 -9.29 3.67 -1.59
N GLY A 133 -8.73 4.71 -0.96
CA GLY A 133 -9.15 5.07 0.38
C GLY A 133 -8.24 4.49 1.44
N GLY A 134 -7.72 3.29 1.18
CA GLY A 134 -6.83 2.65 2.14
C GLY A 134 -7.56 1.70 3.07
N TYR A 135 -7.22 1.74 4.35
CA TYR A 135 -7.84 0.88 5.34
C TYR A 135 -9.26 1.35 5.66
N GLU A 136 -9.44 2.66 5.73
CA GLU A 136 -10.75 3.24 6.03
C GLU A 136 -11.80 2.80 5.00
N ASN A 137 -11.34 2.59 3.77
CA ASN A 137 -12.25 2.17 2.71
C ASN A 137 -12.35 0.65 2.64
N TRP A 138 -11.28 -0.04 3.03
CA TRP A 138 -11.25 -1.50 3.01
C TRP A 138 -12.32 -2.06 3.94
N LEU A 139 -12.56 -1.38 5.06
CA LEU A 139 -13.55 -1.82 6.02
C LEU A 139 -14.96 -1.62 5.47
N LEU A 140 -15.14 -0.59 4.66
CA LEU A 140 -16.44 -0.29 4.07
C LEU A 140 -16.72 -1.21 2.88
N CYS A 141 -15.66 -1.61 2.19
CA CYS A 141 -15.79 -2.49 1.03
C CYS A 141 -15.76 -3.96 1.45
N TYR A 142 -14.79 -4.30 2.29
CA TYR A 142 -14.64 -5.67 2.77
C TYR A 142 -14.29 -5.69 4.26
N PRO A 143 -15.30 -5.52 5.13
CA PRO A 143 -15.10 -5.53 6.58
C PRO A 143 -14.76 -6.91 7.12
N GLN A 144 -15.14 -7.95 6.37
CA GLN A 144 -14.87 -9.32 6.77
C GLN A 144 -13.55 -9.81 6.19
N TYR A 145 -12.50 -9.00 6.35
CA TYR A 145 -11.19 -9.36 5.84
C TYR A 145 -10.09 -8.59 6.58
N THR A 146 -10.26 -8.45 7.89
CA THR A 146 -9.30 -7.74 8.72
C THR A 146 -9.16 -8.39 10.09
N THR A 147 -8.11 -8.02 10.81
CA THR A 147 -7.87 -8.58 12.14
C THR A 147 -8.80 -7.95 13.18
N ASN A 148 -9.08 -6.66 13.00
CA ASN A 148 -9.95 -5.95 13.93
C ASN A 148 -11.35 -5.80 13.34
N ALA A 149 -11.47 -4.99 12.28
CA ALA A 149 -12.75 -4.77 11.63
C ALA A 149 -13.82 -4.31 12.62
N LYS A 150 -13.38 -3.65 13.68
CA LYS A 150 -14.29 -3.16 14.71
C LYS A 150 -13.86 -1.79 15.22
N VAL A 151 -13.37 -0.95 14.31
CA VAL A 151 -12.93 0.39 14.67
C VAL A 151 -13.83 1.45 14.06
N SER A 152 -14.27 1.21 12.83
CA SER A 152 -15.14 2.15 12.13
C SER A 152 -14.46 3.51 11.97
N GLY A 153 -13.13 3.49 11.85
CA GLY A 153 -12.38 4.72 11.69
C GLY A 153 -11.72 5.16 12.98
N PRO A 154 -10.54 5.80 12.90
CA PRO A 154 -9.81 6.28 14.08
C PRO A 154 -10.49 7.48 14.73
N SER A 155 -11.04 8.37 13.92
CA SER A 155 -11.72 9.56 14.42
C SER A 155 -12.38 10.32 13.27
N SER A 156 -13.61 9.93 12.94
CA SER A 156 -14.35 10.58 11.87
C SER A 156 -15.45 11.47 12.44
N GLY A 157 -15.10 12.73 12.72
CA GLY A 157 -16.07 13.67 13.26
C GLY A 157 -16.28 13.49 14.75
N GLY A 1 -1.92 4.13 -33.56
CA GLY A 1 -0.85 3.28 -32.96
C GLY A 1 -0.15 2.41 -33.98
N SER A 2 -0.93 1.83 -34.90
CA SER A 2 -0.37 0.97 -35.94
C SER A 2 -0.31 1.70 -37.27
N SER A 3 -1.47 2.03 -37.82
CA SER A 3 -1.55 2.73 -39.10
C SER A 3 -2.31 4.05 -38.95
N GLY A 4 -3.57 3.95 -38.54
CA GLY A 4 -4.39 5.14 -38.36
C GLY A 4 -5.09 5.16 -37.03
N SER A 5 -5.65 4.02 -36.63
CA SER A 5 -6.36 3.92 -35.36
C SER A 5 -5.50 3.23 -34.31
N SER A 6 -5.95 3.27 -33.06
CA SER A 6 -5.22 2.65 -31.96
C SER A 6 -6.16 1.82 -31.09
N GLY A 7 -5.92 0.51 -31.03
CA GLY A 7 -6.74 -0.36 -30.23
C GLY A 7 -6.51 -0.18 -28.75
N LYS A 8 -6.74 -1.25 -27.98
CA LYS A 8 -6.56 -1.21 -26.53
C LYS A 8 -5.74 -2.41 -26.06
N CYS A 9 -5.11 -2.26 -24.90
CA CYS A 9 -4.30 -3.34 -24.34
C CYS A 9 -4.63 -3.55 -22.86
N GLU A 10 -4.12 -4.64 -22.30
CA GLU A 10 -4.38 -4.96 -20.90
C GLU A 10 -3.74 -3.94 -19.98
N THR A 11 -4.48 -2.88 -19.67
CA THR A 11 -3.99 -1.82 -18.79
C THR A 11 -4.98 -1.52 -17.68
N LYS A 12 -4.60 -1.83 -16.45
CA LYS A 12 -5.46 -1.59 -15.30
C LYS A 12 -4.96 -0.40 -14.48
N GLU A 13 -5.53 0.77 -14.74
CA GLU A 13 -5.14 1.98 -14.04
C GLU A 13 -3.68 2.31 -14.27
N LYS A 14 -3.33 3.59 -14.13
CA LYS A 14 -1.95 4.03 -14.32
C LYS A 14 -1.08 3.64 -13.14
N GLY A 15 -1.37 4.22 -11.98
CA GLY A 15 -0.60 3.92 -10.79
C GLY A 15 -1.47 3.84 -9.54
N ALA A 16 -2.67 3.29 -9.71
CA ALA A 16 -3.60 3.15 -8.59
C ALA A 16 -4.42 1.86 -8.71
N ILE A 17 -4.85 1.33 -7.57
CA ILE A 17 -5.64 0.10 -7.56
C ILE A 17 -6.96 0.32 -6.84
N THR A 18 -7.97 -0.45 -7.23
CA THR A 18 -9.30 -0.35 -6.63
C THR A 18 -9.53 -1.47 -5.63
N ALA A 19 -10.51 -1.29 -4.76
CA ALA A 19 -10.84 -2.29 -3.75
C ALA A 19 -11.24 -3.61 -4.39
N LYS A 20 -11.84 -3.52 -5.57
CA LYS A 20 -12.28 -4.72 -6.30
C LYS A 20 -11.09 -5.43 -6.93
N GLU A 21 -10.16 -4.66 -7.48
CA GLU A 21 -8.97 -5.21 -8.12
C GLU A 21 -8.12 -5.97 -7.11
N LEU A 22 -7.97 -5.40 -5.93
CA LEU A 22 -7.18 -6.03 -4.87
C LEU A 22 -7.85 -7.30 -4.36
N TYR A 23 -9.17 -7.24 -4.22
CA TYR A 23 -9.94 -8.39 -3.74
C TYR A 23 -9.78 -9.59 -4.68
N THR A 24 -9.91 -9.33 -5.98
CA THR A 24 -9.78 -10.39 -6.97
C THR A 24 -8.38 -10.99 -6.94
N MET A 25 -7.38 -10.17 -6.66
CA MET A 25 -6.00 -10.64 -6.60
C MET A 25 -5.73 -11.38 -5.30
N MET A 26 -6.35 -10.89 -4.22
CA MET A 26 -6.16 -11.51 -2.90
C MET A 26 -6.82 -12.89 -2.86
N THR A 27 -8.02 -12.99 -3.40
CA THR A 27 -8.75 -14.25 -3.42
C THR A 27 -8.03 -15.28 -4.29
N ASP A 28 -7.60 -14.85 -5.47
CA ASP A 28 -6.90 -15.72 -6.41
C ASP A 28 -5.53 -16.11 -5.86
N LYS A 29 -5.26 -17.41 -5.83
CA LYS A 29 -3.98 -17.91 -5.33
C LYS A 29 -3.02 -18.21 -6.49
N ASN A 30 -3.17 -17.46 -7.58
CA ASN A 30 -2.31 -17.65 -8.75
C ASN A 30 -1.37 -16.47 -8.93
N ILE A 31 -1.84 -15.28 -8.55
CA ILE A 31 -1.03 -14.07 -8.67
C ILE A 31 -0.45 -13.67 -7.33
N SER A 32 0.85 -13.33 -7.33
CA SER A 32 1.53 -12.93 -6.10
C SER A 32 1.34 -11.44 -5.84
N LEU A 33 0.70 -11.12 -4.72
CA LEU A 33 0.47 -9.73 -4.36
C LEU A 33 0.72 -9.50 -2.86
N ILE A 34 1.23 -8.34 -2.52
CA ILE A 34 1.52 -8.00 -1.13
C ILE A 34 1.03 -6.59 -0.79
N ILE A 35 0.45 -6.45 0.39
CA ILE A 35 -0.06 -5.16 0.85
C ILE A 35 0.77 -4.62 2.00
N MET A 36 0.70 -3.32 2.21
CA MET A 36 1.45 -2.68 3.30
C MET A 36 0.63 -1.59 3.97
N ASP A 37 0.81 -1.44 5.27
CA ASP A 37 0.08 -0.44 6.04
C ASP A 37 0.96 0.77 6.32
N ALA A 38 0.93 1.75 5.44
CA ALA A 38 1.72 2.96 5.59
C ALA A 38 1.18 3.83 6.72
N ARG A 39 1.30 3.35 7.95
CA ARG A 39 0.81 4.09 9.11
C ARG A 39 1.76 3.92 10.29
N ARG A 40 1.39 4.49 11.43
CA ARG A 40 2.20 4.41 12.63
C ARG A 40 2.33 2.96 13.10
N MET A 41 3.05 2.77 14.21
CA MET A 41 3.25 1.43 14.76
C MET A 41 2.03 0.99 15.58
N GLN A 42 1.36 1.96 16.18
CA GLN A 42 0.18 1.68 17.00
C GLN A 42 -1.01 1.31 16.12
N ASP A 43 -1.05 1.87 14.91
CA ASP A 43 -2.15 1.60 13.99
C ASP A 43 -2.18 0.13 13.60
N TYR A 44 -1.02 -0.41 13.23
CA TYR A 44 -0.92 -1.81 12.84
C TYR A 44 -1.37 -2.73 13.97
N GLN A 45 -0.90 -2.44 15.18
CA GLN A 45 -1.25 -3.24 16.35
C GLN A 45 -2.75 -3.21 16.60
N ASP A 46 -3.36 -2.04 16.41
CA ASP A 46 -4.80 -1.88 16.62
C ASP A 46 -5.57 -2.46 15.44
N SER A 47 -5.35 -1.90 14.25
CA SER A 47 -6.03 -2.36 13.04
C SER A 47 -5.02 -2.81 11.99
N CYS A 48 -5.36 -3.87 11.27
CA CYS A 48 -4.49 -4.40 10.23
C CYS A 48 -5.24 -5.40 9.35
N ILE A 49 -4.99 -5.34 8.05
CA ILE A 49 -5.63 -6.24 7.11
C ILE A 49 -5.00 -7.64 7.16
N LEU A 50 -5.83 -8.66 7.03
CA LEU A 50 -5.36 -10.04 7.07
C LEU A 50 -4.50 -10.36 5.84
N HIS A 51 -3.42 -11.09 6.06
CA HIS A 51 -2.50 -11.45 4.98
C HIS A 51 -1.92 -10.21 4.32
N SER A 52 -1.49 -9.26 5.14
CA SER A 52 -0.91 -8.02 4.64
C SER A 52 0.39 -7.69 5.37
N LEU A 53 1.10 -6.68 4.89
CA LEU A 53 2.35 -6.26 5.50
C LEU A 53 2.17 -4.94 6.26
N SER A 54 3.14 -4.60 7.10
CA SER A 54 3.08 -3.38 7.87
C SER A 54 4.35 -2.55 7.67
N VAL A 55 4.29 -1.28 8.09
CA VAL A 55 5.42 -0.38 7.95
C VAL A 55 5.17 0.93 8.72
N PRO A 56 5.93 1.18 9.80
CA PRO A 56 5.78 2.39 10.61
C PRO A 56 6.07 3.66 9.81
N GLU A 57 5.20 4.66 9.97
CA GLU A 57 5.36 5.93 9.27
C GLU A 57 6.65 6.63 9.71
N GLU A 58 6.97 6.52 10.99
CA GLU A 58 8.17 7.15 11.54
C GLU A 58 9.42 6.65 10.82
N ALA A 59 9.37 5.41 10.37
CA ALA A 59 10.49 4.80 9.67
C ALA A 59 10.58 5.30 8.23
N ILE A 60 9.43 5.63 7.66
CA ILE A 60 9.36 6.12 6.29
C ILE A 60 9.49 7.64 6.24
N SER A 61 10.58 8.12 5.64
CA SER A 61 10.82 9.54 5.54
C SER A 61 10.76 10.01 4.07
N PRO A 62 10.51 11.31 3.85
CA PRO A 62 10.43 11.87 2.50
C PRO A 62 11.77 11.89 1.79
N GLY A 63 11.96 10.98 0.84
CA GLY A 63 13.21 10.90 0.10
C GLY A 63 14.17 9.92 0.71
N VAL A 64 13.81 8.64 0.69
CA VAL A 64 14.66 7.60 1.24
C VAL A 64 14.75 6.40 0.31
N THR A 65 15.49 5.37 0.71
CA THR A 65 15.65 4.17 -0.09
C THR A 65 15.07 2.96 0.62
N ALA A 66 15.21 1.78 0.00
CA ALA A 66 14.70 0.55 0.57
C ALA A 66 15.50 0.14 1.80
N SER A 67 16.79 0.48 1.80
CA SER A 67 17.67 0.14 2.90
C SER A 67 17.22 0.84 4.19
N TRP A 68 16.66 2.03 4.04
CA TRP A 68 16.19 2.80 5.19
C TRP A 68 15.04 2.09 5.88
N ILE A 69 14.01 1.73 5.11
CA ILE A 69 12.84 1.06 5.64
C ILE A 69 13.18 -0.36 6.09
N GLU A 70 14.01 -1.04 5.30
CA GLU A 70 14.43 -2.40 5.62
C GLU A 70 15.09 -2.47 6.99
N ALA A 71 15.72 -1.37 7.38
CA ALA A 71 16.40 -1.31 8.68
C ALA A 71 15.42 -0.99 9.80
N HIS A 72 14.36 -0.26 9.47
CA HIS A 72 13.35 0.12 10.46
C HIS A 72 12.03 -0.58 10.17
N LEU A 73 11.93 -1.84 10.57
CA LEU A 73 10.72 -2.63 10.37
C LEU A 73 10.60 -3.75 11.39
N PRO A 74 9.37 -4.18 11.71
CA PRO A 74 9.14 -5.26 12.68
C PRO A 74 9.89 -6.54 12.31
N ASP A 75 9.52 -7.64 12.97
CA ASP A 75 10.17 -8.92 12.71
C ASP A 75 9.49 -9.65 11.56
N ASP A 76 8.24 -10.06 11.78
CA ASP A 76 7.49 -10.78 10.76
C ASP A 76 7.31 -9.92 9.50
N SER A 77 7.29 -8.61 9.68
CA SER A 77 7.12 -7.68 8.57
C SER A 77 8.39 -7.61 7.72
N LYS A 78 9.54 -7.81 8.36
CA LYS A 78 10.82 -7.78 7.68
C LYS A 78 10.93 -8.92 6.68
N ASP A 79 10.29 -10.04 7.00
CA ASP A 79 10.33 -11.21 6.13
C ASP A 79 9.68 -10.91 4.78
N THR A 80 8.38 -10.63 4.81
CA THR A 80 7.64 -10.33 3.59
C THR A 80 8.24 -9.12 2.86
N TRP A 81 8.85 -8.22 3.63
CA TRP A 81 9.46 -7.02 3.06
C TRP A 81 10.50 -7.39 2.02
N LYS A 82 11.22 -8.49 2.25
CA LYS A 82 12.25 -8.95 1.34
C LYS A 82 11.65 -9.77 0.20
N LYS A 83 10.45 -10.27 0.41
CA LYS A 83 9.77 -11.08 -0.60
C LYS A 83 8.96 -10.22 -1.57
N ARG A 84 9.15 -8.90 -1.49
CA ARG A 84 8.42 -7.98 -2.36
C ARG A 84 8.87 -8.14 -3.81
N GLY A 85 10.12 -8.54 -4.00
CA GLY A 85 10.64 -8.73 -5.35
C GLY A 85 10.25 -10.06 -5.95
N ASN A 86 9.76 -10.97 -5.12
CA ASN A 86 9.36 -12.30 -5.58
C ASN A 86 7.94 -12.27 -6.15
N VAL A 87 7.09 -11.40 -5.59
CA VAL A 87 5.72 -11.28 -6.04
C VAL A 87 5.64 -10.53 -7.36
N GLU A 88 4.41 -10.34 -7.86
CA GLU A 88 4.20 -9.64 -9.12
C GLU A 88 3.76 -8.20 -8.88
N TYR A 89 2.51 -8.03 -8.48
CA TYR A 89 1.97 -6.69 -8.22
C TYR A 89 2.18 -6.30 -6.76
N VAL A 90 1.95 -5.02 -6.46
CA VAL A 90 2.11 -4.50 -5.12
C VAL A 90 1.09 -3.40 -4.83
N VAL A 91 0.67 -3.31 -3.58
CA VAL A 91 -0.31 -2.29 -3.18
C VAL A 91 -0.02 -1.77 -1.77
N LEU A 92 -0.35 -0.50 -1.54
CA LEU A 92 -0.14 0.13 -0.23
C LEU A 92 -1.47 0.50 0.41
N LEU A 93 -1.39 1.07 1.60
CA LEU A 93 -2.59 1.49 2.33
C LEU A 93 -2.42 2.87 2.93
N ASP A 94 -3.47 3.36 3.59
CA ASP A 94 -3.44 4.68 4.21
C ASP A 94 -4.73 4.95 4.98
N TRP A 95 -4.81 6.12 5.59
CA TRP A 95 -6.00 6.49 6.36
C TRP A 95 -6.94 7.36 5.53
N PHE A 96 -6.42 8.46 5.01
CA PHE A 96 -7.22 9.36 4.19
C PHE A 96 -6.37 10.01 3.09
N SER A 97 -6.08 9.23 2.04
CA SER A 97 -5.27 9.72 0.94
C SER A 97 -5.37 8.79 -0.27
N SER A 98 -4.69 9.16 -1.35
CA SER A 98 -4.71 8.36 -2.57
C SER A 98 -3.49 8.66 -3.42
N ALA A 99 -3.36 7.94 -4.54
CA ALA A 99 -2.23 8.13 -5.45
C ALA A 99 -2.24 9.53 -6.04
N LYS A 100 -3.43 10.11 -6.19
CA LYS A 100 -3.57 11.45 -6.73
C LYS A 100 -3.33 12.51 -5.67
N ASP A 101 -3.57 12.15 -4.42
CA ASP A 101 -3.38 13.08 -3.30
C ASP A 101 -1.99 12.91 -2.67
N LEU A 102 -1.07 12.31 -3.42
CA LEU A 102 0.28 12.09 -2.93
C LEU A 102 1.06 13.41 -2.89
N GLN A 103 0.91 14.15 -1.80
CA GLN A 103 1.59 15.42 -1.64
C GLN A 103 3.10 15.23 -1.64
N ILE A 104 3.84 16.32 -1.88
CA ILE A 104 5.29 16.27 -1.90
C ILE A 104 5.86 16.13 -0.48
N GLY A 105 6.07 14.88 -0.07
CA GLY A 105 6.61 14.63 1.26
C GLY A 105 5.67 13.83 2.13
N THR A 106 5.11 12.77 1.57
CA THR A 106 4.18 11.91 2.29
C THR A 106 4.77 10.51 2.49
N THR A 107 4.09 9.70 3.29
CA THR A 107 4.55 8.34 3.57
C THR A 107 4.34 7.44 2.35
N LEU A 108 3.28 7.72 1.59
CA LEU A 108 2.98 6.94 0.40
C LEU A 108 3.89 7.32 -0.76
N ARG A 109 4.00 8.62 -1.00
CA ARG A 109 4.84 9.12 -2.09
C ARG A 109 6.29 8.69 -1.90
N SER A 110 6.81 8.90 -0.69
CA SER A 110 8.19 8.52 -0.38
C SER A 110 8.38 7.02 -0.47
N LEU A 111 7.37 6.27 -0.03
CA LEU A 111 7.43 4.81 -0.05
C LEU A 111 7.27 4.30 -1.49
N LYS A 112 6.41 4.96 -2.25
CA LYS A 112 6.16 4.56 -3.63
C LYS A 112 7.44 4.62 -4.45
N ASP A 113 8.33 5.54 -4.09
CA ASP A 113 9.60 5.69 -4.80
C ASP A 113 10.73 4.96 -4.09
N ALA A 114 10.44 4.40 -2.91
CA ALA A 114 11.44 3.67 -2.14
C ALA A 114 11.40 2.18 -2.44
N LEU A 115 10.82 1.82 -3.58
CA LEU A 115 10.72 0.42 -3.98
C LEU A 115 11.08 0.24 -5.45
N PHE A 116 10.56 1.12 -6.30
CA PHE A 116 10.83 1.06 -7.74
C PHE A 116 11.81 2.15 -8.15
N LYS A 117 11.53 3.39 -7.75
CA LYS A 117 12.38 4.51 -8.08
C LYS A 117 13.79 4.30 -7.55
N TRP A 118 13.89 3.90 -6.29
CA TRP A 118 15.19 3.67 -5.65
C TRP A 118 15.47 2.18 -5.52
N GLU A 119 16.34 1.67 -6.39
CA GLU A 119 16.71 0.27 -6.39
C GLU A 119 17.74 -0.04 -7.45
N SER A 120 18.05 -1.32 -7.64
CA SER A 120 19.02 -1.74 -8.64
C SER A 120 19.13 -3.25 -8.70
N LYS A 121 19.17 -3.88 -7.53
CA LYS A 121 19.27 -5.34 -7.46
C LYS A 121 17.90 -5.99 -7.55
N THR A 122 17.01 -5.63 -6.61
CA THR A 122 15.66 -6.18 -6.58
C THR A 122 14.63 -5.12 -6.97
N VAL A 123 13.89 -5.39 -8.05
CA VAL A 123 12.88 -4.46 -8.52
C VAL A 123 11.58 -5.19 -8.85
N LEU A 124 10.45 -4.56 -8.54
CA LEU A 124 9.15 -5.15 -8.80
C LEU A 124 8.84 -5.16 -10.30
N ARG A 125 7.86 -5.96 -10.69
CA ARG A 125 7.48 -6.07 -12.09
C ARG A 125 6.65 -4.85 -12.52
N ASN A 126 5.93 -4.28 -11.56
CA ASN A 126 5.10 -3.11 -11.83
C ASN A 126 5.34 -2.03 -10.78
N GLU A 127 4.63 -0.92 -10.91
CA GLU A 127 4.77 0.19 -9.98
C GLU A 127 3.80 0.03 -8.80
N PRO A 128 4.30 0.19 -7.56
CA PRO A 128 3.47 0.06 -6.36
C PRO A 128 2.25 0.98 -6.39
N LEU A 129 1.07 0.39 -6.29
CA LEU A 129 -0.17 1.16 -6.30
C LEU A 129 -0.68 1.41 -4.90
N VAL A 130 -1.67 2.27 -4.77
CA VAL A 130 -2.25 2.59 -3.47
C VAL A 130 -3.75 2.32 -3.46
N LEU A 131 -4.23 1.71 -2.37
CA LEU A 131 -5.65 1.40 -2.23
C LEU A 131 -6.50 2.65 -2.31
N GLU A 132 -7.69 2.53 -2.87
CA GLU A 132 -8.61 3.65 -3.01
C GLU A 132 -9.22 4.03 -1.67
N GLY A 133 -8.69 5.07 -1.05
CA GLY A 133 -9.19 5.50 0.24
C GLY A 133 -8.34 5.03 1.40
N GLY A 134 -7.68 3.89 1.21
CA GLY A 134 -6.84 3.33 2.26
C GLY A 134 -7.57 2.32 3.11
N TYR A 135 -7.03 2.06 4.31
CA TYR A 135 -7.64 1.10 5.22
C TYR A 135 -9.03 1.56 5.66
N GLU A 136 -9.19 2.87 5.83
CA GLU A 136 -10.48 3.42 6.23
C GLU A 136 -11.58 3.07 5.24
N ASN A 137 -11.19 2.92 3.97
CA ASN A 137 -12.15 2.59 2.92
C ASN A 137 -12.29 1.08 2.80
N TRP A 138 -11.22 0.35 3.09
CA TRP A 138 -11.24 -1.10 3.01
C TRP A 138 -12.23 -1.70 4.01
N LEU A 139 -12.42 -1.01 5.12
CA LEU A 139 -13.34 -1.47 6.15
C LEU A 139 -14.79 -1.39 5.67
N LEU A 140 -15.12 -0.26 5.04
CA LEU A 140 -16.47 -0.05 4.53
C LEU A 140 -16.75 -0.97 3.34
N CYS A 141 -15.70 -1.27 2.58
CA CYS A 141 -15.83 -2.14 1.42
C CYS A 141 -15.82 -3.61 1.82
N TYR A 142 -14.75 -4.01 2.51
CA TYR A 142 -14.62 -5.39 2.96
C TYR A 142 -14.31 -5.46 4.45
N PRO A 143 -15.34 -5.29 5.32
CA PRO A 143 -15.17 -5.34 6.77
C PRO A 143 -14.86 -6.73 7.28
N GLN A 144 -15.20 -7.75 6.49
CA GLN A 144 -14.95 -9.13 6.87
C GLN A 144 -13.67 -9.65 6.24
N TYR A 145 -12.68 -8.78 6.12
CA TYR A 145 -11.39 -9.15 5.53
C TYR A 145 -10.24 -8.51 6.30
N THR A 146 -10.45 -8.27 7.59
CA THR A 146 -9.43 -7.65 8.42
C THR A 146 -9.45 -8.24 9.84
N THR A 147 -8.36 -8.07 10.56
CA THR A 147 -8.24 -8.59 11.92
C THR A 147 -9.13 -7.79 12.87
N ASN A 148 -9.27 -6.50 12.60
CA ASN A 148 -10.08 -5.62 13.43
C ASN A 148 -11.03 -4.77 12.58
N ALA A 149 -12.30 -4.77 12.95
CA ALA A 149 -13.31 -4.01 12.22
C ALA A 149 -13.87 -2.88 13.08
N LYS A 150 -14.04 -3.16 14.37
CA LYS A 150 -14.58 -2.17 15.30
C LYS A 150 -13.60 -1.02 15.49
N VAL A 151 -13.52 -0.14 14.50
CA VAL A 151 -12.62 1.00 14.56
C VAL A 151 -13.17 2.17 13.74
N SER A 152 -12.85 3.38 14.17
CA SER A 152 -13.30 4.59 13.48
C SER A 152 -12.13 5.35 12.88
N GLY A 153 -11.02 5.41 13.61
CA GLY A 153 -9.84 6.11 13.15
C GLY A 153 -8.81 6.31 14.24
N PRO A 154 -9.04 7.29 15.14
CA PRO A 154 -8.10 7.57 16.23
C PRO A 154 -7.77 6.33 17.04
N SER A 155 -6.48 6.16 17.35
CA SER A 155 -6.02 5.01 18.12
C SER A 155 -5.80 5.38 19.58
N SER A 156 -6.83 5.21 20.40
CA SER A 156 -6.75 5.54 21.82
C SER A 156 -6.43 7.01 22.03
N GLY A 157 -6.59 7.48 23.26
CA GLY A 157 -6.31 8.86 23.57
C GLY A 157 -7.40 9.50 24.41
N GLY A 1 -23.79 19.40 -17.00
CA GLY A 1 -24.06 20.09 -15.70
C GLY A 1 -24.13 19.13 -14.54
N SER A 2 -25.18 19.25 -13.74
CA SER A 2 -25.37 18.38 -12.58
C SER A 2 -25.77 16.97 -13.01
N SER A 3 -26.70 16.90 -13.95
CA SER A 3 -27.17 15.61 -14.45
C SER A 3 -27.82 15.76 -15.82
N GLY A 4 -26.99 15.84 -16.85
CA GLY A 4 -27.50 15.99 -18.21
C GLY A 4 -26.44 15.71 -19.26
N SER A 5 -25.62 14.69 -19.02
CA SER A 5 -24.56 14.33 -19.96
C SER A 5 -24.06 12.91 -19.69
N SER A 6 -23.64 12.22 -20.75
CA SER A 6 -23.14 10.87 -20.63
C SER A 6 -21.62 10.84 -20.59
N GLY A 7 -21.03 11.86 -19.96
CA GLY A 7 -19.59 11.95 -19.87
C GLY A 7 -19.12 13.34 -19.50
N LYS A 8 -18.25 13.41 -18.48
CA LYS A 8 -17.72 14.69 -18.02
C LYS A 8 -16.39 14.49 -17.31
N CYS A 9 -15.36 15.18 -17.78
CA CYS A 9 -14.04 15.09 -17.20
C CYS A 9 -13.51 13.65 -17.25
N GLU A 10 -12.19 13.51 -17.17
CA GLU A 10 -11.57 12.19 -17.20
C GLU A 10 -10.31 12.16 -16.34
N THR A 11 -10.31 11.29 -15.33
CA THR A 11 -9.17 11.16 -14.44
C THR A 11 -8.52 9.79 -14.59
N LYS A 12 -7.63 9.68 -15.57
CA LYS A 12 -6.93 8.42 -15.82
C LYS A 12 -5.81 8.21 -14.81
N GLU A 13 -6.01 7.25 -13.91
CA GLU A 13 -5.01 6.95 -12.89
C GLU A 13 -4.33 5.61 -13.17
N LYS A 14 -3.12 5.67 -13.71
CA LYS A 14 -2.36 4.46 -14.03
C LYS A 14 -1.35 4.15 -12.93
N GLY A 15 -1.69 4.51 -11.69
CA GLY A 15 -0.80 4.27 -10.58
C GLY A 15 -1.55 4.08 -9.27
N ALA A 16 -2.79 3.60 -9.36
CA ALA A 16 -3.60 3.37 -8.18
C ALA A 16 -4.43 2.10 -8.31
N ILE A 17 -4.54 1.35 -7.23
CA ILE A 17 -5.30 0.11 -7.23
C ILE A 17 -6.57 0.24 -6.40
N THR A 18 -7.67 -0.28 -6.91
CA THR A 18 -8.96 -0.23 -6.21
C THR A 18 -9.15 -1.45 -5.32
N ALA A 19 -10.09 -1.35 -4.39
CA ALA A 19 -10.37 -2.45 -3.48
C ALA A 19 -10.88 -3.68 -4.22
N LYS A 20 -11.66 -3.45 -5.27
CA LYS A 20 -12.22 -4.53 -6.07
C LYS A 20 -11.10 -5.32 -6.75
N GLU A 21 -10.08 -4.60 -7.23
CA GLU A 21 -8.96 -5.24 -7.90
C GLU A 21 -8.11 -6.04 -6.91
N LEU A 22 -7.99 -5.52 -5.69
CA LEU A 22 -7.21 -6.19 -4.66
C LEU A 22 -7.89 -7.48 -4.21
N TYR A 23 -9.22 -7.45 -4.16
CA TYR A 23 -9.98 -8.62 -3.74
C TYR A 23 -9.89 -9.73 -4.79
N THR A 24 -10.01 -9.36 -6.05
CA THR A 24 -9.94 -10.32 -7.15
C THR A 24 -8.54 -10.93 -7.24
N MET A 25 -7.52 -10.09 -7.11
CA MET A 25 -6.14 -10.55 -7.18
C MET A 25 -5.76 -11.33 -5.93
N MET A 26 -6.37 -10.98 -4.80
CA MET A 26 -6.09 -11.66 -3.55
C MET A 26 -6.63 -13.08 -3.55
N THR A 27 -7.72 -13.28 -4.29
CA THR A 27 -8.35 -14.60 -4.39
C THR A 27 -7.92 -15.31 -5.67
N ASP A 28 -6.71 -15.01 -6.13
CA ASP A 28 -6.18 -15.62 -7.34
C ASP A 28 -4.90 -16.40 -7.06
N LYS A 29 -4.85 -17.64 -7.52
CA LYS A 29 -3.68 -18.49 -7.31
C LYS A 29 -2.77 -18.48 -8.54
N ASN A 30 -2.76 -17.35 -9.25
CA ASN A 30 -1.93 -17.21 -10.44
C ASN A 30 -1.03 -16.00 -10.34
N ILE A 31 -1.59 -14.89 -9.87
CA ILE A 31 -0.83 -13.65 -9.71
C ILE A 31 -0.50 -13.38 -8.25
N SER A 32 0.77 -13.08 -7.98
CA SER A 32 1.22 -12.80 -6.63
C SER A 32 0.99 -11.33 -6.27
N LEU A 33 0.67 -11.09 -5.00
CA LEU A 33 0.43 -9.73 -4.53
C LEU A 33 0.68 -9.61 -3.03
N ILE A 34 1.06 -8.41 -2.59
CA ILE A 34 1.34 -8.17 -1.19
C ILE A 34 0.85 -6.79 -0.76
N ILE A 35 0.59 -6.63 0.53
CA ILE A 35 0.11 -5.36 1.08
C ILE A 35 0.98 -4.90 2.23
N MET A 36 1.06 -3.58 2.42
CA MET A 36 1.86 -3.01 3.50
C MET A 36 1.17 -1.78 4.09
N ASP A 37 0.99 -1.80 5.41
CA ASP A 37 0.35 -0.69 6.11
C ASP A 37 1.34 0.44 6.36
N ALA A 38 1.18 1.54 5.64
CA ALA A 38 2.07 2.69 5.78
C ALA A 38 1.50 3.70 6.77
N ARG A 39 1.45 3.33 8.04
CA ARG A 39 0.94 4.20 9.08
C ARG A 39 1.75 4.07 10.36
N ARG A 40 1.27 4.69 11.43
CA ARG A 40 1.96 4.64 12.72
C ARG A 40 1.95 3.23 13.29
N MET A 41 2.97 2.90 14.09
CA MET A 41 3.06 1.58 14.69
C MET A 41 1.86 1.29 15.57
N GLN A 42 1.29 2.33 16.14
CA GLN A 42 0.12 2.19 17.02
C GLN A 42 -1.12 1.88 16.20
N ASP A 43 -1.17 2.36 14.96
CA ASP A 43 -2.30 2.13 14.08
C ASP A 43 -2.39 0.66 13.67
N TYR A 44 -1.26 0.10 13.27
CA TYR A 44 -1.21 -1.30 12.86
C TYR A 44 -1.67 -2.22 13.99
N GLN A 45 -1.17 -1.96 15.19
CA GLN A 45 -1.53 -2.77 16.36
C GLN A 45 -3.00 -2.60 16.70
N ASP A 46 -3.55 -1.42 16.41
CA ASP A 46 -4.95 -1.14 16.68
C ASP A 46 -5.85 -1.75 15.61
N SER A 47 -5.42 -1.64 14.36
CA SER A 47 -6.19 -2.18 13.23
C SER A 47 -5.28 -2.46 12.04
N CYS A 48 -5.62 -3.49 11.28
CA CYS A 48 -4.84 -3.87 10.11
C CYS A 48 -5.49 -5.05 9.37
N ILE A 49 -5.07 -5.27 8.13
CA ILE A 49 -5.60 -6.35 7.32
C ILE A 49 -5.05 -7.70 7.78
N LEU A 50 -5.76 -8.77 7.44
CA LEU A 50 -5.34 -10.12 7.82
C LEU A 50 -4.02 -10.48 7.16
N HIS A 51 -4.08 -10.84 5.88
CA HIS A 51 -2.88 -11.22 5.14
C HIS A 51 -2.21 -9.99 4.51
N SER A 52 -1.58 -9.17 5.34
CA SER A 52 -0.91 -7.96 4.86
C SER A 52 0.35 -7.69 5.68
N LEU A 53 1.04 -6.61 5.32
CA LEU A 53 2.27 -6.23 6.02
C LEU A 53 2.11 -4.86 6.69
N SER A 54 3.14 -4.44 7.40
CA SER A 54 3.11 -3.16 8.10
C SER A 54 4.48 -2.49 8.06
N VAL A 55 4.48 -1.15 8.07
CA VAL A 55 5.72 -0.39 8.04
C VAL A 55 5.55 0.95 8.77
N PRO A 56 6.29 1.15 9.87
CA PRO A 56 6.22 2.38 10.66
C PRO A 56 6.29 3.63 9.79
N GLU A 57 5.45 4.62 10.10
CA GLU A 57 5.42 5.86 9.35
C GLU A 57 6.67 6.70 9.65
N GLU A 58 7.18 6.58 10.87
CA GLU A 58 8.36 7.33 11.27
C GLU A 58 9.61 6.82 10.54
N ALA A 59 9.69 5.50 10.36
CA ALA A 59 10.82 4.90 9.68
C ALA A 59 10.94 5.41 8.25
N ILE A 60 9.80 5.73 7.65
CA ILE A 60 9.78 6.24 6.28
C ILE A 60 10.03 7.74 6.24
N SER A 61 10.65 8.21 5.17
CA SER A 61 10.96 9.63 5.01
C SER A 61 11.02 10.01 3.53
N PRO A 62 10.66 11.27 3.20
CA PRO A 62 10.67 11.75 1.82
C PRO A 62 12.10 11.92 1.29
N GLY A 63 12.54 10.93 0.50
CA GLY A 63 13.88 10.99 -0.07
C GLY A 63 14.78 9.89 0.46
N VAL A 64 14.19 8.72 0.71
CA VAL A 64 14.95 7.58 1.22
C VAL A 64 14.98 6.44 0.20
N THR A 65 15.64 5.35 0.57
CA THR A 65 15.75 4.19 -0.31
C THR A 65 15.15 2.95 0.35
N ALA A 66 15.15 1.84 -0.38
CA ALA A 66 14.61 0.58 0.13
C ALA A 66 15.40 0.10 1.34
N SER A 67 16.70 0.42 1.36
CA SER A 67 17.56 0.01 2.46
C SER A 67 17.17 0.72 3.75
N TRP A 68 16.68 1.94 3.62
CA TRP A 68 16.27 2.74 4.78
C TRP A 68 15.12 2.06 5.51
N ILE A 69 14.07 1.71 4.77
CA ILE A 69 12.91 1.06 5.35
C ILE A 69 13.24 -0.36 5.81
N GLU A 70 13.99 -1.07 4.99
CA GLU A 70 14.38 -2.44 5.31
C GLU A 70 15.08 -2.51 6.67
N ALA A 71 15.72 -1.42 7.06
CA ALA A 71 16.43 -1.35 8.34
C ALA A 71 15.45 -1.10 9.48
N HIS A 72 14.36 -0.38 9.18
CA HIS A 72 13.36 -0.07 10.19
C HIS A 72 12.02 -0.70 9.84
N LEU A 73 11.75 -1.87 10.43
CA LEU A 73 10.50 -2.57 10.17
C LEU A 73 10.17 -3.52 11.33
N PRO A 74 8.92 -4.00 11.41
CA PRO A 74 8.49 -4.92 12.47
C PRO A 74 9.32 -6.19 12.50
N ASP A 75 8.80 -7.23 13.14
CA ASP A 75 9.50 -8.50 13.24
C ASP A 75 9.16 -9.41 12.07
N ASP A 76 7.90 -9.79 11.96
CA ASP A 76 7.45 -10.67 10.89
C ASP A 76 7.43 -9.94 9.55
N SER A 77 7.19 -8.64 9.59
CA SER A 77 7.14 -7.82 8.38
C SER A 77 8.46 -7.90 7.62
N LYS A 78 9.55 -8.09 8.35
CA LYS A 78 10.88 -8.18 7.74
C LYS A 78 10.95 -9.36 6.77
N ASP A 79 10.17 -10.39 7.03
CA ASP A 79 10.15 -11.58 6.19
C ASP A 79 9.52 -11.27 4.84
N THR A 80 8.23 -10.95 4.84
CA THR A 80 7.51 -10.63 3.61
C THR A 80 8.16 -9.46 2.88
N TRP A 81 8.78 -8.57 3.64
CA TRP A 81 9.45 -7.40 3.06
C TRP A 81 10.47 -7.82 2.01
N LYS A 82 11.22 -8.88 2.30
CA LYS A 82 12.23 -9.38 1.38
C LYS A 82 11.60 -10.20 0.26
N LYS A 83 10.36 -10.65 0.47
CA LYS A 83 9.66 -11.44 -0.53
C LYS A 83 8.89 -10.55 -1.51
N ARG A 84 9.14 -9.24 -1.44
CA ARG A 84 8.47 -8.29 -2.33
C ARG A 84 8.97 -8.43 -3.77
N GLY A 85 10.21 -8.89 -3.92
CA GLY A 85 10.78 -9.06 -5.23
C GLY A 85 10.48 -10.41 -5.84
N ASN A 86 9.58 -11.16 -5.21
CA ASN A 86 9.20 -12.47 -5.71
C ASN A 86 7.81 -12.45 -6.33
N VAL A 87 6.95 -11.58 -5.80
CA VAL A 87 5.59 -11.46 -6.30
C VAL A 87 5.56 -10.73 -7.65
N GLU A 88 4.36 -10.53 -8.18
CA GLU A 88 4.20 -9.85 -9.46
C GLU A 88 3.74 -8.41 -9.27
N TYR A 89 2.60 -8.24 -8.59
CA TYR A 89 2.05 -6.92 -8.33
C TYR A 89 2.33 -6.48 -6.90
N VAL A 90 1.98 -5.24 -6.59
CA VAL A 90 2.19 -4.70 -5.24
C VAL A 90 1.08 -3.72 -4.88
N VAL A 91 0.75 -3.66 -3.59
CA VAL A 91 -0.30 -2.76 -3.11
C VAL A 91 0.09 -2.15 -1.77
N LEU A 92 -0.49 -0.98 -1.47
CA LEU A 92 -0.21 -0.28 -0.22
C LEU A 92 -1.51 0.09 0.48
N LEU A 93 -1.38 0.71 1.66
CA LEU A 93 -2.55 1.12 2.43
C LEU A 93 -2.36 2.55 2.96
N ASP A 94 -3.42 3.08 3.57
CA ASP A 94 -3.38 4.44 4.11
C ASP A 94 -4.66 4.75 4.87
N TRP A 95 -4.74 5.96 5.41
CA TRP A 95 -5.91 6.38 6.16
C TRP A 95 -6.87 7.17 5.29
N PHE A 96 -6.32 7.93 4.34
CA PHE A 96 -7.13 8.73 3.44
C PHE A 96 -6.32 9.15 2.21
N SER A 97 -5.09 9.58 2.44
CA SER A 97 -4.22 10.00 1.36
C SER A 97 -4.11 8.94 0.27
N SER A 98 -4.45 9.32 -0.96
CA SER A 98 -4.40 8.39 -2.08
C SER A 98 -3.20 8.69 -2.97
N ALA A 99 -3.05 7.89 -4.03
CA ALA A 99 -1.94 8.07 -4.96
C ALA A 99 -2.04 9.41 -5.69
N LYS A 100 -3.26 9.92 -5.83
CA LYS A 100 -3.48 11.19 -6.51
C LYS A 100 -3.30 12.37 -5.56
N ASP A 101 -3.49 12.11 -4.27
CA ASP A 101 -3.34 13.15 -3.25
C ASP A 101 -1.94 13.15 -2.65
N LEU A 102 -0.99 12.55 -3.36
CA LEU A 102 0.39 12.47 -2.89
C LEU A 102 1.05 13.85 -2.92
N GLN A 103 1.58 14.27 -1.78
CA GLN A 103 2.23 15.58 -1.68
C GLN A 103 3.71 15.42 -1.32
N ILE A 104 4.43 16.52 -1.34
CA ILE A 104 5.86 16.50 -1.02
C ILE A 104 6.09 16.37 0.48
N GLY A 105 6.52 15.19 0.91
CA GLY A 105 6.78 14.96 2.32
C GLY A 105 5.72 14.08 2.96
N THR A 106 5.14 13.18 2.17
CA THR A 106 4.11 12.28 2.66
C THR A 106 4.69 10.90 2.96
N THR A 107 3.83 9.98 3.36
CA THR A 107 4.26 8.61 3.68
C THR A 107 4.10 7.70 2.47
N LEU A 108 3.07 7.94 1.67
CA LEU A 108 2.81 7.13 0.49
C LEU A 108 3.78 7.50 -0.63
N ARG A 109 3.97 8.80 -0.86
CA ARG A 109 4.87 9.28 -1.90
C ARG A 109 6.30 8.79 -1.64
N SER A 110 6.72 8.86 -0.38
CA SER A 110 8.06 8.43 0.00
C SER A 110 8.21 6.91 -0.13
N LEU A 111 7.15 6.19 0.24
CA LEU A 111 7.17 4.74 0.17
C LEU A 111 7.11 4.26 -1.28
N LYS A 112 6.32 4.93 -2.09
CA LYS A 112 6.18 4.59 -3.50
C LYS A 112 7.44 4.92 -4.27
N ASP A 113 8.14 5.96 -3.83
CA ASP A 113 9.37 6.39 -4.48
C ASP A 113 10.57 5.57 -4.00
N ALA A 114 10.44 5.01 -2.79
CA ALA A 114 11.52 4.20 -2.22
C ALA A 114 11.34 2.72 -2.54
N LEU A 115 10.55 2.43 -3.58
CA LEU A 115 10.30 1.06 -3.98
C LEU A 115 10.67 0.84 -5.45
N PHE A 116 10.32 1.81 -6.29
CA PHE A 116 10.60 1.71 -7.72
C PHE A 116 11.36 2.94 -8.21
N LYS A 117 10.89 4.12 -7.81
CA LYS A 117 11.52 5.38 -8.22
C LYS A 117 13.00 5.39 -7.84
N TRP A 118 13.30 5.02 -6.59
CA TRP A 118 14.67 4.99 -6.11
C TRP A 118 15.27 3.59 -6.24
N GLU A 119 14.52 2.59 -5.80
CA GLU A 119 14.97 1.21 -5.86
C GLU A 119 16.27 1.03 -5.09
N SER A 120 16.74 -0.22 -5.03
CA SER A 120 17.98 -0.53 -4.32
C SER A 120 18.76 -1.62 -5.04
N LYS A 121 18.06 -2.68 -5.42
CA LYS A 121 18.68 -3.80 -6.12
C LYS A 121 17.63 -4.75 -6.69
N THR A 122 16.61 -5.03 -5.90
CA THR A 122 15.53 -5.91 -6.34
C THR A 122 14.64 -5.22 -7.36
N VAL A 123 14.51 -5.84 -8.53
CA VAL A 123 13.68 -5.28 -9.60
C VAL A 123 12.26 -5.80 -9.52
N LEU A 124 11.29 -4.88 -9.56
CA LEU A 124 9.88 -5.25 -9.49
C LEU A 124 9.27 -5.32 -10.89
N ARG A 125 8.19 -6.08 -11.02
CA ARG A 125 7.51 -6.23 -12.30
C ARG A 125 6.85 -4.91 -12.72
N ASN A 126 6.15 -4.29 -11.78
CA ASN A 126 5.47 -3.02 -12.05
C ASN A 126 5.67 -2.05 -10.89
N GLU A 127 5.15 -0.82 -11.05
CA GLU A 127 5.27 0.20 -10.03
C GLU A 127 4.25 -0.03 -8.91
N PRO A 128 4.67 0.08 -7.64
CA PRO A 128 3.78 -0.11 -6.49
C PRO A 128 2.53 0.76 -6.58
N LEU A 129 1.39 0.20 -6.18
CA LEU A 129 0.13 0.93 -6.21
C LEU A 129 -0.46 1.05 -4.80
N VAL A 130 -1.31 2.06 -4.61
CA VAL A 130 -1.94 2.28 -3.31
C VAL A 130 -3.44 2.06 -3.39
N LEU A 131 -3.99 1.39 -2.38
CA LEU A 131 -5.42 1.12 -2.33
C LEU A 131 -6.23 2.41 -2.35
N GLU A 132 -7.41 2.36 -2.96
CA GLU A 132 -8.28 3.52 -3.05
C GLU A 132 -8.91 3.84 -1.70
N GLY A 133 -8.45 4.92 -1.07
CA GLY A 133 -8.99 5.30 0.23
C GLY A 133 -8.14 4.81 1.38
N GLY A 134 -7.58 3.61 1.23
CA GLY A 134 -6.74 3.04 2.27
C GLY A 134 -7.51 2.07 3.16
N TYR A 135 -6.98 1.82 4.35
CA TYR A 135 -7.61 0.92 5.31
C TYR A 135 -8.98 1.44 5.72
N GLU A 136 -9.10 2.76 5.83
CA GLU A 136 -10.36 3.38 6.22
C GLU A 136 -11.47 3.02 5.24
N ASN A 137 -11.09 2.85 3.97
CA ASN A 137 -12.06 2.50 2.93
C ASN A 137 -12.18 0.98 2.78
N TRP A 138 -11.08 0.28 3.05
CA TRP A 138 -11.07 -1.17 2.95
C TRP A 138 -12.09 -1.79 3.90
N LEU A 139 -12.20 -1.23 5.10
CA LEU A 139 -13.15 -1.73 6.09
C LEU A 139 -14.59 -1.55 5.60
N LEU A 140 -14.83 -0.49 4.85
CA LEU A 140 -16.15 -0.21 4.33
C LEU A 140 -16.53 -1.19 3.21
N CYS A 141 -15.51 -1.66 2.48
CA CYS A 141 -15.73 -2.61 1.40
C CYS A 141 -15.64 -4.05 1.90
N TYR A 142 -14.50 -4.40 2.48
CA TYR A 142 -14.28 -5.74 3.00
C TYR A 142 -13.87 -5.70 4.47
N PRO A 143 -14.85 -5.52 5.38
CA PRO A 143 -14.59 -5.46 6.83
C PRO A 143 -14.22 -6.83 7.39
N GLN A 144 -14.74 -7.88 6.77
CA GLN A 144 -14.47 -9.24 7.21
C GLN A 144 -13.02 -9.64 6.91
N TYR A 145 -12.42 -8.97 5.94
CA TYR A 145 -11.04 -9.26 5.55
C TYR A 145 -10.06 -8.39 6.33
N THR A 146 -10.25 -8.34 7.65
CA THR A 146 -9.38 -7.55 8.51
C THR A 146 -9.40 -8.07 9.94
N THR A 147 -8.33 -7.83 10.67
CA THR A 147 -8.23 -8.28 12.06
C THR A 147 -9.17 -7.47 12.95
N ASN A 148 -9.35 -6.20 12.63
CA ASN A 148 -10.22 -5.32 13.40
C ASN A 148 -11.06 -4.43 12.48
N ALA A 149 -12.38 -4.55 12.58
CA ALA A 149 -13.28 -3.76 11.76
C ALA A 149 -13.91 -2.63 12.57
N LYS A 150 -14.18 -2.91 13.85
CA LYS A 150 -14.78 -1.92 14.72
C LYS A 150 -13.83 -0.76 14.99
N VAL A 151 -13.72 0.16 14.03
CA VAL A 151 -12.84 1.31 14.16
C VAL A 151 -13.53 2.58 13.68
N SER A 152 -13.46 3.62 14.49
CA SER A 152 -14.08 4.90 14.16
C SER A 152 -13.05 5.88 13.60
N GLY A 153 -11.81 5.75 14.07
CA GLY A 153 -10.74 6.63 13.61
C GLY A 153 -9.80 7.04 14.73
N PRO A 154 -8.70 6.30 14.93
CA PRO A 154 -7.73 6.62 15.99
C PRO A 154 -6.97 7.91 15.71
N SER A 155 -7.48 9.02 16.25
CA SER A 155 -6.85 10.32 16.06
C SER A 155 -6.76 11.08 17.39
N SER A 156 -6.53 10.33 18.47
CA SER A 156 -6.42 10.94 19.79
C SER A 156 -4.96 11.12 20.19
N GLY A 157 -4.72 11.98 21.18
CA GLY A 157 -3.37 12.23 21.63
C GLY A 157 -2.62 13.20 20.75
N GLY A 1 11.78 26.06 -32.62
CA GLY A 1 10.69 26.90 -32.03
C GLY A 1 9.56 26.07 -31.46
N SER A 2 9.24 24.96 -32.13
CA SER A 2 8.17 24.09 -31.69
C SER A 2 8.72 22.95 -30.83
N SER A 3 8.69 23.14 -29.51
CA SER A 3 9.20 22.15 -28.58
C SER A 3 8.08 21.68 -27.64
N GLY A 4 7.85 20.37 -27.61
CA GLY A 4 6.82 19.83 -26.75
C GLY A 4 6.68 18.32 -26.89
N SER A 5 6.45 17.63 -25.78
CA SER A 5 6.30 16.19 -25.79
C SER A 5 5.33 15.73 -24.70
N SER A 6 5.52 16.26 -23.49
CA SER A 6 4.67 15.90 -22.36
C SER A 6 4.50 17.09 -21.42
N GLY A 7 3.65 16.93 -20.41
CA GLY A 7 3.42 17.99 -19.45
C GLY A 7 2.62 17.53 -18.25
N LYS A 8 1.56 18.25 -17.93
CA LYS A 8 0.72 17.91 -16.79
C LYS A 8 -0.75 17.83 -17.20
N CYS A 9 -1.17 16.64 -17.63
CA CYS A 9 -2.55 16.43 -18.05
C CYS A 9 -3.40 15.91 -16.90
N GLU A 10 -3.77 16.81 -15.98
CA GLU A 10 -4.59 16.44 -14.83
C GLU A 10 -3.88 15.38 -13.98
N THR A 11 -2.56 15.44 -13.96
CA THR A 11 -1.76 14.50 -13.19
C THR A 11 -2.01 13.06 -13.66
N LYS A 12 -1.20 12.13 -13.17
CA LYS A 12 -1.33 10.73 -13.53
C LYS A 12 -0.76 9.82 -12.44
N GLU A 13 -1.62 9.04 -11.81
CA GLU A 13 -1.20 8.13 -10.76
C GLU A 13 -0.21 7.10 -11.29
N LYS A 14 0.96 7.03 -10.66
CA LYS A 14 1.98 6.08 -11.06
C LYS A 14 1.63 4.67 -10.63
N GLY A 15 0.91 4.55 -9.51
CA GLY A 15 0.52 3.25 -9.00
C GLY A 15 -0.70 3.32 -8.12
N ALA A 16 -1.86 3.05 -8.71
CA ALA A 16 -3.12 3.08 -7.96
C ALA A 16 -3.95 1.84 -8.23
N ILE A 17 -4.68 1.38 -7.21
CA ILE A 17 -5.51 0.19 -7.34
C ILE A 17 -6.84 0.37 -6.60
N THR A 18 -7.92 -0.07 -7.22
CA THR A 18 -9.24 0.05 -6.63
C THR A 18 -9.45 -1.03 -5.57
N ALA A 19 -10.58 -0.96 -4.86
CA ALA A 19 -10.90 -1.93 -3.82
C ALA A 19 -11.24 -3.28 -4.43
N LYS A 20 -11.99 -3.27 -5.52
CA LYS A 20 -12.39 -4.50 -6.19
C LYS A 20 -11.18 -5.19 -6.83
N GLU A 21 -10.28 -4.39 -7.39
CA GLU A 21 -9.08 -4.93 -8.03
C GLU A 21 -8.22 -5.68 -7.01
N LEU A 22 -8.25 -5.22 -5.77
CA LEU A 22 -7.47 -5.84 -4.70
C LEU A 22 -8.05 -7.20 -4.34
N TYR A 23 -9.36 -7.25 -4.14
CA TYR A 23 -10.04 -8.49 -3.78
C TYR A 23 -9.87 -9.54 -4.89
N THR A 24 -10.01 -9.10 -6.13
CA THR A 24 -9.88 -10.01 -7.27
C THR A 24 -8.46 -10.57 -7.36
N MET A 25 -7.49 -9.75 -7.00
CA MET A 25 -6.08 -10.15 -7.04
C MET A 25 -5.72 -10.95 -5.79
N MET A 26 -6.31 -10.59 -4.66
CA MET A 26 -6.05 -11.26 -3.40
C MET A 26 -6.60 -12.68 -3.43
N THR A 27 -7.78 -12.85 -4.01
CA THR A 27 -8.42 -14.16 -4.10
C THR A 27 -8.18 -14.78 -5.47
N ASP A 28 -7.01 -14.55 -6.03
CA ASP A 28 -6.66 -15.08 -7.34
C ASP A 28 -5.89 -16.40 -7.21
N LYS A 29 -5.10 -16.51 -6.14
CA LYS A 29 -4.31 -17.71 -5.91
C LYS A 29 -3.33 -17.96 -7.06
N ASN A 30 -2.88 -16.89 -7.69
CA ASN A 30 -1.95 -17.00 -8.81
C ASN A 30 -0.98 -15.82 -8.83
N ILE A 31 -1.53 -14.61 -8.77
CA ILE A 31 -0.72 -13.39 -8.77
C ILE A 31 -0.30 -13.01 -7.36
N SER A 32 1.00 -13.03 -7.11
CA SER A 32 1.54 -12.68 -5.80
C SER A 32 1.33 -11.19 -5.52
N LEU A 33 0.70 -10.89 -4.39
CA LEU A 33 0.44 -9.51 -4.00
C LEU A 33 0.73 -9.30 -2.52
N ILE A 34 1.36 -8.18 -2.20
CA ILE A 34 1.68 -7.85 -0.81
C ILE A 34 1.21 -6.46 -0.45
N ILE A 35 0.42 -6.36 0.62
CA ILE A 35 -0.10 -5.08 1.07
C ILE A 35 0.77 -4.49 2.19
N MET A 36 0.68 -3.18 2.38
CA MET A 36 1.45 -2.50 3.40
C MET A 36 0.64 -1.38 4.04
N ASP A 37 0.81 -1.21 5.35
CA ASP A 37 0.10 -0.17 6.08
C ASP A 37 0.96 1.07 6.25
N ALA A 38 0.74 2.07 5.40
CA ALA A 38 1.49 3.31 5.46
C ALA A 38 0.99 4.21 6.58
N ARG A 39 1.09 3.72 7.81
CA ARG A 39 0.65 4.49 8.97
C ARG A 39 1.55 4.23 10.17
N ARG A 40 1.13 4.72 11.33
CA ARG A 40 1.92 4.54 12.55
C ARG A 40 1.98 3.07 12.95
N MET A 41 3.08 2.69 13.60
CA MET A 41 3.27 1.31 14.02
C MET A 41 2.16 0.87 14.98
N GLN A 42 1.82 1.75 15.92
CA GLN A 42 0.77 1.45 16.88
C GLN A 42 -0.56 1.19 16.19
N ASP A 43 -0.75 1.82 15.04
CA ASP A 43 -1.99 1.66 14.26
C ASP A 43 -2.14 0.22 13.78
N TYR A 44 -1.05 -0.34 13.26
CA TYR A 44 -1.07 -1.72 12.75
C TYR A 44 -1.49 -2.70 13.84
N GLN A 45 -1.07 -2.42 15.07
CA GLN A 45 -1.40 -3.28 16.20
C GLN A 45 -2.87 -3.12 16.60
N ASP A 46 -3.41 -1.93 16.37
CA ASP A 46 -4.80 -1.64 16.70
C ASP A 46 -5.74 -2.20 15.63
N SER A 47 -5.40 -1.96 14.37
CA SER A 47 -6.21 -2.44 13.25
C SER A 47 -5.34 -2.70 12.02
N CYS A 48 -5.69 -3.73 11.27
CA CYS A 48 -4.94 -4.08 10.06
C CYS A 48 -5.59 -5.27 9.35
N ILE A 49 -5.30 -5.41 8.06
CA ILE A 49 -5.84 -6.50 7.27
C ILE A 49 -5.19 -7.83 7.64
N LEU A 50 -5.89 -8.93 7.36
CA LEU A 50 -5.40 -10.25 7.67
C LEU A 50 -4.06 -10.51 6.97
N HIS A 51 -4.12 -10.83 5.69
CA HIS A 51 -2.92 -11.10 4.90
C HIS A 51 -2.34 -9.81 4.32
N SER A 52 -1.46 -9.16 5.08
CA SER A 52 -0.84 -7.92 4.65
C SER A 52 0.41 -7.62 5.45
N LEU A 53 1.17 -6.63 5.00
CA LEU A 53 2.41 -6.24 5.67
C LEU A 53 2.22 -4.93 6.43
N SER A 54 3.17 -4.60 7.30
CA SER A 54 3.10 -3.38 8.08
C SER A 54 4.36 -2.53 7.88
N VAL A 55 4.21 -1.23 8.08
CA VAL A 55 5.33 -0.29 7.92
C VAL A 55 5.03 1.03 8.62
N PRO A 56 5.74 1.32 9.73
CA PRO A 56 5.54 2.56 10.48
C PRO A 56 5.98 3.78 9.72
N GLU A 57 5.21 4.87 9.83
CA GLU A 57 5.53 6.11 9.14
C GLU A 57 6.89 6.63 9.56
N GLU A 58 7.27 6.37 10.81
CA GLU A 58 8.55 6.82 11.34
C GLU A 58 9.70 6.25 10.52
N ALA A 59 9.50 5.05 9.97
CA ALA A 59 10.52 4.41 9.16
C ALA A 59 10.57 4.99 7.76
N ILE A 60 9.42 5.42 7.25
CA ILE A 60 9.32 6.00 5.92
C ILE A 60 9.63 7.49 5.96
N SER A 61 10.80 7.87 5.44
CA SER A 61 11.21 9.27 5.40
C SER A 61 10.99 9.87 4.02
N PRO A 62 10.88 11.21 3.95
CA PRO A 62 10.67 11.91 2.67
C PRO A 62 11.89 11.84 1.76
N GLY A 63 11.94 10.83 0.91
CA GLY A 63 13.05 10.67 -0.01
C GLY A 63 14.08 9.68 0.50
N VAL A 64 13.72 8.41 0.50
CA VAL A 64 14.63 7.36 0.96
C VAL A 64 14.64 6.18 -0.01
N THR A 65 15.42 5.15 0.34
CA THR A 65 15.51 3.96 -0.50
C THR A 65 14.85 2.76 0.17
N ALA A 66 15.00 1.59 -0.44
CA ALA A 66 14.41 0.37 0.10
C ALA A 66 15.20 -0.14 1.30
N SER A 67 16.50 0.10 1.29
CA SER A 67 17.38 -0.33 2.38
C SER A 67 17.06 0.43 3.67
N TRP A 68 16.63 1.68 3.52
CA TRP A 68 16.29 2.50 4.67
C TRP A 68 15.12 1.91 5.44
N ILE A 69 14.02 1.67 4.74
CA ILE A 69 12.82 1.10 5.37
C ILE A 69 13.10 -0.29 5.93
N GLU A 70 13.91 -1.06 5.20
CA GLU A 70 14.26 -2.41 5.63
C GLU A 70 14.94 -2.39 7.00
N ALA A 71 15.62 -1.30 7.30
CA ALA A 71 16.32 -1.16 8.58
C ALA A 71 15.34 -0.85 9.70
N HIS A 72 14.25 -0.16 9.37
CA HIS A 72 13.23 0.20 10.35
C HIS A 72 11.90 -0.49 10.04
N LEU A 73 11.78 -1.74 10.45
CA LEU A 73 10.57 -2.51 10.22
C LEU A 73 10.41 -3.61 11.27
N PRO A 74 9.16 -4.03 11.55
CA PRO A 74 8.88 -5.08 12.53
C PRO A 74 9.72 -6.34 12.31
N ASP A 75 9.48 -7.35 13.12
CA ASP A 75 10.22 -8.61 13.01
C ASP A 75 9.53 -9.56 12.03
N ASP A 76 8.21 -9.51 12.01
CA ASP A 76 7.43 -10.37 11.12
C ASP A 76 7.26 -9.72 9.75
N SER A 77 7.21 -8.39 9.73
CA SER A 77 7.05 -7.65 8.49
C SER A 77 8.34 -7.67 7.67
N LYS A 78 9.47 -7.72 8.36
CA LYS A 78 10.77 -7.73 7.70
C LYS A 78 10.90 -8.96 6.78
N ASP A 79 10.33 -10.07 7.22
CA ASP A 79 10.38 -11.31 6.44
C ASP A 79 9.81 -11.10 5.04
N THR A 80 8.51 -10.86 4.97
CA THR A 80 7.83 -10.65 3.69
C THR A 80 8.44 -9.46 2.95
N TRP A 81 8.97 -8.51 3.71
CA TRP A 81 9.58 -7.31 3.11
C TRP A 81 10.70 -7.69 2.15
N LYS A 82 11.39 -8.79 2.44
CA LYS A 82 12.49 -9.25 1.60
C LYS A 82 11.95 -9.98 0.37
N LYS A 83 10.75 -10.54 0.48
CA LYS A 83 10.14 -11.26 -0.63
C LYS A 83 9.35 -10.32 -1.54
N ARG A 84 9.50 -9.01 -1.34
CA ARG A 84 8.80 -8.03 -2.14
C ARG A 84 9.17 -8.18 -3.62
N GLY A 85 10.39 -8.63 -3.88
CA GLY A 85 10.84 -8.81 -5.24
C GLY A 85 10.41 -10.13 -5.84
N ASN A 86 10.00 -11.07 -4.98
CA ASN A 86 9.56 -12.38 -5.42
C ASN A 86 8.15 -12.32 -6.00
N VAL A 87 7.35 -11.40 -5.48
CA VAL A 87 5.98 -11.23 -5.93
C VAL A 87 5.93 -10.55 -7.30
N GLU A 88 4.73 -10.33 -7.80
CA GLU A 88 4.54 -9.68 -9.10
C GLU A 88 3.95 -8.29 -8.93
N TYR A 89 2.89 -8.20 -8.14
CA TYR A 89 2.23 -6.92 -7.88
C TYR A 89 2.39 -6.49 -6.43
N VAL A 90 2.03 -5.25 -6.14
CA VAL A 90 2.13 -4.72 -4.79
C VAL A 90 1.10 -3.63 -4.54
N VAL A 91 0.62 -3.54 -3.30
CA VAL A 91 -0.37 -2.53 -2.94
C VAL A 91 -0.08 -1.94 -1.57
N LEU A 92 -0.63 -0.75 -1.31
CA LEU A 92 -0.42 -0.07 -0.04
C LEU A 92 -1.75 0.30 0.60
N LEU A 93 -1.69 0.88 1.80
CA LEU A 93 -2.90 1.28 2.52
C LEU A 93 -2.73 2.68 3.11
N ASP A 94 -3.78 3.16 3.77
CA ASP A 94 -3.75 4.48 4.38
C ASP A 94 -5.04 4.76 5.14
N TRP A 95 -5.13 5.94 5.74
CA TRP A 95 -6.32 6.33 6.50
C TRP A 95 -7.25 7.19 5.66
N PHE A 96 -6.72 8.28 5.11
CA PHE A 96 -7.50 9.18 4.29
C PHE A 96 -6.64 9.81 3.20
N SER A 97 -6.21 8.99 2.25
CA SER A 97 -5.38 9.46 1.15
C SER A 97 -5.39 8.48 -0.01
N SER A 98 -4.97 8.95 -1.19
CA SER A 98 -4.93 8.12 -2.37
C SER A 98 -3.78 8.52 -3.29
N ALA A 99 -3.53 7.72 -4.32
CA ALA A 99 -2.45 7.99 -5.27
C ALA A 99 -2.60 9.38 -5.87
N LYS A 100 -3.84 9.77 -6.18
CA LYS A 100 -4.11 11.07 -6.76
C LYS A 100 -3.90 12.18 -5.74
N ASP A 101 -4.11 11.86 -4.47
CA ASP A 101 -3.95 12.83 -3.39
C ASP A 101 -2.47 13.14 -3.15
N LEU A 102 -1.62 12.15 -3.43
CA LEU A 102 -0.18 12.32 -3.24
C LEU A 102 0.35 13.51 -4.03
N GLN A 103 1.22 14.30 -3.41
CA GLN A 103 1.79 15.47 -4.06
C GLN A 103 3.26 15.62 -3.70
N ILE A 104 3.53 16.01 -2.46
CA ILE A 104 4.90 16.19 -1.99
C ILE A 104 5.02 15.90 -0.50
N GLY A 105 6.10 15.23 -0.11
CA GLY A 105 6.31 14.90 1.29
C GLY A 105 5.22 14.01 1.84
N THR A 106 4.91 12.94 1.12
CA THR A 106 3.88 12.00 1.55
C THR A 106 4.48 10.63 1.85
N THR A 107 3.82 9.88 2.73
CA THR A 107 4.29 8.56 3.11
C THR A 107 4.23 7.59 1.92
N LEU A 108 3.11 7.63 1.20
CA LEU A 108 2.93 6.78 0.04
C LEU A 108 3.91 7.13 -1.07
N ARG A 109 4.05 8.43 -1.34
CA ARG A 109 4.96 8.90 -2.37
C ARG A 109 6.40 8.57 -2.02
N SER A 110 6.76 8.76 -0.76
CA SER A 110 8.11 8.47 -0.29
C SER A 110 8.36 6.98 -0.21
N LEU A 111 7.30 6.22 0.10
CA LEU A 111 7.40 4.77 0.21
C LEU A 111 7.35 4.11 -1.17
N LYS A 112 6.59 4.72 -2.07
CA LYS A 112 6.46 4.20 -3.43
C LYS A 112 7.69 4.54 -4.26
N ASP A 113 8.30 5.68 -3.96
CA ASP A 113 9.49 6.12 -4.69
C ASP A 113 10.73 5.39 -4.19
N ALA A 114 10.67 4.89 -2.96
CA ALA A 114 11.80 4.17 -2.38
C ALA A 114 11.70 2.66 -2.65
N LEU A 115 10.84 2.28 -3.59
CA LEU A 115 10.65 0.87 -3.93
C LEU A 115 10.98 0.62 -5.40
N PHE A 116 10.55 1.55 -6.26
CA PHE A 116 10.79 1.43 -7.70
C PHE A 116 11.77 2.49 -8.17
N LYS A 117 11.49 3.75 -7.85
CA LYS A 117 12.34 4.86 -8.25
C LYS A 117 13.75 4.69 -7.68
N TRP A 118 13.85 4.65 -6.36
CA TRP A 118 15.14 4.49 -5.69
C TRP A 118 15.42 3.03 -5.39
N GLU A 119 15.21 2.17 -6.40
CA GLU A 119 15.44 0.74 -6.25
C GLU A 119 16.91 0.41 -6.37
N SER A 120 17.26 -0.86 -6.14
CA SER A 120 18.64 -1.30 -6.22
C SER A 120 18.74 -2.82 -6.17
N LYS A 121 19.61 -3.38 -6.98
CA LYS A 121 19.79 -4.83 -7.03
C LYS A 121 18.52 -5.54 -7.49
N THR A 122 17.57 -5.69 -6.58
CA THR A 122 16.30 -6.35 -6.89
C THR A 122 15.31 -5.36 -7.50
N VAL A 123 14.82 -5.69 -8.69
CA VAL A 123 13.87 -4.83 -9.39
C VAL A 123 12.45 -5.39 -9.28
N LEU A 124 11.49 -4.49 -9.06
CA LEU A 124 10.10 -4.90 -8.92
C LEU A 124 9.44 -5.03 -10.30
N ARG A 125 8.86 -6.20 -10.55
CA ARG A 125 8.20 -6.47 -11.81
C ARG A 125 7.14 -5.42 -12.11
N ASN A 126 6.58 -4.82 -11.03
CA ASN A 126 5.56 -3.80 -11.18
C ASN A 126 5.78 -2.68 -10.17
N GLU A 127 5.10 -1.55 -10.40
CA GLU A 127 5.21 -0.40 -9.50
C GLU A 127 4.22 -0.51 -8.35
N PRO A 128 4.68 -0.26 -7.10
CA PRO A 128 3.82 -0.33 -5.92
C PRO A 128 2.57 0.53 -6.05
N LEU A 129 1.41 -0.11 -5.96
CA LEU A 129 0.14 0.61 -6.07
C LEU A 129 -0.42 0.95 -4.69
N VAL A 130 -1.45 1.78 -4.67
CA VAL A 130 -2.08 2.18 -3.41
C VAL A 130 -3.60 2.02 -3.48
N LEU A 131 -4.16 1.39 -2.45
CA LEU A 131 -5.61 1.17 -2.40
C LEU A 131 -6.35 2.50 -2.32
N GLU A 132 -7.53 2.55 -2.96
CA GLU A 132 -8.34 3.76 -2.97
C GLU A 132 -9.03 3.96 -1.63
N GLY A 133 -8.59 4.97 -0.89
CA GLY A 133 -9.19 5.26 0.40
C GLY A 133 -8.35 4.74 1.55
N GLY A 134 -7.76 3.56 1.37
CA GLY A 134 -6.92 2.98 2.41
C GLY A 134 -7.67 1.98 3.27
N TYR A 135 -7.20 1.78 4.49
CA TYR A 135 -7.82 0.85 5.41
C TYR A 135 -9.23 1.31 5.78
N GLU A 136 -9.39 2.63 5.90
CA GLU A 136 -10.69 3.20 6.25
C GLU A 136 -11.76 2.80 5.23
N ASN A 137 -11.34 2.62 3.99
CA ASN A 137 -12.26 2.24 2.92
C ASN A 137 -12.38 0.72 2.81
N TRP A 138 -11.30 0.02 3.19
CA TRP A 138 -11.29 -1.44 3.14
C TRP A 138 -12.40 -2.03 4.00
N LEU A 139 -12.71 -1.36 5.10
CA LEU A 139 -13.76 -1.82 6.01
C LEU A 139 -15.13 -1.68 5.36
N LEU A 140 -15.31 -0.61 4.59
CA LEU A 140 -16.58 -0.37 3.92
C LEU A 140 -16.77 -1.31 2.74
N CYS A 141 -15.66 -1.72 2.12
CA CYS A 141 -15.70 -2.62 0.98
C CYS A 141 -15.71 -4.08 1.45
N TYR A 142 -14.80 -4.41 2.35
CA TYR A 142 -14.70 -5.77 2.88
C TYR A 142 -14.31 -5.76 4.35
N PRO A 143 -15.27 -5.52 5.25
CA PRO A 143 -15.02 -5.48 6.69
C PRO A 143 -14.75 -6.87 7.28
N GLN A 144 -15.15 -7.91 6.54
CA GLN A 144 -14.96 -9.28 6.99
C GLN A 144 -13.69 -9.88 6.38
N TYR A 145 -12.66 -9.06 6.25
CA TYR A 145 -11.39 -9.50 5.68
C TYR A 145 -10.21 -8.89 6.43
N THR A 146 -10.40 -8.63 7.72
CA THR A 146 -9.35 -8.04 8.54
C THR A 146 -9.28 -8.73 9.90
N THR A 147 -8.27 -8.38 10.68
CA THR A 147 -8.09 -8.96 12.00
C THR A 147 -9.02 -8.31 13.02
N ASN A 148 -9.23 -7.01 12.87
CA ASN A 148 -10.10 -6.27 13.77
C ASN A 148 -11.52 -6.19 13.21
N ALA A 149 -11.67 -5.51 12.08
CA ALA A 149 -12.98 -5.36 11.45
C ALA A 149 -13.95 -4.63 12.36
N LYS A 150 -13.43 -3.71 13.16
CA LYS A 150 -14.26 -2.94 14.08
C LYS A 150 -13.54 -1.68 14.55
N VAL A 151 -13.43 -0.70 13.67
CA VAL A 151 -12.77 0.55 13.99
C VAL A 151 -13.31 1.70 13.15
N SER A 152 -13.43 2.88 13.77
CA SER A 152 -13.94 4.06 13.07
C SER A 152 -13.15 5.30 13.47
N GLY A 153 -11.88 5.11 13.81
CA GLY A 153 -11.05 6.23 14.20
C GLY A 153 -11.62 7.01 15.36
N PRO A 154 -11.97 6.34 16.46
CA PRO A 154 -12.54 7.00 17.65
C PRO A 154 -11.51 7.84 18.38
N SER A 155 -10.33 7.29 18.59
CA SER A 155 -9.26 7.99 19.28
C SER A 155 -8.47 8.87 18.32
N SER A 156 -8.26 8.37 17.10
CA SER A 156 -7.52 9.10 16.08
C SER A 156 -8.28 9.11 14.75
N GLY A 157 -9.15 10.10 14.58
CA GLY A 157 -9.93 10.21 13.37
C GLY A 157 -10.41 11.62 13.10
N GLY A 1 8.98 1.63 -17.27
CA GLY A 1 8.67 0.33 -17.91
C GLY A 1 7.62 0.45 -19.01
N SER A 2 7.78 -0.34 -20.06
CA SER A 2 6.83 -0.31 -21.17
C SER A 2 5.95 -1.55 -21.16
N SER A 3 4.74 -1.39 -20.61
CA SER A 3 3.79 -2.50 -20.53
C SER A 3 2.36 -1.99 -20.59
N GLY A 4 1.62 -2.42 -21.61
CA GLY A 4 0.24 -2.00 -21.75
C GLY A 4 -0.04 -1.42 -23.13
N SER A 5 -0.04 -0.08 -23.22
CA SER A 5 -0.30 0.60 -24.48
C SER A 5 -1.75 0.41 -24.92
N SER A 6 -2.09 -0.81 -25.32
CA SER A 6 -3.44 -1.12 -25.76
C SER A 6 -3.64 -2.63 -25.89
N GLY A 7 -4.40 -3.20 -24.95
CA GLY A 7 -4.67 -4.63 -24.97
C GLY A 7 -6.07 -4.97 -24.52
N LYS A 8 -6.18 -5.78 -23.49
CA LYS A 8 -7.48 -6.19 -22.96
C LYS A 8 -7.52 -6.05 -21.44
N CYS A 9 -6.50 -6.57 -20.78
CA CYS A 9 -6.42 -6.50 -19.32
C CYS A 9 -5.62 -5.27 -18.88
N GLU A 10 -6.29 -4.13 -18.79
CA GLU A 10 -5.64 -2.89 -18.38
C GLU A 10 -6.47 -2.16 -17.33
N THR A 11 -5.87 -1.16 -16.68
CA THR A 11 -6.54 -0.40 -15.65
C THR A 11 -6.93 0.99 -16.17
N LYS A 12 -7.89 1.62 -15.50
CA LYS A 12 -8.34 2.95 -15.90
C LYS A 12 -7.69 4.03 -15.04
N GLU A 13 -6.42 3.81 -14.70
CA GLU A 13 -5.68 4.75 -13.87
C GLU A 13 -4.20 4.75 -14.26
N LYS A 14 -3.43 5.62 -13.61
CA LYS A 14 -2.00 5.72 -13.87
C LYS A 14 -1.20 4.83 -12.92
N GLY A 15 -1.42 5.04 -11.62
CA GLY A 15 -0.72 4.25 -10.62
C GLY A 15 -1.50 4.11 -9.33
N ALA A 16 -2.77 3.72 -9.45
CA ALA A 16 -3.63 3.54 -8.30
C ALA A 16 -4.53 2.32 -8.46
N ILE A 17 -4.57 1.49 -7.42
CA ILE A 17 -5.39 0.28 -7.46
C ILE A 17 -6.71 0.49 -6.72
N THR A 18 -7.72 -0.30 -7.06
CA THR A 18 -9.02 -0.21 -6.43
C THR A 18 -9.23 -1.31 -5.41
N ALA A 19 -10.32 -1.23 -4.66
CA ALA A 19 -10.63 -2.24 -3.64
C ALA A 19 -11.09 -3.54 -4.29
N LYS A 20 -11.84 -3.42 -5.37
CA LYS A 20 -12.34 -4.59 -6.09
C LYS A 20 -11.19 -5.43 -6.66
N GLU A 21 -10.26 -4.75 -7.32
CA GLU A 21 -9.12 -5.42 -7.92
C GLU A 21 -8.27 -6.11 -6.85
N LEU A 22 -8.18 -5.48 -5.68
CA LEU A 22 -7.40 -6.02 -4.57
C LEU A 22 -7.93 -7.38 -4.15
N TYR A 23 -9.25 -7.53 -4.16
CA TYR A 23 -9.88 -8.79 -3.77
C TYR A 23 -9.73 -9.83 -4.88
N THR A 24 -9.69 -9.37 -6.13
CA THR A 24 -9.55 -10.26 -7.27
C THR A 24 -8.14 -10.86 -7.32
N MET A 25 -7.16 -10.09 -6.86
CA MET A 25 -5.77 -10.54 -6.85
C MET A 25 -5.43 -11.24 -5.54
N MET A 26 -6.00 -10.74 -4.45
CA MET A 26 -5.76 -11.32 -3.13
C MET A 26 -6.20 -12.78 -3.08
N THR A 27 -7.25 -13.09 -3.83
CA THR A 27 -7.78 -14.45 -3.88
C THR A 27 -6.98 -15.32 -4.84
N ASP A 28 -6.47 -14.69 -5.90
CA ASP A 28 -5.67 -15.40 -6.89
C ASP A 28 -4.34 -15.86 -6.31
N LYS A 29 -4.18 -17.17 -6.17
CA LYS A 29 -2.95 -17.73 -5.62
C LYS A 29 -1.80 -17.60 -6.62
N ASN A 30 -2.13 -17.65 -7.91
CA ASN A 30 -1.13 -17.53 -8.96
C ASN A 30 -0.39 -16.19 -8.86
N ILE A 31 -1.15 -15.10 -8.99
CA ILE A 31 -0.57 -13.76 -8.91
C ILE A 31 -0.34 -13.35 -7.46
N SER A 32 0.93 -13.27 -7.07
CA SER A 32 1.28 -12.88 -5.71
C SER A 32 1.11 -11.38 -5.51
N LEU A 33 0.86 -10.98 -4.26
CA LEU A 33 0.68 -9.57 -3.94
C LEU A 33 0.97 -9.32 -2.46
N ILE A 34 1.61 -8.18 -2.18
CA ILE A 34 1.95 -7.82 -0.80
C ILE A 34 1.41 -6.44 -0.45
N ILE A 35 0.62 -6.37 0.60
CA ILE A 35 0.04 -5.10 1.05
C ILE A 35 0.91 -4.45 2.12
N MET A 36 0.98 -3.13 2.10
CA MET A 36 1.78 -2.39 3.07
C MET A 36 0.99 -1.24 3.68
N ASP A 37 0.80 -1.30 4.99
CA ASP A 37 0.06 -0.27 5.71
C ASP A 37 1.01 0.80 6.25
N ALA A 38 1.03 1.95 5.59
CA ALA A 38 1.89 3.06 5.99
C ALA A 38 1.14 4.11 6.80
N ARG A 39 1.11 3.91 8.12
CA ARG A 39 0.43 4.85 9.01
C ARG A 39 1.22 5.01 10.31
N ARG A 40 1.55 3.88 10.93
CA ARG A 40 2.31 3.90 12.18
C ARG A 40 2.56 2.48 12.67
N MET A 41 3.07 2.35 13.90
CA MET A 41 3.35 1.04 14.48
C MET A 41 2.25 0.65 15.47
N GLN A 42 1.65 1.64 16.10
CA GLN A 42 0.58 1.39 17.07
C GLN A 42 -0.75 1.14 16.36
N ASP A 43 -0.95 1.81 15.23
CA ASP A 43 -2.18 1.66 14.46
C ASP A 43 -2.32 0.24 13.94
N TYR A 44 -1.23 -0.31 13.41
CA TYR A 44 -1.22 -1.66 12.87
C TYR A 44 -1.71 -2.67 13.91
N GLN A 45 -1.21 -2.53 15.13
CA GLN A 45 -1.59 -3.43 16.22
C GLN A 45 -3.07 -3.24 16.58
N ASP A 46 -3.57 -2.03 16.40
CA ASP A 46 -4.96 -1.73 16.70
C ASP A 46 -5.89 -2.25 15.61
N SER A 47 -5.52 -2.01 14.37
CA SER A 47 -6.32 -2.46 13.23
C SER A 47 -5.45 -2.65 11.99
N CYS A 48 -5.69 -3.72 11.25
CA CYS A 48 -4.94 -4.00 10.04
C CYS A 48 -5.61 -5.11 9.22
N ILE A 49 -5.34 -5.12 7.92
CA ILE A 49 -5.92 -6.13 7.04
C ILE A 49 -5.15 -7.44 7.13
N LEU A 50 -5.82 -8.53 6.80
CA LEU A 50 -5.20 -9.85 6.84
C LEU A 50 -4.31 -10.08 5.61
N HIS A 51 -3.28 -10.88 5.79
CA HIS A 51 -2.34 -11.18 4.71
C HIS A 51 -1.67 -9.90 4.20
N SER A 52 -1.47 -8.95 5.11
CA SER A 52 -0.83 -7.68 4.75
C SER A 52 0.44 -7.46 5.56
N LEU A 53 1.26 -6.52 5.12
CA LEU A 53 2.51 -6.22 5.80
C LEU A 53 2.40 -4.92 6.60
N SER A 54 3.35 -4.70 7.50
CA SER A 54 3.34 -3.49 8.33
C SER A 54 4.57 -2.64 8.04
N VAL A 55 4.48 -1.36 8.38
CA VAL A 55 5.59 -0.43 8.16
C VAL A 55 5.32 0.90 8.86
N PRO A 56 6.09 1.21 9.92
CA PRO A 56 5.94 2.47 10.67
C PRO A 56 6.30 3.69 9.84
N GLU A 57 5.46 4.72 9.91
CA GLU A 57 5.69 5.95 9.16
C GLU A 57 7.02 6.59 9.55
N GLU A 58 7.42 6.39 10.80
CA GLU A 58 8.67 6.95 11.31
C GLU A 58 9.86 6.42 10.50
N ALA A 59 9.73 5.19 10.00
CA ALA A 59 10.79 4.58 9.22
C ALA A 59 10.82 5.15 7.80
N ILE A 60 9.65 5.51 7.29
CA ILE A 60 9.53 6.07 5.95
C ILE A 60 9.72 7.58 5.96
N SER A 61 10.81 8.03 5.36
CA SER A 61 11.12 9.46 5.30
C SER A 61 10.97 9.99 3.87
N PRO A 62 10.75 11.30 3.72
CA PRO A 62 10.60 11.93 2.41
C PRO A 62 11.90 11.94 1.61
N GLY A 63 12.09 10.91 0.80
CA GLY A 63 13.30 10.81 -0.01
C GLY A 63 14.27 9.77 0.51
N VAL A 64 13.79 8.52 0.61
CA VAL A 64 14.61 7.43 1.11
C VAL A 64 14.62 6.26 0.12
N THR A 65 15.36 5.21 0.47
CA THR A 65 15.45 4.03 -0.39
C THR A 65 14.84 2.82 0.29
N ALA A 66 14.60 1.76 -0.48
CA ALA A 66 14.01 0.54 0.05
C ALA A 66 14.84 -0.02 1.19
N SER A 67 16.15 0.23 1.15
CA SER A 67 17.04 -0.24 2.20
C SER A 67 16.76 0.45 3.53
N TRP A 68 16.32 1.70 3.46
CA TRP A 68 16.01 2.47 4.65
C TRP A 68 14.87 1.82 5.43
N ILE A 69 13.75 1.61 4.76
CA ILE A 69 12.58 0.99 5.39
C ILE A 69 12.89 -0.43 5.83
N GLU A 70 13.70 -1.14 5.04
CA GLU A 70 14.06 -2.51 5.34
C GLU A 70 14.79 -2.59 6.69
N ALA A 71 15.55 -1.56 7.01
CA ALA A 71 16.29 -1.52 8.27
C ALA A 71 15.36 -1.21 9.44
N HIS A 72 14.31 -0.45 9.17
CA HIS A 72 13.35 -0.09 10.21
C HIS A 72 12.01 -0.79 9.98
N LEU A 73 11.88 -2.00 10.48
CA LEU A 73 10.65 -2.78 10.33
C LEU A 73 10.52 -3.81 11.44
N PRO A 74 9.29 -4.32 11.67
CA PRO A 74 9.03 -5.32 12.71
C PRO A 74 9.92 -6.55 12.57
N ASP A 75 9.58 -7.61 13.29
CA ASP A 75 10.34 -8.85 13.24
C ASP A 75 9.81 -9.78 12.16
N ASP A 76 8.50 -10.01 12.17
CA ASP A 76 7.86 -10.89 11.20
C ASP A 76 7.58 -10.14 9.90
N SER A 77 7.28 -8.85 10.01
CA SER A 77 6.99 -8.02 8.84
C SER A 77 8.23 -7.87 7.97
N LYS A 78 9.40 -7.89 8.60
CA LYS A 78 10.66 -7.75 7.88
C LYS A 78 10.87 -8.91 6.91
N ASP A 79 10.38 -10.09 7.29
CA ASP A 79 10.51 -11.28 6.45
C ASP A 79 9.80 -11.08 5.12
N THR A 80 8.51 -10.82 5.18
CA THR A 80 7.71 -10.61 3.96
C THR A 80 8.25 -9.43 3.16
N TRP A 81 8.85 -8.47 3.86
CA TRP A 81 9.40 -7.29 3.22
C TRP A 81 10.42 -7.67 2.14
N LYS A 82 11.09 -8.80 2.36
CA LYS A 82 12.10 -9.27 1.41
C LYS A 82 11.45 -10.03 0.25
N LYS A 83 10.17 -10.37 0.40
CA LYS A 83 9.45 -11.09 -0.65
C LYS A 83 8.81 -10.13 -1.65
N ARG A 84 9.15 -8.84 -1.56
CA ARG A 84 8.61 -7.85 -2.46
C ARG A 84 9.17 -8.02 -3.87
N GLY A 85 10.41 -8.50 -3.97
CA GLY A 85 11.03 -8.70 -5.25
C GLY A 85 10.71 -10.06 -5.85
N ASN A 86 9.80 -10.79 -5.22
CA ASN A 86 9.42 -12.12 -5.70
C ASN A 86 7.99 -12.10 -6.23
N VAL A 87 7.15 -11.27 -5.62
CA VAL A 87 5.75 -11.16 -6.02
C VAL A 87 5.63 -10.60 -7.43
N GLU A 88 4.39 -10.47 -7.91
CA GLU A 88 4.15 -9.94 -9.25
C GLU A 88 3.46 -8.58 -9.20
N TYR A 89 3.03 -8.17 -8.01
CA TYR A 89 2.36 -6.88 -7.84
C TYR A 89 2.60 -6.32 -6.44
N VAL A 90 2.15 -5.10 -6.20
CA VAL A 90 2.32 -4.46 -4.91
C VAL A 90 1.21 -3.44 -4.66
N VAL A 91 0.76 -3.35 -3.41
CA VAL A 91 -0.30 -2.41 -3.04
C VAL A 91 -0.02 -1.79 -1.68
N LEU A 92 -0.45 -0.54 -1.50
CA LEU A 92 -0.26 0.16 -0.24
C LEU A 92 -1.60 0.55 0.38
N LEU A 93 -1.55 1.10 1.59
CA LEU A 93 -2.75 1.52 2.29
C LEU A 93 -2.53 2.81 3.05
N ASP A 94 -3.58 3.32 3.68
CA ASP A 94 -3.51 4.57 4.44
C ASP A 94 -4.83 4.89 5.11
N TRP A 95 -4.87 6.00 5.83
CA TRP A 95 -6.08 6.42 6.52
C TRP A 95 -6.94 7.30 5.64
N PHE A 96 -6.30 8.22 4.91
CA PHE A 96 -7.02 9.12 4.02
C PHE A 96 -6.08 9.74 3.00
N SER A 97 -5.76 8.99 1.95
CA SER A 97 -4.86 9.48 0.90
C SER A 97 -4.95 8.58 -0.33
N SER A 98 -4.43 9.08 -1.45
CA SER A 98 -4.43 8.32 -2.70
C SER A 98 -3.23 8.69 -3.56
N ALA A 99 -3.13 8.07 -4.73
CA ALA A 99 -2.03 8.34 -5.65
C ALA A 99 -2.10 9.76 -6.19
N LYS A 100 -3.33 10.27 -6.34
CA LYS A 100 -3.53 11.62 -6.85
C LYS A 100 -3.45 12.65 -5.72
N ASP A 101 -3.73 12.20 -4.50
CA ASP A 101 -3.71 13.09 -3.33
C ASP A 101 -2.36 13.02 -2.63
N LEU A 102 -1.33 12.56 -3.34
CA LEU A 102 0.01 12.45 -2.77
C LEU A 102 0.60 13.84 -2.51
N GLN A 103 0.23 14.43 -1.38
CA GLN A 103 0.72 15.77 -1.02
C GLN A 103 2.24 15.77 -0.91
N ILE A 104 2.82 16.95 -0.71
CA ILE A 104 4.27 17.08 -0.58
C ILE A 104 4.72 16.76 0.83
N GLY A 105 5.38 15.62 0.99
CA GLY A 105 5.87 15.21 2.29
C GLY A 105 4.99 14.13 2.92
N THR A 106 4.49 13.22 2.09
CA THR A 106 3.64 12.15 2.57
C THR A 106 4.43 10.85 2.69
N THR A 107 3.74 9.78 3.09
CA THR A 107 4.37 8.47 3.24
C THR A 107 4.31 7.68 1.94
N LEU A 108 3.18 7.76 1.26
CA LEU A 108 2.98 7.05 0.00
C LEU A 108 3.84 7.66 -1.11
N ARG A 109 3.92 8.99 -1.12
CA ARG A 109 4.71 9.69 -2.11
C ARG A 109 6.17 9.29 -2.05
N SER A 110 6.67 9.05 -0.84
CA SER A 110 8.05 8.66 -0.63
C SER A 110 8.20 7.14 -0.66
N LEU A 111 7.22 6.45 -0.06
CA LEU A 111 7.25 4.99 -0.01
C LEU A 111 7.09 4.40 -1.41
N LYS A 112 6.37 5.10 -2.27
CA LYS A 112 6.15 4.65 -3.64
C LYS A 112 7.44 4.73 -4.45
N ASP A 113 8.29 5.69 -4.10
CA ASP A 113 9.55 5.87 -4.81
C ASP A 113 10.69 5.11 -4.12
N ALA A 114 10.48 4.75 -2.85
CA ALA A 114 11.48 4.02 -2.08
C ALA A 114 11.27 2.51 -2.17
N LEU A 115 10.54 2.07 -3.19
CA LEU A 115 10.27 0.65 -3.39
C LEU A 115 10.65 0.21 -4.79
N PHE A 116 10.19 0.96 -5.79
CA PHE A 116 10.49 0.63 -7.19
C PHE A 116 11.43 1.68 -7.80
N LYS A 117 11.08 2.95 -7.63
CA LYS A 117 11.89 4.04 -8.17
C LYS A 117 13.32 3.96 -7.66
N TRP A 118 13.48 3.61 -6.39
CA TRP A 118 14.79 3.51 -5.78
C TRP A 118 15.14 2.05 -5.49
N GLU A 119 16.18 1.55 -6.16
CA GLU A 119 16.62 0.17 -5.98
C GLU A 119 17.86 -0.12 -6.81
N SER A 120 18.33 -1.36 -6.76
CA SER A 120 19.51 -1.77 -7.51
C SER A 120 19.79 -3.26 -7.34
N LYS A 121 19.67 -3.73 -6.10
CA LYS A 121 19.92 -5.14 -5.79
C LYS A 121 18.70 -5.99 -6.15
N THR A 122 17.51 -5.44 -5.94
CA THR A 122 16.28 -6.15 -6.24
C THR A 122 15.37 -5.31 -7.14
N VAL A 123 14.41 -5.97 -7.78
CA VAL A 123 13.48 -5.28 -8.67
C VAL A 123 12.08 -5.88 -8.57
N LEU A 124 11.08 -5.01 -8.52
CA LEU A 124 9.69 -5.45 -8.42
C LEU A 124 9.07 -5.63 -9.80
N ARG A 125 7.79 -5.99 -9.83
CA ARG A 125 7.09 -6.21 -11.09
C ARG A 125 6.44 -4.91 -11.57
N ASN A 126 5.56 -4.35 -10.74
CA ASN A 126 4.87 -3.11 -11.09
C ASN A 126 5.07 -2.06 -10.00
N GLU A 127 4.71 -0.82 -10.31
CA GLU A 127 4.84 0.27 -9.35
C GLU A 127 3.86 0.10 -8.19
N PRO A 128 4.34 0.25 -6.94
CA PRO A 128 3.49 0.11 -5.75
C PRO A 128 2.23 0.97 -5.83
N LEU A 129 1.09 0.32 -6.08
CA LEU A 129 -0.18 1.02 -6.18
C LEU A 129 -0.76 1.30 -4.79
N VAL A 130 -1.63 2.31 -4.72
CA VAL A 130 -2.26 2.67 -3.46
C VAL A 130 -3.77 2.45 -3.50
N LEU A 131 -4.29 1.75 -2.51
CA LEU A 131 -5.72 1.46 -2.44
C LEU A 131 -6.53 2.75 -2.40
N GLU A 132 -7.69 2.73 -3.05
CA GLU A 132 -8.56 3.90 -3.09
C GLU A 132 -9.12 4.21 -1.71
N GLY A 133 -8.55 5.20 -1.05
CA GLY A 133 -9.00 5.59 0.28
C GLY A 133 -8.11 5.04 1.37
N GLY A 134 -7.70 3.78 1.24
CA GLY A 134 -6.84 3.16 2.23
C GLY A 134 -7.58 2.19 3.13
N TYR A 135 -7.05 1.98 4.33
CA TYR A 135 -7.68 1.06 5.28
C TYR A 135 -9.10 1.48 5.61
N GLU A 136 -9.28 2.79 5.81
CA GLU A 136 -10.60 3.33 6.14
C GLU A 136 -11.62 2.98 5.06
N ASN A 137 -11.15 2.85 3.82
CA ASN A 137 -12.03 2.52 2.71
C ASN A 137 -12.18 1.00 2.57
N TRP A 138 -11.15 0.27 2.97
CA TRP A 138 -11.18 -1.19 2.91
C TRP A 138 -12.33 -1.75 3.73
N LEU A 139 -12.56 -1.16 4.89
CA LEU A 139 -13.64 -1.60 5.79
C LEU A 139 -15.00 -1.35 5.14
N LEU A 140 -15.13 -0.21 4.47
CA LEU A 140 -16.38 0.15 3.82
C LEU A 140 -16.70 -0.83 2.69
N CYS A 141 -15.67 -1.40 2.09
CA CYS A 141 -15.84 -2.34 0.99
C CYS A 141 -15.87 -3.77 1.52
N TYR A 142 -14.79 -4.18 2.16
CA TYR A 142 -14.68 -5.53 2.71
C TYR A 142 -14.31 -5.49 4.20
N PRO A 143 -15.29 -5.19 5.07
CA PRO A 143 -15.06 -5.13 6.51
C PRO A 143 -14.85 -6.50 7.14
N GLN A 144 -15.22 -7.54 6.40
CA GLN A 144 -15.08 -8.91 6.88
C GLN A 144 -13.77 -9.54 6.38
N TYR A 145 -12.72 -8.74 6.32
CA TYR A 145 -11.42 -9.22 5.86
C TYR A 145 -10.29 -8.53 6.62
N THR A 146 -10.54 -8.21 7.87
CA THR A 146 -9.55 -7.55 8.71
C THR A 146 -9.55 -8.13 10.12
N THR A 147 -8.37 -8.14 10.75
CA THR A 147 -8.24 -8.67 12.10
C THR A 147 -9.08 -7.87 13.08
N ASN A 148 -9.22 -6.57 12.83
CA ASN A 148 -10.00 -5.69 13.70
C ASN A 148 -10.90 -4.78 12.88
N ALA A 149 -12.19 -5.08 12.85
CA ALA A 149 -13.16 -4.30 12.10
C ALA A 149 -14.00 -3.44 13.04
N LYS A 150 -13.39 -2.97 14.12
CA LYS A 150 -14.09 -2.13 15.09
C LYS A 150 -13.30 -0.85 15.38
N VAL A 151 -13.32 0.07 14.44
CA VAL A 151 -12.61 1.33 14.60
C VAL A 151 -13.36 2.48 13.92
N SER A 152 -12.98 3.71 14.26
CA SER A 152 -13.63 4.89 13.69
C SER A 152 -12.66 5.65 12.78
N GLY A 153 -11.42 5.78 13.22
CA GLY A 153 -10.41 6.48 12.43
C GLY A 153 -9.63 7.49 13.26
N PRO A 154 -8.51 8.00 12.73
CA PRO A 154 -7.68 8.98 13.43
C PRO A 154 -8.49 10.17 13.92
N SER A 155 -8.07 10.75 15.05
CA SER A 155 -8.76 11.89 15.63
C SER A 155 -8.22 13.19 15.04
N SER A 156 -9.14 14.11 14.69
CA SER A 156 -8.76 15.39 14.12
C SER A 156 -8.00 15.20 12.82
N GLY A 157 -8.74 14.99 11.73
CA GLY A 157 -8.12 14.79 10.44
C GLY A 157 -9.14 14.50 9.34
N GLY A 1 13.52 18.32 -25.35
CA GLY A 1 13.45 17.33 -24.24
C GLY A 1 12.60 16.12 -24.60
N SER A 2 11.55 15.88 -23.82
CA SER A 2 10.66 14.75 -24.05
C SER A 2 9.44 15.18 -24.85
N SER A 3 9.11 14.43 -25.90
CA SER A 3 7.96 14.73 -26.73
C SER A 3 6.67 14.23 -26.09
N GLY A 4 5.55 14.81 -26.52
CA GLY A 4 4.26 14.40 -25.97
C GLY A 4 3.13 14.61 -26.96
N SER A 5 2.75 13.53 -27.64
CA SER A 5 1.67 13.60 -28.63
C SER A 5 0.82 12.32 -28.58
N SER A 6 0.72 11.73 -27.40
CA SER A 6 -0.06 10.51 -27.22
C SER A 6 -1.53 10.77 -27.52
N GLY A 7 -2.00 11.98 -27.22
CA GLY A 7 -3.38 12.31 -27.45
C GLY A 7 -4.28 11.98 -26.28
N LYS A 8 -4.21 10.72 -25.83
CA LYS A 8 -5.02 10.28 -24.71
C LYS A 8 -4.16 10.07 -23.47
N CYS A 9 -2.90 9.71 -23.68
CA CYS A 9 -1.97 9.49 -22.57
C CYS A 9 -2.45 8.34 -21.68
N GLU A 10 -2.60 7.16 -22.29
CA GLU A 10 -3.05 5.99 -21.56
C GLU A 10 -4.44 6.19 -20.98
N THR A 11 -4.96 5.17 -20.30
CA THR A 11 -6.28 5.25 -19.70
C THR A 11 -6.41 4.27 -18.53
N LYS A 12 -5.91 3.05 -18.73
CA LYS A 12 -5.97 2.02 -17.71
C LYS A 12 -5.35 2.51 -16.40
N GLU A 13 -4.47 3.50 -16.49
CA GLU A 13 -3.81 4.07 -15.32
C GLU A 13 -2.79 3.09 -14.74
N LYS A 14 -1.77 3.62 -14.09
CA LYS A 14 -0.72 2.80 -13.49
C LYS A 14 -0.24 3.39 -12.18
N GLY A 15 -0.72 2.84 -11.07
CA GLY A 15 -0.33 3.34 -9.76
C GLY A 15 -1.44 3.23 -8.74
N ALA A 16 -2.68 3.29 -9.22
CA ALA A 16 -3.84 3.21 -8.33
C ALA A 16 -4.56 1.87 -8.50
N ILE A 17 -4.92 1.26 -7.37
CA ILE A 17 -5.62 -0.03 -7.40
C ILE A 17 -6.91 0.04 -6.59
N THR A 18 -8.02 -0.28 -7.24
CA THR A 18 -9.32 -0.26 -6.59
C THR A 18 -9.46 -1.42 -5.62
N ALA A 19 -10.41 -1.32 -4.69
CA ALA A 19 -10.65 -2.36 -3.71
C ALA A 19 -11.01 -3.68 -4.39
N LYS A 20 -11.68 -3.58 -5.53
CA LYS A 20 -12.10 -4.77 -6.28
C LYS A 20 -10.88 -5.52 -6.81
N GLU A 21 -9.91 -4.78 -7.33
CA GLU A 21 -8.70 -5.38 -7.87
C GLU A 21 -7.94 -6.16 -6.79
N LEU A 22 -8.01 -5.65 -5.56
CA LEU A 22 -7.34 -6.30 -4.44
C LEU A 22 -7.99 -7.64 -4.10
N TYR A 23 -9.32 -7.66 -4.11
CA TYR A 23 -10.06 -8.87 -3.81
C TYR A 23 -9.75 -9.97 -4.83
N THR A 24 -9.78 -9.61 -6.11
CA THR A 24 -9.50 -10.56 -7.18
C THR A 24 -8.08 -11.14 -7.04
N MET A 25 -7.11 -10.26 -6.87
CA MET A 25 -5.72 -10.68 -6.71
C MET A 25 -5.51 -11.42 -5.41
N MET A 26 -6.25 -11.01 -4.38
CA MET A 26 -6.15 -11.64 -3.06
C MET A 26 -6.59 -13.10 -3.12
N THR A 27 -7.61 -13.36 -3.93
CA THR A 27 -8.13 -14.73 -4.08
C THR A 27 -7.58 -15.38 -5.34
N ASP A 28 -6.35 -15.02 -5.71
CA ASP A 28 -5.71 -15.57 -6.89
C ASP A 28 -4.37 -16.20 -6.54
N LYS A 29 -4.19 -17.46 -6.92
CA LYS A 29 -2.94 -18.17 -6.65
C LYS A 29 -1.96 -18.02 -7.81
N ASN A 30 -2.49 -17.90 -9.01
CA ASN A 30 -1.66 -17.74 -10.21
C ASN A 30 -0.89 -16.43 -10.16
N ILE A 31 -1.50 -15.41 -9.56
CA ILE A 31 -0.87 -14.09 -9.46
C ILE A 31 -0.49 -13.79 -8.02
N SER A 32 0.59 -13.03 -7.85
CA SER A 32 1.06 -12.66 -6.52
C SER A 32 0.72 -11.21 -6.21
N LEU A 33 0.79 -10.84 -4.93
CA LEU A 33 0.49 -9.49 -4.50
C LEU A 33 0.75 -9.32 -3.00
N ILE A 34 1.25 -8.15 -2.62
CA ILE A 34 1.54 -7.85 -1.22
C ILE A 34 0.91 -6.53 -0.79
N ILE A 35 0.38 -6.50 0.42
CA ILE A 35 -0.26 -5.31 0.96
C ILE A 35 0.61 -4.66 2.04
N MET A 36 0.45 -3.36 2.22
CA MET A 36 1.21 -2.63 3.23
C MET A 36 0.37 -1.53 3.86
N ASP A 37 0.66 -1.21 5.12
CA ASP A 37 -0.07 -0.17 5.83
C ASP A 37 0.88 0.95 6.28
N ALA A 38 0.83 2.08 5.60
CA ALA A 38 1.68 3.22 5.93
C ALA A 38 0.93 4.24 6.76
N ARG A 39 0.97 4.08 8.08
CA ARG A 39 0.29 5.00 8.98
C ARG A 39 1.11 5.20 10.26
N ARG A 40 1.30 4.13 11.00
CA ARG A 40 2.07 4.18 12.25
C ARG A 40 2.18 2.79 12.87
N MET A 41 3.21 2.59 13.69
CA MET A 41 3.43 1.32 14.35
C MET A 41 2.28 1.00 15.30
N GLN A 42 1.67 2.04 15.86
CA GLN A 42 0.56 1.87 16.80
C GLN A 42 -0.72 1.51 16.04
N ASP A 43 -0.90 2.10 14.87
CA ASP A 43 -2.09 1.85 14.06
C ASP A 43 -2.19 0.36 13.69
N TYR A 44 -1.07 -0.22 13.28
CA TYR A 44 -1.03 -1.63 12.91
C TYR A 44 -1.48 -2.51 14.07
N GLN A 45 -1.21 -2.06 15.29
CA GLN A 45 -1.59 -2.81 16.48
C GLN A 45 -3.09 -2.68 16.75
N ASP A 46 -3.65 -1.52 16.43
CA ASP A 46 -5.07 -1.27 16.64
C ASP A 46 -5.89 -1.84 15.49
N SER A 47 -5.61 -1.37 14.28
CA SER A 47 -6.32 -1.82 13.09
C SER A 47 -5.34 -2.23 11.99
N CYS A 48 -5.71 -3.26 11.24
CA CYS A 48 -4.86 -3.76 10.16
C CYS A 48 -5.54 -4.89 9.41
N ILE A 49 -5.13 -5.11 8.16
CA ILE A 49 -5.70 -6.17 7.35
C ILE A 49 -5.29 -7.54 7.87
N LEU A 50 -6.06 -8.57 7.51
CA LEU A 50 -5.78 -9.93 7.94
C LEU A 50 -4.44 -10.41 7.39
N HIS A 51 -4.26 -10.27 6.09
CA HIS A 51 -3.02 -10.71 5.44
C HIS A 51 -2.35 -9.56 4.71
N SER A 52 -1.65 -8.70 5.46
CA SER A 52 -0.95 -7.56 4.88
C SER A 52 0.33 -7.26 5.63
N LEU A 53 1.16 -6.39 5.06
CA LEU A 53 2.42 -6.01 5.68
C LEU A 53 2.26 -4.74 6.51
N SER A 54 3.21 -4.50 7.41
CA SER A 54 3.17 -3.33 8.27
C SER A 54 4.46 -2.53 8.17
N VAL A 55 4.33 -1.21 8.15
CA VAL A 55 5.50 -0.32 8.06
C VAL A 55 5.26 0.97 8.85
N PRO A 56 6.18 1.31 9.76
CA PRO A 56 6.07 2.52 10.58
C PRO A 56 6.27 3.80 9.76
N GLU A 57 5.49 4.82 10.07
CA GLU A 57 5.59 6.09 9.36
C GLU A 57 6.85 6.84 9.77
N GLU A 58 7.27 6.64 11.02
CA GLU A 58 8.47 7.30 11.52
C GLU A 58 9.72 6.84 10.77
N ALA A 59 9.70 5.59 10.33
CA ALA A 59 10.83 5.02 9.60
C ALA A 59 10.88 5.55 8.17
N ILE A 60 9.70 5.83 7.61
CA ILE A 60 9.61 6.34 6.24
C ILE A 60 9.81 7.85 6.21
N SER A 61 10.71 8.31 5.34
CA SER A 61 10.98 9.73 5.21
C SER A 61 10.94 10.16 3.74
N PRO A 62 10.72 11.47 3.49
CA PRO A 62 10.65 12.00 2.12
C PRO A 62 12.01 11.96 1.42
N GLY A 63 12.16 11.00 0.51
CA GLY A 63 13.40 10.87 -0.22
C GLY A 63 14.35 9.87 0.42
N VAL A 64 13.91 8.63 0.55
CA VAL A 64 14.72 7.58 1.15
C VAL A 64 14.84 6.37 0.23
N THR A 65 15.60 5.37 0.66
CA THR A 65 15.79 4.16 -0.13
C THR A 65 15.20 2.95 0.58
N ALA A 66 15.09 1.84 -0.14
CA ALA A 66 14.53 0.61 0.42
C ALA A 66 15.35 0.14 1.63
N SER A 67 16.64 0.43 1.61
CA SER A 67 17.53 0.04 2.70
C SER A 67 17.14 0.75 3.99
N TRP A 68 16.62 1.97 3.86
CA TRP A 68 16.21 2.76 5.01
C TRP A 68 15.08 2.07 5.77
N ILE A 69 14.00 1.77 5.05
CA ILE A 69 12.84 1.12 5.65
C ILE A 69 13.16 -0.34 6.01
N GLU A 70 13.98 -0.98 5.19
CA GLU A 70 14.36 -2.36 5.42
C GLU A 70 15.09 -2.51 6.75
N ALA A 71 15.82 -1.47 7.13
CA ALA A 71 16.57 -1.48 8.39
C ALA A 71 15.64 -1.25 9.58
N HIS A 72 14.58 -0.48 9.36
CA HIS A 72 13.62 -0.19 10.42
C HIS A 72 12.25 -0.74 10.09
N LEU A 73 12.03 -2.02 10.40
CA LEU A 73 10.76 -2.67 10.14
C LEU A 73 10.55 -3.87 11.08
N PRO A 74 9.29 -4.29 11.26
CA PRO A 74 8.96 -5.42 12.15
C PRO A 74 9.71 -6.68 11.75
N ASP A 75 9.91 -7.58 12.72
CA ASP A 75 10.61 -8.83 12.47
C ASP A 75 9.83 -9.73 11.52
N ASP A 76 8.50 -9.74 11.68
CA ASP A 76 7.65 -10.57 10.84
C ASP A 76 7.40 -9.90 9.48
N SER A 77 7.45 -8.57 9.46
CA SER A 77 7.24 -7.82 8.23
C SER A 77 8.49 -7.83 7.36
N LYS A 78 9.66 -7.93 8.00
CA LYS A 78 10.92 -7.93 7.29
C LYS A 78 10.98 -9.08 6.29
N ASP A 79 10.39 -10.22 6.65
CA ASP A 79 10.37 -11.39 5.79
C ASP A 79 9.67 -11.08 4.47
N THR A 80 8.40 -10.69 4.55
CA THR A 80 7.63 -10.36 3.36
C THR A 80 8.19 -9.14 2.66
N TRP A 81 8.83 -8.26 3.43
CA TRP A 81 9.41 -7.04 2.88
C TRP A 81 10.41 -7.35 1.77
N LYS A 82 11.46 -8.09 2.11
CA LYS A 82 12.48 -8.47 1.14
C LYS A 82 11.89 -9.29 0.00
N LYS A 83 10.71 -9.88 0.23
CA LYS A 83 10.05 -10.69 -0.78
C LYS A 83 9.26 -9.83 -1.77
N ARG A 84 9.34 -8.50 -1.61
CA ARG A 84 8.63 -7.58 -2.50
C ARG A 84 9.10 -7.75 -3.93
N GLY A 85 10.33 -8.22 -4.11
CA GLY A 85 10.87 -8.41 -5.44
C GLY A 85 10.54 -9.78 -6.03
N ASN A 86 9.65 -10.51 -5.36
CA ASN A 86 9.24 -11.83 -5.83
C ASN A 86 7.86 -11.78 -6.46
N VAL A 87 6.95 -11.04 -5.85
CA VAL A 87 5.59 -10.91 -6.34
C VAL A 87 5.57 -10.17 -7.67
N GLU A 88 4.36 -9.99 -8.23
CA GLU A 88 4.21 -9.30 -9.50
C GLU A 88 3.56 -7.93 -9.29
N TYR A 89 2.71 -7.83 -8.26
CA TYR A 89 2.04 -6.57 -7.97
C TYR A 89 2.13 -6.25 -6.47
N VAL A 90 1.74 -5.04 -6.11
CA VAL A 90 1.77 -4.61 -4.71
C VAL A 90 0.66 -3.60 -4.42
N VAL A 91 0.20 -3.58 -3.18
CA VAL A 91 -0.86 -2.66 -2.77
C VAL A 91 -0.51 -1.96 -1.47
N LEU A 92 -0.95 -0.72 -1.34
CA LEU A 92 -0.68 0.07 -0.13
C LEU A 92 -1.98 0.46 0.56
N LEU A 93 -1.88 0.98 1.78
CA LEU A 93 -3.05 1.40 2.54
C LEU A 93 -2.80 2.73 3.22
N ASP A 94 -3.88 3.43 3.57
CA ASP A 94 -3.79 4.72 4.23
C ASP A 94 -5.09 5.07 4.94
N TRP A 95 -5.06 6.13 5.75
CA TRP A 95 -6.24 6.55 6.48
C TRP A 95 -7.16 7.40 5.60
N PHE A 96 -6.60 8.46 5.03
CA PHE A 96 -7.37 9.34 4.15
C PHE A 96 -6.47 9.94 3.07
N SER A 97 -6.17 9.15 2.05
CA SER A 97 -5.33 9.61 0.95
C SER A 97 -5.36 8.62 -0.22
N SER A 98 -4.89 9.07 -1.37
CA SER A 98 -4.87 8.22 -2.56
C SER A 98 -3.61 8.48 -3.38
N ALA A 99 -3.42 7.69 -4.44
CA ALA A 99 -2.26 7.84 -5.31
C ALA A 99 -2.18 9.25 -5.90
N LYS A 100 -3.35 9.86 -6.13
CA LYS A 100 -3.40 11.20 -6.69
C LYS A 100 -3.13 12.24 -5.61
N ASP A 101 -3.47 11.92 -4.36
CA ASP A 101 -3.26 12.83 -3.26
C ASP A 101 -1.78 12.89 -2.85
N LEU A 102 -1.03 11.86 -3.24
CA LEU A 102 0.39 11.79 -2.90
C LEU A 102 1.13 13.04 -3.40
N GLN A 103 2.09 13.50 -2.61
CA GLN A 103 2.86 14.68 -2.96
C GLN A 103 4.21 14.69 -2.23
N ILE A 104 5.07 15.63 -2.59
CA ILE A 104 6.38 15.74 -1.98
C ILE A 104 6.27 15.98 -0.48
N GLY A 105 6.27 14.89 0.29
CA GLY A 105 6.17 15.00 1.74
C GLY A 105 5.10 14.10 2.31
N THR A 106 5.01 12.88 1.80
CA THR A 106 4.02 11.92 2.28
C THR A 106 4.67 10.57 2.56
N THR A 107 4.00 9.75 3.37
CA THR A 107 4.51 8.43 3.72
C THR A 107 4.29 7.44 2.57
N LEU A 108 3.24 7.66 1.80
CA LEU A 108 2.92 6.79 0.67
C LEU A 108 3.88 7.03 -0.49
N ARG A 109 4.08 8.31 -0.83
CA ARG A 109 4.97 8.67 -1.93
C ARG A 109 6.39 8.19 -1.65
N SER A 110 6.92 8.56 -0.49
CA SER A 110 8.28 8.16 -0.12
C SER A 110 8.40 6.64 -0.05
N LEU A 111 7.33 5.98 0.37
CA LEU A 111 7.33 4.52 0.46
C LEU A 111 7.28 3.87 -0.92
N LYS A 112 6.66 4.56 -1.87
CA LYS A 112 6.54 4.06 -3.23
C LYS A 112 7.82 4.32 -4.01
N ASP A 113 8.51 5.41 -3.67
CA ASP A 113 9.74 5.78 -4.35
C ASP A 113 10.95 5.06 -3.75
N ALA A 114 10.80 4.59 -2.50
CA ALA A 114 11.87 3.88 -1.83
C ALA A 114 11.75 2.37 -2.01
N LEU A 115 11.02 1.95 -3.04
CA LEU A 115 10.83 0.54 -3.30
C LEU A 115 11.17 0.20 -4.76
N PHE A 116 10.71 1.05 -5.67
CA PHE A 116 10.96 0.84 -7.10
C PHE A 116 11.97 1.85 -7.63
N LYS A 117 11.73 3.12 -7.35
CA LYS A 117 12.63 4.18 -7.81
C LYS A 117 14.06 3.94 -7.33
N TRP A 118 14.25 4.03 -6.02
CA TRP A 118 15.57 3.83 -5.43
C TRP A 118 15.84 2.34 -5.21
N GLU A 119 16.72 1.78 -6.03
CA GLU A 119 17.07 0.37 -5.93
C GLU A 119 18.57 0.16 -6.11
N SER A 120 19.06 -0.99 -5.67
CA SER A 120 20.48 -1.30 -5.80
C SER A 120 20.76 -2.73 -5.32
N LYS A 121 19.84 -3.64 -5.62
CA LYS A 121 19.99 -5.03 -5.23
C LYS A 121 18.84 -5.87 -5.79
N THR A 122 17.62 -5.37 -5.66
CA THR A 122 16.45 -6.07 -6.16
C THR A 122 15.67 -5.20 -7.14
N VAL A 123 14.72 -5.82 -7.85
CA VAL A 123 13.90 -5.09 -8.81
C VAL A 123 12.46 -5.59 -8.79
N LEU A 124 11.52 -4.67 -8.88
CA LEU A 124 10.10 -5.01 -8.86
C LEU A 124 9.53 -5.05 -10.28
N ARG A 125 8.82 -6.13 -10.60
CA ARG A 125 8.22 -6.29 -11.91
C ARG A 125 7.36 -5.09 -12.27
N ASN A 126 6.62 -4.59 -11.29
CA ASN A 126 5.75 -3.43 -11.49
C ASN A 126 5.88 -2.44 -10.34
N GLU A 127 5.43 -1.22 -10.56
CA GLU A 127 5.50 -0.18 -9.53
C GLU A 127 4.39 -0.38 -8.49
N PRO A 128 4.72 -0.20 -7.20
CA PRO A 128 3.74 -0.37 -6.12
C PRO A 128 2.49 0.48 -6.34
N LEU A 129 1.33 -0.07 -5.94
CA LEU A 129 0.07 0.63 -6.09
C LEU A 129 -0.57 0.89 -4.73
N VAL A 130 -1.45 1.89 -4.67
CA VAL A 130 -2.13 2.24 -3.42
C VAL A 130 -3.63 1.98 -3.53
N LEU A 131 -4.19 1.37 -2.49
CA LEU A 131 -5.61 1.06 -2.48
C LEU A 131 -6.45 2.34 -2.57
N GLU A 132 -7.63 2.23 -3.16
CA GLU A 132 -8.52 3.37 -3.31
C GLU A 132 -9.13 3.76 -1.98
N GLY A 133 -8.65 4.86 -1.40
CA GLY A 133 -9.16 5.32 -0.13
C GLY A 133 -8.28 4.90 1.03
N GLY A 134 -7.74 3.70 0.95
CA GLY A 134 -6.88 3.20 2.00
C GLY A 134 -7.58 2.19 2.90
N TYR A 135 -7.15 2.12 4.15
CA TYR A 135 -7.74 1.19 5.11
C TYR A 135 -9.14 1.62 5.49
N GLU A 136 -9.33 2.93 5.66
CA GLU A 136 -10.64 3.48 6.02
C GLU A 136 -11.70 3.08 5.00
N ASN A 137 -11.29 3.00 3.74
CA ASN A 137 -12.21 2.63 2.66
C ASN A 137 -12.40 1.12 2.59
N TRP A 138 -11.36 0.38 2.96
CA TRP A 138 -11.40 -1.07 2.95
C TRP A 138 -12.43 -1.60 3.94
N LEU A 139 -12.63 -0.86 5.04
CA LEU A 139 -13.58 -1.25 6.06
C LEU A 139 -15.01 -1.03 5.59
N LEU A 140 -15.24 0.10 4.94
CA LEU A 140 -16.57 0.45 4.44
C LEU A 140 -16.95 -0.46 3.26
N CYS A 141 -15.95 -0.89 2.50
CA CYS A 141 -16.19 -1.76 1.36
C CYS A 141 -16.16 -3.23 1.77
N TYR A 142 -15.14 -3.60 2.52
CA TYR A 142 -14.99 -4.98 3.00
C TYR A 142 -14.65 -5.02 4.47
N PRO A 143 -15.65 -4.79 5.35
CA PRO A 143 -15.45 -4.80 6.80
C PRO A 143 -15.19 -6.21 7.34
N GLN A 144 -15.71 -7.21 6.63
CA GLN A 144 -15.54 -8.60 7.05
C GLN A 144 -14.31 -9.22 6.38
N TYR A 145 -13.19 -8.51 6.43
CA TYR A 145 -11.96 -8.98 5.82
C TYR A 145 -10.74 -8.35 6.50
N THR A 146 -10.86 -8.07 7.79
CA THR A 146 -9.78 -7.47 8.55
C THR A 146 -9.72 -8.04 9.96
N THR A 147 -8.65 -7.71 10.68
CA THR A 147 -8.46 -8.20 12.04
C THR A 147 -9.29 -7.38 13.02
N ASN A 148 -9.45 -6.10 12.72
CA ASN A 148 -10.22 -5.20 13.58
C ASN A 148 -11.19 -4.36 12.76
N ALA A 149 -12.46 -4.73 12.79
CA ALA A 149 -13.49 -4.00 12.04
C ALA A 149 -14.49 -3.35 12.99
N LYS A 150 -13.99 -2.81 14.09
CA LYS A 150 -14.84 -2.16 15.08
C LYS A 150 -14.27 -0.79 15.46
N VAL A 151 -13.75 -0.07 14.48
CA VAL A 151 -13.18 1.25 14.71
C VAL A 151 -14.11 2.35 14.22
N SER A 152 -13.69 3.60 14.39
CA SER A 152 -14.49 4.74 13.97
C SER A 152 -13.62 5.81 13.30
N GLY A 153 -12.54 5.36 12.66
CA GLY A 153 -11.64 6.28 11.99
C GLY A 153 -10.35 6.49 12.76
N PRO A 154 -9.50 7.43 12.33
CA PRO A 154 -8.23 7.72 12.99
C PRO A 154 -8.42 8.39 14.36
N SER A 155 -7.33 8.55 15.09
CA SER A 155 -7.38 9.18 16.41
C SER A 155 -6.23 10.17 16.59
N SER A 156 -5.03 9.74 16.23
CA SER A 156 -3.85 10.58 16.35
C SER A 156 -2.86 10.30 15.22
N GLY A 157 -2.54 9.03 15.02
CA GLY A 157 -1.62 8.65 13.97
C GLY A 157 -0.97 7.31 14.22
#